data_7V4T
#
_entry.id   7V4T
#
_cell.length_a   1.00
_cell.length_b   1.00
_cell.length_c   1.00
_cell.angle_alpha   90.00
_cell.angle_beta   90.00
_cell.angle_gamma   90.00
#
_symmetry.space_group_name_H-M   'P 1'
#
loop_
_entity.id
_entity.type
_entity.pdbx_description
1 polymer 'E1 glycoprotein'
2 polymer 'E2 glycoprotein'
3 polymer 'Capsid protein'
4 non-polymer 2-acetamido-2-deoxy-beta-D-glucopyranose
#
loop_
_entity_poly.entity_id
_entity_poly.type
_entity_poly.pdbx_seq_one_letter_code
_entity_poly.pdbx_strand_id
1 'polypeptide(L)'
;YEHTATIPNVVGFPYKAHIERNGFSPMTLQLEVLGTSLEPTLNLEYITCEYKTVVPSPYIKCCGTSECRSMERPDYQCQV
YTGVYPFMWGGAYCFCDTENTQLSEAYVDRSDVCKHDHAAAYKAHTAAMKATIRISYGNLNQTTTAFVNGEHTVTVGGSR
FTFGPISTAWTPFDNKIVVYKNDVYNLDFPPYGSGQPGRFGDIQSRTVESKDLYANTALKLSRPSSGTVHVPYTQTPSGF
KYWIKERGTSLNDKAPFGCVIKTNPVRAENCAVGNIPVSMDIPDSAFTRVIDAPAVTNLECQVAVCTHSSDFGGIATLTF
KTDKPGKCAVHSHSNVATIQEAAVDIKTDGKITLHFSTASASPAFKVSVCSAKTTCMAACEPPKDHIVPYGASHNNQVFP
DMSGTAMTWVQRVAGGFGGLTLAAVAVLILVTCVTMRR
;
A,E,I,M
2 'polypeptide(L)'
;SVTKHFNVYKATKPYLAYCADCGDGQFCYSPVAIEKIRDEASDGMIKIQVAAQIGINKGGTHEHNKIRYIAGHDMKEANR
DSLQVHTSGVCAIRGTMGHFIVAYCPPGGELKVQFQDAESHTQACKVQYKHAPAPVGREKFTVRPHFGIEVPCTTYQLTT
APTEEEIDMHTPPDIPDITLLSQRSGNVKITAGGKTIRYNCTCGSGNVGTTSSDKTINSCKIAQCHAAVTNHDKWQYTSS
FVPRADQLSRKGKVHVPFPLTNSTCRVPLARAPGVTYGKRELTVKLHPDHPTLLTYRSLGADPRPYEEWIDRYVERTIPV
TEDGIEYRWGNNPPVRLWAQLTTEGKPHGWPHEIILYYYGLYPAATIVAVSAACLAVVLSLLASCYMFATARRKCLTPYA
LTPGAVVPVTLGVLCCAPRAHA
;
B,F,J,N
3 'polypeptide(L)'
;MNYIPTQTFYGRRWRPRPAFRPWRVPMQPAPPMIPELQTPIVQAQQMQQLISAVSALTTKQNGKAPKKPKKKPQKAKAKK
NEQQKKNENKKPPPKQKNPAKKKKPGKRERMCMKIENDCIFEVKLDGKVTGYACLVGDKVMKPAHVKGVIDNPDLAKLTY
KKSSKYDLECAQIPVHMKSDASKYTHEKPEGHYNWHHGAVQYSGGRFTIPTGAGKPGDSGRPIFDNKGRVVAIVLGGANE
GARTALSVVTWTKDMVTRYTPEGTEEW
;
C,G,K,O
#
loop_
_chem_comp.id
_chem_comp.type
_chem_comp.name
_chem_comp.formula
NAG D-saccharide, beta linking 2-acetamido-2-deoxy-beta-D-glucopyranose 'C8 H15 N O6'
#
# COMPACT_ATOMS: atom_id res chain seq x y z
N TYR A 1 -18.32 -65.55 24.37
CA TYR A 1 -18.00 -64.50 25.33
C TYR A 1 -18.49 -63.13 24.83
N GLU A 2 -19.65 -62.71 25.32
CA GLU A 2 -20.24 -61.45 24.89
C GLU A 2 -19.45 -60.29 25.48
N HIS A 3 -19.15 -59.29 24.65
CA HIS A 3 -18.54 -58.06 25.13
C HIS A 3 -18.90 -56.93 24.18
N THR A 4 -18.76 -55.69 24.66
CA THR A 4 -19.16 -54.52 23.90
C THR A 4 -18.01 -53.52 23.83
N ALA A 5 -18.00 -52.74 22.75
CA ALA A 5 -16.95 -51.76 22.52
C ALA A 5 -17.46 -50.68 21.57
N THR A 6 -16.67 -49.62 21.43
CA THR A 6 -16.99 -48.51 20.54
C THR A 6 -15.79 -48.17 19.68
N ILE A 7 -16.06 -47.72 18.45
CA ILE A 7 -15.01 -47.37 17.49
C ILE A 7 -15.30 -46.03 16.86
N PRO A 8 -14.32 -45.15 16.67
CA PRO A 8 -14.54 -43.96 15.85
C PRO A 8 -14.73 -44.33 14.39
N ASN A 9 -15.57 -43.56 13.70
CA ASN A 9 -15.97 -43.87 12.33
C ASN A 9 -15.04 -43.23 11.29
N VAL A 10 -13.74 -43.35 11.47
CA VAL A 10 -12.77 -42.77 10.55
C VAL A 10 -12.00 -43.89 9.86
N VAL A 11 -11.82 -43.75 8.55
CA VAL A 11 -11.22 -44.79 7.73
C VAL A 11 -9.70 -44.73 7.84
N GLY A 12 -9.07 -45.90 7.82
CA GLY A 12 -7.62 -46.00 7.87
C GLY A 12 -7.01 -45.91 9.25
N PHE A 13 -7.83 -45.91 10.30
CA PHE A 13 -7.33 -45.82 11.67
C PHE A 13 -7.61 -47.13 12.41
N PRO A 14 -6.61 -47.98 12.61
CA PRO A 14 -6.85 -49.25 13.30
C PRO A 14 -7.26 -49.04 14.75
N TYR A 15 -8.03 -49.98 15.27
CA TYR A 15 -8.48 -49.97 16.65
C TYR A 15 -8.06 -51.27 17.33
N LYS A 16 -7.63 -51.15 18.59
CA LYS A 16 -7.17 -52.28 19.39
C LYS A 16 -8.28 -52.68 20.36
N ALA A 17 -8.64 -53.95 20.37
CA ALA A 17 -9.65 -54.47 21.28
C ALA A 17 -9.07 -55.63 22.05
N HIS A 18 -8.79 -55.42 23.34
CA HIS A 18 -8.22 -56.46 24.18
C HIS A 18 -9.25 -56.96 25.18
N ILE A 19 -9.02 -58.17 25.68
CA ILE A 19 -9.92 -58.84 26.61
C ILE A 19 -9.15 -59.13 27.89
N GLU A 20 -9.82 -58.95 29.03
CA GLU A 20 -9.22 -59.17 30.35
C GLU A 20 -9.78 -60.43 31.01
N ARG A 21 -9.94 -61.48 30.22
CA ARG A 21 -10.50 -62.73 30.73
C ARG A 21 -9.48 -63.45 31.61
N ASN A 22 -9.92 -63.85 32.80
CA ASN A 22 -9.07 -64.64 33.69
C ASN A 22 -9.04 -66.10 33.25
N GLY A 23 -7.95 -66.78 33.58
CA GLY A 23 -7.77 -68.16 33.22
C GLY A 23 -7.26 -68.40 31.82
N PHE A 24 -7.07 -67.34 31.02
CA PHE A 24 -6.56 -67.45 29.66
C PHE A 24 -5.66 -66.25 29.39
N SER A 25 -4.78 -66.42 28.41
CA SER A 25 -3.89 -65.34 28.02
C SER A 25 -4.68 -64.23 27.32
N PRO A 26 -4.58 -62.99 27.78
CA PRO A 26 -5.27 -61.89 27.08
C PRO A 26 -4.80 -61.77 25.64
N MET A 27 -5.72 -61.38 24.77
CA MET A 27 -5.50 -61.33 23.33
C MET A 27 -5.83 -59.94 22.81
N THR A 28 -5.47 -59.70 21.56
CA THR A 28 -5.73 -58.43 20.90
C THR A 28 -6.48 -58.65 19.59
N LEU A 29 -7.37 -57.71 19.27
CA LEU A 29 -8.18 -57.74 18.07
C LEU A 29 -7.93 -56.44 17.30
N GLN A 30 -7.59 -56.58 16.02
CA GLN A 30 -7.35 -55.43 15.14
C GLN A 30 -8.63 -55.16 14.35
N LEU A 31 -9.16 -53.94 14.50
CA LEU A 31 -10.39 -53.53 13.83
C LEU A 31 -10.09 -52.41 12.84
N GLU A 32 -10.67 -52.52 11.65
CA GLU A 32 -10.55 -51.50 10.63
C GLU A 32 -11.91 -51.28 9.98
N VAL A 33 -12.16 -50.04 9.56
CA VAL A 33 -13.38 -49.67 8.87
C VAL A 33 -13.02 -49.08 7.52
N LEU A 34 -13.69 -49.54 6.46
CA LEU A 34 -13.42 -49.10 5.10
C LEU A 34 -14.72 -48.69 4.43
N GLY A 35 -14.77 -47.46 3.94
CA GLY A 35 -15.84 -46.97 3.10
C GLY A 35 -17.27 -47.22 3.57
N THR A 36 -17.67 -46.57 4.65
CA THR A 36 -19.07 -46.60 5.04
C THR A 36 -19.91 -45.84 4.00
N SER A 37 -21.14 -46.31 3.80
CA SER A 37 -21.98 -45.76 2.74
C SER A 37 -23.39 -45.56 3.26
N LEU A 38 -23.83 -44.30 3.35
CA LEU A 38 -25.17 -43.94 3.76
C LEU A 38 -26.07 -43.85 2.54
N GLU A 39 -27.25 -44.49 2.62
CA GLU A 39 -28.25 -44.47 1.58
C GLU A 39 -29.58 -44.02 2.18
N PRO A 40 -30.23 -43.02 1.60
CA PRO A 40 -31.56 -42.61 2.09
C PRO A 40 -32.69 -43.29 1.33
N THR A 41 -33.92 -43.07 1.77
CA THR A 41 -35.10 -43.56 1.08
C THR A 41 -35.66 -42.46 0.20
N LEU A 42 -35.90 -42.78 -1.07
CA LEU A 42 -36.31 -41.80 -2.08
C LEU A 42 -37.80 -41.96 -2.38
N ASN A 43 -38.36 -40.93 -3.02
CA ASN A 43 -39.78 -40.91 -3.35
C ASN A 43 -40.09 -40.57 -4.80
N LEU A 44 -39.20 -39.89 -5.52
CA LEU A 44 -39.35 -39.59 -6.94
C LEU A 44 -40.65 -38.80 -7.19
N GLU A 45 -40.65 -37.57 -6.67
CA GLU A 45 -41.83 -36.72 -6.73
C GLU A 45 -42.29 -36.50 -8.17
N TYR A 46 -41.39 -36.05 -9.04
CA TYR A 46 -41.74 -35.79 -10.43
C TYR A 46 -40.45 -35.66 -11.24
N ILE A 47 -40.62 -35.42 -12.54
CA ILE A 47 -39.52 -35.30 -13.49
C ILE A 47 -39.73 -34.03 -14.31
N THR A 48 -38.64 -33.31 -14.56
CA THR A 48 -38.69 -32.10 -15.36
C THR A 48 -37.68 -32.20 -16.50
N CYS A 49 -37.96 -31.46 -17.57
CA CYS A 49 -37.13 -31.46 -18.77
C CYS A 49 -37.56 -30.27 -19.62
N GLU A 50 -37.05 -30.20 -20.85
CA GLU A 50 -37.42 -29.14 -21.78
C GLU A 50 -38.85 -29.37 -22.29
N TYR A 51 -39.28 -28.49 -23.19
CA TYR A 51 -40.59 -28.63 -23.83
C TYR A 51 -40.44 -28.37 -25.32
N LYS A 52 -41.36 -28.95 -26.09
CA LYS A 52 -41.51 -28.67 -27.51
C LYS A 52 -42.79 -27.87 -27.70
N THR A 53 -42.68 -26.69 -28.29
CA THR A 53 -43.83 -25.84 -28.58
C THR A 53 -44.40 -26.29 -29.92
N VAL A 54 -45.32 -27.24 -29.87
CA VAL A 54 -45.87 -27.85 -31.08
C VAL A 54 -46.93 -26.91 -31.63
N VAL A 55 -46.67 -26.34 -32.81
CA VAL A 55 -47.59 -25.48 -33.52
C VAL A 55 -47.81 -26.05 -34.92
N PRO A 56 -49.04 -26.44 -35.28
CA PRO A 56 -49.31 -26.89 -36.64
C PRO A 56 -49.44 -25.72 -37.61
N SER A 57 -49.55 -26.05 -38.88
CA SER A 57 -49.74 -25.03 -39.90
C SER A 57 -51.09 -24.34 -39.70
N PRO A 58 -51.14 -23.01 -39.79
CA PRO A 58 -52.42 -22.30 -39.60
C PRO A 58 -53.38 -22.59 -40.74
N TYR A 59 -54.67 -22.45 -40.43
CA TYR A 59 -55.74 -22.73 -41.38
C TYR A 59 -56.36 -21.43 -41.88
N ILE A 60 -56.47 -21.30 -43.19
CA ILE A 60 -57.11 -20.16 -43.84
C ILE A 60 -58.06 -20.67 -44.92
N LYS A 61 -59.11 -19.91 -45.17
CA LYS A 61 -60.12 -20.28 -46.17
C LYS A 61 -60.98 -19.07 -46.47
N CYS A 62 -61.42 -18.98 -47.73
CA CYS A 62 -62.12 -17.80 -48.23
C CYS A 62 -63.64 -18.00 -48.21
N CYS A 63 -64.19 -18.10 -47.00
CA CYS A 63 -65.63 -18.17 -46.85
C CYS A 63 -66.12 -17.10 -45.87
N GLY A 64 -65.32 -16.82 -44.83
CA GLY A 64 -65.64 -15.78 -43.87
C GLY A 64 -66.35 -16.24 -42.63
N THR A 65 -66.42 -17.54 -42.37
CA THR A 65 -67.08 -18.09 -41.18
C THR A 65 -66.02 -18.56 -40.19
N SER A 66 -66.17 -18.17 -38.94
CA SER A 66 -65.21 -18.53 -37.89
C SER A 66 -65.57 -19.88 -37.28
N GLU A 67 -64.54 -20.60 -36.83
CA GLU A 67 -64.70 -21.91 -36.21
C GLU A 67 -63.82 -21.97 -34.97
N CYS A 68 -64.44 -21.84 -33.80
CA CYS A 68 -63.75 -21.97 -32.52
C CYS A 68 -64.04 -23.34 -31.92
N ARG A 69 -63.05 -23.91 -31.25
CA ARG A 69 -63.20 -25.26 -30.70
C ARG A 69 -62.25 -25.41 -29.52
N SER A 70 -62.59 -26.34 -28.62
CA SER A 70 -61.83 -26.58 -27.40
C SER A 70 -61.60 -28.08 -27.22
N MET A 71 -60.38 -28.53 -27.49
CA MET A 71 -59.99 -29.92 -27.28
C MET A 71 -59.37 -30.07 -25.89
N GLU A 72 -58.69 -31.19 -25.65
CA GLU A 72 -58.35 -31.59 -24.28
C GLU A 72 -56.86 -31.60 -23.93
N ARG A 73 -55.94 -31.70 -24.90
CA ARG A 73 -54.54 -31.85 -24.54
C ARG A 73 -54.05 -30.57 -23.86
N PRO A 74 -52.96 -30.63 -23.09
CA PRO A 74 -52.63 -29.52 -22.18
C PRO A 74 -52.50 -28.17 -22.88
N ASP A 75 -53.08 -27.14 -22.25
CA ASP A 75 -52.95 -25.72 -22.53
C ASP A 75 -52.95 -25.32 -24.01
N TYR A 76 -54.06 -25.51 -24.72
CA TYR A 76 -54.20 -24.79 -25.98
C TYR A 76 -54.35 -23.29 -25.73
N GLN A 77 -54.14 -22.52 -26.81
CA GLN A 77 -54.49 -21.10 -26.85
C GLN A 77 -55.16 -20.88 -28.20
N CYS A 78 -56.47 -21.11 -28.27
CA CYS A 78 -57.20 -21.01 -29.52
C CYS A 78 -57.66 -19.58 -29.76
N GLN A 79 -57.41 -19.09 -30.98
CA GLN A 79 -57.80 -17.73 -31.34
C GLN A 79 -58.06 -17.68 -32.84
N VAL A 80 -59.16 -17.04 -33.22
CA VAL A 80 -59.52 -16.85 -34.62
C VAL A 80 -59.34 -15.38 -34.96
N TYR A 81 -58.96 -15.11 -36.20
CA TYR A 81 -58.71 -13.75 -36.64
C TYR A 81 -59.41 -13.50 -37.97
N THR A 82 -60.04 -12.33 -38.10
CA THR A 82 -60.77 -11.96 -39.29
C THR A 82 -60.13 -10.73 -39.94
N GLY A 83 -60.42 -10.54 -41.23
CA GLY A 83 -59.90 -9.42 -41.97
C GLY A 83 -58.46 -9.54 -42.42
N VAL A 84 -57.86 -10.71 -42.27
CA VAL A 84 -56.46 -10.91 -42.67
C VAL A 84 -56.41 -11.15 -44.18
N TYR A 85 -55.39 -10.58 -44.83
CA TYR A 85 -55.18 -10.72 -46.27
C TYR A 85 -53.75 -11.19 -46.47
N PRO A 86 -53.50 -12.49 -46.31
CA PRO A 86 -52.13 -13.02 -46.45
C PRO A 86 -51.69 -13.04 -47.91
N PHE A 87 -50.49 -12.52 -48.16
CA PHE A 87 -49.86 -12.64 -49.47
C PHE A 87 -49.18 -14.01 -49.57
N MET A 88 -48.57 -14.29 -50.72
CA MET A 88 -47.90 -15.55 -50.94
C MET A 88 -46.91 -15.34 -52.09
N TRP A 89 -46.30 -16.42 -52.57
CA TRP A 89 -45.34 -16.31 -53.67
C TRP A 89 -46.02 -15.85 -54.95
N GLY A 90 -47.18 -16.40 -55.27
CA GLY A 90 -47.89 -16.04 -56.48
C GLY A 90 -48.75 -14.79 -56.31
N GLY A 91 -48.22 -13.80 -55.60
CA GLY A 91 -48.96 -12.58 -55.35
C GLY A 91 -49.92 -12.70 -54.19
N ALA A 92 -51.05 -13.36 -54.43
CA ALA A 92 -52.06 -13.57 -53.40
C ALA A 92 -52.92 -14.76 -53.80
N TYR A 93 -54.02 -14.98 -53.09
CA TYR A 93 -54.93 -16.08 -53.40
C TYR A 93 -56.35 -15.58 -53.27
N CYS A 94 -57.18 -15.96 -54.25
CA CYS A 94 -58.59 -15.59 -54.29
C CYS A 94 -58.78 -14.08 -54.34
N PHE A 95 -60.03 -13.62 -54.26
CA PHE A 95 -60.34 -12.20 -54.34
C PHE A 95 -60.98 -11.65 -53.07
N CYS A 96 -61.45 -12.51 -52.17
CA CYS A 96 -62.19 -12.05 -51.00
C CYS A 96 -61.33 -11.12 -50.16
N ASP A 97 -61.92 -9.99 -49.76
CA ASP A 97 -61.18 -8.91 -49.10
C ASP A 97 -61.89 -8.53 -47.81
N THR A 98 -61.15 -8.55 -46.70
CA THR A 98 -61.53 -8.13 -45.34
C THR A 98 -62.41 -9.12 -44.59
N GLU A 99 -62.76 -10.27 -45.17
CA GLU A 99 -63.39 -11.35 -44.39
C GLU A 99 -62.72 -12.67 -44.77
N ASN A 100 -61.66 -13.01 -44.03
CA ASN A 100 -60.99 -14.29 -44.17
C ASN A 100 -60.57 -14.75 -42.78
N THR A 101 -61.02 -15.94 -42.38
CA THR A 101 -60.80 -16.44 -41.03
C THR A 101 -59.51 -17.24 -40.97
N GLN A 102 -58.57 -16.78 -40.17
CA GLN A 102 -57.33 -17.49 -39.89
C GLN A 102 -57.42 -18.10 -38.51
N LEU A 103 -57.22 -19.42 -38.45
CA LEU A 103 -57.22 -20.16 -37.19
C LEU A 103 -55.82 -20.72 -36.95
N SER A 104 -55.24 -20.37 -35.80
CA SER A 104 -53.91 -20.84 -35.42
C SER A 104 -53.98 -21.54 -34.08
N GLU A 105 -53.30 -22.66 -33.98
CA GLU A 105 -53.35 -23.50 -32.78
C GLU A 105 -51.93 -23.82 -32.34
N ALA A 106 -51.75 -23.97 -31.03
CA ALA A 106 -50.42 -24.27 -30.48
C ALA A 106 -50.57 -24.88 -29.10
N TYR A 107 -49.65 -25.79 -28.77
CA TYR A 107 -49.63 -26.42 -27.46
C TYR A 107 -48.20 -26.84 -27.15
N VAL A 108 -48.03 -27.58 -26.06
CA VAL A 108 -46.70 -28.00 -25.60
C VAL A 108 -46.66 -29.52 -25.47
N ASP A 109 -45.45 -30.05 -25.54
CA ASP A 109 -45.26 -31.49 -25.45
C ASP A 109 -43.90 -31.78 -24.81
N ARG A 110 -43.76 -33.00 -24.29
CA ARG A 110 -42.51 -33.42 -23.69
C ARG A 110 -41.43 -33.59 -24.75
N SER A 111 -40.17 -33.51 -24.29
CA SER A 111 -39.03 -33.52 -25.20
C SER A 111 -38.61 -34.95 -25.54
N ASP A 112 -37.79 -35.05 -26.60
CA ASP A 112 -37.31 -36.35 -27.06
C ASP A 112 -36.25 -36.95 -26.14
N VAL A 113 -35.50 -36.12 -25.42
CA VAL A 113 -34.44 -36.61 -24.55
C VAL A 113 -34.94 -36.75 -23.12
N CYS A 114 -36.27 -36.80 -22.95
CA CYS A 114 -36.83 -37.06 -21.64
C CYS A 114 -36.38 -38.40 -21.08
N LYS A 115 -36.04 -39.35 -21.96
CA LYS A 115 -35.47 -40.62 -21.53
C LYS A 115 -33.98 -40.52 -21.23
N HIS A 116 -33.31 -39.45 -21.64
CA HIS A 116 -31.87 -39.34 -21.50
C HIS A 116 -31.41 -38.12 -20.71
N ASP A 117 -32.06 -36.98 -20.90
CA ASP A 117 -31.60 -35.73 -20.29
C ASP A 117 -32.67 -35.13 -19.38
N HIS A 118 -33.24 -35.94 -18.50
CA HIS A 118 -34.28 -35.50 -17.58
C HIS A 118 -33.71 -35.43 -16.17
N ALA A 119 -33.96 -34.31 -15.50
CA ALA A 119 -33.59 -34.18 -14.09
C ALA A 119 -34.58 -34.96 -13.23
N ALA A 120 -34.35 -34.93 -11.92
CA ALA A 120 -35.23 -35.64 -11.01
C ALA A 120 -35.24 -34.96 -9.66
N ALA A 121 -36.40 -35.00 -8.99
CA ALA A 121 -36.56 -34.47 -7.65
C ALA A 121 -36.94 -35.61 -6.70
N TYR A 122 -36.57 -35.46 -5.44
CA TYR A 122 -36.74 -36.55 -4.49
C TYR A 122 -37.02 -35.98 -3.10
N LYS A 123 -37.74 -36.77 -2.30
CA LYS A 123 -37.97 -36.50 -0.88
C LYS A 123 -37.26 -37.57 -0.07
N ALA A 124 -36.45 -37.14 0.89
CA ALA A 124 -35.60 -38.05 1.65
C ALA A 124 -36.29 -38.50 2.94
N HIS A 125 -35.91 -39.69 3.39
CA HIS A 125 -36.36 -40.27 4.64
C HIS A 125 -35.15 -40.69 5.47
N THR A 126 -35.41 -41.41 6.56
CA THR A 126 -34.32 -41.92 7.40
C THR A 126 -33.39 -42.79 6.57
N ALA A 127 -32.09 -42.56 6.73
CA ALA A 127 -31.06 -43.17 5.89
C ALA A 127 -30.33 -44.26 6.66
N ALA A 128 -30.17 -45.42 6.02
CA ALA A 128 -29.42 -46.53 6.59
C ALA A 128 -28.11 -46.70 5.83
N MET A 129 -27.10 -47.26 6.49
CA MET A 129 -25.79 -47.37 5.89
C MET A 129 -25.33 -48.81 5.83
N LYS A 130 -24.36 -49.04 4.96
CA LYS A 130 -23.64 -50.30 4.84
C LYS A 130 -22.17 -50.05 5.13
N ALA A 131 -21.57 -50.95 5.91
CA ALA A 131 -20.18 -50.79 6.34
C ALA A 131 -19.38 -52.02 5.97
N THR A 132 -18.09 -51.80 5.72
CA THR A 132 -17.13 -52.87 5.44
C THR A 132 -16.10 -52.86 6.57
N ILE A 133 -16.08 -53.95 7.35
CA ILE A 133 -15.28 -54.04 8.56
C ILE A 133 -14.24 -55.14 8.38
N ARG A 134 -12.98 -54.79 8.63
CA ARG A 134 -11.88 -55.75 8.57
C ARG A 134 -11.50 -56.13 10.00
N ILE A 135 -11.52 -57.42 10.29
CA ILE A 135 -11.23 -57.96 11.62
C ILE A 135 -10.03 -58.87 11.50
N SER A 136 -9.08 -58.73 12.43
CA SER A 136 -7.90 -59.57 12.41
C SER A 136 -7.46 -59.91 13.83
N TYR A 137 -6.79 -61.05 13.96
CA TYR A 137 -6.08 -61.40 15.18
C TYR A 137 -5.05 -62.47 14.80
N GLY A 138 -4.58 -63.22 15.80
CA GLY A 138 -3.64 -64.29 15.53
C GLY A 138 -4.15 -65.31 14.53
N ASN A 139 -3.41 -65.49 13.44
CA ASN A 139 -3.72 -66.49 12.41
C ASN A 139 -5.09 -66.26 11.77
N LEU A 140 -5.52 -65.00 11.68
CA LEU A 140 -6.76 -64.68 10.98
C LEU A 140 -6.72 -63.22 10.55
N ASN A 141 -7.17 -62.97 9.31
CA ASN A 141 -7.23 -61.61 8.77
C ASN A 141 -8.33 -61.63 7.70
N GLN A 142 -9.51 -61.13 8.06
CA GLN A 142 -10.67 -61.26 7.19
C GLN A 142 -11.43 -59.95 7.11
N THR A 143 -12.32 -59.87 6.12
CA THR A 143 -13.19 -58.73 5.91
C THR A 143 -14.65 -59.19 5.88
N THR A 144 -15.55 -58.23 6.14
CA THR A 144 -16.97 -58.54 6.16
C THR A 144 -17.76 -57.29 5.81
N THR A 145 -19.01 -57.50 5.38
CA THR A 145 -19.94 -56.44 5.07
C THR A 145 -21.14 -56.55 5.99
N ALA A 146 -21.54 -55.44 6.60
CA ALA A 146 -22.62 -55.42 7.57
C ALA A 146 -23.59 -54.27 7.29
N PHE A 147 -24.87 -54.55 7.47
CA PHE A 147 -25.91 -53.54 7.35
C PHE A 147 -25.88 -52.53 8.50
N VAL A 148 -25.12 -52.82 9.55
CA VAL A 148 -24.89 -51.98 10.74
C VAL A 148 -26.19 -51.31 11.20
N ASN A 149 -27.32 -52.00 10.98
CA ASN A 149 -28.59 -51.58 11.57
C ASN A 149 -28.70 -52.09 13.00
N GLY A 150 -29.92 -52.02 13.56
CA GLY A 150 -30.09 -52.32 14.98
C GLY A 150 -29.58 -53.68 15.39
N GLU A 151 -29.68 -54.68 14.51
CA GLU A 151 -29.22 -56.02 14.84
C GLU A 151 -28.85 -56.77 13.57
N HIS A 152 -27.73 -57.50 13.64
CA HIS A 152 -27.21 -58.27 12.52
C HIS A 152 -26.12 -59.20 13.05
N THR A 153 -25.69 -60.11 12.19
CA THR A 153 -24.67 -61.10 12.53
C THR A 153 -23.58 -61.08 11.46
N VAL A 154 -22.32 -61.20 11.89
CA VAL A 154 -21.18 -61.16 10.99
C VAL A 154 -20.76 -62.58 10.63
N THR A 155 -20.42 -63.37 11.65
CA THR A 155 -19.98 -64.76 11.50
C THR A 155 -18.75 -64.82 10.59
N VAL A 156 -17.68 -64.20 11.08
CA VAL A 156 -16.39 -64.25 10.39
C VAL A 156 -15.84 -65.68 10.40
N GLY A 157 -16.27 -66.48 11.36
CA GLY A 157 -15.75 -67.82 11.56
C GLY A 157 -16.25 -68.39 12.88
N GLY A 158 -15.34 -68.92 13.69
CA GLY A 158 -15.72 -69.32 15.03
C GLY A 158 -16.26 -68.17 15.85
N SER A 159 -15.64 -67.00 15.73
CA SER A 159 -16.12 -65.80 16.39
C SER A 159 -17.29 -65.19 15.62
N ARG A 160 -18.02 -64.30 16.29
CA ARG A 160 -19.13 -63.60 15.64
C ARG A 160 -19.25 -62.20 16.23
N PHE A 161 -19.85 -61.31 15.44
CA PHE A 161 -20.00 -59.92 15.82
C PHE A 161 -21.41 -59.42 15.46
N THR A 162 -21.87 -58.45 16.23
CA THR A 162 -23.09 -57.69 15.94
C THR A 162 -22.76 -56.21 16.01
N PHE A 163 -23.37 -55.43 15.13
CA PHE A 163 -23.12 -54.00 15.05
C PHE A 163 -24.39 -53.25 15.46
N GLY A 164 -24.27 -52.41 16.49
CA GLY A 164 -25.39 -51.68 17.04
C GLY A 164 -25.81 -50.50 16.19
N PRO A 165 -26.94 -49.89 16.54
CA PRO A 165 -27.40 -48.71 15.80
C PRO A 165 -26.48 -47.51 16.04
N ILE A 166 -26.46 -46.62 15.05
CA ILE A 166 -25.62 -45.44 15.12
C ILE A 166 -26.14 -44.47 16.18
N SER A 167 -25.23 -43.71 16.77
CA SER A 167 -25.61 -42.76 17.82
C SER A 167 -26.43 -41.61 17.25
N THR A 168 -26.00 -41.03 16.13
CA THR A 168 -26.67 -39.88 15.55
C THR A 168 -26.66 -40.03 14.03
N ALA A 169 -27.15 -39.02 13.33
CA ALA A 169 -27.24 -39.07 11.87
C ALA A 169 -27.05 -37.65 11.31
N TRP A 170 -25.81 -37.35 10.93
CA TRP A 170 -25.49 -36.07 10.28
C TRP A 170 -25.61 -36.20 8.76
N THR A 171 -26.83 -36.41 8.32
CA THR A 171 -27.10 -36.66 6.91
C THR A 171 -26.83 -35.42 6.08
N PRO A 172 -25.99 -35.49 5.05
CA PRO A 172 -25.77 -34.31 4.19
C PRO A 172 -27.02 -33.86 3.47
N PHE A 173 -27.93 -34.78 3.13
CA PHE A 173 -29.15 -34.42 2.44
C PHE A 173 -30.10 -33.69 3.38
N ASP A 174 -31.15 -33.11 2.80
CA ASP A 174 -32.16 -32.42 3.59
C ASP A 174 -33.50 -32.53 2.85
N ASN A 175 -34.23 -33.60 3.15
CA ASN A 175 -35.58 -33.82 2.64
C ASN A 175 -35.66 -33.69 1.12
N LYS A 176 -35.90 -32.48 0.64
CA LYS A 176 -36.21 -32.20 -0.76
C LYS A 176 -34.90 -31.94 -1.50
N ILE A 177 -34.52 -32.85 -2.39
CA ILE A 177 -33.25 -32.79 -3.10
C ILE A 177 -33.49 -33.02 -4.59
N VAL A 178 -32.44 -32.75 -5.38
CA VAL A 178 -32.49 -32.85 -6.84
C VAL A 178 -31.28 -33.65 -7.32
N VAL A 179 -31.53 -34.58 -8.25
CA VAL A 179 -30.48 -35.41 -8.83
C VAL A 179 -30.54 -35.26 -10.35
N TYR A 180 -29.38 -35.02 -10.98
CA TYR A 180 -29.35 -34.80 -12.42
C TYR A 180 -27.95 -35.14 -12.94
N LYS A 181 -27.79 -36.35 -13.48
CA LYS A 181 -26.56 -36.81 -14.12
C LYS A 181 -25.33 -36.63 -13.22
N ASN A 182 -25.30 -37.46 -12.18
CA ASN A 182 -24.10 -37.68 -11.35
C ASN A 182 -23.74 -36.45 -10.50
N ASP A 183 -24.77 -35.90 -9.84
CA ASP A 183 -24.66 -34.76 -8.91
C ASP A 183 -25.96 -34.59 -8.13
N VAL A 184 -25.86 -34.10 -6.89
CA VAL A 184 -27.04 -33.87 -6.07
C VAL A 184 -26.99 -32.43 -5.58
N TYR A 185 -28.16 -31.93 -5.18
CA TYR A 185 -28.29 -30.54 -4.76
C TYR A 185 -29.33 -30.45 -3.65
N ASN A 186 -29.13 -29.50 -2.75
CA ASN A 186 -30.11 -29.19 -1.70
C ASN A 186 -31.07 -28.10 -2.17
N LEU A 187 -31.66 -28.30 -3.35
CA LEU A 187 -32.55 -27.33 -3.93
C LEU A 187 -33.93 -27.43 -3.30
N ASP A 188 -34.72 -26.38 -3.45
CA ASP A 188 -36.09 -26.30 -2.94
C ASP A 188 -37.02 -26.20 -4.14
N PHE A 189 -37.37 -27.35 -4.72
CA PHE A 189 -38.24 -27.36 -5.88
C PHE A 189 -39.68 -27.08 -5.47
N PRO A 190 -40.45 -26.40 -6.32
CA PRO A 190 -41.82 -26.01 -5.96
C PRO A 190 -42.74 -27.22 -5.90
N PRO A 191 -43.90 -27.09 -5.25
CA PRO A 191 -44.85 -28.20 -5.21
C PRO A 191 -45.33 -28.60 -6.60
N TYR A 192 -45.85 -29.83 -6.68
CA TYR A 192 -46.25 -30.38 -7.98
C TYR A 192 -47.37 -29.56 -8.61
N GLY A 193 -48.32 -29.09 -7.80
CA GLY A 193 -49.47 -28.38 -8.34
C GLY A 193 -49.11 -27.05 -8.99
N SER A 194 -48.25 -26.26 -8.33
CA SER A 194 -47.93 -24.91 -8.78
C SER A 194 -46.52 -24.86 -9.33
N GLY A 195 -46.37 -24.29 -10.52
CA GLY A 195 -45.07 -24.09 -11.13
C GLY A 195 -44.87 -22.68 -11.64
N GLN A 196 -43.83 -22.00 -11.16
CA GLN A 196 -43.58 -20.63 -11.59
C GLN A 196 -43.19 -20.62 -13.06
N PRO A 197 -43.58 -19.58 -13.81
CA PRO A 197 -43.34 -19.53 -15.28
C PRO A 197 -41.90 -19.17 -15.66
N GLY A 198 -41.03 -20.18 -15.64
CA GLY A 198 -39.70 -20.05 -16.18
C GLY A 198 -38.57 -20.15 -15.18
N ARG A 199 -38.85 -20.43 -13.91
CA ARG A 199 -37.76 -20.57 -12.93
C ARG A 199 -37.17 -21.96 -12.98
N PHE A 200 -37.96 -22.97 -12.67
CA PHE A 200 -37.51 -24.36 -12.65
C PHE A 200 -38.73 -25.26 -12.56
N GLY A 201 -38.68 -26.38 -13.28
CA GLY A 201 -39.83 -27.27 -13.32
C GLY A 201 -41.03 -26.66 -14.01
N ASP A 202 -40.80 -25.88 -15.07
CA ASP A 202 -41.90 -25.33 -15.84
C ASP A 202 -42.76 -26.44 -16.43
N ILE A 203 -42.12 -27.47 -16.98
CA ILE A 203 -42.78 -28.72 -17.32
C ILE A 203 -42.56 -29.66 -16.13
N GLN A 204 -43.65 -30.02 -15.47
CA GLN A 204 -43.58 -30.66 -14.15
C GLN A 204 -44.41 -31.94 -14.15
N SER A 205 -44.23 -32.75 -15.20
CA SER A 205 -44.93 -34.02 -15.29
C SER A 205 -44.33 -35.04 -14.32
N ARG A 206 -45.10 -36.09 -14.06
CA ARG A 206 -44.65 -37.21 -13.24
C ARG A 206 -43.78 -38.15 -14.07
N THR A 207 -43.58 -39.37 -13.58
CA THR A 207 -42.68 -40.34 -14.18
C THR A 207 -42.94 -40.56 -15.67
N VAL A 208 -41.98 -41.20 -16.35
CA VAL A 208 -41.85 -41.20 -17.80
C VAL A 208 -43.05 -41.83 -18.51
N GLU A 209 -44.05 -42.26 -17.75
CA GLU A 209 -45.25 -42.87 -18.31
C GLU A 209 -46.01 -41.92 -19.23
N SER A 210 -45.54 -40.67 -19.33
CA SER A 210 -46.04 -39.70 -20.30
C SER A 210 -47.52 -39.39 -20.10
N LYS A 211 -47.84 -38.85 -18.93
CA LYS A 211 -49.19 -38.39 -18.64
C LYS A 211 -49.13 -37.16 -17.75
N ASP A 212 -50.18 -36.35 -17.82
CA ASP A 212 -50.35 -35.14 -17.00
C ASP A 212 -49.18 -34.18 -17.22
N LEU A 213 -49.12 -33.64 -18.44
CA LEU A 213 -48.10 -32.65 -18.80
C LEU A 213 -48.58 -31.26 -18.38
N TYR A 214 -48.58 -31.05 -17.06
CA TYR A 214 -48.97 -29.75 -16.52
C TYR A 214 -47.94 -28.70 -16.91
N ALA A 215 -48.40 -27.64 -17.57
CA ALA A 215 -47.53 -26.58 -18.05
C ALA A 215 -48.04 -25.22 -17.59
N ASN A 216 -47.10 -24.37 -17.19
CA ASN A 216 -47.39 -22.98 -16.82
C ASN A 216 -46.45 -22.04 -17.56
N THR A 217 -46.25 -22.31 -18.85
CA THR A 217 -45.31 -21.56 -19.67
C THR A 217 -45.95 -20.38 -20.39
N ALA A 218 -47.27 -20.22 -20.30
CA ALA A 218 -47.97 -18.99 -20.65
C ALA A 218 -47.74 -18.58 -22.11
N LEU A 219 -48.30 -19.38 -23.00
CA LEU A 219 -48.38 -18.97 -24.40
C LEU A 219 -49.32 -17.77 -24.55
N LYS A 220 -48.97 -16.89 -25.50
CA LYS A 220 -49.81 -15.73 -25.81
C LYS A 220 -49.62 -15.39 -27.28
N LEU A 221 -50.68 -15.53 -28.07
CA LEU A 221 -50.64 -15.17 -29.48
C LEU A 221 -51.03 -13.71 -29.66
N SER A 222 -51.09 -13.28 -30.93
CA SER A 222 -51.42 -11.90 -31.25
C SER A 222 -51.98 -11.87 -32.67
N ARG A 223 -52.32 -10.66 -33.13
CA ARG A 223 -52.82 -10.50 -34.48
C ARG A 223 -51.67 -10.54 -35.48
N PRO A 224 -51.70 -11.43 -36.47
CA PRO A 224 -50.60 -11.48 -37.44
C PRO A 224 -50.57 -10.23 -38.32
N SER A 225 -49.36 -9.89 -38.76
CA SER A 225 -49.19 -8.71 -39.60
C SER A 225 -49.73 -8.97 -41.01
N SER A 226 -50.05 -7.88 -41.70
CA SER A 226 -50.67 -7.95 -43.02
C SER A 226 -49.73 -8.46 -44.10
N GLY A 227 -48.44 -8.57 -43.83
CA GLY A 227 -47.48 -8.99 -44.83
C GLY A 227 -47.75 -10.35 -45.45
N THR A 228 -47.60 -11.42 -44.68
CA THR A 228 -47.83 -12.77 -45.17
C THR A 228 -48.29 -13.64 -44.01
N VAL A 229 -48.21 -14.96 -44.19
CA VAL A 229 -48.70 -15.88 -43.17
C VAL A 229 -47.73 -15.90 -41.99
N HIS A 230 -48.25 -15.64 -40.79
CA HIS A 230 -47.48 -15.70 -39.57
C HIS A 230 -48.27 -16.48 -38.52
N VAL A 231 -47.55 -16.95 -37.50
CA VAL A 231 -48.16 -17.55 -36.32
C VAL A 231 -47.57 -16.84 -35.10
N PRO A 232 -48.02 -15.63 -34.78
CA PRO A 232 -47.43 -14.89 -33.65
C PRO A 232 -47.68 -15.60 -32.33
N TYR A 233 -46.62 -15.75 -31.54
CA TYR A 233 -46.74 -16.31 -30.21
C TYR A 233 -45.54 -15.86 -29.38
N THR A 234 -45.79 -15.56 -28.11
CA THR A 234 -44.74 -15.18 -27.18
C THR A 234 -44.48 -16.34 -26.22
N GLN A 235 -43.21 -16.51 -25.84
CA GLN A 235 -42.82 -17.67 -25.06
C GLN A 235 -41.54 -17.35 -24.30
N THR A 236 -41.59 -17.51 -22.98
CA THR A 236 -40.39 -17.36 -22.18
C THR A 236 -39.49 -18.59 -22.34
N PRO A 237 -38.18 -18.43 -22.27
CA PRO A 237 -37.28 -19.58 -22.38
C PRO A 237 -37.47 -20.55 -21.22
N SER A 238 -37.22 -21.82 -21.51
CA SER A 238 -37.40 -22.88 -20.53
C SER A 238 -36.48 -22.66 -19.33
N GLY A 239 -37.05 -22.78 -18.12
CA GLY A 239 -36.25 -22.66 -16.91
C GLY A 239 -35.26 -23.79 -16.73
N PHE A 240 -35.49 -24.93 -17.39
CA PHE A 240 -34.54 -26.04 -17.30
C PHE A 240 -33.19 -25.66 -17.86
N LYS A 241 -33.18 -24.99 -19.01
CA LYS A 241 -31.92 -24.53 -19.60
C LYS A 241 -31.23 -23.49 -18.70
N TYR A 242 -32.01 -22.58 -18.11
CA TYR A 242 -31.45 -21.60 -17.20
C TYR A 242 -30.80 -22.27 -16.01
N TRP A 243 -31.47 -23.27 -15.44
CA TRP A 243 -30.95 -23.96 -14.27
C TRP A 243 -29.70 -24.77 -14.62
N ILE A 244 -29.65 -25.36 -15.82
CA ILE A 244 -28.44 -26.05 -16.24
C ILE A 244 -27.29 -25.07 -16.43
N LYS A 245 -27.55 -23.96 -17.12
CA LYS A 245 -26.48 -23.01 -17.41
C LYS A 245 -25.93 -22.37 -16.15
N GLU A 246 -26.80 -21.97 -15.23
CA GLU A 246 -26.32 -21.38 -13.98
C GLU A 246 -25.79 -22.46 -13.04
N ARG A 247 -26.66 -23.40 -12.64
CA ARG A 247 -26.33 -24.55 -11.80
C ARG A 247 -25.29 -24.23 -10.72
N GLY A 248 -24.13 -24.84 -10.80
CA GLY A 248 -23.03 -24.54 -9.90
C GLY A 248 -23.22 -24.97 -8.47
N THR A 249 -22.11 -25.08 -7.73
CA THR A 249 -22.10 -25.33 -6.29
C THR A 249 -22.86 -26.61 -5.93
N SER A 250 -22.37 -27.72 -6.46
CA SER A 250 -22.97 -29.01 -6.17
C SER A 250 -22.71 -29.41 -4.72
N LEU A 251 -23.37 -30.49 -4.29
CA LEU A 251 -23.20 -30.97 -2.93
C LEU A 251 -21.92 -31.78 -2.75
N ASN A 252 -21.26 -32.17 -3.84
CA ASN A 252 -19.97 -32.85 -3.74
C ASN A 252 -18.93 -31.95 -3.08
N ASP A 253 -19.07 -30.64 -3.21
CA ASP A 253 -18.17 -29.68 -2.58
C ASP A 253 -18.89 -28.89 -1.48
N LYS A 254 -19.89 -29.52 -0.85
CA LYS A 254 -20.59 -28.89 0.27
C LYS A 254 -20.84 -29.81 1.46
N ALA A 255 -20.48 -31.09 1.38
CA ALA A 255 -20.74 -32.00 2.49
C ALA A 255 -19.90 -31.59 3.69
N PRO A 256 -20.50 -31.44 4.88
CA PRO A 256 -19.77 -30.84 6.01
C PRO A 256 -18.76 -31.78 6.67
N PHE A 257 -18.50 -32.95 6.09
CA PHE A 257 -17.55 -33.87 6.69
C PHE A 257 -16.66 -34.55 5.67
N GLY A 258 -16.40 -33.89 4.54
CA GLY A 258 -15.59 -34.51 3.49
C GLY A 258 -16.21 -35.76 2.93
N CYS A 259 -17.54 -35.84 2.91
CA CYS A 259 -18.25 -37.10 2.71
C CYS A 259 -18.62 -37.19 1.24
N VAL A 260 -17.77 -37.87 0.45
CA VAL A 260 -17.94 -37.92 -0.99
C VAL A 260 -19.29 -38.55 -1.33
N ILE A 261 -19.89 -38.06 -2.41
CA ILE A 261 -21.24 -38.45 -2.81
C ILE A 261 -21.18 -39.25 -4.10
N LYS A 262 -21.99 -40.30 -4.18
CA LYS A 262 -22.16 -41.09 -5.39
C LYS A 262 -23.58 -40.90 -5.92
N THR A 263 -23.84 -41.43 -7.11
CA THR A 263 -25.09 -41.05 -7.76
C THR A 263 -26.01 -42.20 -8.12
N ASN A 264 -25.47 -43.32 -8.61
CA ASN A 264 -26.34 -44.37 -9.16
C ASN A 264 -27.28 -44.95 -8.10
N PRO A 265 -26.82 -45.33 -6.91
CA PRO A 265 -27.76 -45.63 -5.82
C PRO A 265 -28.04 -44.45 -4.90
N VAL A 266 -27.47 -43.27 -5.19
CA VAL A 266 -27.56 -42.09 -4.33
C VAL A 266 -27.04 -42.46 -2.95
N ARG A 267 -25.72 -42.49 -2.79
CA ARG A 267 -25.11 -42.83 -1.51
C ARG A 267 -23.97 -41.87 -1.21
N ALA A 268 -23.76 -41.62 0.08
CA ALA A 268 -22.67 -40.78 0.56
C ALA A 268 -21.65 -41.65 1.28
N GLU A 269 -20.38 -41.53 0.91
CA GLU A 269 -19.36 -42.47 1.36
C GLU A 269 -18.19 -41.76 2.02
N ASN A 270 -17.52 -42.50 2.90
CA ASN A 270 -16.23 -42.12 3.48
C ASN A 270 -16.30 -40.78 4.21
N CYS A 271 -17.06 -40.79 5.29
CA CYS A 271 -17.18 -39.62 6.17
C CYS A 271 -17.34 -40.07 7.61
N ALA A 272 -16.67 -39.35 8.51
CA ALA A 272 -16.58 -39.70 9.92
C ALA A 272 -17.52 -38.84 10.74
N VAL A 273 -18.57 -39.45 11.30
CA VAL A 273 -19.49 -38.80 12.22
C VAL A 273 -19.77 -39.74 13.38
N GLY A 274 -19.74 -39.20 14.60
CA GLY A 274 -20.08 -39.97 15.79
C GLY A 274 -19.17 -41.15 16.01
N ASN A 275 -19.73 -42.19 16.64
CA ASN A 275 -19.01 -43.42 16.90
C ASN A 275 -19.95 -44.61 16.66
N ILE A 276 -19.36 -45.79 16.55
CA ILE A 276 -20.12 -47.00 16.25
C ILE A 276 -19.99 -47.98 17.42
N PRO A 277 -21.09 -48.59 17.86
CA PRO A 277 -20.99 -49.64 18.86
C PRO A 277 -20.88 -51.02 18.24
N VAL A 278 -20.31 -51.95 18.99
CA VAL A 278 -20.10 -53.31 18.52
C VAL A 278 -20.20 -54.25 19.71
N SER A 279 -20.71 -55.46 19.46
CA SER A 279 -20.68 -56.55 20.41
C SER A 279 -20.04 -57.75 19.73
N MET A 280 -19.20 -58.47 20.48
CA MET A 280 -18.51 -59.63 19.93
C MET A 280 -18.64 -60.83 20.85
N ASP A 281 -18.65 -62.01 20.23
CA ASP A 281 -18.67 -63.30 20.92
C ASP A 281 -17.51 -64.13 20.39
N ILE A 282 -16.68 -64.63 21.29
CA ILE A 282 -15.47 -65.36 20.95
C ILE A 282 -15.59 -66.78 21.49
N PRO A 283 -15.42 -67.81 20.64
CA PRO A 283 -15.45 -69.18 21.15
C PRO A 283 -14.21 -69.49 21.97
N ASP A 284 -14.35 -70.48 22.85
CA ASP A 284 -13.25 -70.85 23.75
C ASP A 284 -12.08 -71.50 23.02
N SER A 285 -12.29 -71.95 21.78
CA SER A 285 -11.23 -72.63 21.03
C SER A 285 -10.31 -71.65 20.29
N ALA A 286 -10.53 -70.34 20.41
CA ALA A 286 -9.78 -69.36 19.65
C ALA A 286 -8.56 -68.82 20.37
N PHE A 287 -8.22 -69.35 21.55
CA PHE A 287 -7.10 -68.85 22.32
C PHE A 287 -6.51 -69.99 23.14
N THR A 288 -5.55 -69.64 23.99
CA THR A 288 -4.84 -70.59 24.83
C THR A 288 -4.97 -70.19 26.29
N ARG A 289 -4.37 -71.00 27.16
CA ARG A 289 -4.44 -70.79 28.60
C ARG A 289 -3.25 -69.96 29.07
N VAL A 290 -3.19 -69.69 30.38
CA VAL A 290 -2.09 -68.96 30.96
C VAL A 290 -0.83 -69.80 31.08
N ILE A 291 -0.91 -71.09 30.75
CA ILE A 291 0.20 -72.02 30.89
C ILE A 291 1.24 -71.81 29.80
N ASP A 292 1.01 -70.82 28.94
CA ASP A 292 1.86 -70.57 27.78
C ASP A 292 2.51 -69.19 27.90
N ALA A 293 3.78 -69.17 28.30
CA ALA A 293 4.69 -68.03 28.23
C ALA A 293 4.29 -66.80 29.04
N PRO A 294 4.05 -66.91 30.36
CA PRO A 294 4.21 -65.73 31.21
C PRO A 294 5.64 -65.21 31.12
N ALA A 295 5.84 -64.01 30.59
CA ALA A 295 7.18 -63.52 30.27
C ALA A 295 7.36 -62.08 30.73
N VAL A 296 6.98 -61.78 31.96
CA VAL A 296 7.14 -60.45 32.54
C VAL A 296 8.27 -60.40 33.57
N THR A 297 8.21 -61.24 34.60
CA THR A 297 9.12 -61.18 35.73
C THR A 297 9.20 -59.75 36.26
N ASN A 298 10.27 -59.04 35.91
CA ASN A 298 10.37 -57.60 36.12
C ASN A 298 10.54 -56.89 34.80
N LEU A 299 9.86 -55.76 34.64
CA LEU A 299 9.80 -55.06 33.37
C LEU A 299 10.23 -53.61 33.55
N GLU A 300 11.10 -53.14 32.66
CA GLU A 300 11.52 -51.75 32.64
C GLU A 300 11.55 -51.26 31.19
N CYS A 301 11.36 -49.96 31.02
CA CYS A 301 11.23 -49.37 29.68
C CYS A 301 12.10 -48.12 29.56
N GLN A 302 12.90 -48.07 28.50
CA GLN A 302 13.62 -46.88 28.10
C GLN A 302 12.98 -46.28 26.86
N VAL A 303 13.12 -44.96 26.72
CA VAL A 303 12.59 -44.24 25.56
C VAL A 303 13.74 -43.50 24.90
N ALA A 304 13.88 -43.66 23.59
CA ALA A 304 14.95 -43.03 22.83
C ALA A 304 14.52 -41.72 22.19
N VAL A 305 13.50 -41.76 21.33
CA VAL A 305 13.01 -40.59 20.61
C VAL A 305 11.50 -40.64 20.55
N CYS A 306 10.87 -39.47 20.61
CA CYS A 306 9.42 -39.34 20.47
C CYS A 306 9.11 -38.16 19.55
N THR A 307 9.78 -38.08 18.42
CA THR A 307 9.47 -37.00 17.48
C THR A 307 8.07 -37.24 16.93
N HIS A 308 7.10 -36.48 17.44
CA HIS A 308 5.71 -36.89 17.45
C HIS A 308 4.86 -36.09 16.45
N SER A 309 3.55 -36.29 16.55
CA SER A 309 2.47 -35.51 15.96
C SER A 309 2.17 -35.78 14.48
N SER A 310 2.87 -36.69 13.80
CA SER A 310 2.55 -36.94 12.39
C SER A 310 2.00 -38.35 12.17
N ASP A 311 2.81 -39.39 12.33
CA ASP A 311 2.28 -40.75 12.27
C ASP A 311 2.69 -41.59 13.48
N PHE A 312 4.01 -41.71 13.68
CA PHE A 312 4.58 -42.59 14.70
C PHE A 312 6.01 -42.13 14.92
N GLY A 313 6.30 -41.58 16.08
CA GLY A 313 7.63 -41.07 16.34
C GLY A 313 8.26 -41.62 17.60
N GLY A 314 7.48 -42.31 18.41
CA GLY A 314 7.98 -42.88 19.64
C GLY A 314 8.59 -44.24 19.47
N ILE A 315 9.91 -44.32 19.59
CA ILE A 315 10.64 -45.58 19.50
C ILE A 315 11.03 -45.98 20.92
N ALA A 316 10.41 -47.03 21.45
CA ALA A 316 10.64 -47.46 22.81
C ALA A 316 11.31 -48.83 22.83
N THR A 317 12.05 -49.10 23.90
CA THR A 317 12.74 -50.37 24.08
C THR A 317 12.26 -51.01 25.38
N LEU A 318 12.16 -52.34 25.36
CA LEU A 318 11.73 -53.10 26.52
C LEU A 318 12.73 -54.21 26.80
N THR A 319 13.10 -54.33 28.08
CA THR A 319 14.01 -55.37 28.56
C THR A 319 13.38 -56.04 29.77
N PHE A 320 13.57 -57.36 29.85
CA PHE A 320 12.96 -58.13 30.93
C PHE A 320 13.51 -59.55 30.91
N LYS A 321 13.54 -60.17 32.09
CA LYS A 321 13.74 -61.60 32.16
C LYS A 321 12.51 -62.30 31.59
N THR A 322 12.74 -63.39 30.86
CA THR A 322 11.67 -63.96 30.07
C THR A 322 11.75 -65.48 30.09
N ASP A 323 10.62 -66.10 29.77
CA ASP A 323 10.51 -67.53 29.58
C ASP A 323 10.79 -67.84 28.11
N LYS A 324 10.42 -69.05 27.65
CA LYS A 324 10.62 -69.49 26.27
C LYS A 324 10.13 -68.45 25.28
N PRO A 325 10.76 -68.34 24.11
CA PRO A 325 10.30 -67.38 23.10
C PRO A 325 8.90 -67.73 22.62
N GLY A 326 8.10 -66.70 22.37
CA GLY A 326 6.73 -66.94 21.95
C GLY A 326 5.96 -65.65 21.79
N LYS A 327 4.67 -65.80 21.48
CA LYS A 327 3.80 -64.66 21.21
C LYS A 327 3.13 -64.20 22.50
N CYS A 328 3.10 -62.88 22.70
CA CYS A 328 2.49 -62.27 23.87
C CYS A 328 1.78 -60.98 23.48
N ALA A 329 0.62 -60.76 24.08
CA ALA A 329 -0.15 -59.56 23.78
C ALA A 329 0.47 -58.34 24.45
N VAL A 330 0.14 -57.17 23.91
CA VAL A 330 0.64 -55.90 24.43
C VAL A 330 -0.30 -54.80 23.97
N HIS A 331 -0.63 -53.89 24.89
CA HIS A 331 -1.50 -52.77 24.56
C HIS A 331 -1.23 -51.66 25.58
N SER A 332 -2.11 -50.65 25.59
CA SER A 332 -2.04 -49.57 26.56
C SER A 332 -3.45 -49.22 27.02
N HIS A 333 -3.71 -49.35 28.32
CA HIS A 333 -5.02 -48.97 28.85
C HIS A 333 -5.26 -47.47 28.69
N SER A 334 -4.25 -46.66 28.96
CA SER A 334 -4.39 -45.21 28.83
C SER A 334 -4.49 -44.83 27.37
N ASN A 335 -5.44 -43.94 27.06
CA ASN A 335 -5.67 -43.51 25.69
C ASN A 335 -4.86 -42.27 25.30
N VAL A 336 -3.99 -41.79 26.20
CA VAL A 336 -3.14 -40.65 25.86
C VAL A 336 -2.15 -40.99 24.76
N ALA A 337 -1.87 -42.28 24.55
CA ALA A 337 -0.99 -42.74 23.48
C ALA A 337 -1.65 -43.93 22.80
N THR A 338 -0.92 -44.53 21.85
CA THR A 338 -1.43 -45.68 21.12
C THR A 338 -0.24 -46.53 20.65
N ILE A 339 -0.53 -47.79 20.39
CA ILE A 339 0.48 -48.76 19.96
C ILE A 339 0.12 -49.25 18.57
N GLN A 340 1.07 -49.12 17.64
CA GLN A 340 0.81 -49.52 16.26
C GLN A 340 0.74 -51.05 16.11
N GLU A 341 1.48 -51.78 16.94
CA GLU A 341 1.64 -53.22 16.76
C GLU A 341 0.75 -53.99 17.72
N ALA A 342 0.21 -55.10 17.22
CA ALA A 342 -0.56 -56.05 18.03
C ALA A 342 0.39 -56.95 18.81
N ALA A 343 -0.13 -58.08 19.32
CA ALA A 343 0.70 -59.05 20.02
C ALA A 343 1.98 -59.34 19.23
N VAL A 344 3.07 -59.49 19.97
CA VAL A 344 4.40 -59.53 19.37
C VAL A 344 5.13 -60.77 19.84
N ASP A 345 6.14 -61.17 19.06
CA ASP A 345 6.98 -62.32 19.38
C ASP A 345 8.18 -61.86 20.20
N ILE A 346 8.46 -62.57 21.29
CA ILE A 346 9.55 -62.26 22.19
C ILE A 346 10.54 -63.41 22.18
N LYS A 347 11.82 -63.09 21.98
CA LYS A 347 12.92 -64.04 22.02
C LYS A 347 13.52 -64.09 23.42
N THR A 348 14.46 -65.01 23.61
CA THR A 348 15.07 -65.20 24.93
C THR A 348 15.92 -64.02 25.38
N ASP A 349 16.35 -63.15 24.46
CA ASP A 349 17.20 -62.04 24.83
C ASP A 349 16.48 -61.06 25.75
N GLY A 350 15.22 -60.76 25.45
CA GLY A 350 14.42 -59.88 26.27
C GLY A 350 14.24 -58.47 25.72
N LYS A 351 15.07 -58.06 24.76
CA LYS A 351 14.92 -56.74 24.14
C LYS A 351 13.87 -56.79 23.06
N ILE A 352 12.92 -55.86 23.11
CA ILE A 352 11.90 -55.73 22.06
C ILE A 352 11.65 -54.25 21.81
N THR A 353 11.56 -53.88 20.53
CA THR A 353 11.33 -52.50 20.13
C THR A 353 9.86 -52.28 19.83
N LEU A 354 9.34 -51.14 20.28
CA LEU A 354 7.94 -50.79 20.13
C LEU A 354 7.80 -49.44 19.45
N HIS A 355 6.80 -49.32 18.59
CA HIS A 355 6.48 -48.08 17.90
C HIS A 355 5.17 -47.53 18.47
N PHE A 356 5.19 -46.28 18.91
CA PHE A 356 4.01 -45.64 19.46
C PHE A 356 3.98 -44.19 19.01
N SER A 357 2.89 -43.49 19.31
CA SER A 357 2.74 -42.10 18.92
C SER A 357 1.71 -41.43 19.82
N THR A 358 1.80 -40.12 19.90
CA THR A 358 0.88 -39.30 20.68
C THR A 358 1.13 -37.84 20.32
N ALA A 359 0.24 -36.98 20.81
CA ALA A 359 0.39 -35.54 20.62
C ALA A 359 0.97 -34.84 21.84
N SER A 360 0.86 -35.44 23.03
CA SER A 360 1.36 -34.82 24.24
C SER A 360 2.88 -34.75 24.23
N ALA A 361 3.41 -33.61 24.68
CA ALA A 361 4.85 -33.45 24.80
C ALA A 361 5.41 -34.24 25.98
N SER A 362 4.59 -34.54 26.98
CA SER A 362 5.01 -35.32 28.15
C SER A 362 3.97 -36.40 28.44
N PRO A 363 3.87 -37.41 27.59
CA PRO A 363 2.92 -38.50 27.84
C PRO A 363 3.43 -39.45 28.90
N ALA A 364 2.48 -40.14 29.53
CA ALA A 364 2.78 -41.09 30.61
C ALA A 364 1.97 -42.35 30.43
N PHE A 365 1.91 -42.85 29.19
CA PHE A 365 1.20 -44.08 28.91
C PHE A 365 1.83 -45.23 29.67
N LYS A 366 1.01 -46.15 30.16
CA LYS A 366 1.49 -47.34 30.84
C LYS A 366 1.20 -48.56 29.97
N VAL A 367 2.24 -49.34 29.69
CA VAL A 367 2.12 -50.47 28.79
C VAL A 367 1.56 -51.66 29.56
N SER A 368 0.72 -52.44 28.90
CA SER A 368 0.10 -53.63 29.48
C SER A 368 0.56 -54.84 28.68
N VAL A 369 1.17 -55.79 29.39
CA VAL A 369 1.70 -57.00 28.79
C VAL A 369 0.71 -58.12 29.09
N CYS A 370 0.81 -59.22 28.34
CA CYS A 370 -0.17 -60.30 28.41
C CYS A 370 -0.34 -60.89 29.80
N SER A 371 0.54 -60.53 30.74
CA SER A 371 0.36 -60.95 32.13
C SER A 371 0.60 -59.85 33.16
N ALA A 372 1.30 -58.76 32.83
CA ALA A 372 1.54 -57.68 33.78
C ALA A 372 1.48 -56.35 33.04
N LYS A 373 1.71 -55.26 33.77
CA LYS A 373 1.70 -53.92 33.20
C LYS A 373 2.64 -53.03 33.99
N THR A 374 3.28 -52.09 33.28
CA THR A 374 4.22 -51.15 33.89
C THR A 374 4.03 -49.76 33.31
N THR A 375 4.14 -48.75 34.17
CA THR A 375 4.06 -47.36 33.73
C THR A 375 5.30 -46.98 32.93
N CYS A 376 5.12 -46.10 31.94
CA CYS A 376 6.22 -45.70 31.06
C CYS A 376 6.02 -44.23 30.67
N MET A 377 6.64 -43.33 31.42
CA MET A 377 6.69 -41.94 31.02
C MET A 377 7.83 -41.72 30.03
N ALA A 378 7.73 -40.62 29.28
CA ALA A 378 8.72 -40.35 28.24
C ALA A 378 8.80 -38.85 28.00
N ALA A 379 10.03 -38.37 27.80
CA ALA A 379 10.28 -36.97 27.43
C ALA A 379 10.09 -36.86 25.92
N CYS A 380 8.90 -36.43 25.50
CA CYS A 380 8.50 -36.42 24.10
C CYS A 380 8.54 -35.02 23.52
N GLU A 381 9.62 -34.30 23.83
CA GLU A 381 9.73 -32.88 23.47
C GLU A 381 9.61 -32.56 21.99
N PRO A 382 10.33 -33.21 21.07
CA PRO A 382 10.55 -32.60 19.76
C PRO A 382 9.39 -32.83 18.79
N PRO A 383 8.78 -31.75 18.32
CA PRO A 383 7.71 -31.85 17.32
C PRO A 383 8.23 -31.68 15.90
N LYS A 384 7.38 -32.07 14.95
CA LYS A 384 7.67 -31.97 13.53
C LYS A 384 7.09 -30.67 12.97
N ASP A 385 7.64 -30.23 11.83
CA ASP A 385 7.19 -28.99 11.19
C ASP A 385 7.19 -29.12 9.66
N HIS A 386 6.05 -29.57 9.14
CA HIS A 386 5.64 -29.50 7.74
C HIS A 386 4.12 -29.49 7.72
N ILE A 387 3.52 -29.84 6.57
CA ILE A 387 2.07 -30.04 6.46
C ILE A 387 1.89 -31.44 5.86
N VAL A 388 1.70 -32.43 6.72
CA VAL A 388 1.61 -33.82 6.31
C VAL A 388 0.34 -34.07 5.52
N PRO A 389 0.41 -34.81 4.40
CA PRO A 389 -0.80 -35.10 3.62
C PRO A 389 -1.51 -36.38 4.05
N TYR A 390 -1.17 -36.95 5.20
CA TYR A 390 -1.74 -38.22 5.63
C TYR A 390 -2.47 -38.03 6.95
N GLY A 391 -3.17 -39.09 7.36
CA GLY A 391 -4.04 -38.99 8.52
C GLY A 391 -3.30 -38.92 9.83
N ALA A 392 -4.03 -38.49 10.86
CA ALA A 392 -3.53 -38.49 12.22
C ALA A 392 -3.83 -39.83 12.86
N SER A 393 -2.79 -40.53 13.31
CA SER A 393 -2.91 -41.89 13.83
C SER A 393 -2.93 -41.94 15.35
N HIS A 394 -3.54 -40.94 15.99
CA HIS A 394 -3.60 -40.93 17.46
C HIS A 394 -4.80 -40.12 17.89
N ASN A 395 -5.21 -40.33 19.13
CA ASN A 395 -6.23 -39.49 19.74
C ASN A 395 -5.68 -38.07 19.96
N ASN A 396 -6.56 -37.08 19.81
CA ASN A 396 -6.14 -35.69 19.85
C ASN A 396 -5.98 -35.16 21.28
N GLN A 397 -6.37 -35.95 22.28
CA GLN A 397 -6.31 -35.48 23.66
C GLN A 397 -4.88 -35.23 24.11
N VAL A 398 -4.51 -33.97 24.26
CA VAL A 398 -3.19 -33.58 24.77
C VAL A 398 -3.37 -33.07 26.20
N PHE A 399 -2.76 -33.78 27.15
CA PHE A 399 -2.82 -33.39 28.56
C PHE A 399 -1.61 -33.92 29.29
N PRO A 400 -0.70 -33.06 29.73
CA PRO A 400 0.43 -33.54 30.56
C PRO A 400 -0.06 -34.22 31.82
N ASP A 401 0.60 -35.31 32.19
CA ASP A 401 0.16 -36.09 33.33
C ASP A 401 0.40 -35.34 34.63
N MET A 402 -0.30 -35.77 35.69
CA MET A 402 -0.13 -35.18 37.00
C MET A 402 1.32 -35.33 37.49
N SER A 403 1.93 -36.48 37.22
CA SER A 403 3.35 -36.64 37.49
C SER A 403 4.17 -35.71 36.61
N GLY A 404 4.25 -36.02 35.31
CA GLY A 404 4.87 -35.16 34.33
C GLY A 404 6.34 -34.86 34.53
N THR A 405 6.91 -34.08 33.62
CA THR A 405 8.29 -33.63 33.73
C THR A 405 8.48 -32.17 33.41
N ALA A 406 7.43 -31.43 33.04
CA ALA A 406 7.53 -30.01 32.75
C ALA A 406 6.51 -29.16 33.51
N MET A 407 5.44 -29.75 34.05
CA MET A 407 4.51 -29.04 34.91
C MET A 407 4.77 -29.28 36.39
N THR A 408 5.81 -30.06 36.71
CA THR A 408 6.17 -30.30 38.10
C THR A 408 6.58 -29.01 38.80
N TRP A 409 7.35 -28.15 38.12
CA TRP A 409 7.75 -26.89 38.74
C TRP A 409 6.54 -25.98 38.97
N VAL A 410 5.56 -25.99 38.06
CA VAL A 410 4.34 -25.23 38.27
C VAL A 410 3.61 -25.70 39.52
N GLN A 411 3.40 -27.02 39.65
CA GLN A 411 2.63 -27.49 40.78
C GLN A 411 3.39 -27.30 42.08
N ARG A 412 4.72 -27.40 42.04
CA ARG A 412 5.46 -27.24 43.29
C ARG A 412 5.54 -25.78 43.72
N VAL A 413 5.63 -24.84 42.77
CA VAL A 413 5.60 -23.44 43.17
C VAL A 413 4.20 -23.05 43.65
N ALA A 414 3.16 -23.60 43.03
CA ALA A 414 1.81 -23.37 43.53
C ALA A 414 1.64 -23.94 44.93
N GLY A 415 2.18 -25.14 45.17
CA GLY A 415 2.13 -25.71 46.50
C GLY A 415 2.92 -24.92 47.52
N GLY A 416 4.03 -24.31 47.08
CA GLY A 416 4.78 -23.44 47.97
C GLY A 416 4.01 -22.21 48.38
N PHE A 417 3.36 -21.55 47.41
CA PHE A 417 2.51 -20.41 47.75
C PHE A 417 1.36 -20.83 48.66
N GLY A 418 0.73 -21.96 48.35
CA GLY A 418 -0.34 -22.45 49.20
C GLY A 418 0.14 -22.78 50.61
N GLY A 419 1.35 -23.33 50.73
CA GLY A 419 1.92 -23.61 52.02
C GLY A 419 2.24 -22.36 52.81
N LEU A 420 2.71 -21.31 52.14
CA LEU A 420 2.90 -20.04 52.82
C LEU A 420 1.58 -19.49 53.35
N THR A 421 0.52 -19.55 52.52
CA THR A 421 -0.77 -19.07 52.98
C THR A 421 -1.31 -19.92 54.12
N LEU A 422 -1.13 -21.24 54.04
CA LEU A 422 -1.59 -22.12 55.12
C LEU A 422 -0.81 -21.89 56.40
N ALA A 423 0.49 -21.61 56.29
CA ALA A 423 1.27 -21.26 57.48
C ALA A 423 0.77 -19.96 58.08
N ALA A 424 0.44 -18.98 57.23
CA ALA A 424 -0.09 -17.72 57.73
C ALA A 424 -1.41 -17.93 58.48
N VAL A 425 -2.32 -18.70 57.90
CA VAL A 425 -3.61 -18.91 58.56
C VAL A 425 -3.43 -19.74 59.82
N ALA A 426 -2.51 -20.72 59.80
CA ALA A 426 -2.26 -21.53 60.98
C ALA A 426 -1.68 -20.71 62.13
N VAL A 427 -0.72 -19.82 61.82
CA VAL A 427 -0.17 -19.00 62.88
C VAL A 427 -1.19 -17.98 63.36
N LEU A 428 -2.10 -17.54 62.48
CA LEU A 428 -3.19 -16.69 62.92
C LEU A 428 -4.10 -17.42 63.90
N ILE A 429 -4.44 -18.67 63.60
CA ILE A 429 -5.28 -19.45 64.50
C ILE A 429 -4.56 -19.69 65.82
N LEU A 430 -3.26 -19.99 65.76
CA LEU A 430 -2.49 -20.21 66.99
C LEU A 430 -2.45 -18.94 67.84
N VAL A 431 -2.23 -17.78 67.21
CA VAL A 431 -2.17 -16.52 67.94
C VAL A 431 -3.52 -16.21 68.58
N THR A 432 -4.62 -16.38 67.83
CA THR A 432 -5.93 -16.09 68.40
C THR A 432 -6.31 -17.08 69.49
N CYS A 433 -5.81 -18.32 69.41
CA CYS A 433 -6.06 -19.28 70.47
C CYS A 433 -5.26 -18.93 71.72
N VAL A 434 -4.04 -18.45 71.56
CA VAL A 434 -3.24 -18.03 72.71
C VAL A 434 -3.85 -16.80 73.37
N THR A 435 -4.29 -15.83 72.56
CA THR A 435 -4.74 -14.55 73.10
C THR A 435 -6.24 -14.49 73.39
N MET A 436 -7.00 -15.54 73.07
CA MET A 436 -8.43 -15.50 73.35
C MET A 436 -8.70 -15.58 74.85
N ARG A 437 -8.04 -16.52 75.54
CA ARG A 437 -8.15 -16.71 76.99
C ARG A 437 -9.56 -16.53 77.54
N SER B 1 -29.53 -53.08 -49.20
CA SER B 1 -29.94 -52.97 -47.80
C SER B 1 -29.24 -51.80 -47.12
N VAL B 2 -28.12 -51.37 -47.70
CA VAL B 2 -27.41 -50.22 -47.16
C VAL B 2 -28.21 -48.94 -47.39
N THR B 3 -28.85 -48.82 -48.54
CA THR B 3 -29.62 -47.64 -48.90
C THR B 3 -31.13 -47.85 -48.81
N LYS B 4 -31.57 -48.98 -48.24
CA LYS B 4 -32.99 -49.29 -48.24
C LYS B 4 -33.79 -48.29 -47.41
N HIS B 5 -33.27 -47.89 -46.25
CA HIS B 5 -34.04 -47.04 -45.35
C HIS B 5 -34.30 -45.65 -45.92
N PHE B 6 -33.63 -45.29 -47.01
CA PHE B 6 -33.91 -44.03 -47.70
C PHE B 6 -35.25 -44.05 -48.42
N ASN B 7 -35.92 -45.20 -48.51
CA ASN B 7 -37.20 -45.26 -49.23
C ASN B 7 -38.23 -44.32 -48.61
N VAL B 8 -38.17 -44.11 -47.30
CA VAL B 8 -39.09 -43.18 -46.63
C VAL B 8 -39.00 -41.77 -47.18
N TYR B 9 -37.98 -41.48 -48.00
CA TYR B 9 -37.82 -40.17 -48.62
C TYR B 9 -38.47 -40.08 -50.00
N LYS B 10 -39.36 -41.03 -50.34
CA LYS B 10 -40.22 -40.83 -51.50
C LYS B 10 -41.10 -39.59 -51.33
N ALA B 11 -41.38 -39.20 -50.10
CA ALA B 11 -41.95 -37.88 -49.85
C ALA B 11 -40.98 -36.82 -50.33
N THR B 12 -41.43 -35.96 -51.25
CA THR B 12 -40.52 -35.05 -51.94
C THR B 12 -41.12 -33.66 -52.07
N LYS B 13 -40.50 -32.83 -52.91
CA LYS B 13 -40.88 -31.43 -53.12
C LYS B 13 -40.80 -30.64 -51.82
N PRO B 14 -39.59 -30.37 -51.31
CA PRO B 14 -39.48 -29.47 -50.16
C PRO B 14 -40.01 -28.08 -50.48
N TYR B 15 -40.59 -27.44 -49.48
CA TYR B 15 -41.31 -26.20 -49.69
C TYR B 15 -40.35 -25.03 -49.90
N LEU B 16 -40.93 -23.84 -50.06
CA LEU B 16 -40.19 -22.59 -50.19
C LEU B 16 -41.02 -21.53 -49.48
N ALA B 17 -40.53 -21.06 -48.34
CA ALA B 17 -41.32 -20.21 -47.45
C ALA B 17 -40.56 -18.94 -47.12
N TYR B 18 -41.15 -18.15 -46.22
CA TYR B 18 -40.59 -16.87 -45.83
C TYR B 18 -39.49 -17.06 -44.80
N CYS B 19 -38.42 -16.26 -44.93
CA CYS B 19 -37.34 -16.26 -43.96
C CYS B 19 -36.97 -14.82 -43.65
N ALA B 20 -36.16 -14.63 -42.60
CA ALA B 20 -35.97 -13.30 -42.02
C ALA B 20 -35.20 -12.37 -42.96
N ASP B 21 -33.91 -12.64 -43.18
CA ASP B 21 -33.04 -11.75 -43.94
C ASP B 21 -32.38 -12.54 -45.07
N CYS B 22 -32.69 -12.18 -46.30
CA CYS B 22 -32.17 -12.86 -47.48
C CYS B 22 -30.78 -12.39 -47.87
N GLY B 23 -30.23 -11.41 -47.16
CA GLY B 23 -28.93 -10.85 -47.48
C GLY B 23 -29.04 -9.66 -48.41
N ASP B 24 -29.41 -9.91 -49.67
CA ASP B 24 -29.54 -8.82 -50.63
C ASP B 24 -30.80 -7.99 -50.41
N GLY B 25 -31.82 -8.55 -49.76
CA GLY B 25 -33.06 -7.84 -49.54
C GLY B 25 -33.57 -8.04 -48.14
N GLN B 26 -34.44 -7.10 -47.72
CA GLN B 26 -35.03 -7.18 -46.40
C GLN B 26 -35.97 -8.39 -46.29
N PHE B 27 -36.87 -8.54 -47.24
CA PHE B 27 -37.76 -9.70 -47.32
C PHE B 27 -37.51 -10.42 -48.63
N CYS B 28 -37.62 -11.75 -48.58
CA CYS B 28 -37.11 -12.57 -49.68
C CYS B 28 -37.56 -14.01 -49.48
N TYR B 29 -37.80 -14.69 -50.58
CA TYR B 29 -38.22 -16.09 -50.57
C TYR B 29 -37.05 -16.96 -50.99
N SER B 30 -36.73 -17.96 -50.18
CA SER B 30 -35.57 -18.81 -50.40
C SER B 30 -35.95 -20.26 -50.16
N PRO B 31 -35.33 -21.20 -50.86
CA PRO B 31 -35.58 -22.63 -50.59
C PRO B 31 -35.03 -23.09 -49.25
N VAL B 32 -34.19 -22.29 -48.58
CA VAL B 32 -33.64 -22.62 -47.29
C VAL B 32 -34.30 -21.73 -46.25
N ALA B 33 -34.97 -22.35 -45.28
CA ALA B 33 -35.61 -21.63 -44.18
C ALA B 33 -35.24 -22.32 -42.88
N ILE B 34 -34.85 -21.54 -41.88
CA ILE B 34 -34.38 -22.09 -40.61
C ILE B 34 -35.58 -22.45 -39.76
N GLU B 35 -35.80 -23.75 -39.56
CA GLU B 35 -36.83 -24.24 -38.67
C GLU B 35 -36.26 -24.17 -37.24
N LYS B 36 -37.05 -24.59 -36.24
CA LYS B 36 -36.58 -24.53 -34.86
C LYS B 36 -35.36 -25.43 -34.66
N ILE B 37 -34.39 -24.92 -33.92
CA ILE B 37 -33.06 -25.51 -33.85
C ILE B 37 -33.00 -26.51 -32.70
N ARG B 38 -32.51 -27.71 -32.99
CA ARG B 38 -32.27 -28.71 -31.95
C ARG B 38 -30.90 -28.50 -31.34
N ASP B 39 -30.84 -28.50 -30.01
CA ASP B 39 -29.57 -28.36 -29.30
C ASP B 39 -29.69 -29.01 -27.91
N GLU B 40 -29.31 -30.28 -27.82
CA GLU B 40 -29.40 -30.99 -26.54
C GLU B 40 -28.17 -31.83 -26.24
N ALA B 41 -27.12 -31.78 -27.04
CA ALA B 41 -25.90 -32.52 -26.75
C ALA B 41 -25.02 -31.71 -25.80
N SER B 42 -23.78 -32.16 -25.61
CA SER B 42 -22.87 -31.51 -24.66
C SER B 42 -21.49 -31.23 -25.25
N ASP B 43 -21.35 -31.21 -26.57
CA ASP B 43 -20.08 -30.92 -27.23
C ASP B 43 -20.27 -29.85 -28.30
N GLY B 44 -21.08 -28.83 -28.00
CA GLY B 44 -21.35 -27.79 -28.97
C GLY B 44 -22.12 -28.25 -30.20
N MET B 45 -22.75 -29.41 -30.14
CA MET B 45 -23.45 -29.96 -31.29
C MET B 45 -24.66 -29.10 -31.63
N ILE B 46 -24.81 -28.74 -32.90
CA ILE B 46 -25.97 -28.00 -33.36
C ILE B 46 -26.61 -28.75 -34.51
N LYS B 47 -27.94 -28.85 -34.46
CA LYS B 47 -28.75 -29.49 -35.49
C LYS B 47 -29.73 -28.47 -36.06
N ILE B 48 -29.74 -28.36 -37.39
CA ILE B 48 -30.53 -27.35 -38.09
C ILE B 48 -31.49 -28.07 -39.03
N GLN B 49 -32.74 -27.66 -39.01
CA GLN B 49 -33.75 -28.23 -39.91
C GLN B 49 -34.00 -27.25 -41.05
N VAL B 50 -33.73 -27.70 -42.27
CA VAL B 50 -33.85 -26.90 -43.48
C VAL B 50 -34.82 -27.60 -44.41
N ALA B 51 -35.62 -26.79 -45.12
CA ALA B 51 -36.64 -27.35 -46.01
C ALA B 51 -36.03 -28.26 -47.06
N ALA B 52 -35.01 -27.77 -47.77
CA ALA B 52 -34.37 -28.54 -48.83
C ALA B 52 -33.46 -29.62 -48.21
N GLN B 53 -33.92 -30.86 -48.23
CA GLN B 53 -33.11 -31.98 -47.76
C GLN B 53 -32.02 -32.31 -48.78
N ILE B 54 -31.07 -33.14 -48.35
CA ILE B 54 -29.88 -33.43 -49.15
C ILE B 54 -29.99 -34.81 -49.75
N GLY B 55 -29.23 -35.02 -50.83
CA GLY B 55 -28.99 -36.33 -51.41
C GLY B 55 -30.16 -37.04 -52.05
N ILE B 56 -30.73 -36.46 -53.11
CA ILE B 56 -31.73 -37.12 -53.95
C ILE B 56 -31.45 -36.76 -55.40
N ASN B 57 -31.51 -37.77 -56.28
CA ASN B 57 -31.19 -37.61 -57.69
C ASN B 57 -32.41 -37.97 -58.54
N LYS B 58 -33.57 -37.42 -58.18
CA LYS B 58 -34.91 -37.79 -58.63
C LYS B 58 -35.41 -39.05 -57.94
N GLY B 59 -34.65 -39.60 -57.01
CA GLY B 59 -35.06 -40.78 -56.28
C GLY B 59 -34.06 -41.11 -55.19
N GLY B 60 -34.33 -42.22 -54.49
CA GLY B 60 -33.47 -42.63 -53.41
C GLY B 60 -32.04 -42.92 -53.84
N THR B 61 -31.08 -42.27 -53.20
CA THR B 61 -29.67 -42.42 -53.55
C THR B 61 -28.82 -42.05 -52.34
N HIS B 62 -27.66 -42.71 -52.23
CA HIS B 62 -26.72 -42.47 -51.14
C HIS B 62 -25.46 -41.84 -51.74
N GLU B 63 -25.26 -40.56 -51.48
CA GLU B 63 -24.11 -39.83 -52.01
C GLU B 63 -23.95 -38.53 -51.23
N HIS B 64 -22.84 -37.84 -51.49
CA HIS B 64 -22.53 -36.60 -50.80
C HIS B 64 -21.98 -35.53 -51.74
N ASN B 65 -22.45 -35.51 -52.99
CA ASN B 65 -22.05 -34.47 -53.94
C ASN B 65 -23.25 -33.98 -54.74
N LYS B 66 -24.40 -33.80 -54.09
CA LYS B 66 -25.60 -33.35 -54.78
C LYS B 66 -26.60 -32.81 -53.76
N ILE B 67 -27.15 -31.63 -54.06
CA ILE B 67 -28.19 -30.99 -53.26
C ILE B 67 -29.35 -30.62 -54.15
N ARG B 68 -30.56 -30.77 -53.65
CA ARG B 68 -31.78 -30.41 -54.36
C ARG B 68 -32.39 -29.15 -53.78
N TYR B 69 -32.94 -28.31 -54.66
CA TYR B 69 -33.84 -27.25 -54.25
C TYR B 69 -34.88 -27.06 -55.33
N ILE B 70 -35.86 -26.21 -55.05
CA ILE B 70 -36.93 -25.88 -55.99
C ILE B 70 -37.02 -24.36 -56.06
N ALA B 71 -36.81 -23.81 -57.25
CA ALA B 71 -37.07 -22.40 -57.53
C ALA B 71 -38.38 -22.33 -58.30
N GLY B 72 -39.32 -21.54 -57.80
CA GLY B 72 -40.67 -21.61 -58.32
C GLY B 72 -41.37 -22.89 -57.88
N HIS B 73 -42.17 -23.45 -58.79
CA HIS B 73 -42.81 -24.73 -58.57
C HIS B 73 -42.20 -25.84 -59.43
N ASP B 74 -40.92 -25.71 -59.77
CA ASP B 74 -40.21 -26.72 -60.55
C ASP B 74 -38.89 -27.05 -59.87
N MET B 75 -38.61 -28.35 -59.76
CA MET B 75 -37.45 -28.83 -59.04
C MET B 75 -36.17 -28.63 -59.86
N LYS B 76 -35.05 -28.44 -59.15
CA LYS B 76 -33.78 -28.09 -59.78
C LYS B 76 -32.67 -28.90 -59.12
N GLU B 77 -31.42 -28.57 -59.49
CA GLU B 77 -30.23 -29.24 -58.98
C GLU B 77 -29.18 -28.22 -58.57
N ALA B 78 -28.24 -28.69 -57.74
CA ALA B 78 -27.07 -27.92 -57.34
C ALA B 78 -26.08 -28.89 -56.71
N ASN B 79 -24.92 -28.35 -56.33
CA ASN B 79 -23.82 -29.16 -55.80
C ASN B 79 -23.70 -28.97 -54.30
N ARG B 80 -23.51 -30.09 -53.58
CA ARG B 80 -23.38 -30.03 -52.13
C ARG B 80 -22.08 -29.37 -51.69
N ASP B 81 -21.00 -29.55 -52.45
CA ASP B 81 -19.69 -29.05 -52.03
C ASP B 81 -19.66 -27.54 -51.85
N SER B 82 -20.61 -26.82 -52.46
CA SER B 82 -20.71 -25.37 -52.28
C SER B 82 -21.57 -24.99 -51.07
N LEU B 83 -22.17 -25.95 -50.40
CA LEU B 83 -23.00 -25.65 -49.23
C LEU B 83 -22.12 -25.25 -48.05
N GLN B 84 -22.51 -24.18 -47.36
CA GLN B 84 -21.74 -23.67 -46.24
C GLN B 84 -22.68 -23.07 -45.20
N VAL B 85 -22.50 -23.47 -43.95
CA VAL B 85 -23.18 -22.87 -42.81
C VAL B 85 -22.12 -22.33 -41.87
N HIS B 86 -22.26 -21.07 -41.47
CA HIS B 86 -21.25 -20.45 -40.62
C HIS B 86 -21.86 -19.32 -39.80
N THR B 87 -21.50 -19.27 -38.53
CA THR B 87 -21.81 -18.16 -37.64
C THR B 87 -20.81 -17.03 -37.87
N SER B 88 -20.76 -16.07 -36.94
CA SER B 88 -19.82 -14.95 -36.98
C SER B 88 -18.42 -15.38 -37.42
N GLY B 89 -17.97 -16.54 -36.95
CA GLY B 89 -16.69 -17.10 -37.35
C GLY B 89 -16.85 -18.19 -38.40
N VAL B 90 -15.71 -18.57 -38.99
CA VAL B 90 -15.71 -19.62 -40.00
C VAL B 90 -16.06 -20.95 -39.36
N CYS B 91 -17.00 -21.67 -39.97
CA CYS B 91 -17.56 -22.88 -39.41
C CYS B 91 -17.38 -24.05 -40.37
N ALA B 92 -17.60 -25.27 -39.86
CA ALA B 92 -17.36 -26.49 -40.60
C ALA B 92 -18.52 -27.46 -40.43
N ILE B 93 -18.68 -28.35 -41.40
CA ILE B 93 -19.75 -29.35 -41.41
C ILE B 93 -19.14 -30.73 -41.29
N ARG B 94 -19.63 -31.52 -40.34
CA ARG B 94 -19.12 -32.88 -40.15
C ARG B 94 -19.69 -33.85 -41.19
N GLY B 95 -21.01 -34.04 -41.16
CA GLY B 95 -21.66 -34.97 -42.06
C GLY B 95 -23.16 -34.99 -41.81
N THR B 96 -23.96 -34.91 -42.88
CA THR B 96 -25.38 -34.67 -42.76
C THR B 96 -26.14 -35.66 -43.63
N MET B 97 -27.45 -35.74 -43.38
CA MET B 97 -28.32 -36.58 -44.19
C MET B 97 -29.75 -36.09 -44.02
N GLY B 98 -30.50 -36.06 -45.13
CA GLY B 98 -31.87 -35.61 -45.11
C GLY B 98 -32.02 -34.12 -44.87
N HIS B 99 -33.13 -33.76 -44.21
CA HIS B 99 -33.49 -32.36 -44.01
C HIS B 99 -32.58 -31.63 -43.05
N PHE B 100 -31.71 -32.33 -42.32
CA PHE B 100 -31.03 -31.78 -41.17
C PHE B 100 -29.53 -31.62 -41.44
N ILE B 101 -28.97 -30.55 -40.90
CA ILE B 101 -27.54 -30.26 -40.97
C ILE B 101 -27.02 -30.25 -39.54
N VAL B 102 -26.11 -31.15 -39.22
CA VAL B 102 -25.60 -31.32 -37.87
C VAL B 102 -24.09 -31.08 -37.88
N ALA B 103 -23.62 -30.23 -36.97
CA ALA B 103 -22.20 -29.89 -36.96
C ALA B 103 -21.80 -29.25 -35.64
N TYR B 104 -20.49 -29.21 -35.41
CA TYR B 104 -19.92 -28.32 -34.40
C TYR B 104 -19.83 -26.91 -34.98
N CYS B 105 -19.73 -25.92 -34.09
CA CYS B 105 -19.54 -24.58 -34.62
C CYS B 105 -19.04 -23.69 -33.49
N PRO B 106 -18.11 -22.78 -33.76
CA PRO B 106 -17.63 -21.88 -32.71
C PRO B 106 -18.72 -20.92 -32.26
N PRO B 107 -18.61 -20.37 -31.05
CA PRO B 107 -19.67 -19.49 -30.54
C PRO B 107 -19.86 -18.26 -31.42
N GLY B 108 -21.11 -17.81 -31.49
CA GLY B 108 -21.46 -16.65 -32.28
C GLY B 108 -22.75 -16.03 -31.79
N GLY B 109 -23.24 -15.07 -32.57
CA GLY B 109 -24.44 -14.35 -32.20
C GLY B 109 -25.61 -14.55 -33.15
N GLU B 110 -25.41 -15.32 -34.21
CA GLU B 110 -26.47 -15.58 -35.18
C GLU B 110 -26.12 -16.87 -35.92
N LEU B 111 -26.88 -17.17 -36.98
CA LEU B 111 -26.63 -18.37 -37.76
C LEU B 111 -26.95 -18.08 -39.22
N LYS B 112 -26.08 -18.55 -40.12
CA LYS B 112 -26.22 -18.34 -41.55
C LYS B 112 -25.96 -19.65 -42.29
N VAL B 113 -26.87 -20.02 -43.18
CA VAL B 113 -26.74 -21.20 -44.03
C VAL B 113 -26.82 -20.75 -45.48
N GLN B 114 -25.85 -21.15 -46.29
CA GLN B 114 -25.79 -20.71 -47.68
C GLN B 114 -25.25 -21.83 -48.56
N PHE B 115 -25.55 -21.72 -49.86
CA PHE B 115 -24.96 -22.60 -50.86
C PHE B 115 -25.06 -21.92 -52.22
N GLN B 116 -24.12 -22.22 -53.10
CA GLN B 116 -24.19 -21.65 -54.43
C GLN B 116 -25.29 -22.47 -55.11
N ASP B 117 -26.17 -21.79 -55.86
CA ASP B 117 -27.29 -22.42 -56.58
C ASP B 117 -26.85 -22.93 -57.93
N ALA B 118 -27.82 -23.26 -58.79
CA ALA B 118 -27.49 -23.79 -60.11
C ALA B 118 -26.70 -22.78 -60.94
N GLU B 119 -27.07 -21.50 -60.89
CA GLU B 119 -26.27 -20.48 -61.56
C GLU B 119 -26.57 -19.10 -60.96
N SER B 120 -25.52 -18.28 -60.86
CA SER B 120 -25.60 -16.82 -60.80
C SER B 120 -26.21 -16.27 -59.52
N HIS B 121 -26.27 -17.04 -58.43
CA HIS B 121 -26.77 -16.49 -57.18
C HIS B 121 -26.25 -17.30 -55.99
N THR B 122 -26.21 -16.64 -54.84
CA THR B 122 -25.84 -17.25 -53.56
C THR B 122 -26.92 -16.96 -52.52
N GLN B 123 -28.17 -17.19 -52.88
CA GLN B 123 -29.28 -16.87 -52.00
C GLN B 123 -29.20 -17.68 -50.71
N ALA B 124 -29.58 -17.03 -49.60
CA ALA B 124 -29.47 -17.60 -48.27
C ALA B 124 -30.26 -16.73 -47.31
N CYS B 125 -30.42 -17.22 -46.08
CA CYS B 125 -31.07 -16.43 -45.04
C CYS B 125 -30.51 -16.83 -43.68
N LYS B 126 -30.63 -15.90 -42.73
CA LYS B 126 -30.02 -16.04 -41.42
C LYS B 126 -31.10 -16.28 -40.35
N VAL B 127 -30.65 -16.37 -39.11
CA VAL B 127 -31.55 -16.51 -37.96
C VAL B 127 -30.82 -16.05 -36.71
N GLN B 128 -31.56 -15.38 -35.83
CA GLN B 128 -31.02 -15.01 -34.53
C GLN B 128 -30.89 -16.24 -33.65
N TYR B 129 -29.74 -16.39 -33.00
CA TYR B 129 -29.51 -17.54 -32.13
C TYR B 129 -28.30 -17.24 -31.24
N LYS B 130 -28.49 -17.35 -29.94
CA LYS B 130 -27.42 -17.15 -28.97
C LYS B 130 -26.80 -18.51 -28.66
N HIS B 131 -25.65 -18.80 -29.27
CA HIS B 131 -24.95 -20.07 -29.09
C HIS B 131 -23.86 -19.87 -28.06
N ALA B 132 -24.11 -20.31 -26.83
CA ALA B 132 -23.17 -20.17 -25.72
C ALA B 132 -22.97 -21.52 -25.07
N PRO B 133 -22.22 -22.42 -25.71
CA PRO B 133 -22.02 -23.75 -25.15
C PRO B 133 -21.19 -23.71 -23.87
N ALA B 134 -21.47 -24.68 -22.99
CA ALA B 134 -20.73 -24.84 -21.75
C ALA B 134 -19.89 -26.11 -21.84
N PRO B 135 -18.56 -26.00 -21.92
CA PRO B 135 -17.75 -27.22 -22.06
C PRO B 135 -17.82 -28.08 -20.82
N VAL B 136 -17.72 -29.39 -21.02
CA VAL B 136 -17.78 -30.34 -19.92
C VAL B 136 -16.51 -30.26 -19.10
N GLY B 137 -16.68 -30.20 -17.77
CA GLY B 137 -15.55 -30.13 -16.86
C GLY B 137 -15.39 -28.75 -16.26
N ARG B 138 -14.31 -28.61 -15.51
CA ARG B 138 -14.01 -27.36 -14.81
C ARG B 138 -13.10 -26.43 -15.58
N GLU B 139 -12.53 -26.88 -16.69
CA GLU B 139 -11.58 -26.09 -17.47
C GLU B 139 -12.23 -25.63 -18.77
N LYS B 140 -12.29 -24.32 -18.98
CA LYS B 140 -12.72 -23.78 -20.27
C LYS B 140 -11.66 -24.06 -21.33
N PHE B 141 -12.12 -24.42 -22.53
CA PHE B 141 -11.23 -24.62 -23.65
C PHE B 141 -12.03 -24.48 -24.94
N THR B 142 -11.32 -24.19 -26.03
CA THR B 142 -11.94 -23.94 -27.32
C THR B 142 -11.73 -25.07 -28.32
N VAL B 143 -10.77 -25.96 -28.09
CA VAL B 143 -10.50 -27.07 -28.99
C VAL B 143 -9.83 -28.17 -28.18
N ARG B 144 -9.91 -29.40 -28.69
CA ARG B 144 -9.55 -30.59 -27.93
C ARG B 144 -8.12 -30.49 -27.43
N PRO B 145 -7.83 -30.98 -26.21
CA PRO B 145 -6.47 -30.89 -25.68
C PRO B 145 -5.52 -31.88 -26.32
N HIS B 146 -4.28 -31.95 -25.81
CA HIS B 146 -3.26 -32.83 -26.35
C HIS B 146 -3.12 -34.11 -25.53
N PHE B 147 -2.79 -33.98 -24.25
CA PHE B 147 -2.54 -35.11 -23.35
C PHE B 147 -3.39 -34.89 -22.09
N GLY B 148 -4.62 -35.38 -22.10
CA GLY B 148 -5.52 -35.16 -20.98
C GLY B 148 -6.13 -36.40 -20.37
N ILE B 149 -7.28 -36.22 -19.71
CA ILE B 149 -7.99 -37.31 -19.06
C ILE B 149 -9.40 -37.37 -19.67
N GLU B 150 -10.09 -38.49 -19.45
CA GLU B 150 -11.35 -38.77 -20.09
C GLU B 150 -12.51 -38.61 -19.11
N VAL B 151 -13.58 -37.96 -19.59
CA VAL B 151 -14.83 -37.83 -18.84
C VAL B 151 -15.97 -37.95 -19.85
N PRO B 152 -16.84 -38.96 -19.72
CA PRO B 152 -17.83 -39.22 -20.78
C PRO B 152 -18.87 -38.12 -20.89
N CYS B 153 -19.43 -37.97 -22.09
CA CYS B 153 -20.51 -37.02 -22.29
C CYS B 153 -21.36 -37.49 -23.48
N THR B 154 -22.43 -36.76 -23.75
CA THR B 154 -23.38 -37.14 -24.78
C THR B 154 -23.07 -36.45 -26.10
N THR B 155 -23.46 -37.10 -27.20
CA THR B 155 -23.25 -36.55 -28.53
C THR B 155 -24.14 -37.29 -29.51
N TYR B 156 -24.19 -36.78 -30.75
CA TYR B 156 -24.99 -37.39 -31.79
C TYR B 156 -24.25 -38.53 -32.47
N GLN B 157 -24.95 -39.64 -32.67
CA GLN B 157 -24.40 -40.77 -33.40
C GLN B 157 -24.69 -40.61 -34.89
N LEU B 158 -23.85 -41.23 -35.71
CA LEU B 158 -23.92 -41.01 -37.16
C LEU B 158 -24.36 -42.25 -37.91
N THR B 159 -25.38 -42.94 -37.39
CA THR B 159 -25.97 -44.10 -38.05
C THR B 159 -27.36 -43.74 -38.53
N THR B 160 -27.63 -43.94 -39.82
CA THR B 160 -28.91 -43.58 -40.43
C THR B 160 -29.90 -44.72 -40.18
N ALA B 161 -30.49 -44.70 -38.99
CA ALA B 161 -31.46 -45.70 -38.56
C ALA B 161 -32.65 -45.01 -37.92
N PRO B 162 -33.82 -45.65 -37.93
CA PRO B 162 -35.00 -45.07 -37.29
C PRO B 162 -34.77 -44.85 -35.79
N THR B 163 -35.66 -44.07 -35.20
CA THR B 163 -35.58 -43.74 -33.77
C THR B 163 -36.99 -43.60 -33.24
N GLU B 164 -37.12 -42.99 -32.06
CA GLU B 164 -38.42 -42.89 -31.39
C GLU B 164 -39.31 -41.84 -32.04
N GLU B 165 -38.88 -40.58 -32.04
CA GLU B 165 -39.70 -39.52 -32.59
C GLU B 165 -39.53 -39.41 -34.10
N GLU B 166 -40.13 -38.38 -34.67
CA GLU B 166 -40.39 -38.32 -36.11
C GLU B 166 -41.00 -36.95 -36.41
N ILE B 167 -41.22 -36.68 -37.70
CA ILE B 167 -41.74 -35.40 -38.15
C ILE B 167 -43.09 -35.60 -38.80
N ASP B 168 -43.74 -34.49 -39.15
CA ASP B 168 -45.11 -34.49 -39.65
C ASP B 168 -45.12 -34.34 -41.17
N MET B 169 -45.77 -35.27 -41.85
CA MET B 169 -45.98 -35.23 -43.29
C MET B 169 -47.45 -34.92 -43.56
N HIS B 170 -47.71 -34.08 -44.58
CA HIS B 170 -49.07 -33.77 -44.98
C HIS B 170 -49.09 -33.29 -46.42
N THR B 171 -50.25 -33.42 -47.05
CA THR B 171 -50.39 -33.01 -48.44
C THR B 171 -50.25 -31.50 -48.58
N PRO B 172 -49.47 -31.02 -49.56
CA PRO B 172 -49.34 -29.57 -49.73
C PRO B 172 -50.64 -28.94 -50.17
N PRO B 173 -50.89 -27.68 -49.80
CA PRO B 173 -52.11 -27.01 -50.24
C PRO B 173 -51.93 -26.41 -51.65
N ASP B 174 -53.04 -25.89 -52.18
CA ASP B 174 -53.05 -25.30 -53.50
C ASP B 174 -52.24 -24.00 -53.50
N ILE B 175 -51.04 -24.06 -54.10
CA ILE B 175 -50.20 -22.86 -54.22
C ILE B 175 -50.79 -21.99 -55.32
N PRO B 176 -50.73 -20.67 -55.20
CA PRO B 176 -51.28 -19.78 -56.23
C PRO B 176 -50.24 -19.38 -57.25
N ASP B 177 -50.71 -18.71 -58.30
CA ASP B 177 -49.84 -18.20 -59.35
C ASP B 177 -50.58 -17.10 -60.10
N ILE B 178 -49.80 -16.24 -60.75
CA ILE B 178 -50.35 -15.16 -61.54
C ILE B 178 -49.99 -15.25 -63.02
N THR B 179 -48.92 -15.97 -63.38
CA THR B 179 -48.52 -16.10 -64.78
C THR B 179 -49.38 -17.10 -65.55
N LEU B 180 -50.31 -17.78 -64.88
CA LEU B 180 -51.26 -18.67 -65.54
C LEU B 180 -52.43 -17.91 -66.16
N LEU B 181 -52.32 -16.59 -66.34
CA LEU B 181 -53.44 -15.79 -66.81
C LEU B 181 -53.09 -15.04 -68.09
N SER B 182 -52.45 -15.72 -69.03
CA SER B 182 -51.96 -15.11 -70.27
C SER B 182 -53.13 -14.72 -71.16
N GLN B 183 -53.34 -13.42 -71.33
CA GLN B 183 -54.39 -12.87 -72.19
C GLN B 183 -53.76 -12.15 -73.37
N ARG B 184 -54.28 -12.38 -74.57
CA ARG B 184 -53.80 -11.67 -75.75
C ARG B 184 -54.73 -10.53 -76.18
N SER B 185 -56.00 -10.84 -76.44
CA SER B 185 -56.92 -9.88 -77.05
C SER B 185 -58.20 -9.77 -76.22
N GLY B 186 -58.04 -9.69 -74.90
CA GLY B 186 -59.18 -9.57 -74.03
C GLY B 186 -59.91 -10.87 -73.78
N ASN B 187 -59.45 -11.98 -74.35
CA ASN B 187 -60.06 -13.29 -74.18
C ASN B 187 -59.14 -14.13 -73.28
N VAL B 188 -59.67 -14.59 -72.16
CA VAL B 188 -58.87 -15.26 -71.14
C VAL B 188 -58.68 -16.73 -71.53
N LYS B 189 -57.42 -17.15 -71.64
CA LYS B 189 -57.06 -18.53 -71.93
C LYS B 189 -56.17 -19.05 -70.81
N ILE B 190 -56.31 -20.34 -70.49
CA ILE B 190 -55.53 -20.97 -69.42
C ILE B 190 -54.47 -21.86 -70.05
N THR B 191 -53.24 -21.78 -69.53
CA THR B 191 -52.14 -22.62 -69.96
C THR B 191 -52.26 -24.01 -69.30
N ALA B 192 -51.19 -24.79 -69.37
CA ALA B 192 -51.20 -26.15 -68.84
C ALA B 192 -49.80 -26.47 -68.31
N GLY B 193 -49.55 -27.76 -68.06
CA GLY B 193 -48.33 -28.20 -67.41
C GLY B 193 -48.56 -28.53 -65.95
N GLY B 194 -48.91 -27.52 -65.16
CA GLY B 194 -49.22 -27.76 -63.75
C GLY B 194 -50.47 -28.60 -63.57
N LYS B 195 -51.52 -28.29 -64.33
CA LYS B 195 -52.80 -29.02 -64.38
C LYS B 195 -53.52 -29.07 -63.04
N THR B 196 -54.75 -29.58 -63.05
CA THR B 196 -55.62 -29.61 -61.87
C THR B 196 -55.65 -28.26 -61.17
N ILE B 197 -56.02 -27.23 -61.92
CA ILE B 197 -55.95 -25.85 -61.48
C ILE B 197 -57.35 -25.40 -61.05
N ARG B 198 -57.46 -24.89 -59.82
CA ARG B 198 -58.71 -24.31 -59.38
C ARG B 198 -58.95 -22.98 -60.10
N TYR B 199 -60.21 -22.54 -60.10
CA TYR B 199 -60.58 -21.36 -60.89
C TYR B 199 -61.87 -20.79 -60.31
N ASN B 200 -61.78 -19.59 -59.73
CA ASN B 200 -62.91 -18.89 -59.15
C ASN B 200 -62.90 -17.46 -59.65
N CYS B 201 -64.01 -17.00 -60.23
CA CYS B 201 -64.03 -15.68 -60.84
C CYS B 201 -65.40 -15.05 -60.67
N THR B 202 -65.42 -13.72 -60.65
CA THR B 202 -66.65 -12.94 -60.63
C THR B 202 -67.14 -12.59 -62.04
N CYS B 203 -66.47 -13.12 -63.07
CA CYS B 203 -66.88 -12.84 -64.44
C CYS B 203 -68.31 -13.29 -64.70
N GLY B 204 -68.69 -14.45 -64.18
CA GLY B 204 -70.03 -14.97 -64.37
C GLY B 204 -70.10 -16.48 -64.26
N SER B 205 -70.72 -17.12 -65.24
CA SER B 205 -70.80 -18.57 -65.26
C SER B 205 -69.47 -19.17 -65.72
N GLY B 206 -69.38 -20.50 -65.66
CA GLY B 206 -68.16 -21.18 -66.03
C GLY B 206 -67.06 -21.13 -65.00
N ASN B 207 -67.35 -20.64 -63.80
CA ASN B 207 -66.35 -20.55 -62.73
C ASN B 207 -66.55 -21.75 -61.80
N VAL B 208 -66.00 -22.88 -62.21
CA VAL B 208 -66.21 -24.15 -61.52
C VAL B 208 -64.87 -24.77 -61.20
N GLY B 209 -63.78 -24.15 -61.66
CA GLY B 209 -62.47 -24.71 -61.45
C GLY B 209 -62.06 -25.67 -62.55
N THR B 210 -61.99 -25.18 -63.79
CA THR B 210 -61.64 -26.01 -64.92
C THR B 210 -60.32 -26.72 -64.68
N THR B 211 -60.29 -28.03 -64.93
CA THR B 211 -59.21 -28.91 -64.50
C THR B 211 -58.43 -29.42 -65.70
N SER B 212 -57.14 -29.06 -65.76
CA SER B 212 -56.16 -29.69 -66.65
C SER B 212 -56.57 -29.58 -68.13
N SER B 213 -56.64 -28.34 -68.61
CA SER B 213 -56.95 -28.10 -70.01
C SER B 213 -56.52 -26.69 -70.40
N ASP B 214 -56.44 -26.46 -71.70
CA ASP B 214 -56.20 -25.13 -72.26
C ASP B 214 -57.51 -24.40 -72.50
N LYS B 215 -58.32 -24.29 -71.44
CA LYS B 215 -59.66 -23.75 -71.55
C LYS B 215 -59.61 -22.24 -71.81
N THR B 216 -60.54 -21.77 -72.62
CA THR B 216 -60.66 -20.35 -72.95
C THR B 216 -62.04 -19.87 -72.55
N ILE B 217 -62.09 -18.78 -71.79
CA ILE B 217 -63.34 -18.18 -71.33
C ILE B 217 -63.47 -16.78 -71.92
N ASN B 218 -64.65 -16.48 -72.43
CA ASN B 218 -64.88 -15.28 -73.23
C ASN B 218 -65.18 -14.06 -72.37
N SER B 219 -64.57 -12.94 -72.73
CA SER B 219 -64.89 -11.61 -72.17
C SER B 219 -64.73 -11.59 -70.65
N CYS B 220 -63.50 -11.79 -70.21
CA CYS B 220 -63.18 -11.75 -68.78
C CYS B 220 -61.90 -10.95 -68.58
N LYS B 221 -61.76 -10.39 -67.38
CA LYS B 221 -60.68 -9.46 -67.07
C LYS B 221 -59.61 -10.13 -66.22
N ILE B 222 -58.39 -9.63 -66.34
CA ILE B 222 -57.28 -10.16 -65.55
C ILE B 222 -57.49 -9.88 -64.06
N ALA B 223 -57.97 -8.69 -63.73
CA ALA B 223 -58.11 -8.25 -62.34
C ALA B 223 -59.25 -8.94 -61.60
N GLN B 224 -59.89 -9.95 -62.19
CA GLN B 224 -60.98 -10.68 -61.54
C GLN B 224 -60.80 -12.19 -61.61
N CYS B 225 -59.67 -12.66 -62.12
CA CYS B 225 -59.39 -14.09 -62.24
C CYS B 225 -58.28 -14.46 -61.26
N HIS B 226 -58.51 -15.51 -60.49
CA HIS B 226 -57.60 -15.90 -59.40
C HIS B 226 -57.39 -17.41 -59.40
N ALA B 227 -57.00 -17.96 -60.55
CA ALA B 227 -56.76 -19.39 -60.66
C ALA B 227 -55.56 -19.81 -59.83
N ALA B 228 -55.70 -20.93 -59.12
CA ALA B 228 -54.64 -21.50 -58.31
C ALA B 228 -54.42 -22.95 -58.71
N VAL B 229 -53.16 -23.35 -58.79
CA VAL B 229 -52.78 -24.67 -59.29
C VAL B 229 -52.68 -25.65 -58.13
N THR B 230 -53.20 -26.86 -58.32
CA THR B 230 -53.05 -27.95 -57.38
C THR B 230 -52.26 -29.08 -58.04
N ASN B 231 -51.50 -29.81 -57.23
CA ASN B 231 -50.64 -30.86 -57.74
C ASN B 231 -51.00 -32.25 -57.22
N HIS B 232 -51.18 -32.40 -55.92
CA HIS B 232 -51.54 -33.67 -55.28
C HIS B 232 -50.54 -34.78 -55.58
N ASP B 233 -49.34 -34.43 -56.07
CA ASP B 233 -48.37 -35.45 -56.46
C ASP B 233 -47.81 -36.19 -55.24
N LYS B 234 -47.38 -35.45 -54.23
CA LYS B 234 -46.74 -36.07 -53.07
C LYS B 234 -46.80 -35.12 -51.88
N TRP B 235 -46.96 -35.69 -50.70
CA TRP B 235 -47.01 -34.91 -49.47
C TRP B 235 -45.62 -34.39 -49.11
N GLN B 236 -45.59 -33.36 -48.27
CA GLN B 236 -44.38 -32.66 -47.89
C GLN B 236 -44.49 -32.25 -46.42
N TYR B 237 -43.46 -31.54 -45.93
CA TYR B 237 -43.39 -31.16 -44.53
C TYR B 237 -44.43 -30.08 -44.21
N THR B 238 -44.78 -30.02 -42.92
CA THR B 238 -45.75 -29.06 -42.40
C THR B 238 -44.98 -28.03 -41.57
N SER B 239 -44.86 -26.82 -42.08
CA SER B 239 -44.17 -25.73 -41.41
C SER B 239 -45.18 -24.71 -40.90
N SER B 240 -44.68 -23.69 -40.22
CA SER B 240 -45.50 -22.61 -39.69
C SER B 240 -45.65 -21.45 -40.66
N PHE B 241 -45.43 -21.70 -41.96
CA PHE B 241 -45.52 -20.65 -42.97
C PHE B 241 -46.50 -21.00 -44.08
N VAL B 242 -46.56 -22.25 -44.49
CA VAL B 242 -47.45 -22.71 -45.55
C VAL B 242 -48.85 -22.88 -44.97
N PRO B 243 -49.91 -22.61 -45.73
CA PRO B 243 -51.27 -22.90 -45.23
C PRO B 243 -51.57 -24.39 -45.20
N ARG B 244 -52.79 -24.76 -44.83
CA ARG B 244 -53.15 -26.16 -44.67
C ARG B 244 -54.64 -26.33 -44.93
N ALA B 245 -55.02 -27.56 -45.27
CA ALA B 245 -56.41 -27.94 -45.50
C ALA B 245 -56.90 -28.77 -44.32
N ASP B 246 -57.91 -28.27 -43.62
CA ASP B 246 -58.35 -28.87 -42.36
C ASP B 246 -59.03 -30.21 -42.63
N GLN B 247 -58.41 -31.28 -42.17
CA GLN B 247 -58.98 -32.63 -42.18
C GLN B 247 -58.23 -33.44 -41.12
N LEU B 248 -58.36 -34.77 -41.17
CA LEU B 248 -57.70 -35.62 -40.18
C LEU B 248 -56.19 -35.43 -40.13
N SER B 249 -55.63 -34.60 -41.01
CA SER B 249 -54.23 -34.20 -41.12
C SER B 249 -53.36 -35.31 -41.72
N ARG B 250 -53.86 -36.54 -41.83
CA ARG B 250 -53.14 -37.67 -42.43
C ARG B 250 -51.65 -37.64 -42.08
N LYS B 251 -51.39 -37.64 -40.77
CA LYS B 251 -50.05 -37.33 -40.25
C LYS B 251 -49.07 -38.40 -40.68
N GLY B 252 -48.25 -38.09 -41.69
CA GLY B 252 -47.30 -39.06 -42.22
C GLY B 252 -46.02 -39.09 -41.39
N LYS B 253 -45.43 -40.27 -41.30
CA LYS B 253 -44.35 -40.56 -40.35
C LYS B 253 -43.03 -40.63 -41.09
N VAL B 254 -42.09 -39.77 -40.71
CA VAL B 254 -40.71 -39.81 -41.21
C VAL B 254 -39.78 -39.66 -40.01
N HIS B 255 -38.97 -40.68 -39.75
CA HIS B 255 -38.09 -40.67 -38.59
C HIS B 255 -36.88 -39.77 -38.82
N VAL B 256 -36.42 -39.13 -37.77
CA VAL B 256 -35.25 -38.27 -37.82
C VAL B 256 -33.99 -39.12 -37.59
N PRO B 257 -32.85 -38.75 -38.16
CA PRO B 257 -31.61 -39.47 -37.86
C PRO B 257 -30.87 -38.86 -36.69
N PHE B 258 -29.65 -39.35 -36.43
CA PHE B 258 -28.71 -38.78 -35.48
C PHE B 258 -29.29 -38.73 -34.07
N PRO B 259 -29.51 -39.88 -33.43
CA PRO B 259 -29.98 -39.88 -32.04
C PRO B 259 -28.87 -39.45 -31.10
N LEU B 260 -29.27 -39.06 -29.89
CA LEU B 260 -28.35 -38.62 -28.85
C LEU B 260 -27.96 -39.83 -28.01
N THR B 261 -26.66 -40.08 -27.91
CA THR B 261 -26.14 -41.24 -27.20
C THR B 261 -24.93 -40.85 -26.39
N ASN B 262 -24.64 -41.65 -25.36
CA ASN B 262 -23.44 -41.46 -24.56
C ASN B 262 -22.21 -41.83 -25.37
N SER B 263 -21.08 -41.24 -25.00
CA SER B 263 -19.82 -41.52 -25.69
C SER B 263 -18.66 -40.99 -24.86
N THR B 264 -17.47 -41.47 -25.22
CA THR B 264 -16.25 -41.00 -24.57
C THR B 264 -15.96 -39.55 -24.94
N CYS B 265 -15.39 -38.81 -24.00
CA CYS B 265 -15.10 -37.41 -24.19
C CYS B 265 -13.81 -37.08 -23.44
N ARG B 266 -12.91 -36.34 -24.08
CA ARG B 266 -11.62 -36.03 -23.51
C ARG B 266 -11.57 -34.56 -23.09
N VAL B 267 -10.98 -34.31 -21.93
CA VAL B 267 -10.96 -32.97 -21.31
C VAL B 267 -9.52 -32.64 -20.93
N PRO B 268 -9.09 -31.38 -21.05
CA PRO B 268 -7.71 -31.04 -20.69
C PRO B 268 -7.45 -31.20 -19.20
N LEU B 269 -6.18 -31.42 -18.88
CA LEU B 269 -5.70 -31.56 -17.51
C LEU B 269 -4.85 -30.36 -17.16
N ALA B 270 -5.17 -29.71 -16.04
CA ALA B 270 -4.45 -28.52 -15.63
C ALA B 270 -3.07 -28.89 -15.08
N ARG B 271 -2.15 -27.93 -15.15
CA ARG B 271 -0.80 -28.14 -14.65
C ARG B 271 -0.80 -28.09 -13.12
N ALA B 272 0.26 -28.65 -12.54
CA ALA B 272 0.36 -28.75 -11.09
C ALA B 272 0.42 -27.36 -10.46
N PRO B 273 -0.44 -27.05 -9.49
CA PRO B 273 -0.38 -25.74 -8.83
C PRO B 273 0.80 -25.63 -7.89
N GLY B 274 1.75 -24.74 -8.19
CA GLY B 274 2.89 -24.51 -7.34
C GLY B 274 2.49 -24.06 -5.95
N VAL B 275 2.99 -24.74 -4.92
CA VAL B 275 2.59 -24.50 -3.54
C VAL B 275 3.84 -24.29 -2.69
N THR B 276 3.80 -23.27 -1.84
CA THR B 276 4.83 -23.02 -0.83
C THR B 276 4.13 -22.67 0.47
N TYR B 277 3.91 -23.70 1.30
CA TYR B 277 3.08 -23.60 2.49
C TYR B 277 3.95 -23.30 3.70
N GLY B 278 3.52 -22.33 4.51
CA GLY B 278 4.18 -22.05 5.76
C GLY B 278 3.63 -22.89 6.89
N LYS B 279 3.19 -22.26 7.97
CA LYS B 279 2.58 -22.95 9.09
C LYS B 279 1.13 -22.52 9.23
N ARG B 280 0.27 -23.48 9.56
CA ARG B 280 -1.16 -23.32 9.84
C ARG B 280 -1.86 -22.42 8.82
N GLU B 281 -1.30 -22.29 7.61
CA GLU B 281 -1.84 -21.42 6.58
C GLU B 281 -1.13 -21.73 5.27
N LEU B 282 -1.87 -21.96 4.19
CA LEU B 282 -1.31 -22.49 2.96
C LEU B 282 -1.37 -21.43 1.86
N THR B 283 -0.23 -21.18 1.23
CA THR B 283 -0.12 -20.22 0.14
C THR B 283 0.14 -20.96 -1.17
N VAL B 284 -0.59 -20.60 -2.21
CA VAL B 284 -0.54 -21.30 -3.49
C VAL B 284 -0.43 -20.29 -4.62
N LYS B 285 0.46 -20.59 -5.57
CA LYS B 285 0.56 -19.88 -6.84
C LYS B 285 -0.45 -20.46 -7.82
N LEU B 286 -0.94 -19.61 -8.73
CA LEU B 286 -1.86 -20.07 -9.77
C LEU B 286 -1.31 -19.63 -11.13
N HIS B 287 -1.24 -20.56 -12.06
CA HIS B 287 -0.76 -20.30 -13.42
C HIS B 287 -1.79 -20.81 -14.41
N PRO B 288 -2.89 -20.07 -14.60
CA PRO B 288 -3.95 -20.53 -15.52
C PRO B 288 -3.65 -20.12 -16.96
N ASP B 289 -3.57 -21.11 -17.85
CA ASP B 289 -3.56 -20.85 -19.28
C ASP B 289 -4.98 -20.77 -19.85
N HIS B 290 -5.98 -21.12 -19.07
CA HIS B 290 -7.39 -21.01 -19.42
C HIS B 290 -8.14 -20.58 -18.17
N PRO B 291 -9.32 -19.96 -18.34
CA PRO B 291 -10.16 -19.67 -17.16
C PRO B 291 -10.77 -20.93 -16.58
N THR B 292 -10.27 -21.37 -15.43
CA THR B 292 -10.70 -22.61 -14.80
C THR B 292 -11.26 -22.33 -13.40
N LEU B 293 -11.61 -23.40 -12.70
CA LEU B 293 -12.21 -23.31 -11.37
C LEU B 293 -11.21 -23.68 -10.29
N LEU B 294 -11.52 -23.23 -9.07
CA LEU B 294 -10.76 -23.58 -7.87
C LEU B 294 -11.71 -23.54 -6.69
N THR B 295 -11.63 -24.56 -5.84
CA THR B 295 -12.53 -24.66 -4.70
C THR B 295 -11.88 -25.49 -3.61
N TYR B 296 -12.37 -25.31 -2.39
CA TYR B 296 -11.86 -26.06 -1.24
C TYR B 296 -12.94 -26.04 -0.16
N ARG B 297 -12.72 -26.87 0.86
CA ARG B 297 -13.66 -26.99 1.97
C ARG B 297 -12.93 -27.54 3.18
N SER B 298 -13.53 -27.34 4.35
CA SER B 298 -12.96 -27.81 5.60
C SER B 298 -13.63 -29.11 6.03
N LEU B 299 -12.82 -30.00 6.62
CA LEU B 299 -13.34 -31.30 7.07
C LEU B 299 -14.14 -31.20 8.35
N GLY B 300 -14.07 -30.09 9.07
CA GLY B 300 -14.83 -29.93 10.29
C GLY B 300 -16.29 -29.66 10.03
N ALA B 301 -17.05 -29.60 11.12
CA ALA B 301 -18.50 -29.45 11.05
C ALA B 301 -18.94 -28.15 10.40
N ASP B 302 -18.05 -27.16 10.28
CA ASP B 302 -18.33 -25.91 9.58
C ASP B 302 -17.60 -25.93 8.24
N PRO B 303 -18.23 -26.42 7.17
CA PRO B 303 -17.51 -26.53 5.89
C PRO B 303 -16.99 -25.20 5.36
N ARG B 304 -17.82 -24.15 5.40
CA ARG B 304 -17.49 -22.83 4.88
C ARG B 304 -16.92 -22.95 3.47
N PRO B 305 -17.75 -23.29 2.48
CA PRO B 305 -17.22 -23.55 1.12
C PRO B 305 -16.76 -22.29 0.40
N TYR B 306 -16.19 -22.46 -0.78
CA TYR B 306 -15.65 -21.36 -1.56
C TYR B 306 -15.36 -21.84 -2.98
N GLU B 307 -15.69 -21.00 -3.95
CA GLU B 307 -15.23 -21.20 -5.33
C GLU B 307 -15.14 -19.82 -5.98
N GLU B 308 -14.20 -19.70 -6.92
CA GLU B 308 -13.98 -18.44 -7.61
C GLU B 308 -13.14 -18.66 -8.86
N TRP B 309 -13.63 -18.22 -10.01
CA TRP B 309 -12.96 -18.48 -11.28
C TRP B 309 -11.58 -17.80 -11.31
N ILE B 310 -10.62 -18.50 -11.90
CA ILE B 310 -9.25 -18.01 -12.03
C ILE B 310 -8.94 -17.84 -13.50
N ASP B 311 -8.46 -16.65 -13.87
CA ASP B 311 -8.18 -16.34 -15.27
C ASP B 311 -6.82 -15.68 -15.48
N ARG B 312 -6.03 -15.48 -14.44
CA ARG B 312 -4.71 -14.87 -14.56
C ARG B 312 -3.86 -15.31 -13.37
N TYR B 313 -2.56 -15.08 -13.49
CA TYR B 313 -1.64 -15.42 -12.41
C TYR B 313 -2.05 -14.72 -11.12
N VAL B 314 -2.11 -15.48 -10.03
CA VAL B 314 -2.61 -14.95 -8.76
C VAL B 314 -2.11 -15.81 -7.63
N GLU B 315 -1.92 -15.20 -6.47
CA GLU B 315 -1.61 -15.90 -5.23
C GLU B 315 -2.87 -16.04 -4.39
N ARG B 316 -3.04 -17.20 -3.78
CA ARG B 316 -4.17 -17.44 -2.89
C ARG B 316 -3.66 -17.99 -1.56
N THR B 317 -4.29 -17.54 -0.48
CA THR B 317 -3.86 -17.87 0.88
C THR B 317 -5.05 -18.46 1.63
N ILE B 318 -5.10 -19.78 1.69
CA ILE B 318 -6.20 -20.49 2.33
C ILE B 318 -5.83 -20.82 3.78
N PRO B 319 -6.80 -20.86 4.69
CA PRO B 319 -6.48 -21.30 6.06
C PRO B 319 -6.60 -22.80 6.21
N VAL B 320 -5.57 -23.43 6.76
CA VAL B 320 -5.56 -24.87 7.00
C VAL B 320 -5.61 -25.11 8.50
N THR B 321 -6.58 -25.92 8.94
CA THR B 321 -6.77 -26.24 10.34
C THR B 321 -6.29 -27.68 10.60
N GLU B 322 -6.55 -28.17 11.80
CA GLU B 322 -6.19 -29.53 12.19
C GLU B 322 -7.28 -30.53 11.87
N ASP B 323 -8.15 -30.24 10.91
CA ASP B 323 -9.25 -31.12 10.55
C ASP B 323 -9.15 -31.63 9.11
N GLY B 324 -8.83 -30.75 8.16
CA GLY B 324 -8.68 -31.18 6.78
C GLY B 324 -9.10 -30.18 5.74
N ILE B 325 -8.36 -30.09 4.64
CA ILE B 325 -8.65 -29.21 3.53
C ILE B 325 -8.58 -30.03 2.24
N GLU B 326 -9.48 -29.75 1.31
CA GLU B 326 -9.57 -30.47 0.05
C GLU B 326 -9.21 -29.57 -1.11
N TYR B 327 -8.86 -30.18 -2.24
CA TYR B 327 -8.57 -29.48 -3.48
C TYR B 327 -9.46 -29.95 -4.62
N ARG B 328 -9.83 -29.01 -5.48
CA ARG B 328 -10.31 -29.29 -6.83
C ARG B 328 -9.84 -28.13 -7.71
N TRP B 329 -8.66 -28.31 -8.31
CA TRP B 329 -8.07 -27.33 -9.21
C TRP B 329 -8.03 -27.96 -10.60
N GLY B 330 -8.92 -27.52 -11.47
CA GLY B 330 -9.07 -28.14 -12.77
C GLY B 330 -9.78 -29.47 -12.65
N ASN B 331 -9.30 -30.48 -13.39
CA ASN B 331 -9.85 -31.82 -13.33
C ASN B 331 -8.92 -32.80 -12.64
N ASN B 332 -7.97 -32.31 -11.85
CA ASN B 332 -7.06 -33.17 -11.12
C ASN B 332 -7.80 -33.88 -9.99
N PRO B 333 -7.31 -35.04 -9.56
CA PRO B 333 -7.96 -35.74 -8.45
C PRO B 333 -7.89 -34.92 -7.19
N PRO B 334 -8.88 -35.07 -6.30
CA PRO B 334 -8.87 -34.29 -5.06
C PRO B 334 -7.66 -34.59 -4.19
N VAL B 335 -7.20 -33.57 -3.47
CA VAL B 335 -6.01 -33.66 -2.63
C VAL B 335 -6.38 -33.22 -1.23
N ARG B 336 -5.93 -33.98 -0.23
CA ARG B 336 -6.32 -33.78 1.16
C ARG B 336 -5.12 -33.36 1.99
N LEU B 337 -5.23 -32.21 2.66
CA LEU B 337 -4.18 -31.72 3.54
C LEU B 337 -4.75 -31.22 4.86
N TRP B 338 -3.99 -31.46 5.93
CA TRP B 338 -4.20 -30.82 7.22
C TRP B 338 -2.88 -30.74 7.95
N ALA B 339 -2.78 -29.78 8.86
CA ALA B 339 -1.51 -29.29 9.37
C ALA B 339 -0.92 -30.18 10.46
N GLN B 340 0.31 -29.85 10.85
CA GLN B 340 1.01 -30.44 11.97
C GLN B 340 0.65 -29.71 13.26
N LEU B 341 1.38 -29.98 14.34
CA LEU B 341 1.24 -29.22 15.58
C LEU B 341 2.29 -28.12 15.72
N THR B 342 3.43 -28.27 15.04
CA THR B 342 4.51 -27.29 14.96
C THR B 342 4.72 -26.45 16.22
N THR B 343 4.73 -25.12 16.07
CA THR B 343 5.01 -24.14 17.11
C THR B 343 6.49 -24.17 17.46
N GLU B 344 7.04 -23.00 17.81
CA GLU B 344 8.47 -22.85 18.02
C GLU B 344 8.79 -22.93 19.51
N GLY B 345 10.05 -22.69 19.85
CA GLY B 345 10.49 -22.75 21.24
C GLY B 345 10.84 -24.16 21.68
N LYS B 346 11.31 -24.24 22.92
CA LYS B 346 11.75 -25.50 23.51
C LYS B 346 10.82 -25.88 24.66
N PRO B 347 9.92 -26.85 24.49
CA PRO B 347 8.98 -27.20 25.56
C PRO B 347 9.58 -28.02 26.69
N HIS B 348 10.91 -28.16 26.74
CA HIS B 348 11.58 -28.91 27.81
C HIS B 348 12.80 -28.13 28.31
N GLY B 349 12.63 -26.82 28.48
CA GLY B 349 13.75 -25.98 28.89
C GLY B 349 13.40 -24.98 29.98
N TRP B 350 13.87 -23.74 29.82
CA TRP B 350 13.65 -22.73 30.83
C TRP B 350 12.19 -22.30 30.87
N PRO B 351 11.74 -21.70 31.98
CA PRO B 351 10.35 -21.26 32.06
C PRO B 351 9.93 -20.31 30.95
N HIS B 352 10.82 -19.39 30.57
CA HIS B 352 10.50 -18.38 29.56
C HIS B 352 10.07 -18.83 28.15
N GLU B 353 10.16 -20.11 27.83
CA GLU B 353 9.72 -20.55 26.51
C GLU B 353 8.57 -21.53 26.57
N ILE B 354 8.28 -22.10 27.76
CA ILE B 354 7.10 -22.95 27.91
C ILE B 354 5.85 -22.16 27.60
N ILE B 355 5.80 -20.91 28.05
CA ILE B 355 4.62 -20.07 27.83
C ILE B 355 4.39 -19.87 26.34
N LEU B 356 5.45 -19.56 25.58
CA LEU B 356 5.26 -19.32 24.15
C LEU B 356 4.94 -20.60 23.39
N TYR B 357 5.54 -21.73 23.80
CA TYR B 357 5.20 -23.00 23.16
C TYR B 357 3.74 -23.36 23.39
N TYR B 358 3.27 -23.22 24.63
CA TYR B 358 1.87 -23.48 24.95
C TYR B 358 0.95 -22.40 24.36
N TYR B 359 1.51 -21.25 23.98
CA TYR B 359 0.74 -20.17 23.38
C TYR B 359 0.48 -20.41 21.90
N GLY B 360 1.54 -20.60 21.12
CA GLY B 360 1.37 -20.80 19.69
C GLY B 360 0.48 -21.98 19.37
N LEU B 361 0.69 -23.09 20.07
CA LEU B 361 -0.15 -24.27 19.94
C LEU B 361 -1.38 -24.14 20.82
N TYR B 362 -2.57 -24.21 20.21
CA TYR B 362 -3.80 -23.66 20.81
C TYR B 362 -3.60 -22.21 21.21
N PRO B 363 -3.71 -21.27 20.27
CA PRO B 363 -3.54 -19.85 20.61
C PRO B 363 -4.48 -19.37 21.70
N ALA B 364 -5.71 -19.87 21.74
CA ALA B 364 -6.67 -19.43 22.74
C ALA B 364 -6.60 -20.35 23.96
N ALA B 365 -7.32 -19.96 25.01
CA ALA B 365 -7.48 -20.72 26.25
C ALA B 365 -6.18 -20.80 27.04
N THR B 366 -5.09 -20.24 26.52
CA THR B 366 -3.84 -20.14 27.25
C THR B 366 -3.63 -18.77 27.88
N ILE B 367 -4.22 -17.72 27.30
CA ILE B 367 -4.26 -16.43 27.99
C ILE B 367 -5.10 -16.55 29.26
N VAL B 368 -6.16 -17.35 29.20
CA VAL B 368 -6.97 -17.63 30.38
C VAL B 368 -6.12 -18.28 31.47
N ALA B 369 -5.25 -19.22 31.08
CA ALA B 369 -4.45 -19.93 32.07
C ALA B 369 -3.49 -18.98 32.79
N VAL B 370 -2.75 -18.16 32.04
CA VAL B 370 -1.80 -17.26 32.67
C VAL B 370 -2.52 -16.18 33.48
N SER B 371 -3.67 -15.70 32.98
CA SER B 371 -4.44 -14.73 33.74
C SER B 371 -4.95 -15.31 35.05
N ALA B 372 -5.41 -16.56 35.02
CA ALA B 372 -5.86 -17.22 36.24
C ALA B 372 -4.70 -17.45 37.20
N ALA B 373 -3.53 -17.80 36.68
CA ALA B 373 -2.36 -17.96 37.54
C ALA B 373 -1.98 -16.64 38.21
N CYS B 374 -2.01 -15.54 37.44
CA CYS B 374 -1.72 -14.24 38.03
C CYS B 374 -2.75 -13.85 39.07
N LEU B 375 -4.03 -14.14 38.80
CA LEU B 375 -5.08 -13.86 39.78
C LEU B 375 -4.85 -14.67 41.06
N ALA B 376 -4.47 -15.94 40.91
CA ALA B 376 -4.18 -16.77 42.08
C ALA B 376 -3.02 -16.20 42.88
N VAL B 377 -1.96 -15.78 42.18
CA VAL B 377 -0.79 -15.21 42.87
C VAL B 377 -1.18 -13.95 43.63
N VAL B 378 -1.94 -13.06 42.99
CA VAL B 378 -2.26 -11.80 43.65
C VAL B 378 -3.22 -12.02 44.81
N LEU B 379 -4.19 -12.94 44.67
CA LEU B 379 -5.09 -13.20 45.78
C LEU B 379 -4.34 -13.85 46.94
N SER B 380 -3.39 -14.74 46.63
CA SER B 380 -2.58 -15.34 47.69
C SER B 380 -1.75 -14.29 48.40
N LEU B 381 -1.14 -13.37 47.65
CA LEU B 381 -0.33 -12.32 48.27
C LEU B 381 -1.19 -11.42 49.15
N LEU B 382 -2.36 -11.01 48.65
CA LEU B 382 -3.25 -10.17 49.44
C LEU B 382 -3.73 -10.89 50.69
N ALA B 383 -4.08 -12.18 50.57
CA ALA B 383 -4.54 -12.93 51.73
C ALA B 383 -3.44 -13.06 52.77
N SER B 384 -2.21 -13.37 52.33
CA SER B 384 -1.10 -13.49 53.27
C SER B 384 -0.83 -12.16 53.97
N CYS B 385 -0.78 -11.07 53.21
CA CYS B 385 -0.53 -9.76 53.80
C CYS B 385 -1.62 -9.40 54.79
N TYR B 386 -2.88 -9.66 54.44
CA TYR B 386 -3.99 -9.36 55.35
C TYR B 386 -3.92 -10.21 56.61
N MET B 387 -3.56 -11.49 56.48
CA MET B 387 -3.45 -12.35 57.66
C MET B 387 -2.36 -11.85 58.59
N PHE B 388 -1.18 -11.53 58.05
CA PHE B 388 -0.13 -11.01 58.93
C PHE B 388 -0.50 -9.66 59.53
N ALA B 389 -1.18 -8.80 58.77
CA ALA B 389 -1.58 -7.50 59.31
C ALA B 389 -2.59 -7.65 60.44
N THR B 390 -3.62 -8.48 60.23
CA THR B 390 -4.63 -8.67 61.26
C THR B 390 -4.11 -9.47 62.44
N ALA B 391 -3.05 -10.26 62.26
CA ALA B 391 -2.37 -10.84 63.41
C ALA B 391 -1.58 -9.78 64.16
N ARG B 392 -0.91 -8.88 63.42
CA ARG B 392 -0.16 -7.80 64.04
C ARG B 392 -1.07 -6.91 64.88
N ARG B 393 -2.30 -6.67 64.40
CA ARG B 393 -3.25 -5.94 65.23
C ARG B 393 -3.58 -6.72 66.50
N LYS B 394 -3.41 -8.04 66.49
CA LYS B 394 -3.68 -8.87 67.65
C LYS B 394 -2.42 -9.47 68.28
N CYS B 395 -1.23 -9.16 67.75
CA CYS B 395 -0.01 -9.67 68.37
C CYS B 395 0.23 -9.02 69.72
N LEU B 396 0.43 -7.70 69.74
CA LEU B 396 0.81 -6.96 70.93
C LEU B 396 -0.11 -5.77 71.14
N THR B 397 -1.39 -5.94 70.87
CA THR B 397 -2.31 -4.85 71.18
C THR B 397 -2.53 -4.72 72.69
N PRO B 398 -2.48 -5.78 73.52
CA PRO B 398 -2.39 -5.53 74.95
C PRO B 398 -1.10 -4.82 75.34
N TYR B 399 -0.03 -5.03 74.57
CA TYR B 399 1.20 -4.29 74.78
C TYR B 399 1.06 -2.84 74.33
N ALA B 400 0.24 -2.60 73.30
CA ALA B 400 -0.14 -1.23 72.96
C ALA B 400 -1.04 -0.63 74.03
N LEU B 401 -1.88 -1.45 74.66
CA LEU B 401 -2.61 -1.05 75.85
C LEU B 401 -1.70 -1.12 77.06
N THR B 402 -2.29 -1.08 78.27
CA THR B 402 -1.61 -0.98 79.55
C THR B 402 -1.02 0.42 79.69
N PRO B 403 -1.29 1.12 80.79
CA PRO B 403 -0.85 2.51 80.91
C PRO B 403 0.66 2.61 81.14
N GLY B 404 1.28 3.53 80.41
CA GLY B 404 2.72 3.68 80.49
C GLY B 404 3.44 2.43 80.07
N ALA B 405 4.50 2.09 80.81
CA ALA B 405 5.27 0.87 80.62
C ALA B 405 5.95 0.81 79.24
N VAL B 406 6.77 -0.21 79.04
CA VAL B 406 7.48 -0.43 77.79
C VAL B 406 7.16 -1.86 77.34
N VAL B 407 7.26 -2.10 76.04
CA VAL B 407 7.00 -3.45 75.52
C VAL B 407 8.03 -4.41 76.11
N PRO B 408 7.60 -5.54 76.68
CA PRO B 408 8.58 -6.46 77.30
C PRO B 408 9.63 -6.99 76.35
N VAL B 409 9.29 -7.14 75.07
CA VAL B 409 10.21 -7.59 74.01
C VAL B 409 10.63 -9.05 74.22
N THR B 410 10.90 -9.44 75.46
CA THR B 410 11.41 -10.79 75.74
C THR B 410 10.46 -11.87 75.25
N LEU B 411 9.15 -11.60 75.23
CA LEU B 411 8.21 -12.56 74.65
C LEU B 411 8.27 -12.54 73.13
N GLY B 412 7.96 -11.39 72.52
CA GLY B 412 8.12 -11.21 71.09
C GLY B 412 8.99 -10.02 70.79
N VAL B 413 10.16 -10.24 70.21
CA VAL B 413 11.12 -9.15 70.02
C VAL B 413 10.66 -8.21 68.90
N LEU B 414 10.59 -8.73 67.66
CA LEU B 414 10.08 -7.96 66.53
C LEU B 414 9.29 -8.85 65.58
N CYS B 415 8.63 -9.89 66.10
CA CYS B 415 7.92 -10.83 65.24
C CYS B 415 6.82 -10.13 64.45
N CYS B 416 6.06 -9.25 65.10
CA CYS B 416 5.06 -8.43 64.42
C CYS B 416 5.46 -6.96 64.34
N ALA B 417 6.49 -6.56 65.08
CA ALA B 417 7.12 -5.25 64.95
C ALA B 417 6.14 -4.06 64.94
N PRO B 418 5.36 -3.87 66.01
CA PRO B 418 4.53 -2.66 66.11
C PRO B 418 5.24 -1.53 66.84
N ARG B 419 6.40 -1.13 66.32
CA ARG B 419 7.22 -0.09 66.94
C ARG B 419 7.32 1.11 66.00
N ALA B 420 7.01 2.30 66.53
CA ALA B 420 7.11 3.54 65.76
C ALA B 420 7.32 4.69 66.74
N HIS B 421 8.55 5.19 66.82
CA HIS B 421 8.94 6.28 67.71
C HIS B 421 8.65 5.85 69.14
N ALA B 422 8.06 6.69 69.98
CA ALA B 422 7.78 6.32 71.37
C ALA B 422 6.69 7.22 71.95
N LYS C 107 -11.19 15.28 105.49
CA LYS C 107 -10.09 14.86 104.63
C LYS C 107 -10.12 13.36 104.37
N ARG C 108 -11.09 12.92 103.57
CA ARG C 108 -11.20 11.52 103.18
C ARG C 108 -11.27 11.32 101.67
N GLU C 109 -11.93 12.21 100.94
CA GLU C 109 -12.00 12.12 99.49
C GLU C 109 -11.75 13.43 98.77
N ARG C 110 -11.69 14.56 99.49
CA ARG C 110 -11.55 15.85 98.82
C ARG C 110 -10.21 15.98 98.12
N MET C 111 -9.13 15.45 98.72
CA MET C 111 -7.84 15.50 98.07
C MET C 111 -7.86 14.72 96.75
N CYS C 112 -8.50 13.55 96.74
CA CYS C 112 -8.67 12.82 95.49
C CYS C 112 -9.45 13.66 94.48
N MET C 113 -10.59 14.21 94.92
CA MET C 113 -11.40 15.06 94.05
C MET C 113 -10.54 16.13 93.38
N LYS C 114 -9.60 16.69 94.14
CA LYS C 114 -8.60 17.58 93.55
C LYS C 114 -7.73 16.83 92.55
N ILE C 115 -7.38 15.57 92.86
CA ILE C 115 -6.42 14.84 92.03
C ILE C 115 -6.95 14.65 90.61
N GLU C 116 -8.18 14.14 90.47
CA GLU C 116 -8.64 13.91 89.09
C GLU C 116 -9.28 15.12 88.44
N ASN C 117 -9.21 16.30 89.05
CA ASN C 117 -9.62 17.50 88.33
C ASN C 117 -8.68 17.77 87.16
N ASP C 118 -9.25 18.33 86.08
CA ASP C 118 -8.58 18.67 84.84
C ASP C 118 -8.10 17.44 84.06
N CYS C 119 -8.38 16.23 84.55
CA CYS C 119 -7.96 15.02 83.86
C CYS C 119 -9.06 14.47 82.96
N ILE C 120 -10.25 14.25 83.51
CA ILE C 120 -11.35 13.68 82.75
C ILE C 120 -11.85 14.71 81.74
N PHE C 121 -12.01 14.27 80.49
CA PHE C 121 -12.53 15.11 79.42
C PHE C 121 -13.98 14.72 79.13
N GLU C 122 -14.56 15.32 78.09
CA GLU C 122 -15.98 15.19 77.81
C GLU C 122 -16.19 14.62 76.42
N VAL C 123 -17.30 13.89 76.26
CA VAL C 123 -17.78 13.44 74.95
C VAL C 123 -19.23 13.85 74.84
N LYS C 124 -19.54 14.69 73.85
CA LYS C 124 -20.90 15.15 73.61
C LYS C 124 -20.99 15.76 72.23
N LEU C 125 -21.85 15.20 71.39
CA LEU C 125 -22.10 15.72 70.05
C LEU C 125 -23.43 16.43 69.93
N ASP C 126 -24.53 15.78 70.32
CA ASP C 126 -25.86 16.42 70.33
C ASP C 126 -26.62 15.90 71.56
N GLY C 127 -26.51 16.63 72.67
CA GLY C 127 -27.34 16.37 73.83
C GLY C 127 -27.19 14.99 74.44
N LYS C 128 -25.96 14.48 74.52
CA LYS C 128 -25.70 13.22 75.21
C LYS C 128 -24.24 13.20 75.64
N VAL C 129 -24.01 12.89 76.91
CA VAL C 129 -22.68 12.95 77.51
C VAL C 129 -22.42 11.60 78.16
N THR C 130 -21.73 10.71 77.44
CA THR C 130 -21.47 9.36 77.94
C THR C 130 -20.00 9.07 78.15
N GLY C 131 -19.17 9.19 77.11
CA GLY C 131 -17.77 8.79 77.21
C GLY C 131 -16.91 9.84 77.89
N TYR C 132 -16.05 9.37 78.79
CA TYR C 132 -15.19 10.24 79.60
C TYR C 132 -13.74 9.77 79.46
N ALA C 133 -12.94 10.53 78.73
CA ALA C 133 -11.54 10.18 78.52
C ALA C 133 -10.73 10.49 79.78
N CYS C 134 -9.87 9.56 80.17
CA CYS C 134 -9.05 9.69 81.36
C CYS C 134 -7.57 9.72 80.97
N LEU C 135 -6.85 10.70 81.49
CA LEU C 135 -5.42 10.86 81.22
C LEU C 135 -4.63 9.98 82.18
N VAL C 136 -4.58 8.68 81.85
CA VAL C 136 -3.87 7.69 82.64
C VAL C 136 -2.78 7.05 81.79
N GLY C 137 -1.57 6.99 82.33
CA GLY C 137 -0.47 6.32 81.65
C GLY C 137 -0.06 6.94 80.35
N ASP C 138 0.03 8.28 80.30
CA ASP C 138 0.54 9.00 79.14
C ASP C 138 -0.26 8.69 77.88
N LYS C 139 -1.57 8.52 78.04
CA LYS C 139 -2.44 8.20 76.91
C LYS C 139 -3.88 8.41 77.34
N VAL C 140 -4.78 8.32 76.35
CA VAL C 140 -6.21 8.52 76.57
C VAL C 140 -6.96 7.29 76.05
N MET C 141 -8.16 7.11 76.57
CA MET C 141 -9.02 6.01 76.16
C MET C 141 -10.45 6.33 76.57
N LYS C 142 -11.40 5.65 75.93
CA LYS C 142 -12.82 5.84 76.24
C LYS C 142 -13.56 4.56 75.87
N PRO C 143 -14.70 4.29 76.51
CA PRO C 143 -15.51 3.11 76.16
C PRO C 143 -15.83 3.03 74.67
N ALA C 144 -15.32 1.99 74.00
CA ALA C 144 -15.58 1.83 72.57
C ALA C 144 -17.02 1.45 72.27
N HIS C 145 -17.75 0.92 73.27
CA HIS C 145 -19.15 0.54 73.07
C HIS C 145 -20.06 1.73 72.84
N VAL C 146 -19.59 2.96 73.08
CA VAL C 146 -20.33 4.16 72.71
C VAL C 146 -19.45 5.00 71.78
N LYS C 147 -20.11 5.86 71.01
CA LYS C 147 -19.38 6.75 70.11
C LYS C 147 -18.76 7.89 70.91
N GLY C 148 -17.49 8.17 70.63
CA GLY C 148 -16.77 9.19 71.35
C GLY C 148 -16.27 10.34 70.51
N VAL C 149 -16.81 11.53 70.74
CA VAL C 149 -16.34 12.76 70.11
C VAL C 149 -15.58 13.57 71.15
N ILE C 150 -14.36 13.94 70.83
CA ILE C 150 -13.47 14.58 71.80
C ILE C 150 -13.90 16.03 72.01
N ASP C 151 -14.06 16.43 73.27
CA ASP C 151 -14.49 17.79 73.57
C ASP C 151 -13.43 18.81 73.16
N ASN C 152 -12.16 18.51 73.45
CA ASN C 152 -11.08 19.46 73.18
C ASN C 152 -10.54 19.23 71.78
N PRO C 153 -10.61 20.22 70.89
CA PRO C 153 -10.08 20.01 69.52
C PRO C 153 -8.59 19.68 69.50
N ASP C 154 -7.83 20.11 70.51
CA ASP C 154 -6.40 19.83 70.53
C ASP C 154 -6.13 18.33 70.62
N LEU C 155 -6.90 17.61 71.44
CA LEU C 155 -6.64 16.19 71.66
C LEU C 155 -7.13 15.34 70.50
N ALA C 156 -8.06 15.85 69.69
CA ALA C 156 -8.70 15.06 68.65
C ALA C 156 -7.87 14.93 67.37
N LYS C 157 -6.71 15.58 67.29
CA LYS C 157 -5.93 15.53 66.07
C LYS C 157 -5.20 14.20 65.89
N LEU C 158 -4.83 13.55 67.00
CA LEU C 158 -4.13 12.27 66.92
C LEU C 158 -5.10 11.16 66.56
N THR C 159 -4.57 10.11 65.94
CA THR C 159 -5.34 8.92 65.63
C THR C 159 -5.28 7.92 66.79
N TYR C 160 -6.31 7.07 66.87
CA TYR C 160 -6.45 6.13 67.96
C TYR C 160 -6.46 4.70 67.43
N LYS C 161 -6.23 3.76 68.34
CA LYS C 161 -6.28 2.34 68.03
C LYS C 161 -7.61 1.74 68.49
N LYS C 162 -7.98 0.63 67.87
CA LYS C 162 -9.26 -0.04 68.15
C LYS C 162 -9.01 -1.48 68.56
N SER C 163 -9.74 -1.93 69.57
CA SER C 163 -9.67 -3.30 70.06
C SER C 163 -11.05 -3.95 69.99
N SER C 164 -11.05 -5.27 69.91
CA SER C 164 -12.31 -6.01 69.73
C SER C 164 -13.04 -6.21 71.06
N LYS C 165 -12.42 -6.94 71.99
CA LYS C 165 -13.09 -7.26 73.24
C LYS C 165 -12.68 -6.34 74.39
N TYR C 166 -11.43 -5.84 74.37
CA TYR C 166 -10.99 -4.88 75.37
C TYR C 166 -11.67 -3.53 75.22
N ASP C 167 -12.37 -3.29 74.10
CA ASP C 167 -13.13 -2.09 73.75
C ASP C 167 -12.55 -0.82 74.35
N LEU C 168 -11.25 -0.61 74.16
CA LEU C 168 -10.59 0.60 74.63
C LEU C 168 -9.61 1.07 73.57
N GLU C 169 -9.33 2.37 73.58
CA GLU C 169 -8.45 3.00 72.61
C GLU C 169 -7.13 3.39 73.25
N CYS C 170 -6.26 3.98 72.44
CA CYS C 170 -4.96 4.43 72.90
C CYS C 170 -4.45 5.50 71.95
N ALA C 171 -3.60 6.37 72.48
CA ALA C 171 -3.02 7.46 71.71
C ALA C 171 -1.84 8.03 72.46
N GLN C 172 -0.70 8.17 71.78
CA GLN C 172 0.47 8.74 72.42
C GLN C 172 0.22 10.20 72.77
N ILE C 173 0.28 10.52 74.04
CA ILE C 173 -0.08 11.86 74.51
C ILE C 173 0.93 12.87 73.99
N PRO C 174 0.53 14.10 73.69
CA PRO C 174 1.52 15.16 73.39
C PRO C 174 2.40 15.44 74.60
N VAL C 175 3.31 16.38 74.43
CA VAL C 175 4.45 16.54 75.31
C VAL C 175 4.20 17.66 76.35
N HIS C 176 2.94 17.99 76.64
CA HIS C 176 2.71 18.98 77.67
C HIS C 176 1.49 18.69 78.55
N MET C 177 1.12 17.41 78.74
CA MET C 177 0.09 17.03 79.72
C MET C 177 0.49 15.80 80.52
N LYS C 178 1.70 15.78 81.08
CA LYS C 178 2.01 14.81 82.12
C LYS C 178 1.91 15.38 83.54
N SER C 179 1.61 16.67 83.68
CA SER C 179 1.45 17.24 85.02
C SER C 179 0.15 16.84 85.69
N ASP C 180 -0.73 16.11 85.00
CA ASP C 180 -2.02 15.68 85.54
C ASP C 180 -2.17 14.17 85.38
N ALA C 181 -1.11 13.43 85.71
CA ALA C 181 -1.07 11.99 85.55
C ALA C 181 -1.04 11.30 86.92
N SER C 182 -1.88 10.30 87.08
CA SER C 182 -1.90 9.51 88.31
C SER C 182 -0.72 8.54 88.29
N LYS C 183 -0.60 7.73 89.34
CA LYS C 183 0.48 6.77 89.47
C LYS C 183 0.07 5.35 89.15
N TYR C 184 -1.24 5.05 89.24
CA TYR C 184 -1.84 3.85 88.63
C TYR C 184 -1.07 2.57 88.92
N THR C 185 -0.48 2.46 90.10
CA THR C 185 0.29 1.28 90.45
C THR C 185 -0.63 0.09 90.70
N HIS C 186 -0.28 -1.05 90.11
CA HIS C 186 -1.09 -2.27 90.20
C HIS C 186 -1.07 -2.79 91.63
N GLU C 187 -2.25 -2.87 92.24
CA GLU C 187 -2.41 -3.45 93.58
C GLU C 187 -3.88 -3.70 93.80
N LYS C 188 -4.25 -4.94 94.14
CA LYS C 188 -5.65 -5.35 94.28
C LYS C 188 -5.89 -6.01 95.62
N PRO C 189 -6.01 -5.21 96.70
CA PRO C 189 -6.53 -5.75 97.96
C PRO C 189 -8.04 -5.65 98.02
N GLU C 190 -8.64 -6.02 99.15
CA GLU C 190 -10.07 -5.89 99.35
C GLU C 190 -10.34 -4.75 100.33
N GLY C 191 -11.16 -3.79 99.91
CA GLY C 191 -11.46 -2.65 100.75
C GLY C 191 -12.32 -1.64 100.03
N HIS C 192 -12.27 -0.40 100.53
CA HIS C 192 -13.03 0.71 99.97
C HIS C 192 -12.10 1.61 99.18
N TYR C 193 -12.50 1.95 97.96
CA TYR C 193 -11.67 2.75 97.06
C TYR C 193 -12.32 4.04 96.61
N ASN C 194 -13.66 4.12 96.62
CA ASN C 194 -14.43 5.34 96.32
C ASN C 194 -14.35 5.73 94.85
N TRP C 195 -15.44 6.30 94.33
CA TRP C 195 -15.49 6.77 92.95
C TRP C 195 -16.30 8.07 92.95
N HIS C 196 -16.74 8.50 91.76
CA HIS C 196 -17.39 9.80 91.62
C HIS C 196 -18.63 9.91 92.50
N HIS C 197 -19.37 8.82 92.69
CA HIS C 197 -20.55 8.80 93.53
C HIS C 197 -20.37 7.74 94.62
N GLY C 198 -19.79 8.15 95.75
CA GLY C 198 -19.73 7.29 96.92
C GLY C 198 -18.63 6.24 96.83
N ALA C 199 -18.50 5.49 97.93
CA ALA C 199 -17.48 4.46 98.06
C ALA C 199 -17.84 3.22 97.24
N VAL C 200 -16.86 2.34 97.11
CA VAL C 200 -17.00 1.11 96.33
C VAL C 200 -16.54 -0.07 97.20
N GLN C 201 -17.27 -1.18 97.12
CA GLN C 201 -16.93 -2.40 97.83
C GLN C 201 -16.37 -3.42 96.84
N TYR C 202 -15.22 -3.98 97.17
CA TYR C 202 -14.53 -4.93 96.29
C TYR C 202 -14.10 -6.15 97.08
N SER C 203 -14.53 -7.32 96.63
CA SER C 203 -14.14 -8.58 97.25
C SER C 203 -14.37 -9.71 96.25
N GLY C 204 -13.49 -10.71 96.30
CA GLY C 204 -13.63 -11.86 95.43
C GLY C 204 -13.56 -11.54 93.96
N GLY C 205 -12.69 -10.62 93.56
CA GLY C 205 -12.55 -10.26 92.15
C GLY C 205 -13.81 -9.71 91.53
N ARG C 206 -14.53 -8.85 92.25
CA ARG C 206 -15.79 -8.30 91.77
C ARG C 206 -15.95 -6.87 92.27
N PHE C 207 -15.99 -5.92 91.36
CA PHE C 207 -16.37 -4.55 91.70
C PHE C 207 -17.88 -4.46 91.84
N THR C 208 -18.35 -3.99 92.99
CA THR C 208 -19.76 -4.06 93.32
C THR C 208 -20.20 -2.75 93.96
N ILE C 209 -21.40 -2.28 93.61
CA ILE C 209 -21.90 -0.99 94.06
C ILE C 209 -23.30 -1.19 94.66
N PRO C 210 -23.69 -0.40 95.66
CA PRO C 210 -25.08 -0.44 96.13
C PRO C 210 -26.05 -0.09 95.02
N THR C 211 -27.23 -0.72 95.06
CA THR C 211 -28.23 -0.51 94.03
C THR C 211 -28.69 0.95 93.99
N GLY C 212 -28.89 1.46 92.78
CA GLY C 212 -29.37 2.80 92.57
C GLY C 212 -28.31 3.85 92.33
N ALA C 213 -27.04 3.54 92.57
CA ALA C 213 -25.96 4.52 92.41
C ALA C 213 -25.46 4.64 90.98
N GLY C 214 -26.17 4.07 90.01
CA GLY C 214 -25.77 4.17 88.62
C GLY C 214 -26.88 4.69 87.74
N LYS C 215 -26.51 5.01 86.50
CA LYS C 215 -27.42 5.54 85.49
C LYS C 215 -26.73 5.47 84.13
N PRO C 216 -27.49 5.42 83.03
CA PRO C 216 -26.85 5.41 81.72
C PRO C 216 -26.16 6.73 81.44
N GLY C 217 -25.07 6.66 80.69
CA GLY C 217 -24.31 7.85 80.35
C GLY C 217 -23.30 8.32 81.36
N ASP C 218 -22.81 7.44 82.23
CA ASP C 218 -21.75 7.81 83.17
C ASP C 218 -20.48 6.98 83.00
N SER C 219 -20.40 6.14 81.98
CA SER C 219 -19.23 5.29 81.78
C SER C 219 -17.99 6.12 81.51
N GLY C 220 -16.84 5.54 81.84
CA GLY C 220 -15.58 6.24 81.72
C GLY C 220 -15.06 6.88 82.98
N ARG C 221 -15.74 6.67 84.11
CA ARG C 221 -15.25 7.19 85.38
C ARG C 221 -14.03 6.41 85.84
N PRO C 222 -12.89 7.05 86.07
CA PRO C 222 -11.73 6.31 86.56
C PRO C 222 -11.91 5.88 88.01
N ILE C 223 -12.16 4.59 88.23
CA ILE C 223 -12.17 4.07 89.58
C ILE C 223 -10.75 4.01 90.11
N PHE C 224 -10.54 4.58 91.30
CA PHE C 224 -9.23 4.82 91.85
C PHE C 224 -9.20 4.34 93.29
N ASP C 225 -7.99 4.01 93.75
CA ASP C 225 -7.86 3.44 95.09
C ASP C 225 -7.98 4.54 96.15
N ASN C 226 -8.10 4.09 97.39
CA ASN C 226 -8.18 5.03 98.51
C ASN C 226 -6.91 5.84 98.68
N LYS C 227 -5.78 5.37 98.14
CA LYS C 227 -4.50 6.04 98.34
C LYS C 227 -4.17 7.04 97.25
N GLY C 228 -4.99 7.13 96.19
CA GLY C 228 -4.80 8.15 95.16
C GLY C 228 -4.29 7.68 93.82
N ARG C 229 -4.38 6.38 93.52
CA ARG C 229 -3.94 5.83 92.25
C ARG C 229 -5.15 5.28 91.51
N VAL C 230 -5.28 5.62 90.23
CA VAL C 230 -6.40 5.11 89.45
C VAL C 230 -6.22 3.62 89.21
N VAL C 231 -7.34 2.89 89.22
CA VAL C 231 -7.34 1.44 89.14
C VAL C 231 -7.91 0.96 87.81
N ALA C 232 -9.06 1.50 87.40
CA ALA C 232 -9.73 0.97 86.22
C ALA C 232 -10.70 2.01 85.66
N ILE C 233 -11.45 1.61 84.64
CA ILE C 233 -12.41 2.49 83.97
C ILE C 233 -13.75 1.78 83.94
N VAL C 234 -14.80 2.52 84.21
CA VAL C 234 -16.15 1.95 84.25
C VAL C 234 -16.64 1.76 82.82
N LEU C 235 -17.21 0.59 82.54
CA LEU C 235 -17.80 0.26 81.25
C LEU C 235 -19.28 -0.02 81.31
N GLY C 236 -19.69 -0.91 82.21
CA GLY C 236 -21.07 -1.35 82.27
C GLY C 236 -21.28 -2.26 83.46
N GLY C 237 -22.57 -2.55 83.70
CA GLY C 237 -22.96 -3.42 84.80
C GLY C 237 -24.47 -3.45 84.93
N ALA C 238 -24.92 -4.32 85.84
CA ALA C 238 -26.34 -4.56 86.12
C ALA C 238 -26.50 -4.98 87.57
N ASN C 239 -27.74 -4.85 88.07
CA ASN C 239 -28.07 -5.20 89.43
C ASN C 239 -28.25 -6.71 89.57
N GLU C 240 -27.90 -7.23 90.75
CA GLU C 240 -28.01 -8.65 91.05
C GLU C 240 -28.45 -8.75 92.50
N GLY C 241 -29.76 -8.81 92.72
CA GLY C 241 -30.32 -8.83 94.06
C GLY C 241 -30.34 -7.47 94.73
N ALA C 242 -29.50 -7.27 95.74
CA ALA C 242 -29.38 -6.00 96.44
C ALA C 242 -28.10 -5.25 96.05
N ARG C 243 -27.37 -5.73 95.05
CA ARG C 243 -26.11 -5.13 94.65
C ARG C 243 -26.05 -5.07 93.13
N THR C 244 -25.19 -4.17 92.61
CA THR C 244 -24.98 -4.03 91.18
C THR C 244 -23.54 -4.35 90.84
N ALA C 245 -23.34 -5.19 89.83
CA ALA C 245 -22.00 -5.55 89.41
C ALA C 245 -21.42 -4.50 88.47
N LEU C 246 -20.12 -4.59 88.25
CA LEU C 246 -19.39 -3.68 87.37
C LEU C 246 -18.65 -4.48 86.31
N SER C 247 -17.93 -3.75 85.45
CA SER C 247 -17.15 -4.35 84.37
C SER C 247 -16.05 -3.35 84.03
N VAL C 248 -14.82 -3.69 84.36
CA VAL C 248 -13.69 -2.78 84.30
C VAL C 248 -12.48 -3.50 83.71
N VAL C 249 -11.38 -2.77 83.58
CA VAL C 249 -10.14 -3.30 83.02
C VAL C 249 -9.04 -3.15 84.07
N THR C 250 -8.38 -4.26 84.40
CA THR C 250 -7.32 -4.27 85.40
C THR C 250 -6.09 -4.96 84.82
N TRP C 251 -4.93 -4.60 85.38
CA TRP C 251 -3.67 -5.11 84.87
C TRP C 251 -2.77 -5.49 86.05
N THR C 252 -2.09 -6.64 85.91
CA THR C 252 -1.09 -7.09 86.86
C THR C 252 0.27 -6.65 86.32
N LYS C 253 0.48 -5.34 86.32
CA LYS C 253 1.71 -4.67 85.85
C LYS C 253 1.84 -4.79 84.34
N ASP C 254 1.00 -5.61 83.72
CA ASP C 254 0.95 -5.82 82.27
C ASP C 254 -0.41 -6.43 81.95
N MET C 255 -0.57 -6.88 80.69
CA MET C 255 -1.67 -7.73 80.23
C MET C 255 -3.03 -7.32 80.80
N VAL C 256 -3.51 -6.14 80.43
CA VAL C 256 -4.85 -5.71 80.84
C VAL C 256 -5.87 -6.77 80.48
N THR C 257 -6.81 -7.02 81.38
CA THR C 257 -7.79 -8.08 81.22
C THR C 257 -9.19 -7.51 81.39
N ARG C 258 -10.19 -8.39 81.32
CA ARG C 258 -11.59 -7.99 81.33
C ARG C 258 -12.41 -8.99 82.14
N TYR C 259 -13.46 -8.49 82.79
CA TYR C 259 -14.37 -9.30 83.56
C TYR C 259 -15.80 -8.88 83.22
N THR C 260 -16.68 -9.86 83.08
CA THR C 260 -18.05 -9.57 82.66
C THR C 260 -19.05 -10.52 83.32
N PRO C 261 -19.98 -9.99 84.10
CA PRO C 261 -21.06 -10.82 84.65
C PRO C 261 -22.25 -10.91 83.71
N GLU C 262 -22.98 -12.02 83.85
CA GLU C 262 -24.15 -12.23 82.99
C GLU C 262 -25.21 -11.18 83.27
N GLY C 263 -25.88 -10.75 82.20
CA GLY C 263 -26.88 -9.70 82.28
C GLY C 263 -26.33 -8.29 82.33
N THR C 264 -25.03 -8.12 82.13
CA THR C 264 -24.44 -6.80 82.18
C THR C 264 -25.04 -5.90 81.11
N GLU C 265 -25.17 -4.62 81.46
CA GLU C 265 -25.65 -3.59 80.56
C GLU C 265 -24.69 -2.41 80.63
N GLU C 266 -24.07 -2.11 79.49
CA GLU C 266 -23.23 -0.92 79.42
C GLU C 266 -24.07 0.33 79.59
N TRP C 267 -23.60 1.25 80.44
CA TRP C 267 -24.28 2.51 80.58
C TRP C 267 -23.79 3.47 79.50
N TYR D 1 -78.59 33.14 -18.58
CA TYR D 1 -78.31 32.97 -17.16
C TYR D 1 -76.90 32.44 -16.95
N GLU D 2 -75.96 33.33 -16.66
CA GLU D 2 -74.57 32.95 -16.50
C GLU D 2 -74.37 32.12 -15.23
N HIS D 3 -73.42 31.20 -15.31
CA HIS D 3 -73.08 30.34 -14.17
C HIS D 3 -71.60 30.02 -14.25
N THR D 4 -70.97 29.84 -13.08
CA THR D 4 -69.53 29.63 -12.99
C THR D 4 -69.23 28.31 -12.28
N ALA D 5 -68.13 27.68 -12.67
CA ALA D 5 -67.71 26.41 -12.08
C ALA D 5 -66.22 26.24 -12.29
N THR D 6 -65.64 25.26 -11.60
CA THR D 6 -64.24 24.91 -11.72
C THR D 6 -64.11 23.40 -11.92
N ILE D 7 -63.22 23.00 -12.82
CA ILE D 7 -63.03 21.59 -13.14
C ILE D 7 -61.55 21.25 -13.05
N PRO D 8 -61.18 20.18 -12.34
CA PRO D 8 -59.78 19.73 -12.38
C PRO D 8 -59.40 19.31 -13.80
N ASN D 9 -58.17 19.66 -14.18
CA ASN D 9 -57.71 19.44 -15.55
C ASN D 9 -57.12 18.03 -15.69
N VAL D 10 -58.01 17.04 -15.56
CA VAL D 10 -57.63 15.64 -15.62
C VAL D 10 -58.36 15.01 -16.81
N VAL D 11 -57.59 14.40 -17.71
CA VAL D 11 -58.18 13.74 -18.87
C VAL D 11 -58.86 12.45 -18.44
N GLY D 12 -59.94 12.10 -19.13
CA GLY D 12 -60.69 10.90 -18.79
C GLY D 12 -61.32 10.96 -17.42
N PHE D 13 -61.97 12.07 -17.08
CA PHE D 13 -62.59 12.25 -15.77
C PHE D 13 -63.90 12.99 -15.94
N PRO D 14 -65.03 12.30 -15.84
CA PRO D 14 -66.33 12.97 -15.98
C PRO D 14 -66.53 14.03 -14.90
N TYR D 15 -67.19 15.12 -15.28
CA TYR D 15 -67.48 16.20 -14.35
C TYR D 15 -68.96 16.53 -14.40
N LYS D 16 -69.54 16.77 -13.23
CA LYS D 16 -70.96 17.08 -13.09
C LYS D 16 -71.12 18.56 -12.75
N ALA D 17 -72.05 19.23 -13.42
CA ALA D 17 -72.35 20.63 -13.13
C ALA D 17 -73.85 20.81 -13.14
N HIS D 18 -74.44 21.00 -11.95
CA HIS D 18 -75.89 21.09 -11.82
C HIS D 18 -76.30 22.56 -11.77
N ILE D 19 -77.29 22.93 -12.59
CA ILE D 19 -77.82 24.28 -12.64
C ILE D 19 -79.16 24.29 -11.90
N GLU D 20 -79.31 25.20 -10.95
CA GLU D 20 -80.45 25.20 -10.03
C GLU D 20 -81.14 26.56 -10.02
N ARG D 21 -81.39 27.11 -11.19
CA ARG D 21 -82.19 28.34 -11.27
C ARG D 21 -83.63 28.04 -10.86
N ASN D 22 -84.21 28.92 -10.05
CA ASN D 22 -85.56 28.70 -9.56
C ASN D 22 -86.58 28.89 -10.68
N GLY D 23 -87.76 28.31 -10.47
CA GLY D 23 -88.82 28.34 -11.45
C GLY D 23 -88.71 27.31 -12.56
N PHE D 24 -87.70 26.46 -12.52
CA PHE D 24 -87.52 25.41 -13.52
C PHE D 24 -86.96 24.17 -12.84
N SER D 25 -87.13 23.04 -13.52
CA SER D 25 -86.57 21.78 -13.01
C SER D 25 -85.06 21.80 -13.16
N PRO D 26 -84.30 21.67 -12.07
CA PRO D 26 -82.83 21.68 -12.18
C PRO D 26 -82.32 20.54 -13.06
N MET D 27 -81.26 20.84 -13.81
CA MET D 27 -80.66 19.92 -14.77
C MET D 27 -79.17 19.82 -14.51
N THR D 28 -78.52 18.89 -15.23
CA THR D 28 -77.11 18.60 -15.04
C THR D 28 -76.38 18.71 -16.38
N LEU D 29 -75.08 18.98 -16.28
CA LEU D 29 -74.19 19.11 -17.42
C LEU D 29 -73.03 18.15 -17.21
N GLN D 30 -72.72 17.36 -18.25
CA GLN D 30 -71.60 16.44 -18.25
C GLN D 30 -70.45 17.10 -19.00
N LEU D 31 -69.31 17.25 -18.30
CA LEU D 31 -68.10 17.83 -18.85
C LEU D 31 -67.04 16.74 -18.98
N GLU D 32 -66.41 16.66 -20.15
CA GLU D 32 -65.32 15.72 -20.38
C GLU D 32 -64.14 16.46 -20.98
N VAL D 33 -62.95 16.14 -20.50
CA VAL D 33 -61.70 16.70 -21.02
C VAL D 33 -61.03 15.62 -21.86
N LEU D 34 -60.86 15.90 -23.15
CA LEU D 34 -60.36 14.92 -24.11
C LEU D 34 -59.08 15.44 -24.75
N GLY D 35 -57.94 15.16 -24.13
CA GLY D 35 -56.65 15.46 -24.73
C GLY D 35 -56.30 16.92 -24.85
N THR D 36 -56.13 17.59 -23.71
CA THR D 36 -55.58 18.94 -23.73
C THR D 36 -54.11 18.92 -24.12
N SER D 37 -53.64 20.03 -24.68
CA SER D 37 -52.27 20.13 -25.16
C SER D 37 -51.74 21.53 -24.87
N LEU D 38 -50.43 21.68 -25.03
CA LEU D 38 -49.75 22.95 -24.75
C LEU D 38 -48.69 23.19 -25.81
N GLU D 39 -48.57 24.46 -26.26
CA GLU D 39 -47.66 24.86 -27.31
C GLU D 39 -46.93 26.15 -26.94
N PRO D 40 -45.60 26.17 -26.97
CA PRO D 40 -44.85 27.39 -26.69
C PRO D 40 -44.56 28.20 -27.96
N THR D 41 -43.83 29.30 -27.79
CA THR D 41 -43.36 30.12 -28.90
C THR D 41 -41.91 29.79 -29.20
N LEU D 42 -41.55 29.81 -30.48
CA LEU D 42 -40.26 29.37 -30.95
C LEU D 42 -39.51 30.53 -31.63
N ASN D 43 -38.18 30.44 -31.63
CA ASN D 43 -37.34 31.50 -32.18
C ASN D 43 -36.28 31.05 -33.18
N LEU D 44 -35.83 29.80 -33.13
CA LEU D 44 -34.93 29.23 -34.13
C LEU D 44 -33.62 30.04 -34.22
N GLU D 45 -32.86 29.98 -33.12
CA GLU D 45 -31.59 30.68 -33.05
C GLU D 45 -30.65 30.26 -34.18
N TYR D 46 -30.27 28.99 -34.22
CA TYR D 46 -29.30 28.51 -35.20
C TYR D 46 -29.46 27.01 -35.35
N ILE D 47 -28.65 26.44 -36.26
CA ILE D 47 -28.77 25.05 -36.68
C ILE D 47 -27.40 24.39 -36.54
N THR D 48 -27.41 23.08 -36.29
CA THR D 48 -26.18 22.31 -36.14
C THR D 48 -26.24 21.07 -37.00
N CYS D 49 -25.08 20.63 -37.46
CA CYS D 49 -24.94 19.47 -38.34
C CYS D 49 -23.45 19.11 -38.40
N GLU D 50 -23.13 18.10 -39.22
CA GLU D 50 -21.74 17.68 -39.40
C GLU D 50 -20.99 18.66 -40.28
N TYR D 51 -19.66 18.53 -40.29
CA TYR D 51 -18.81 19.34 -41.15
C TYR D 51 -18.01 18.45 -42.11
N LYS D 52 -17.86 18.94 -43.33
CA LYS D 52 -17.05 18.31 -44.35
C LYS D 52 -15.74 19.09 -44.48
N THR D 53 -14.61 18.37 -44.38
CA THR D 53 -13.29 18.97 -44.49
C THR D 53 -12.89 18.98 -45.96
N VAL D 54 -13.14 20.10 -46.63
CA VAL D 54 -12.81 20.24 -48.04
C VAL D 54 -11.32 20.57 -48.14
N VAL D 55 -10.53 19.63 -48.64
CA VAL D 55 -9.11 19.84 -48.89
C VAL D 55 -8.80 19.51 -50.35
N PRO D 56 -8.41 20.48 -51.15
CA PRO D 56 -8.08 20.21 -52.56
C PRO D 56 -6.78 19.43 -52.69
N SER D 57 -6.45 19.10 -53.93
CA SER D 57 -5.22 18.37 -54.19
C SER D 57 -4.02 19.24 -53.81
N PRO D 58 -2.97 18.65 -53.23
CA PRO D 58 -1.81 19.45 -52.83
C PRO D 58 -1.11 20.05 -54.04
N TYR D 59 -0.49 21.21 -53.82
CA TYR D 59 0.19 21.96 -54.87
C TYR D 59 1.70 21.74 -54.77
N ILE D 60 2.26 21.06 -55.76
CA ILE D 60 3.71 20.93 -55.93
C ILE D 60 4.13 21.88 -57.03
N LYS D 61 5.04 22.80 -56.72
CA LYS D 61 5.64 23.65 -57.73
C LYS D 61 7.15 23.57 -57.62
N CYS D 62 7.80 23.20 -58.71
CA CYS D 62 9.23 22.89 -58.74
C CYS D 62 10.08 24.09 -59.16
N CYS D 63 9.96 25.21 -58.45
CA CYS D 63 10.80 26.36 -58.72
C CYS D 63 11.43 26.88 -57.43
N GLY D 64 10.75 26.65 -56.31
CA GLY D 64 11.24 27.10 -55.01
C GLY D 64 10.78 28.48 -54.60
N THR D 65 10.09 29.21 -55.48
CA THR D 65 9.59 30.53 -55.14
C THR D 65 8.28 30.41 -54.37
N SER D 66 8.16 31.17 -53.28
CA SER D 66 6.99 31.08 -52.43
C SER D 66 5.76 31.70 -53.11
N GLU D 67 4.58 31.26 -52.67
CA GLU D 67 3.31 31.75 -53.20
C GLU D 67 2.28 31.66 -52.09
N CYS D 68 1.93 32.80 -51.51
CA CYS D 68 1.00 32.88 -50.40
C CYS D 68 -0.21 33.73 -50.76
N ARG D 69 -1.39 33.26 -50.37
CA ARG D 69 -2.64 33.97 -50.62
C ARG D 69 -3.66 33.57 -49.57
N SER D 70 -4.69 34.38 -49.44
CA SER D 70 -5.72 34.15 -48.43
C SER D 70 -7.02 34.79 -48.89
N MET D 71 -8.01 33.96 -49.20
CA MET D 71 -9.33 34.45 -49.57
C MET D 71 -10.22 34.55 -48.33
N GLU D 72 -11.51 34.78 -48.53
CA GLU D 72 -12.43 35.08 -47.43
C GLU D 72 -13.28 33.90 -46.98
N ARG D 73 -13.19 32.75 -47.65
CA ARG D 73 -13.95 31.60 -47.18
C ARG D 73 -13.40 31.11 -45.84
N PRO D 74 -14.23 30.48 -45.01
CA PRO D 74 -13.89 30.31 -43.60
C PRO D 74 -12.62 29.50 -43.37
N ASP D 75 -11.92 29.87 -42.30
CA ASP D 75 -10.79 29.16 -41.69
C ASP D 75 -9.85 28.53 -42.73
N TYR D 76 -9.29 29.38 -43.57
CA TYR D 76 -8.07 29.02 -44.27
C TYR D 76 -6.92 28.88 -43.28
N GLN D 77 -5.97 28.01 -43.62
CA GLN D 77 -4.74 27.83 -42.85
C GLN D 77 -3.59 27.95 -43.85
N CYS D 78 -3.13 29.17 -44.05
CA CYS D 78 -2.15 29.48 -45.09
C CYS D 78 -0.80 28.95 -44.65
N GLN D 79 -0.46 27.74 -45.12
CA GLN D 79 0.78 27.08 -44.76
C GLN D 79 1.52 26.69 -46.04
N VAL D 80 2.79 27.06 -46.12
CA VAL D 80 3.63 26.73 -47.26
C VAL D 80 4.90 26.04 -46.75
N TYR D 81 5.31 24.99 -47.45
CA TYR D 81 6.46 24.19 -47.04
C TYR D 81 7.51 24.18 -48.14
N THR D 82 8.78 24.23 -47.75
CA THR D 82 9.90 24.27 -48.67
C THR D 82 10.84 23.10 -48.41
N GLY D 83 11.61 22.75 -49.43
CA GLY D 83 12.57 21.66 -49.29
C GLY D 83 11.96 20.27 -49.27
N VAL D 84 10.77 20.10 -49.83
CA VAL D 84 10.10 18.81 -49.88
C VAL D 84 10.50 18.10 -51.17
N TYR D 85 10.67 16.77 -51.09
CA TYR D 85 11.07 15.96 -52.23
C TYR D 85 10.08 14.81 -52.37
N PRO D 86 8.94 15.07 -53.02
CA PRO D 86 7.90 14.04 -53.12
C PRO D 86 8.30 12.90 -54.05
N PHE D 87 7.63 11.77 -53.86
CA PHE D 87 7.81 10.59 -54.68
C PHE D 87 6.50 10.22 -55.35
N MET D 88 6.57 9.28 -56.29
CA MET D 88 5.43 8.94 -57.12
C MET D 88 5.77 7.58 -57.74
N TRP D 89 4.74 6.89 -58.25
CA TRP D 89 4.94 5.52 -58.73
C TRP D 89 5.95 5.46 -59.87
N GLY D 90 6.11 6.55 -60.62
CA GLY D 90 7.11 6.61 -61.65
C GLY D 90 8.50 6.90 -61.11
N GLY D 91 8.75 6.46 -59.87
CA GLY D 91 10.00 6.72 -59.21
C GLY D 91 10.05 8.10 -58.60
N ALA D 92 10.19 9.12 -59.44
CA ALA D 92 10.19 10.50 -59.00
C ALA D 92 9.92 11.39 -60.21
N TYR D 93 9.67 12.67 -59.94
CA TYR D 93 9.45 13.65 -60.98
C TYR D 93 10.26 14.89 -60.66
N CYS D 94 10.57 15.65 -61.72
CA CYS D 94 11.47 16.80 -61.65
C CYS D 94 12.87 16.36 -61.27
N PHE D 95 13.79 17.33 -61.14
CA PHE D 95 15.19 17.02 -60.84
C PHE D 95 15.69 17.69 -59.58
N CYS D 96 15.35 18.94 -59.35
CA CYS D 96 15.94 19.70 -58.26
C CYS D 96 15.45 19.19 -56.91
N ASP D 97 16.38 19.03 -55.97
CA ASP D 97 16.09 18.54 -54.64
C ASP D 97 16.34 19.64 -53.63
N THR D 98 15.58 19.60 -52.53
CA THR D 98 15.58 20.57 -51.43
C THR D 98 15.08 21.94 -51.85
N GLU D 99 14.65 22.12 -53.11
CA GLU D 99 14.07 23.37 -53.59
C GLU D 99 12.76 23.03 -54.31
N ASN D 100 11.69 22.91 -53.52
CA ASN D 100 10.36 22.67 -54.05
C ASN D 100 9.35 23.35 -53.12
N THR D 101 8.19 23.68 -53.66
CA THR D 101 7.15 24.37 -52.89
C THR D 101 5.92 23.48 -52.77
N GLN D 102 5.52 23.20 -51.52
CA GLN D 102 4.30 22.49 -51.18
C GLN D 102 3.30 23.50 -50.63
N LEU D 103 2.22 23.72 -51.36
CA LEU D 103 1.10 24.57 -50.93
C LEU D 103 -0.09 23.66 -50.68
N SER D 104 -0.47 23.53 -49.41
CA SER D 104 -1.59 22.69 -49.00
C SER D 104 -2.57 23.54 -48.21
N GLU D 105 -3.83 23.56 -48.65
CA GLU D 105 -4.86 24.37 -48.03
C GLU D 105 -6.08 23.50 -47.78
N ALA D 106 -6.87 23.89 -46.78
CA ALA D 106 -8.09 23.16 -46.46
C ALA D 106 -9.05 24.09 -45.73
N TYR D 107 -10.32 23.73 -45.74
CA TYR D 107 -11.34 24.47 -45.00
C TYR D 107 -12.49 23.53 -44.68
N VAL D 108 -13.55 24.07 -44.10
CA VAL D 108 -14.70 23.28 -43.70
C VAL D 108 -15.95 23.84 -44.35
N ASP D 109 -16.95 22.98 -44.51
CA ASP D 109 -18.24 23.36 -45.07
C ASP D 109 -19.31 22.47 -44.48
N ARG D 110 -20.56 22.75 -44.83
CA ARG D 110 -21.65 21.90 -44.37
C ARG D 110 -21.64 20.57 -45.12
N SER D 111 -22.54 19.68 -44.72
CA SER D 111 -22.62 18.33 -45.26
C SER D 111 -23.77 18.22 -46.26
N ASP D 112 -23.82 17.08 -46.94
CA ASP D 112 -24.86 16.84 -47.93
C ASP D 112 -26.21 16.55 -47.28
N VAL D 113 -26.20 15.98 -46.08
CA VAL D 113 -27.44 15.62 -45.38
C VAL D 113 -27.81 16.70 -44.38
N CYS D 114 -27.24 17.90 -44.54
CA CYS D 114 -27.60 19.01 -43.67
C CYS D 114 -29.08 19.35 -43.78
N LYS D 115 -29.71 19.05 -44.92
CA LYS D 115 -31.13 19.31 -45.08
C LYS D 115 -31.98 18.39 -44.19
N HIS D 116 -31.48 17.20 -43.88
CA HIS D 116 -32.27 16.20 -43.16
C HIS D 116 -31.74 15.93 -41.76
N ASP D 117 -30.46 15.61 -41.63
CA ASP D 117 -29.87 15.18 -40.36
C ASP D 117 -29.52 16.34 -39.42
N HIS D 118 -30.01 17.55 -39.69
CA HIS D 118 -29.67 18.68 -38.85
C HIS D 118 -30.50 18.69 -37.57
N ALA D 119 -30.04 19.47 -36.60
CA ALA D 119 -30.73 19.68 -35.35
C ALA D 119 -30.98 21.16 -35.14
N ALA D 120 -32.05 21.49 -34.40
CA ALA D 120 -32.47 22.87 -34.25
C ALA D 120 -32.48 23.26 -32.78
N ALA D 121 -32.34 24.56 -32.55
CA ALA D 121 -32.39 25.14 -31.21
C ALA D 121 -33.51 26.17 -31.15
N TYR D 122 -34.11 26.32 -29.96
CA TYR D 122 -35.25 27.22 -29.82
C TYR D 122 -35.24 27.81 -28.42
N LYS D 123 -35.97 28.92 -28.26
CA LYS D 123 -36.11 29.60 -26.98
C LYS D 123 -37.54 29.50 -26.49
N ALA D 124 -37.70 29.32 -25.18
CA ALA D 124 -39.03 29.25 -24.59
C ALA D 124 -39.63 30.64 -24.43
N HIS D 125 -40.94 30.68 -24.29
CA HIS D 125 -41.70 31.92 -24.14
C HIS D 125 -43.05 31.57 -23.52
N THR D 126 -43.96 32.54 -23.51
CA THR D 126 -45.32 32.28 -23.06
C THR D 126 -45.97 31.25 -23.97
N ALA D 127 -46.73 30.33 -23.38
CA ALA D 127 -47.26 29.18 -24.08
C ALA D 127 -48.77 29.14 -23.97
N ALA D 128 -49.44 28.84 -25.09
CA ALA D 128 -50.88 28.74 -25.15
C ALA D 128 -51.29 27.26 -25.25
N MET D 129 -52.40 26.91 -24.60
CA MET D 129 -52.78 25.52 -24.43
C MET D 129 -54.12 25.24 -25.11
N LYS D 130 -54.14 24.22 -25.97
CA LYS D 130 -55.36 23.70 -26.56
C LYS D 130 -56.15 22.90 -25.52
N ALA D 131 -57.46 22.90 -25.68
CA ALA D 131 -58.34 22.13 -24.79
C ALA D 131 -59.54 21.64 -25.58
N THR D 132 -59.64 20.32 -25.75
CA THR D 132 -60.75 19.71 -26.48
C THR D 132 -61.74 19.19 -25.44
N ILE D 133 -62.95 19.76 -25.44
CA ILE D 133 -63.92 19.52 -24.38
C ILE D 133 -65.18 18.90 -25.00
N ARG D 134 -65.73 17.92 -24.31
CA ARG D 134 -67.01 17.30 -24.69
C ARG D 134 -68.07 17.74 -23.69
N ILE D 135 -69.18 18.28 -24.20
CA ILE D 135 -70.27 18.79 -23.39
C ILE D 135 -71.52 18.00 -23.71
N SER D 136 -72.26 17.62 -22.67
CA SER D 136 -73.53 16.95 -22.90
C SER D 136 -74.54 17.35 -21.84
N TYR D 137 -75.81 17.39 -22.26
CA TYR D 137 -76.92 17.50 -21.34
C TYR D 137 -78.12 16.82 -21.99
N GLY D 138 -79.32 17.09 -21.48
CA GLY D 138 -80.51 16.42 -21.96
C GLY D 138 -80.68 16.42 -23.46
N ASN D 139 -80.53 15.24 -24.07
CA ASN D 139 -80.67 15.06 -25.51
C ASN D 139 -79.73 15.98 -26.30
N LEU D 140 -78.50 16.13 -25.81
CA LEU D 140 -77.48 16.87 -26.54
C LEU D 140 -76.10 16.38 -26.10
N ASN D 141 -75.22 16.16 -27.07
CA ASN D 141 -73.92 15.53 -26.82
C ASN D 141 -73.01 15.95 -27.96
N GLN D 142 -72.03 16.81 -27.67
CA GLN D 142 -71.22 17.39 -28.73
C GLN D 142 -69.83 17.73 -28.22
N THR D 143 -68.84 17.59 -29.11
CA THR D 143 -67.48 17.99 -28.84
C THR D 143 -67.20 19.37 -29.44
N THR D 144 -66.06 19.94 -29.06
CA THR D 144 -65.65 21.26 -29.54
C THR D 144 -64.15 21.41 -29.33
N THR D 145 -63.65 22.63 -29.55
CA THR D 145 -62.24 22.93 -29.35
C THR D 145 -62.14 24.39 -28.92
N ALA D 146 -61.39 24.64 -27.85
CA ALA D 146 -61.30 25.99 -27.31
C ALA D 146 -59.86 26.39 -27.03
N PHE D 147 -59.67 27.53 -26.37
CA PHE D 147 -58.34 28.03 -26.04
C PHE D 147 -58.05 28.02 -24.55
N VAL D 148 -59.08 27.89 -23.71
CA VAL D 148 -59.03 28.08 -22.24
C VAL D 148 -58.11 29.26 -21.91
N ASN D 149 -58.09 30.25 -22.79
CA ASN D 149 -57.36 31.50 -22.58
C ASN D 149 -58.34 32.49 -21.93
N GLY D 150 -57.97 33.77 -21.85
CA GLY D 150 -58.84 34.73 -21.18
C GLY D 150 -60.22 34.82 -21.80
N GLU D 151 -60.31 34.74 -23.12
CA GLU D 151 -61.58 34.89 -23.82
C GLU D 151 -61.68 33.90 -24.97
N HIS D 152 -62.81 33.19 -25.04
CA HIS D 152 -63.17 32.33 -26.16
C HIS D 152 -64.60 31.84 -25.93
N THR D 153 -65.24 31.43 -27.02
CA THR D 153 -66.61 30.92 -26.99
C THR D 153 -66.67 29.61 -27.75
N VAL D 154 -67.78 28.90 -27.57
CA VAL D 154 -67.97 27.59 -28.17
C VAL D 154 -69.22 27.58 -29.03
N THR D 155 -70.35 28.00 -28.45
CA THR D 155 -71.65 28.04 -29.13
C THR D 155 -72.02 26.66 -29.67
N VAL D 156 -72.13 25.71 -28.74
CA VAL D 156 -72.62 24.36 -29.07
C VAL D 156 -74.07 24.38 -29.50
N GLY D 157 -74.77 25.50 -29.27
CA GLY D 157 -76.18 25.64 -29.57
C GLY D 157 -76.66 26.99 -29.11
N GLY D 158 -77.80 27.03 -28.40
CA GLY D 158 -78.23 28.28 -27.79
C GLY D 158 -77.43 28.68 -26.57
N SER D 159 -76.56 27.81 -26.08
CA SER D 159 -75.73 28.06 -24.93
C SER D 159 -74.30 28.35 -25.35
N ARG D 160 -73.59 29.15 -24.55
CA ARG D 160 -72.21 29.50 -24.82
C ARG D 160 -71.35 29.22 -23.59
N PHE D 161 -70.07 28.94 -23.84
CA PHE D 161 -69.13 28.60 -22.80
C PHE D 161 -67.87 29.45 -22.94
N THR D 162 -67.29 29.81 -21.80
CA THR D 162 -66.01 30.50 -21.75
C THR D 162 -65.13 29.80 -20.71
N PHE D 163 -63.95 29.39 -21.12
CA PHE D 163 -62.98 28.75 -20.24
C PHE D 163 -61.92 29.77 -19.88
N GLY D 164 -61.86 30.14 -18.60
CA GLY D 164 -61.03 31.22 -18.14
C GLY D 164 -59.54 30.89 -18.12
N PRO D 165 -58.75 31.78 -17.52
CA PRO D 165 -57.30 31.58 -17.50
C PRO D 165 -56.90 30.38 -16.67
N ILE D 166 -55.76 29.79 -17.05
CA ILE D 166 -55.24 28.63 -16.34
C ILE D 166 -54.79 29.03 -14.94
N SER D 167 -54.86 28.06 -14.02
CA SER D 167 -54.48 28.34 -12.62
C SER D 167 -53.00 28.66 -12.50
N THR D 168 -52.14 27.91 -13.20
CA THR D 168 -50.70 28.13 -13.12
C THR D 168 -50.08 27.60 -14.40
N ALA D 169 -48.79 27.85 -14.56
CA ALA D 169 -48.04 27.43 -15.76
C ALA D 169 -46.74 26.75 -15.31
N TRP D 170 -46.83 25.45 -15.02
CA TRP D 170 -45.66 24.64 -14.74
C TRP D 170 -45.23 23.93 -16.02
N THR D 171 -44.78 24.74 -16.97
CA THR D 171 -44.42 24.24 -18.29
C THR D 171 -43.17 23.37 -18.20
N PRO D 172 -43.18 22.16 -18.79
CA PRO D 172 -41.94 21.38 -18.83
C PRO D 172 -40.83 22.08 -19.59
N PHE D 173 -41.16 22.87 -20.61
CA PHE D 173 -40.17 23.64 -21.34
C PHE D 173 -39.74 24.85 -20.52
N ASP D 174 -38.50 25.28 -20.74
CA ASP D 174 -37.95 26.41 -20.00
C ASP D 174 -36.73 26.94 -20.73
N ASN D 175 -36.59 28.27 -20.75
CA ASN D 175 -35.44 28.94 -21.31
C ASN D 175 -35.18 28.53 -22.76
N LYS D 176 -34.26 27.59 -22.96
CA LYS D 176 -33.86 27.17 -24.30
C LYS D 176 -33.92 25.65 -24.39
N ILE D 177 -34.30 25.16 -25.57
CA ILE D 177 -34.48 23.73 -25.82
C ILE D 177 -33.85 23.39 -27.17
N VAL D 178 -33.67 22.08 -27.40
CA VAL D 178 -33.11 21.55 -28.63
C VAL D 178 -34.08 20.52 -29.19
N VAL D 179 -34.35 20.62 -30.49
CA VAL D 179 -35.30 19.76 -31.18
C VAL D 179 -34.56 18.99 -32.26
N TYR D 180 -34.76 17.67 -32.31
CA TYR D 180 -34.06 16.84 -33.27
C TYR D 180 -34.83 15.54 -33.47
N LYS D 181 -35.49 15.42 -34.63
CA LYS D 181 -36.12 14.18 -35.10
C LYS D 181 -37.02 13.55 -34.03
N ASN D 182 -38.11 14.28 -33.73
CA ASN D 182 -39.20 13.79 -32.88
C ASN D 182 -38.76 13.66 -31.42
N ASP D 183 -37.98 14.63 -30.94
CA ASP D 183 -37.46 14.58 -29.59
C ASP D 183 -36.93 15.95 -29.20
N VAL D 184 -37.06 16.30 -27.92
CA VAL D 184 -36.58 17.56 -27.39
C VAL D 184 -35.76 17.29 -26.13
N TYR D 185 -34.91 18.25 -25.78
CA TYR D 185 -34.07 18.14 -24.60
C TYR D 185 -33.95 19.49 -23.93
N ASN D 186 -33.75 19.46 -22.62
CA ASN D 186 -33.51 20.68 -21.83
C ASN D 186 -32.00 20.89 -21.62
N LEU D 187 -31.29 21.02 -22.73
CA LEU D 187 -29.84 21.17 -22.72
C LEU D 187 -29.47 22.60 -23.07
N ASP D 188 -28.68 23.23 -22.20
CA ASP D 188 -28.23 24.60 -22.40
C ASP D 188 -27.12 24.59 -23.45
N PHE D 189 -27.40 25.18 -24.62
CA PHE D 189 -26.40 25.25 -25.68
C PHE D 189 -25.58 26.53 -25.54
N PRO D 190 -24.35 26.54 -26.08
CA PRO D 190 -23.55 27.76 -26.05
C PRO D 190 -24.18 28.83 -26.93
N PRO D 191 -23.99 30.10 -26.60
CA PRO D 191 -24.61 31.17 -27.39
C PRO D 191 -24.02 31.30 -28.78
N TYR D 192 -24.61 32.15 -29.61
CA TYR D 192 -24.17 32.33 -30.99
C TYR D 192 -22.80 32.97 -31.08
N GLY D 193 -22.28 33.54 -29.99
CA GLY D 193 -20.99 34.20 -30.06
C GLY D 193 -19.85 33.25 -30.40
N SER D 194 -19.80 32.10 -29.74
CA SER D 194 -18.74 31.13 -29.97
C SER D 194 -19.12 29.82 -29.30
N GLY D 195 -18.29 28.81 -29.52
CA GLY D 195 -18.49 27.50 -28.93
C GLY D 195 -17.18 26.76 -28.82
N GLN D 196 -17.10 25.87 -27.83
CA GLN D 196 -15.90 25.09 -27.63
C GLN D 196 -15.71 24.10 -28.78
N PRO D 197 -14.48 23.79 -29.16
CA PRO D 197 -14.25 22.90 -30.31
C PRO D 197 -14.58 21.44 -30.01
N GLY D 198 -15.86 21.09 -30.02
CA GLY D 198 -16.23 19.70 -29.89
C GLY D 198 -17.37 19.38 -28.94
N ARG D 199 -17.68 20.30 -28.03
CA ARG D 199 -18.75 20.03 -27.06
C ARG D 199 -20.12 19.89 -27.72
N PHE D 200 -20.63 20.96 -28.31
CA PHE D 200 -21.91 20.90 -29.01
C PHE D 200 -22.09 22.20 -29.77
N GLY D 201 -22.62 22.09 -30.98
CA GLY D 201 -22.71 23.27 -31.83
C GLY D 201 -21.35 23.83 -32.19
N ASP D 202 -20.38 22.96 -32.48
CA ASP D 202 -19.11 23.44 -33.03
C ASP D 202 -19.37 24.24 -34.30
N ILE D 203 -20.30 23.78 -35.13
CA ILE D 203 -20.91 24.64 -36.13
C ILE D 203 -22.18 25.24 -35.53
N GLN D 204 -22.25 26.57 -35.53
CA GLN D 204 -23.43 27.27 -35.03
C GLN D 204 -24.01 28.12 -36.17
N SER D 205 -24.06 27.52 -37.35
CA SER D 205 -24.60 28.21 -38.52
C SER D 205 -26.09 28.50 -38.33
N ARG D 206 -26.53 29.58 -38.96
CA ARG D 206 -27.91 30.02 -38.89
C ARG D 206 -28.78 29.19 -39.82
N THR D 207 -29.96 29.71 -40.16
CA THR D 207 -30.96 28.99 -40.94
C THR D 207 -30.39 28.41 -42.23
N VAL D 208 -31.13 27.48 -42.84
CA VAL D 208 -30.64 26.61 -43.91
C VAL D 208 -30.25 27.38 -45.16
N GLU D 209 -30.42 28.71 -45.14
CA GLU D 209 -29.99 29.53 -46.27
C GLU D 209 -28.48 29.51 -46.47
N SER D 210 -27.72 29.00 -45.51
CA SER D 210 -26.27 28.76 -45.66
C SER D 210 -25.51 30.06 -45.91
N LYS D 211 -25.60 30.97 -44.95
CA LYS D 211 -24.84 32.22 -44.97
C LYS D 211 -24.06 32.34 -43.67
N ASP D 212 -22.77 32.68 -43.79
CA ASP D 212 -21.87 32.90 -42.65
C ASP D 212 -21.81 31.64 -41.77
N LEU D 213 -21.25 30.59 -42.36
CA LEU D 213 -21.09 29.30 -41.68
C LEU D 213 -19.92 29.41 -40.71
N TYR D 214 -20.20 29.86 -39.49
CA TYR D 214 -19.18 29.94 -38.47
C TYR D 214 -18.73 28.54 -38.06
N ALA D 215 -17.43 28.39 -37.82
CA ALA D 215 -16.88 27.10 -37.40
C ALA D 215 -15.63 27.34 -36.57
N ASN D 216 -15.47 26.56 -35.52
CA ASN D 216 -14.32 26.65 -34.62
C ASN D 216 -13.79 25.25 -34.34
N THR D 217 -13.57 24.48 -35.40
CA THR D 217 -13.14 23.08 -35.26
C THR D 217 -11.63 22.93 -35.17
N ALA D 218 -10.87 24.03 -35.17
CA ALA D 218 -9.45 24.05 -34.82
C ALA D 218 -8.62 23.15 -35.75
N LEU D 219 -8.57 23.56 -37.01
CA LEU D 219 -7.65 22.92 -37.95
C LEU D 219 -6.20 23.23 -37.57
N LYS D 220 -5.31 22.34 -37.97
CA LYS D 220 -3.88 22.58 -37.84
C LYS D 220 -3.14 21.64 -38.78
N LEU D 221 -2.40 22.21 -39.73
CA LEU D 221 -1.66 21.44 -40.71
C LEU D 221 -0.33 20.98 -40.13
N SER D 222 0.40 20.18 -40.90
CA SER D 222 1.69 19.66 -40.48
C SER D 222 2.59 19.51 -41.70
N ARG D 223 3.89 19.47 -41.44
CA ARG D 223 4.86 19.32 -42.52
C ARG D 223 4.86 17.88 -43.03
N PRO D 224 4.69 17.65 -44.33
CA PRO D 224 4.73 16.28 -44.85
C PRO D 224 6.12 15.67 -44.72
N SER D 225 6.12 14.35 -44.52
CA SER D 225 7.38 13.62 -44.45
C SER D 225 8.00 13.47 -45.84
N SER D 226 9.22 12.96 -45.87
CA SER D 226 9.98 12.82 -47.11
C SER D 226 9.66 11.54 -47.87
N GLY D 227 8.83 10.66 -47.32
CA GLY D 227 8.50 9.41 -47.98
C GLY D 227 7.79 9.59 -49.31
N THR D 228 6.61 10.20 -49.27
CA THR D 228 5.83 10.45 -50.48
C THR D 228 5.03 11.73 -50.25
N VAL D 229 3.99 11.94 -51.07
CA VAL D 229 3.14 13.11 -50.93
C VAL D 229 2.21 12.91 -49.73
N HIS D 230 2.04 13.97 -48.94
CA HIS D 230 1.17 13.93 -47.77
C HIS D 230 0.37 15.21 -47.65
N VAL D 231 -0.79 15.11 -47.01
CA VAL D 231 -1.59 16.28 -46.62
C VAL D 231 -1.95 16.09 -45.15
N PRO D 232 -0.99 16.19 -44.23
CA PRO D 232 -1.30 15.91 -42.82
C PRO D 232 -2.00 17.08 -42.13
N TYR D 233 -2.99 16.75 -41.31
CA TYR D 233 -3.69 17.74 -40.53
C TYR D 233 -4.23 17.09 -39.27
N THR D 234 -4.56 17.93 -38.29
CA THR D 234 -5.15 17.49 -37.03
C THR D 234 -6.57 18.05 -36.95
N GLN D 235 -7.52 17.18 -36.62
CA GLN D 235 -8.93 17.56 -36.66
C GLN D 235 -9.68 16.78 -35.61
N THR D 236 -10.21 17.48 -34.61
CA THR D 236 -11.01 16.82 -33.59
C THR D 236 -12.33 16.33 -34.20
N PRO D 237 -12.87 15.21 -33.73
CA PRO D 237 -14.11 14.70 -34.30
C PRO D 237 -15.29 15.63 -33.99
N SER D 238 -16.31 15.53 -34.83
CA SER D 238 -17.46 16.41 -34.72
C SER D 238 -18.22 16.19 -33.41
N GLY D 239 -18.58 17.29 -32.76
CA GLY D 239 -19.36 17.22 -31.54
C GLY D 239 -20.79 16.78 -31.76
N PHE D 240 -21.32 16.97 -32.96
CA PHE D 240 -22.68 16.53 -33.26
C PHE D 240 -22.79 15.02 -33.12
N LYS D 241 -21.80 14.28 -33.64
CA LYS D 241 -21.81 12.83 -33.52
C LYS D 241 -21.72 12.38 -32.07
N TYR D 242 -20.86 13.03 -31.29
CA TYR D 242 -20.74 12.67 -29.88
C TYR D 242 -22.04 12.93 -29.13
N TRP D 243 -22.69 14.06 -29.41
CA TRP D 243 -23.94 14.38 -28.75
C TRP D 243 -25.03 13.38 -29.14
N ILE D 244 -25.05 12.96 -30.40
CA ILE D 244 -25.99 11.92 -30.83
C ILE D 244 -25.71 10.60 -30.12
N LYS D 245 -24.43 10.22 -30.04
CA LYS D 245 -24.08 8.95 -29.39
C LYS D 245 -24.47 8.95 -27.92
N GLU D 246 -24.22 10.05 -27.22
CA GLU D 246 -24.52 10.09 -25.79
C GLU D 246 -26.03 10.23 -25.54
N ARG D 247 -26.66 11.24 -26.15
CA ARG D 247 -28.09 11.51 -26.06
C ARG D 247 -28.70 11.12 -24.72
N GLY D 248 -29.61 10.14 -24.73
CA GLY D 248 -30.07 9.52 -23.50
C GLY D 248 -31.11 10.31 -22.72
N THR D 249 -32.09 9.60 -22.16
CA THR D 249 -33.06 10.14 -21.22
C THR D 249 -33.74 11.41 -21.76
N SER D 250 -34.46 11.22 -22.85
CA SER D 250 -35.16 12.31 -23.50
C SER D 250 -36.19 12.95 -22.56
N LEU D 251 -36.59 14.18 -22.89
CA LEU D 251 -37.54 14.91 -22.07
C LEU D 251 -38.89 14.22 -22.01
N ASN D 252 -39.21 13.35 -22.96
CA ASN D 252 -40.45 12.59 -22.90
C ASN D 252 -40.52 11.75 -21.62
N ASP D 253 -39.37 11.26 -21.14
CA ASP D 253 -39.30 10.52 -19.89
C ASP D 253 -38.80 11.40 -18.74
N LYS D 254 -39.02 12.71 -18.83
CA LYS D 254 -38.62 13.62 -17.77
C LYS D 254 -39.68 14.66 -17.45
N ALA D 255 -40.88 14.55 -17.99
CA ALA D 255 -41.94 15.51 -17.70
C ALA D 255 -42.35 15.40 -16.23
N PRO D 256 -42.34 16.49 -15.46
CA PRO D 256 -42.66 16.40 -14.03
C PRO D 256 -44.13 16.08 -13.74
N PHE D 257 -44.97 15.89 -14.77
CA PHE D 257 -46.35 15.50 -14.54
C PHE D 257 -46.79 14.44 -15.54
N GLY D 258 -45.85 13.64 -16.06
CA GLY D 258 -46.17 12.59 -17.00
C GLY D 258 -46.83 13.11 -18.26
N CYS D 259 -46.24 14.16 -18.85
CA CYS D 259 -46.89 14.93 -19.90
C CYS D 259 -46.24 14.52 -21.23
N VAL D 260 -46.93 13.64 -21.96
CA VAL D 260 -46.40 13.14 -23.22
C VAL D 260 -46.22 14.30 -24.19
N ILE D 261 -45.06 14.33 -24.86
CA ILE D 261 -44.65 15.44 -25.70
C ILE D 261 -44.63 14.98 -27.15
N LYS D 262 -45.19 15.79 -28.03
CA LYS D 262 -45.09 15.60 -29.47
C LYS D 262 -44.14 16.66 -30.04
N THR D 263 -43.98 16.65 -31.36
CA THR D 263 -42.96 17.46 -31.99
C THR D 263 -43.42 18.28 -33.19
N ASN D 264 -44.64 18.07 -33.70
CA ASN D 264 -44.97 18.76 -34.95
C ASN D 264 -45.08 20.25 -34.69
N PRO D 265 -46.06 20.78 -33.90
CA PRO D 265 -45.88 22.15 -33.41
C PRO D 265 -45.19 22.18 -32.05
N VAL D 266 -44.18 21.31 -31.85
CA VAL D 266 -43.48 21.16 -30.59
C VAL D 266 -44.46 21.25 -29.42
N ARG D 267 -45.35 20.29 -29.29
CA ARG D 267 -46.43 20.37 -28.32
C ARG D 267 -46.30 19.28 -27.26
N ALA D 268 -46.93 19.51 -26.11
CA ALA D 268 -46.98 18.55 -25.03
C ALA D 268 -48.43 18.25 -24.68
N GLU D 269 -48.79 16.97 -24.64
CA GLU D 269 -50.19 16.59 -24.55
C GLU D 269 -50.46 15.71 -23.32
N ASN D 270 -51.71 15.79 -22.84
CA ASN D 270 -52.26 14.84 -21.87
C ASN D 270 -51.51 14.88 -20.54
N CYS D 271 -51.45 16.05 -19.91
CA CYS D 271 -50.90 16.20 -18.59
C CYS D 271 -51.78 17.09 -17.72
N ALA D 272 -51.86 16.72 -16.44
CA ALA D 272 -52.76 17.37 -15.48
C ALA D 272 -51.99 18.30 -14.56
N VAL D 273 -52.45 19.54 -14.46
CA VAL D 273 -51.92 20.50 -13.49
C VAL D 273 -52.95 21.59 -13.29
N GLY D 274 -53.13 22.01 -12.04
CA GLY D 274 -54.08 23.06 -11.74
C GLY D 274 -55.52 22.65 -12.03
N ASN D 275 -56.34 23.67 -12.27
CA ASN D 275 -57.74 23.47 -12.64
C ASN D 275 -58.17 24.60 -13.55
N ILE D 276 -59.25 24.36 -14.29
CA ILE D 276 -59.74 25.33 -15.25
C ILE D 276 -61.10 25.88 -14.81
N PRO D 277 -61.29 27.19 -14.86
CA PRO D 277 -62.62 27.75 -14.61
C PRO D 277 -63.48 27.75 -15.87
N VAL D 278 -64.78 27.89 -15.66
CA VAL D 278 -65.74 27.91 -16.76
C VAL D 278 -66.90 28.81 -16.38
N SER D 279 -67.41 29.53 -17.37
CA SER D 279 -68.61 30.35 -17.23
C SER D 279 -69.49 30.08 -18.43
N MET D 280 -70.70 29.59 -18.19
CA MET D 280 -71.60 29.21 -19.26
C MET D 280 -72.92 29.98 -19.15
N ASP D 281 -73.49 30.29 -20.32
CA ASP D 281 -74.79 30.93 -20.45
C ASP D 281 -75.72 29.97 -21.17
N ILE D 282 -76.86 29.68 -20.55
CA ILE D 282 -77.80 28.68 -21.03
C ILE D 282 -79.10 29.38 -21.42
N PRO D 283 -79.64 29.13 -22.61
CA PRO D 283 -80.91 29.76 -22.98
C PRO D 283 -82.08 29.17 -22.21
N ASP D 284 -83.13 29.97 -22.07
CA ASP D 284 -84.32 29.56 -21.33
C ASP D 284 -85.12 28.47 -22.03
N SER D 285 -84.84 28.21 -23.32
CA SER D 285 -85.58 27.23 -24.09
C SER D 285 -84.99 25.83 -24.03
N ALA D 286 -83.94 25.62 -23.24
CA ALA D 286 -83.25 24.34 -23.18
C ALA D 286 -83.77 23.44 -22.07
N PHE D 287 -84.83 23.83 -21.37
CA PHE D 287 -85.32 23.04 -20.24
C PHE D 287 -86.80 23.33 -20.02
N THR D 288 -87.46 22.41 -19.34
CA THR D 288 -88.88 22.50 -19.03
C THR D 288 -89.11 23.27 -17.73
N ARG D 289 -90.37 23.67 -17.53
CA ARG D 289 -90.76 24.39 -16.33
C ARG D 289 -91.00 23.41 -15.18
N VAL D 290 -91.36 23.97 -14.02
CA VAL D 290 -91.56 23.18 -12.81
C VAL D 290 -92.82 22.31 -12.88
N ILE D 291 -93.65 22.49 -13.90
CA ILE D 291 -94.93 21.80 -13.99
C ILE D 291 -94.71 20.35 -14.42
N ASP D 292 -93.46 19.96 -14.63
CA ASP D 292 -93.12 18.63 -15.09
C ASP D 292 -92.30 17.91 -14.02
N ALA D 293 -92.65 16.64 -13.79
CA ALA D 293 -91.95 15.71 -12.90
C ALA D 293 -91.80 16.26 -11.48
N PRO D 294 -92.89 16.44 -10.74
CA PRO D 294 -92.78 16.75 -9.30
C PRO D 294 -92.65 15.47 -8.50
N ALA D 295 -91.50 15.29 -7.86
CA ALA D 295 -91.19 14.04 -7.16
C ALA D 295 -90.59 14.33 -5.79
N VAL D 296 -91.21 15.23 -5.03
CA VAL D 296 -90.65 15.59 -3.73
C VAL D 296 -91.17 14.67 -2.62
N THR D 297 -92.46 14.74 -2.31
CA THR D 297 -93.08 14.00 -1.20
C THR D 297 -92.14 13.93 0.01
N ASN D 298 -92.04 12.75 0.61
CA ASN D 298 -90.99 12.44 1.56
C ASN D 298 -89.91 11.60 0.88
N LEU D 299 -88.77 11.46 1.55
CA LEU D 299 -87.66 10.79 0.90
C LEU D 299 -86.69 10.26 1.95
N GLU D 300 -86.23 9.02 1.76
CA GLU D 300 -85.25 8.40 2.63
C GLU D 300 -84.29 7.58 1.77
N CYS D 301 -83.09 7.36 2.30
CA CYS D 301 -82.03 6.67 1.57
C CYS D 301 -81.49 5.49 2.38
N GLN D 302 -80.98 4.50 1.66
CA GLN D 302 -80.30 3.35 2.25
C GLN D 302 -79.10 3.01 1.40
N VAL D 303 -78.11 2.37 2.04
CA VAL D 303 -76.87 1.99 1.38
C VAL D 303 -76.67 0.48 1.56
N ALA D 304 -76.46 -0.22 0.45
CA ALA D 304 -76.23 -1.67 0.53
C ALA D 304 -74.76 -1.98 0.80
N VAL D 305 -73.88 -1.62 -0.12
CA VAL D 305 -72.44 -1.84 0.02
C VAL D 305 -71.71 -0.56 -0.38
N CYS D 306 -70.49 -0.40 0.15
CA CYS D 306 -69.67 0.75 -0.17
C CYS D 306 -68.21 0.32 -0.37
N THR D 307 -68.01 -0.74 -1.14
CA THR D 307 -66.64 -1.18 -1.45
C THR D 307 -66.01 -0.09 -2.31
N HIS D 308 -65.23 0.78 -1.68
CA HIS D 308 -64.96 2.11 -2.18
C HIS D 308 -63.57 2.22 -2.80
N SER D 309 -63.32 3.39 -3.40
CA SER D 309 -62.03 3.91 -3.85
C SER D 309 -61.51 3.32 -5.15
N SER D 310 -62.23 2.42 -5.82
CA SER D 310 -61.67 1.75 -7.00
C SER D 310 -62.33 2.22 -8.28
N ASP D 311 -63.60 1.89 -8.51
CA ASP D 311 -64.38 2.51 -9.58
C ASP D 311 -65.67 3.12 -9.07
N PHE D 312 -66.56 2.28 -8.52
CA PHE D 312 -67.83 2.69 -7.94
C PHE D 312 -68.29 1.54 -7.05
N GLY D 313 -68.38 1.78 -5.74
CA GLY D 313 -68.80 0.72 -4.85
C GLY D 313 -69.97 1.10 -3.97
N GLY D 314 -70.34 2.38 -4.03
CA GLY D 314 -71.43 2.90 -3.23
C GLY D 314 -72.79 2.61 -3.81
N ILE D 315 -73.29 1.40 -3.60
CA ILE D 315 -74.61 1.01 -4.09
C ILE D 315 -75.65 1.54 -3.10
N ALA D 316 -76.41 2.55 -3.52
CA ALA D 316 -77.40 3.18 -2.66
C ALA D 316 -78.79 3.01 -3.26
N THR D 317 -79.79 2.92 -2.38
CA THR D 317 -81.18 2.79 -2.79
C THR D 317 -81.97 3.99 -2.27
N LEU D 318 -82.81 4.56 -3.14
CA LEU D 318 -83.64 5.71 -2.81
C LEU D 318 -85.10 5.32 -2.95
N THR D 319 -85.90 5.67 -1.96
CA THR D 319 -87.33 5.37 -1.95
C THR D 319 -88.12 6.65 -1.68
N PHE D 320 -89.23 6.80 -2.39
CA PHE D 320 -90.04 8.02 -2.31
C PHE D 320 -91.34 7.87 -3.08
N LYS D 321 -92.39 8.55 -2.62
CA LYS D 321 -93.60 8.67 -3.42
C LYS D 321 -93.42 9.77 -4.46
N THR D 322 -94.21 9.67 -5.54
CA THR D 322 -94.06 10.61 -6.65
C THR D 322 -95.32 10.56 -7.51
N ASP D 323 -95.41 11.54 -8.41
CA ASP D 323 -96.47 11.62 -9.40
C ASP D 323 -96.01 10.92 -10.68
N LYS D 324 -96.71 11.17 -11.79
CA LYS D 324 -96.49 10.55 -13.10
C LYS D 324 -95.01 10.42 -13.46
N PRO D 325 -94.62 9.37 -14.17
CA PRO D 325 -93.19 9.13 -14.42
C PRO D 325 -92.60 10.19 -15.33
N GLY D 326 -91.29 10.37 -15.20
CA GLY D 326 -90.59 11.35 -16.00
C GLY D 326 -89.13 11.43 -15.60
N LYS D 327 -88.41 12.33 -16.25
CA LYS D 327 -87.00 12.51 -15.97
C LYS D 327 -86.78 13.20 -14.64
N CYS D 328 -85.55 13.08 -14.14
CA CYS D 328 -85.18 13.61 -12.83
C CYS D 328 -83.67 13.67 -12.72
N ALA D 329 -83.12 14.87 -12.55
CA ALA D 329 -81.69 15.01 -12.39
C ALA D 329 -81.28 14.73 -10.95
N VAL D 330 -80.08 14.17 -10.79
CA VAL D 330 -79.53 13.86 -9.48
C VAL D 330 -78.06 14.22 -9.47
N HIS D 331 -77.58 14.62 -8.30
CA HIS D 331 -76.17 14.97 -8.12
C HIS D 331 -75.87 14.88 -6.63
N SER D 332 -74.66 15.28 -6.26
CA SER D 332 -74.26 15.39 -4.87
C SER D 332 -73.86 16.82 -4.57
N HIS D 333 -74.39 17.36 -3.46
CA HIS D 333 -74.07 18.74 -3.10
C HIS D 333 -72.65 18.85 -2.55
N SER D 334 -72.36 18.10 -1.50
CA SER D 334 -71.00 18.07 -0.97
C SER D 334 -70.09 17.28 -1.91
N ASN D 335 -68.79 17.58 -1.84
CA ASN D 335 -67.79 16.96 -2.68
C ASN D 335 -67.08 15.79 -2.01
N VAL D 336 -67.58 15.35 -0.85
CA VAL D 336 -66.97 14.20 -0.18
C VAL D 336 -67.11 12.95 -1.05
N ALA D 337 -68.29 12.73 -1.61
CA ALA D 337 -68.54 11.60 -2.49
C ALA D 337 -69.24 12.08 -3.76
N THR D 338 -68.97 11.39 -4.86
CA THR D 338 -69.52 11.78 -6.16
C THR D 338 -70.19 10.58 -6.82
N ILE D 339 -71.25 10.85 -7.56
CA ILE D 339 -72.02 9.82 -8.22
C ILE D 339 -71.63 9.77 -9.70
N GLN D 340 -72.11 8.73 -10.39
CA GLN D 340 -71.83 8.55 -11.82
C GLN D 340 -73.02 8.91 -12.70
N GLU D 341 -74.20 8.38 -12.38
CA GLU D 341 -75.33 8.49 -13.29
C GLU D 341 -75.87 9.92 -13.33
N ALA D 342 -76.18 10.39 -14.54
CA ALA D 342 -76.83 11.67 -14.74
C ALA D 342 -78.32 11.53 -14.48
N ALA D 343 -79.10 12.50 -14.95
CA ALA D 343 -80.56 12.47 -14.79
C ALA D 343 -81.12 11.09 -15.12
N VAL D 344 -81.96 10.57 -14.22
CA VAL D 344 -82.47 9.21 -14.31
C VAL D 344 -83.99 9.24 -14.17
N ASP D 345 -84.66 8.38 -14.93
CA ASP D 345 -86.12 8.33 -14.91
C ASP D 345 -86.62 7.72 -13.60
N ILE D 346 -87.91 7.91 -13.34
CA ILE D 346 -88.58 7.42 -12.14
C ILE D 346 -89.82 6.65 -12.56
N LYS D 347 -90.02 5.47 -11.98
CA LYS D 347 -91.23 4.70 -12.16
C LYS D 347 -92.17 4.88 -10.97
N THR D 348 -93.42 4.46 -11.16
CA THR D 348 -94.45 4.67 -10.15
C THR D 348 -94.16 3.88 -8.87
N ASP D 349 -93.29 2.88 -8.91
CA ASP D 349 -92.95 2.14 -7.70
C ASP D 349 -92.27 3.04 -6.68
N GLY D 350 -91.37 3.90 -7.13
CA GLY D 350 -90.70 4.84 -6.26
C GLY D 350 -89.36 4.41 -5.72
N LYS D 351 -88.79 3.32 -6.23
CA LYS D 351 -87.50 2.81 -5.79
C LYS D 351 -86.50 2.94 -6.93
N ILE D 352 -85.36 3.58 -6.65
CA ILE D 352 -84.30 3.77 -7.64
C ILE D 352 -82.97 3.41 -7.00
N THR D 353 -81.98 3.17 -7.85
CA THR D 353 -80.65 2.75 -7.44
C THR D 353 -79.61 3.73 -7.96
N LEU D 354 -78.62 4.04 -7.14
CA LEU D 354 -77.55 4.96 -7.49
C LEU D 354 -76.19 4.32 -7.16
N HIS D 355 -75.19 4.69 -7.95
CA HIS D 355 -73.82 4.22 -7.77
C HIS D 355 -72.94 5.43 -7.50
N PHE D 356 -72.52 5.60 -6.25
CA PHE D 356 -71.60 6.67 -5.86
C PHE D 356 -70.24 6.08 -5.52
N SER D 357 -69.29 6.97 -5.27
CA SER D 357 -67.93 6.59 -4.91
C SER D 357 -67.33 7.67 -4.03
N THR D 358 -66.37 7.27 -3.21
CA THR D 358 -65.74 8.20 -2.27
C THR D 358 -64.35 7.67 -1.92
N ALA D 359 -63.61 8.50 -1.19
CA ALA D 359 -62.28 8.15 -0.72
C ALA D 359 -62.21 8.00 0.80
N SER D 360 -63.25 8.43 1.51
CA SER D 360 -63.27 8.33 2.97
C SER D 360 -63.92 7.02 3.39
N ALA D 361 -64.11 6.85 4.71
CA ALA D 361 -64.76 5.66 5.25
C ALA D 361 -66.10 5.94 5.89
N SER D 362 -66.42 7.20 6.18
CA SER D 362 -67.72 7.60 6.74
C SER D 362 -68.26 8.77 5.94
N PRO D 363 -68.73 8.53 4.72
CA PRO D 363 -69.26 9.63 3.90
C PRO D 363 -70.54 10.20 4.48
N ALA D 364 -70.72 11.50 4.31
CA ALA D 364 -71.91 12.20 4.77
C ALA D 364 -72.45 13.10 3.66
N PHE D 365 -72.53 12.56 2.45
CA PHE D 365 -72.99 13.32 1.30
C PHE D 365 -74.48 13.60 1.41
N LYS D 366 -74.95 14.55 0.60
CA LYS D 366 -76.34 14.96 0.56
C LYS D 366 -76.84 14.80 -0.88
N VAL D 367 -77.35 13.61 -1.20
CA VAL D 367 -77.90 13.36 -2.52
C VAL D 367 -79.17 14.18 -2.69
N SER D 368 -79.27 14.88 -3.82
CA SER D 368 -80.41 15.73 -4.12
C SER D 368 -81.13 15.18 -5.34
N VAL D 369 -82.41 14.90 -5.17
CA VAL D 369 -83.27 14.51 -6.27
C VAL D 369 -83.77 15.79 -6.94
N CYS D 370 -84.28 15.66 -8.17
CA CYS D 370 -84.40 16.81 -9.07
C CYS D 370 -85.20 17.96 -8.47
N SER D 371 -85.88 17.72 -7.35
CA SER D 371 -86.52 18.81 -6.61
C SER D 371 -86.27 18.78 -5.12
N ALA D 372 -85.93 17.64 -4.51
CA ALA D 372 -85.75 17.54 -3.07
C ALA D 372 -84.28 17.25 -2.73
N LYS D 373 -84.01 17.10 -1.43
CA LYS D 373 -82.68 16.76 -0.94
C LYS D 373 -82.80 16.26 0.49
N THR D 374 -82.02 15.22 0.83
CA THR D 374 -82.01 14.66 2.17
C THR D 374 -80.58 14.28 2.54
N THR D 375 -80.35 14.18 3.85
CA THR D 375 -79.06 13.70 4.35
C THR D 375 -78.94 12.19 4.13
N CYS D 376 -77.73 11.74 3.84
CA CYS D 376 -77.50 10.33 3.52
C CYS D 376 -76.09 9.95 3.95
N MET D 377 -75.99 9.19 5.03
CA MET D 377 -74.72 8.70 5.54
C MET D 377 -74.65 7.19 5.42
N ALA D 378 -73.42 6.66 5.31
CA ALA D 378 -73.21 5.25 5.07
C ALA D 378 -72.15 4.71 6.02
N ALA D 379 -72.22 3.39 6.24
CA ALA D 379 -71.19 2.67 7.01
C ALA D 379 -70.24 2.04 6.00
N CYS D 380 -69.29 2.85 5.54
CA CYS D 380 -68.43 2.49 4.42
C CYS D 380 -67.09 1.93 4.92
N GLU D 381 -67.17 0.71 5.43
CA GLU D 381 -65.98 0.05 5.98
C GLU D 381 -65.06 -0.59 4.94
N PRO D 382 -65.54 -1.42 4.00
CA PRO D 382 -64.63 -2.35 3.31
C PRO D 382 -63.62 -1.63 2.45
N PRO D 383 -62.32 -1.74 2.77
CA PRO D 383 -61.29 -1.19 1.89
C PRO D 383 -60.86 -2.18 0.82
N LYS D 384 -61.04 -1.81 -0.45
CA LYS D 384 -60.61 -2.68 -1.53
C LYS D 384 -59.09 -2.86 -1.48
N ASP D 385 -58.63 -4.10 -1.67
CA ASP D 385 -57.24 -4.47 -1.42
C ASP D 385 -56.66 -5.17 -2.65
N HIS D 386 -56.20 -4.36 -3.60
CA HIS D 386 -55.47 -4.80 -4.79
C HIS D 386 -54.65 -3.60 -5.27
N ILE D 387 -54.14 -3.66 -6.49
CA ILE D 387 -53.57 -2.51 -7.18
C ILE D 387 -54.29 -2.35 -8.51
N VAL D 388 -54.79 -1.15 -8.78
CA VAL D 388 -55.72 -0.92 -9.88
C VAL D 388 -54.96 -0.59 -11.16
N PRO D 389 -55.36 -1.15 -12.30
CA PRO D 389 -54.74 -0.80 -13.58
C PRO D 389 -55.38 0.36 -14.32
N TYR D 390 -56.26 1.13 -13.68
CA TYR D 390 -56.90 2.25 -14.37
C TYR D 390 -56.98 3.48 -13.48
N GLY D 391 -57.72 4.50 -13.92
CA GLY D 391 -57.72 5.78 -13.27
C GLY D 391 -58.61 5.86 -12.05
N ALA D 392 -58.57 7.02 -11.39
CA ALA D 392 -59.39 7.31 -10.24
C ALA D 392 -60.65 8.05 -10.67
N SER D 393 -61.68 7.99 -9.81
CA SER D 393 -62.97 8.57 -10.12
C SER D 393 -63.55 9.34 -8.94
N HIS D 394 -62.68 9.93 -8.12
CA HIS D 394 -63.14 10.66 -6.94
C HIS D 394 -62.08 11.68 -6.55
N ASN D 395 -62.48 12.64 -5.73
CA ASN D 395 -61.54 13.58 -5.16
C ASN D 395 -60.64 12.88 -4.14
N ASN D 396 -59.43 13.42 -3.98
CA ASN D 396 -58.46 12.84 -3.07
C ASN D 396 -58.65 13.28 -1.62
N GLN D 397 -59.64 14.11 -1.34
CA GLN D 397 -59.89 14.57 0.02
C GLN D 397 -60.51 13.44 0.83
N VAL D 398 -59.81 13.00 1.88
CA VAL D 398 -60.27 11.93 2.74
C VAL D 398 -60.27 12.42 4.19
N PHE D 399 -61.42 12.33 4.84
CA PHE D 399 -61.59 12.76 6.22
C PHE D 399 -62.90 12.22 6.79
N PRO D 400 -62.87 11.58 7.94
CA PRO D 400 -64.11 11.05 8.52
C PRO D 400 -65.02 12.20 8.99
N ASP D 401 -66.32 11.95 8.91
CA ASP D 401 -67.30 12.96 9.27
C ASP D 401 -67.14 13.36 10.73
N MET D 402 -67.32 14.66 11.01
CA MET D 402 -67.16 15.15 12.37
C MET D 402 -68.15 14.50 13.32
N SER D 403 -69.41 14.38 12.90
CA SER D 403 -70.36 13.58 13.67
C SER D 403 -70.14 12.10 13.42
N GLY D 404 -70.36 11.66 12.17
CA GLY D 404 -70.03 10.32 11.73
C GLY D 404 -70.56 9.17 12.57
N THR D 405 -69.95 7.99 12.40
CA THR D 405 -70.27 6.83 13.21
C THR D 405 -69.04 6.04 13.64
N ALA D 406 -67.85 6.43 13.21
CA ALA D 406 -66.62 5.70 13.53
C ALA D 406 -65.92 6.27 14.76
N MET D 407 -65.59 7.56 14.72
CA MET D 407 -64.80 8.21 15.77
C MET D 407 -65.66 8.96 16.79
N THR D 408 -66.95 8.63 16.87
CA THR D 408 -67.82 9.28 17.85
C THR D 408 -67.31 9.05 19.28
N TRP D 409 -66.95 7.80 19.59
CA TRP D 409 -66.52 7.49 20.95
C TRP D 409 -65.19 8.16 21.30
N VAL D 410 -64.30 8.35 20.31
CA VAL D 410 -63.07 9.08 20.57
C VAL D 410 -63.38 10.52 20.94
N GLN D 411 -64.27 11.16 20.19
CA GLN D 411 -64.65 12.53 20.49
C GLN D 411 -65.29 12.62 21.86
N ARG D 412 -66.14 11.64 22.22
CA ARG D 412 -66.81 11.73 23.52
C ARG D 412 -65.86 11.45 24.68
N VAL D 413 -64.86 10.57 24.50
CA VAL D 413 -63.91 10.35 25.58
C VAL D 413 -63.00 11.57 25.73
N ALA D 414 -62.63 12.22 24.63
CA ALA D 414 -61.88 13.47 24.74
C ALA D 414 -62.71 14.55 25.44
N GLY D 415 -64.00 14.62 25.11
CA GLY D 415 -64.87 15.57 25.78
C GLY D 415 -65.01 15.28 27.26
N GLY D 416 -65.04 14.00 27.63
CA GLY D 416 -65.07 13.65 29.05
C GLY D 416 -63.80 14.02 29.78
N PHE D 417 -62.64 13.75 29.16
CA PHE D 417 -61.38 14.14 29.78
C PHE D 417 -61.28 15.65 29.93
N GLY D 418 -61.83 16.41 28.98
CA GLY D 418 -61.94 17.85 29.15
C GLY D 418 -62.92 18.24 30.25
N GLY D 419 -64.02 17.48 30.36
CA GLY D 419 -65.03 17.78 31.38
C GLY D 419 -64.53 17.58 32.79
N LEU D 420 -63.65 16.60 33.01
CA LEU D 420 -63.03 16.48 34.33
C LEU D 420 -62.26 17.76 34.70
N THR D 421 -61.49 18.30 33.75
CA THR D 421 -60.78 19.55 34.01
C THR D 421 -61.75 20.71 34.22
N LEU D 422 -62.84 20.74 33.46
CA LEU D 422 -63.84 21.79 33.64
C LEU D 422 -64.48 21.73 35.02
N ALA D 423 -64.80 20.52 35.48
CA ALA D 423 -65.36 20.36 36.82
C ALA D 423 -64.35 20.74 37.90
N ALA D 424 -63.08 20.40 37.68
CA ALA D 424 -62.04 20.82 38.62
C ALA D 424 -61.94 22.34 38.69
N VAL D 425 -62.01 23.00 37.52
CA VAL D 425 -61.99 24.46 37.50
C VAL D 425 -63.19 25.03 38.24
N ALA D 426 -64.37 24.46 38.01
CA ALA D 426 -65.58 24.95 38.66
C ALA D 426 -65.51 24.79 40.17
N VAL D 427 -65.05 23.63 40.65
CA VAL D 427 -64.96 23.43 42.09
C VAL D 427 -63.88 24.31 42.70
N LEU D 428 -62.79 24.56 41.97
CA LEU D 428 -61.78 25.50 42.44
C LEU D 428 -62.36 26.90 42.59
N ILE D 429 -63.15 27.34 41.59
CA ILE D 429 -63.78 28.66 41.68
C ILE D 429 -64.72 28.71 42.87
N LEU D 430 -65.52 27.67 43.07
CA LEU D 430 -66.43 27.64 44.21
C LEU D 430 -65.67 27.73 45.53
N VAL D 431 -64.59 26.96 45.66
CA VAL D 431 -63.83 26.95 46.90
C VAL D 431 -63.18 28.30 47.15
N THR D 432 -62.60 28.92 46.11
CA THR D 432 -61.93 30.19 46.32
C THR D 432 -62.93 31.31 46.62
N CYS D 433 -64.11 31.26 46.01
CA CYS D 433 -65.15 32.23 46.35
C CYS D 433 -65.64 32.05 47.77
N VAL D 434 -65.78 30.80 48.22
CA VAL D 434 -66.21 30.55 49.60
C VAL D 434 -65.16 31.05 50.59
N THR D 435 -63.88 30.76 50.33
CA THR D 435 -62.83 31.12 51.28
C THR D 435 -62.40 32.58 51.18
N MET D 436 -62.77 33.29 50.12
CA MET D 436 -62.41 34.71 50.03
C MET D 436 -63.12 35.52 51.11
N ARG D 437 -64.43 35.35 51.23
CA ARG D 437 -65.26 36.03 52.24
C ARG D 437 -64.92 37.51 52.40
N SER E 1 -32.46 5.66 -73.08
CA SER E 1 -33.02 6.52 -72.04
C SER E 1 -32.47 6.14 -70.66
N VAL E 2 -32.49 4.84 -70.36
CA VAL E 2 -31.98 4.38 -69.07
C VAL E 2 -30.47 4.56 -69.00
N THR E 3 -29.76 4.28 -70.09
CA THR E 3 -28.32 4.38 -70.14
C THR E 3 -27.82 5.73 -70.65
N LYS E 4 -28.72 6.69 -70.90
CA LYS E 4 -28.32 7.95 -71.50
C LYS E 4 -27.56 8.84 -70.52
N HIS E 5 -27.81 8.69 -69.21
CA HIS E 5 -27.19 9.56 -68.23
C HIS E 5 -25.83 9.07 -67.76
N PHE E 6 -25.32 7.98 -68.32
CA PHE E 6 -23.95 7.55 -68.04
C PHE E 6 -22.91 8.26 -68.91
N ASN E 7 -23.35 9.20 -69.76
CA ASN E 7 -22.40 9.96 -70.57
C ASN E 7 -21.41 10.73 -69.70
N VAL E 8 -21.81 11.12 -68.50
CA VAL E 8 -20.89 11.79 -67.57
C VAL E 8 -19.68 10.93 -67.27
N TYR E 9 -19.78 9.61 -67.46
CA TYR E 9 -18.65 8.71 -67.27
C TYR E 9 -17.79 8.53 -68.51
N LYS E 10 -17.83 9.49 -69.45
CA LYS E 10 -16.77 9.56 -70.45
C LYS E 10 -15.42 9.80 -69.79
N ALA E 11 -15.42 10.45 -68.61
CA ALA E 11 -14.22 10.61 -67.81
C ALA E 11 -13.80 9.25 -67.24
N THR E 12 -12.69 8.72 -67.73
CA THR E 12 -12.20 7.41 -67.29
C THR E 12 -10.76 7.59 -66.81
N LYS E 13 -10.08 6.47 -66.56
CA LYS E 13 -8.69 6.41 -66.10
C LYS E 13 -8.57 7.10 -64.75
N PRO E 14 -9.08 6.51 -63.68
CA PRO E 14 -8.85 7.04 -62.34
C PRO E 14 -7.42 6.77 -61.87
N TYR E 15 -7.13 7.28 -60.68
CA TYR E 15 -5.77 7.24 -60.16
C TYR E 15 -5.46 5.87 -59.55
N LEU E 16 -4.18 5.70 -59.20
CA LEU E 16 -3.67 4.54 -58.49
C LEU E 16 -2.82 5.13 -57.37
N ALA E 17 -3.45 5.43 -56.24
CA ALA E 17 -2.90 6.31 -55.23
C ALA E 17 -2.27 5.52 -54.08
N TYR E 18 -1.91 6.23 -53.01
CA TYR E 18 -1.21 5.65 -51.87
C TYR E 18 -2.22 5.27 -50.79
N CYS E 19 -2.12 4.03 -50.32
CA CYS E 19 -2.95 3.51 -49.24
C CYS E 19 -2.04 2.83 -48.22
N ALA E 20 -2.46 2.82 -46.95
CA ALA E 20 -1.52 2.66 -45.85
C ALA E 20 -0.95 1.25 -45.77
N ASP E 21 -1.79 0.25 -45.53
CA ASP E 21 -1.33 -1.11 -45.29
C ASP E 21 -1.71 -1.99 -46.45
N CYS E 22 -0.71 -2.61 -47.05
CA CYS E 22 -0.85 -3.43 -48.23
C CYS E 22 -1.51 -4.78 -47.95
N GLY E 23 -1.78 -5.10 -46.70
CA GLY E 23 -2.31 -6.39 -46.34
C GLY E 23 -1.21 -7.37 -46.05
N ASP E 24 -0.78 -8.09 -47.10
CA ASP E 24 0.47 -8.84 -47.03
C ASP E 24 1.64 -7.92 -46.72
N GLY E 25 1.79 -6.85 -47.51
CA GLY E 25 2.95 -6.00 -47.40
C GLY E 25 2.81 -4.93 -46.34
N GLN E 26 3.74 -3.99 -46.36
CA GLN E 26 3.76 -2.83 -45.49
C GLN E 26 3.26 -1.58 -46.21
N PHE E 27 3.81 -1.26 -47.37
CA PHE E 27 3.28 -0.23 -48.26
C PHE E 27 3.26 -0.71 -49.70
N CYS E 28 2.25 -0.28 -50.44
CA CYS E 28 2.05 -0.66 -51.83
C CYS E 28 1.27 0.44 -52.54
N TYR E 29 1.41 0.48 -53.86
CA TYR E 29 0.56 1.31 -54.70
C TYR E 29 -0.49 0.41 -55.35
N SER E 30 -1.76 0.72 -55.13
CA SER E 30 -2.83 -0.19 -55.49
C SER E 30 -3.90 0.53 -56.30
N PRO E 31 -4.49 -0.15 -57.29
CA PRO E 31 -5.59 0.46 -58.05
C PRO E 31 -6.80 0.78 -57.20
N VAL E 32 -7.07 -0.01 -56.17
CA VAL E 32 -8.15 0.26 -55.23
C VAL E 32 -7.59 1.02 -54.04
N ALA E 33 -8.27 2.08 -53.63
CA ALA E 33 -7.82 2.93 -52.54
C ALA E 33 -9.03 3.43 -51.77
N ILE E 34 -8.91 3.42 -50.44
CA ILE E 34 -10.01 3.86 -49.58
C ILE E 34 -9.90 5.36 -49.36
N GLU E 35 -11.01 6.05 -49.55
CA GLU E 35 -11.12 7.49 -49.39
C GLU E 35 -12.12 7.77 -48.26
N LYS E 36 -12.56 9.02 -48.15
CA LYS E 36 -13.53 9.40 -47.12
C LYS E 36 -14.73 8.47 -47.11
N ILE E 37 -15.31 8.30 -45.92
CA ILE E 37 -16.43 7.38 -45.71
C ILE E 37 -17.59 8.17 -45.14
N ARG E 38 -18.77 8.00 -45.73
CA ARG E 38 -19.99 8.63 -45.24
C ARG E 38 -20.80 7.64 -44.43
N ASP E 39 -21.23 8.07 -43.24
CA ASP E 39 -22.07 7.24 -42.39
C ASP E 39 -23.04 8.16 -41.65
N GLU E 40 -24.24 8.32 -42.23
CA GLU E 40 -25.31 9.05 -41.59
C GLU E 40 -26.65 8.33 -41.63
N ALA E 41 -26.76 7.22 -42.34
CA ALA E 41 -27.99 6.45 -42.32
C ALA E 41 -28.19 5.79 -40.96
N SER E 42 -29.45 5.70 -40.55
CA SER E 42 -29.80 5.25 -39.21
C SER E 42 -30.07 3.75 -39.11
N ASP E 43 -29.85 3.01 -40.19
CA ASP E 43 -30.01 1.55 -40.18
C ASP E 43 -28.72 0.86 -40.56
N GLY E 44 -27.58 1.42 -40.15
CA GLY E 44 -26.30 0.75 -40.32
C GLY E 44 -25.75 0.73 -41.72
N MET E 45 -26.19 1.63 -42.59
CA MET E 45 -25.63 1.69 -43.93
C MET E 45 -24.26 2.36 -43.92
N ILE E 46 -23.49 2.11 -44.97
CA ILE E 46 -22.17 2.70 -45.14
C ILE E 46 -22.04 3.22 -46.56
N LYS E 47 -21.10 4.15 -46.75
CA LYS E 47 -20.81 4.71 -48.06
C LYS E 47 -19.29 4.75 -48.23
N ILE E 48 -18.77 3.91 -49.12
CA ILE E 48 -17.34 3.77 -49.34
C ILE E 48 -17.00 4.39 -50.68
N GLN E 49 -15.93 5.19 -50.73
CA GLN E 49 -15.49 5.83 -51.96
C GLN E 49 -14.25 5.11 -52.47
N VAL E 50 -14.31 4.64 -53.71
CA VAL E 50 -13.23 3.89 -54.34
C VAL E 50 -12.90 4.53 -55.67
N ALA E 51 -11.60 4.69 -55.95
CA ALA E 51 -11.17 5.36 -57.17
C ALA E 51 -11.64 4.61 -58.42
N ALA E 52 -11.52 3.28 -58.42
CA ALA E 52 -11.88 2.48 -59.58
C ALA E 52 -13.39 2.41 -59.72
N GLN E 53 -13.93 3.08 -60.73
CA GLN E 53 -15.36 3.01 -61.02
C GLN E 53 -15.72 1.60 -61.50
N ILE E 54 -16.98 1.23 -61.28
CA ILE E 54 -17.47 -0.09 -61.64
C ILE E 54 -18.54 0.07 -62.71
N GLY E 55 -18.86 -1.05 -63.37
CA GLY E 55 -19.85 -1.03 -64.44
C GLY E 55 -19.43 -0.27 -65.67
N ILE E 56 -18.18 -0.42 -66.10
CA ILE E 56 -17.64 0.28 -67.27
C ILE E 56 -17.25 -0.73 -68.33
N ASN E 57 -17.62 -0.45 -69.57
CA ASN E 57 -17.25 -1.24 -70.74
C ASN E 57 -16.62 -0.34 -71.80
N LYS E 58 -15.69 0.51 -71.38
CA LYS E 58 -15.12 1.56 -72.21
C LYS E 58 -16.22 2.50 -72.73
N GLY E 59 -17.29 2.63 -71.97
CA GLY E 59 -18.41 3.47 -72.36
C GLY E 59 -19.53 3.31 -71.36
N GLY E 60 -20.49 4.22 -71.45
CA GLY E 60 -21.63 4.22 -70.55
C GLY E 60 -22.47 2.96 -70.64
N THR E 61 -22.67 2.29 -69.51
CA THR E 61 -23.42 1.05 -69.45
C THR E 61 -23.65 0.68 -68.00
N HIS E 62 -24.62 -0.19 -67.76
CA HIS E 62 -24.88 -0.77 -66.45
C HIS E 62 -25.01 -2.27 -66.58
N GLU E 63 -24.35 -3.00 -65.68
CA GLU E 63 -24.29 -4.45 -65.73
C GLU E 63 -23.88 -4.98 -64.36
N HIS E 64 -23.57 -6.27 -64.29
CA HIS E 64 -23.24 -6.89 -63.02
C HIS E 64 -22.07 -7.87 -63.09
N ASN E 65 -21.37 -7.96 -64.23
CA ASN E 65 -20.30 -8.94 -64.38
C ASN E 65 -19.09 -8.35 -65.12
N LYS E 66 -18.70 -7.13 -64.77
CA LYS E 66 -17.60 -6.49 -65.46
C LYS E 66 -16.99 -5.41 -64.58
N ILE E 67 -15.69 -5.50 -64.34
CA ILE E 67 -14.92 -4.45 -63.68
C ILE E 67 -13.60 -4.27 -64.40
N ARG E 68 -13.20 -3.02 -64.62
CA ARG E 68 -11.96 -2.68 -65.32
C ARG E 68 -11.08 -1.89 -64.35
N TYR E 69 -10.17 -2.60 -63.68
CA TYR E 69 -9.21 -1.92 -62.83
C TYR E 69 -8.07 -1.36 -63.69
N ILE E 70 -7.29 -0.45 -63.10
CA ILE E 70 -6.24 0.24 -63.82
C ILE E 70 -4.94 0.07 -63.05
N ALA E 71 -3.93 -0.50 -63.72
CA ALA E 71 -2.60 -0.69 -63.16
C ALA E 71 -1.60 -0.16 -64.18
N GLY E 72 -0.93 0.94 -63.85
CA GLY E 72 -0.01 1.58 -64.77
C GLY E 72 -0.67 2.69 -65.56
N HIS E 73 -0.24 2.88 -66.81
CA HIS E 73 -0.80 3.89 -67.68
C HIS E 73 -1.68 3.26 -68.76
N ASP E 74 -2.42 2.21 -68.40
CA ASP E 74 -3.33 1.55 -69.33
C ASP E 74 -4.44 0.87 -68.55
N MET E 75 -5.53 0.57 -69.26
CA MET E 75 -6.67 -0.08 -68.65
C MET E 75 -6.42 -1.59 -68.54
N LYS E 76 -7.21 -2.24 -67.69
CA LYS E 76 -7.12 -3.68 -67.48
C LYS E 76 -8.52 -4.23 -67.29
N GLU E 77 -8.63 -5.47 -66.82
CA GLU E 77 -9.91 -6.16 -66.79
C GLU E 77 -9.95 -7.14 -65.62
N ALA E 78 -11.12 -7.29 -65.03
CA ALA E 78 -11.35 -8.25 -63.95
C ALA E 78 -12.84 -8.57 -63.92
N ASN E 79 -13.29 -9.22 -62.84
CA ASN E 79 -14.68 -9.63 -62.68
C ASN E 79 -15.26 -9.07 -61.39
N ARG E 80 -16.53 -8.62 -61.47
CA ARG E 80 -17.15 -7.95 -60.34
C ARG E 80 -17.48 -8.92 -59.21
N ASP E 81 -17.88 -10.15 -59.56
CA ASP E 81 -18.30 -11.10 -58.52
C ASP E 81 -17.17 -11.42 -57.56
N SER E 82 -15.92 -11.28 -57.99
CA SER E 82 -14.77 -11.51 -57.13
C SER E 82 -14.51 -10.36 -56.16
N LEU E 83 -15.15 -9.21 -56.36
CA LEU E 83 -14.97 -8.09 -55.45
C LEU E 83 -15.54 -8.43 -54.08
N GLN E 84 -14.73 -8.26 -53.03
CA GLN E 84 -15.14 -8.58 -51.67
C GLN E 84 -14.75 -7.45 -50.73
N VAL E 85 -15.69 -7.08 -49.86
CA VAL E 85 -15.44 -6.18 -48.75
C VAL E 85 -15.85 -6.89 -47.47
N HIS E 86 -14.99 -6.84 -46.45
CA HIS E 86 -15.29 -7.57 -45.23
C HIS E 86 -14.51 -6.96 -44.07
N THR E 87 -15.23 -6.54 -43.03
CA THR E 87 -14.65 -6.22 -41.73
C THR E 87 -14.43 -7.52 -40.97
N SER E 88 -14.24 -7.43 -39.65
CA SER E 88 -14.19 -8.60 -38.78
C SER E 88 -15.22 -9.65 -39.19
N GLY E 89 -16.45 -9.21 -39.49
CA GLY E 89 -17.45 -10.04 -40.10
C GLY E 89 -17.62 -9.73 -41.58
N VAL E 90 -18.41 -10.57 -42.24
CA VAL E 90 -18.61 -10.41 -43.69
C VAL E 90 -19.43 -9.17 -43.96
N CYS E 91 -18.92 -8.31 -44.84
CA CYS E 91 -19.51 -7.01 -45.13
C CYS E 91 -20.23 -7.15 -46.48
N ALA E 92 -21.53 -7.39 -46.44
CA ALA E 92 -22.28 -7.83 -47.62
C ALA E 92 -22.82 -6.65 -48.41
N ILE E 93 -22.71 -6.74 -49.73
CA ILE E 93 -23.03 -5.64 -50.65
C ILE E 93 -24.46 -5.81 -51.14
N ARG E 94 -25.25 -4.75 -51.03
CA ARG E 94 -26.63 -4.75 -51.52
C ARG E 94 -26.74 -4.38 -53.00
N GLY E 95 -25.73 -3.72 -53.56
CA GLY E 95 -25.80 -3.27 -54.94
C GLY E 95 -25.12 -1.93 -55.12
N THR E 96 -24.22 -1.83 -56.10
CA THR E 96 -23.35 -0.68 -56.23
C THR E 96 -23.23 -0.28 -57.69
N MET E 97 -22.89 1.00 -57.89
CA MET E 97 -22.61 1.51 -59.23
C MET E 97 -21.65 2.69 -59.09
N GLY E 98 -20.87 2.94 -60.14
CA GLY E 98 -19.95 4.06 -60.16
C GLY E 98 -18.75 3.88 -59.25
N HIS E 99 -18.37 4.95 -58.56
CA HIS E 99 -17.20 4.96 -57.70
C HIS E 99 -17.51 4.56 -56.26
N PHE E 100 -18.78 4.38 -55.91
CA PHE E 100 -19.22 4.31 -54.53
C PHE E 100 -19.85 2.97 -54.21
N ILE E 101 -19.73 2.57 -52.94
CA ILE E 101 -20.13 1.25 -52.47
C ILE E 101 -21.03 1.41 -51.24
N VAL E 102 -22.05 0.55 -51.15
CA VAL E 102 -22.93 0.49 -49.99
C VAL E 102 -23.05 -0.97 -49.56
N ALA E 103 -23.33 -1.17 -48.27
CA ALA E 103 -23.28 -2.53 -47.72
C ALA E 103 -23.94 -2.67 -46.35
N TYR E 104 -24.71 -3.74 -46.16
CA TYR E 104 -25.01 -4.20 -44.81
C TYR E 104 -23.71 -4.72 -44.19
N CYS E 105 -23.45 -4.35 -42.94
CA CYS E 105 -22.10 -4.72 -42.54
C CYS E 105 -21.97 -4.74 -41.03
N PRO E 106 -21.46 -5.83 -40.45
CA PRO E 106 -21.43 -5.98 -39.00
C PRO E 106 -20.41 -5.06 -38.36
N PRO E 107 -20.52 -4.79 -37.06
CA PRO E 107 -19.54 -3.93 -36.39
C PRO E 107 -18.15 -4.56 -36.40
N GLY E 108 -17.14 -3.68 -36.41
CA GLY E 108 -15.77 -4.14 -36.40
C GLY E 108 -14.83 -2.97 -36.17
N GLY E 109 -13.54 -3.29 -36.09
CA GLY E 109 -12.52 -2.29 -35.83
C GLY E 109 -11.65 -1.91 -37.02
N GLU E 110 -11.98 -2.37 -38.23
CA GLU E 110 -11.19 -2.05 -39.41
C GLU E 110 -12.03 -2.36 -40.64
N LEU E 111 -11.58 -1.87 -41.79
CA LEU E 111 -12.29 -2.08 -43.04
C LEU E 111 -11.31 -2.58 -44.09
N LYS E 112 -11.81 -3.47 -44.97
CA LYS E 112 -10.99 -4.05 -46.02
C LYS E 112 -11.84 -4.27 -47.26
N VAL E 113 -11.32 -3.87 -48.41
CA VAL E 113 -11.96 -4.09 -49.70
C VAL E 113 -10.97 -4.80 -50.60
N GLN E 114 -11.37 -5.94 -51.16
CA GLN E 114 -10.50 -6.76 -51.99
C GLN E 114 -11.23 -7.22 -53.23
N PHE E 115 -10.46 -7.46 -54.30
CA PHE E 115 -11.03 -7.95 -55.54
C PHE E 115 -9.93 -8.60 -56.36
N GLN E 116 -10.28 -9.67 -57.06
CA GLN E 116 -9.32 -10.41 -57.88
C GLN E 116 -9.03 -9.64 -59.16
N ASP E 117 -7.74 -9.47 -59.47
CA ASP E 117 -7.35 -8.82 -60.71
C ASP E 117 -7.39 -9.82 -61.86
N ALA E 118 -6.82 -9.45 -63.01
CA ALA E 118 -6.94 -10.27 -64.20
C ALA E 118 -6.30 -11.64 -64.02
N GLU E 119 -5.11 -11.70 -63.42
CA GLU E 119 -4.45 -12.99 -63.25
C GLU E 119 -3.75 -13.08 -61.90
N SER E 120 -3.99 -14.21 -61.21
CA SER E 120 -3.13 -14.74 -60.15
C SER E 120 -2.64 -13.67 -59.17
N HIS E 121 -3.54 -12.81 -58.72
CA HIS E 121 -3.19 -11.84 -57.69
C HIS E 121 -4.45 -11.37 -56.97
N THR E 122 -4.35 -11.21 -55.66
CA THR E 122 -5.43 -10.70 -54.82
C THR E 122 -5.03 -9.38 -54.18
N GLN E 123 -4.46 -8.48 -54.98
CA GLN E 123 -3.98 -7.21 -54.46
C GLN E 123 -5.13 -6.38 -53.90
N ALA E 124 -4.88 -5.77 -52.74
CA ALA E 124 -5.85 -4.94 -52.03
C ALA E 124 -5.13 -4.31 -50.85
N CYS E 125 -5.87 -3.48 -50.11
CA CYS E 125 -5.31 -2.89 -48.89
C CYS E 125 -6.44 -2.47 -47.96
N LYS E 126 -6.08 -2.33 -46.68
CA LYS E 126 -7.04 -2.11 -45.62
C LYS E 126 -7.15 -0.62 -45.29
N VAL E 127 -7.94 -0.32 -44.26
CA VAL E 127 -8.10 1.05 -43.78
C VAL E 127 -8.64 1.00 -42.36
N GLN E 128 -8.21 1.96 -41.54
CA GLN E 128 -8.66 2.07 -40.16
C GLN E 128 -9.93 2.91 -40.10
N TYR E 129 -10.98 2.34 -39.53
CA TYR E 129 -12.28 3.02 -39.43
C TYR E 129 -13.14 2.27 -38.45
N LYS E 130 -13.88 3.01 -37.63
CA LYS E 130 -14.74 2.43 -36.62
C LYS E 130 -16.19 2.44 -37.09
N HIS E 131 -16.89 1.34 -36.81
CA HIS E 131 -18.29 1.16 -37.23
C HIS E 131 -19.06 0.62 -36.04
N ALA E 132 -19.72 1.52 -35.31
CA ALA E 132 -20.51 1.17 -34.12
C ALA E 132 -21.90 1.74 -34.29
N PRO E 133 -22.78 1.03 -35.01
CA PRO E 133 -24.11 1.57 -35.29
C PRO E 133 -24.95 1.70 -34.01
N ALA E 134 -25.84 2.68 -34.03
CA ALA E 134 -26.82 2.89 -32.95
C ALA E 134 -28.19 2.48 -33.48
N PRO E 135 -28.64 1.25 -33.19
CA PRO E 135 -29.92 0.79 -33.74
C PRO E 135 -31.09 1.64 -33.25
N VAL E 136 -32.06 1.84 -34.13
CA VAL E 136 -33.25 2.60 -33.77
C VAL E 136 -34.14 1.76 -32.86
N GLY E 137 -34.75 2.42 -31.88
CA GLY E 137 -35.57 1.73 -30.91
C GLY E 137 -34.82 1.40 -29.64
N ARG E 138 -35.51 0.72 -28.73
CA ARG E 138 -34.95 0.34 -27.44
C ARG E 138 -34.48 -1.11 -27.39
N GLU E 139 -34.52 -1.82 -28.51
CA GLU E 139 -34.04 -3.20 -28.58
C GLU E 139 -32.90 -3.28 -29.59
N LYS E 140 -31.79 -3.88 -29.17
CA LYS E 140 -30.62 -4.04 -30.02
C LYS E 140 -30.66 -5.43 -30.66
N PHE E 141 -30.47 -5.47 -31.98
CA PHE E 141 -30.62 -6.72 -32.73
C PHE E 141 -29.73 -6.66 -33.95
N THR E 142 -29.66 -7.80 -34.65
CA THR E 142 -28.90 -7.91 -35.89
C THR E 142 -29.69 -8.53 -37.04
N VAL E 143 -30.89 -9.04 -36.79
CA VAL E 143 -31.70 -9.67 -37.82
C VAL E 143 -33.11 -9.11 -37.75
N ARG E 144 -33.72 -8.90 -38.92
CA ARG E 144 -35.08 -8.37 -38.99
C ARG E 144 -36.04 -9.27 -38.22
N PRO E 145 -36.99 -8.70 -37.49
CA PRO E 145 -37.89 -9.53 -36.67
C PRO E 145 -38.85 -10.34 -37.54
N HIS E 146 -39.27 -11.48 -37.00
CA HIS E 146 -40.37 -12.21 -37.61
C HIS E 146 -41.70 -11.55 -37.26
N PHE E 147 -41.83 -11.03 -36.05
CA PHE E 147 -42.93 -10.17 -35.64
C PHE E 147 -42.34 -8.91 -35.01
N GLY E 148 -42.93 -7.76 -35.33
CA GLY E 148 -42.41 -6.51 -34.81
C GLY E 148 -43.29 -5.34 -35.20
N ILE E 149 -42.77 -4.15 -34.92
CA ILE E 149 -43.49 -2.89 -35.12
C ILE E 149 -42.70 -2.05 -36.11
N GLU E 150 -43.35 -1.01 -36.63
CA GLU E 150 -42.75 -0.14 -37.65
C GLU E 150 -42.37 1.19 -37.02
N VAL E 151 -41.09 1.53 -37.08
CA VAL E 151 -40.60 2.87 -36.72
C VAL E 151 -39.59 3.31 -37.78
N PRO E 152 -39.84 4.41 -38.47
CA PRO E 152 -39.07 4.70 -39.70
C PRO E 152 -37.59 5.00 -39.42
N CYS E 153 -36.74 4.68 -40.40
CA CYS E 153 -35.35 5.13 -40.36
C CYS E 153 -34.91 5.55 -41.75
N THR E 154 -33.76 6.24 -41.79
CA THR E 154 -33.23 6.80 -43.02
C THR E 154 -32.23 5.83 -43.64
N THR E 155 -32.24 5.74 -44.97
CA THR E 155 -31.39 4.81 -45.69
C THR E 155 -31.21 5.30 -47.11
N TYR E 156 -30.23 4.71 -47.81
CA TYR E 156 -29.92 5.09 -49.19
C TYR E 156 -30.63 4.10 -50.11
N GLN E 157 -31.74 4.56 -50.72
CA GLN E 157 -32.45 3.72 -51.67
C GLN E 157 -31.66 3.60 -52.97
N LEU E 158 -31.99 2.56 -53.74
CA LEU E 158 -31.24 2.21 -54.95
C LEU E 158 -31.88 2.88 -56.15
N THR E 159 -31.16 3.82 -56.75
CA THR E 159 -31.58 4.50 -57.97
C THR E 159 -30.38 5.21 -58.56
N THR E 160 -30.53 5.67 -59.80
CA THR E 160 -29.51 6.45 -60.51
C THR E 160 -30.18 7.75 -60.96
N ALA E 161 -30.15 8.75 -60.09
CA ALA E 161 -30.82 10.02 -60.32
C ALA E 161 -29.87 11.18 -60.00
N PRO E 162 -30.08 12.34 -60.61
CA PRO E 162 -29.24 13.50 -60.29
C PRO E 162 -29.44 13.97 -58.87
N THR E 163 -28.43 14.68 -58.34
CA THR E 163 -28.43 15.10 -56.95
C THR E 163 -27.90 16.54 -56.86
N GLU E 164 -27.71 16.99 -55.62
CA GLU E 164 -27.29 18.37 -55.40
C GLU E 164 -25.77 18.48 -55.24
N GLU E 165 -25.21 17.81 -54.23
CA GLU E 165 -23.78 17.95 -53.96
C GLU E 165 -22.96 17.20 -55.00
N GLU E 166 -21.64 17.35 -54.92
CA GLU E 166 -20.81 17.02 -56.06
C GLU E 166 -19.38 16.70 -55.62
N ILE E 167 -18.68 15.94 -56.47
CA ILE E 167 -17.25 15.71 -56.33
C ILE E 167 -16.54 16.51 -57.43
N ASP E 168 -15.21 16.55 -57.34
CA ASP E 168 -14.41 17.47 -58.13
C ASP E 168 -13.63 16.74 -59.22
N MET E 169 -13.70 17.28 -60.44
CA MET E 169 -12.96 16.78 -61.59
C MET E 169 -11.91 17.81 -62.00
N HIS E 170 -10.81 17.34 -62.59
CA HIS E 170 -9.74 18.22 -63.03
C HIS E 170 -8.83 17.47 -64.00
N THR E 171 -8.00 18.21 -64.72
CA THR E 171 -6.99 17.59 -65.57
C THR E 171 -6.02 16.80 -64.71
N PRO E 172 -5.59 15.61 -65.16
CA PRO E 172 -4.59 14.86 -64.41
C PRO E 172 -3.23 15.55 -64.49
N PRO E 173 -2.36 15.35 -63.50
CA PRO E 173 -0.99 15.84 -63.61
C PRO E 173 -0.15 14.98 -64.54
N ASP E 174 1.13 15.28 -64.66
CA ASP E 174 2.04 14.53 -65.53
C ASP E 174 2.81 13.48 -64.73
N ILE E 175 2.34 12.24 -64.80
CA ILE E 175 2.99 11.12 -64.13
C ILE E 175 4.33 10.84 -64.81
N PRO E 176 5.35 10.42 -64.08
CA PRO E 176 6.64 10.10 -64.70
C PRO E 176 6.75 8.60 -65.03
N ASP E 177 7.81 8.28 -65.76
CA ASP E 177 8.07 6.90 -66.15
C ASP E 177 9.55 6.80 -66.50
N ILE E 178 10.27 5.93 -65.80
CA ILE E 178 11.71 5.77 -66.05
C ILE E 178 12.03 4.66 -67.02
N THR E 179 11.04 3.86 -67.44
CA THR E 179 11.29 2.79 -68.39
C THR E 179 11.49 3.29 -69.82
N LEU E 180 11.23 4.56 -70.08
CA LEU E 180 11.43 5.15 -71.40
C LEU E 180 12.85 5.68 -71.60
N LEU E 181 13.81 5.18 -70.82
CA LEU E 181 15.19 5.62 -70.86
C LEU E 181 16.11 4.49 -71.32
N SER E 182 15.71 3.78 -72.36
CA SER E 182 16.50 2.66 -72.88
C SER E 182 17.78 3.19 -73.52
N GLN E 183 18.91 2.84 -72.94
CA GLN E 183 20.22 3.19 -73.48
C GLN E 183 20.85 1.94 -74.09
N ARG E 184 21.31 2.04 -75.33
CA ARG E 184 21.80 0.90 -76.08
C ARG E 184 23.28 0.96 -76.39
N SER E 185 23.78 2.11 -76.87
CA SER E 185 25.17 2.28 -77.27
C SER E 185 25.74 3.57 -76.70
N GLY E 186 25.52 3.78 -75.40
CA GLY E 186 25.89 5.06 -74.82
C GLY E 186 25.05 6.22 -75.29
N ASN E 187 23.88 5.95 -75.84
CA ASN E 187 22.99 6.97 -76.38
C ASN E 187 21.64 6.86 -75.70
N VAL E 188 21.06 8.01 -75.37
CA VAL E 188 19.79 8.06 -74.66
C VAL E 188 18.67 8.18 -75.69
N LYS E 189 17.78 7.18 -75.73
CA LYS E 189 16.71 7.13 -76.70
C LYS E 189 15.36 7.18 -76.00
N ILE E 190 14.38 7.76 -76.68
CA ILE E 190 13.01 7.82 -76.20
C ILE E 190 12.17 6.89 -77.06
N THR E 191 11.45 5.97 -76.42
CA THR E 191 10.65 4.99 -77.13
C THR E 191 9.33 5.62 -77.56
N ALA E 192 8.42 4.78 -78.06
CA ALA E 192 7.13 5.27 -78.55
C ALA E 192 5.99 4.64 -77.77
N GLY E 193 4.75 4.85 -78.23
CA GLY E 193 3.58 4.32 -77.55
C GLY E 193 2.97 5.30 -76.57
N GLY E 194 3.72 5.65 -75.53
CA GLY E 194 3.21 6.61 -74.56
C GLY E 194 3.02 7.99 -75.15
N LYS E 195 3.97 8.44 -75.97
CA LYS E 195 3.99 9.69 -76.75
C LYS E 195 3.86 10.94 -75.87
N THR E 196 4.17 12.09 -76.46
CA THR E 196 4.13 13.41 -75.83
C THR E 196 4.60 13.38 -74.37
N ILE E 197 5.83 12.91 -74.19
CA ILE E 197 6.48 12.91 -72.89
C ILE E 197 7.22 14.24 -72.72
N ARG E 198 6.93 14.93 -71.62
CA ARG E 198 7.64 16.18 -71.33
C ARG E 198 9.11 15.91 -71.08
N TYR E 199 9.95 16.86 -71.51
CA TYR E 199 11.39 16.69 -71.46
C TYR E 199 12.05 17.90 -70.80
N ASN E 200 13.10 17.65 -70.04
CA ASN E 200 13.89 18.68 -69.38
C ASN E 200 15.21 18.08 -68.91
N CYS E 201 16.32 18.74 -69.21
CA CYS E 201 17.62 18.20 -68.88
C CYS E 201 18.64 19.33 -68.70
N THR E 202 19.68 19.03 -67.93
CA THR E 202 20.90 19.85 -67.91
C THR E 202 21.98 19.27 -68.81
N CYS E 203 21.63 18.25 -69.61
CA CYS E 203 22.61 17.56 -70.45
C CYS E 203 23.17 18.49 -71.52
N GLY E 204 22.39 19.46 -71.97
CA GLY E 204 22.84 20.38 -73.00
C GLY E 204 21.65 21.08 -73.64
N SER E 205 21.88 21.57 -74.84
CA SER E 205 20.81 22.21 -75.60
C SER E 205 19.80 21.18 -76.09
N GLY E 206 18.57 21.62 -76.28
CA GLY E 206 17.51 20.75 -76.73
C GLY E 206 16.52 20.38 -75.65
N ASN E 207 16.21 21.33 -74.78
CA ASN E 207 15.24 21.14 -73.71
C ASN E 207 13.95 21.85 -74.12
N VAL E 208 13.05 21.12 -74.79
CA VAL E 208 11.84 21.72 -75.32
C VAL E 208 10.58 20.96 -74.94
N GLY E 209 10.66 19.73 -74.46
CA GLY E 209 9.45 18.96 -74.18
C GLY E 209 8.83 18.39 -75.43
N THR E 210 9.52 17.43 -76.04
CA THR E 210 9.07 16.86 -77.31
C THR E 210 7.68 16.26 -77.18
N THR E 211 6.89 16.43 -78.25
CA THR E 211 5.49 15.99 -78.27
C THR E 211 5.33 14.92 -79.34
N SER E 212 5.11 13.68 -78.91
CA SER E 212 4.80 12.56 -79.81
C SER E 212 5.87 12.36 -80.87
N SER E 213 7.12 12.53 -80.49
CA SER E 213 8.25 12.36 -81.41
C SER E 213 9.28 11.43 -80.79
N ASP E 214 9.92 10.61 -81.63
CA ASP E 214 10.96 9.72 -81.18
C ASP E 214 12.30 10.45 -81.14
N LYS E 215 12.35 11.57 -80.44
CA LYS E 215 13.57 12.37 -80.36
C LYS E 215 14.63 11.64 -79.54
N THR E 216 15.89 11.83 -79.93
CA THR E 216 17.01 11.15 -79.31
C THR E 216 18.10 12.17 -79.02
N ILE E 217 18.43 12.33 -77.74
CA ILE E 217 19.56 13.15 -77.32
C ILE E 217 20.80 12.26 -77.25
N ASN E 218 21.89 12.73 -77.85
CA ASN E 218 23.08 11.91 -78.05
C ASN E 218 24.17 12.24 -77.05
N SER E 219 25.01 11.24 -76.78
CA SER E 219 26.15 11.38 -75.87
C SER E 219 25.72 11.86 -74.49
N CYS E 220 24.66 11.26 -73.96
CA CYS E 220 24.10 11.65 -72.67
C CYS E 220 23.96 10.43 -71.76
N LYS E 221 23.53 10.69 -70.53
CA LYS E 221 23.38 9.66 -69.52
C LYS E 221 21.95 9.69 -68.96
N ILE E 222 21.55 8.53 -68.41
CA ILE E 222 20.20 8.39 -67.87
C ILE E 222 20.02 9.26 -66.62
N ALA E 223 21.07 9.38 -65.81
CA ALA E 223 20.96 10.05 -64.53
C ALA E 223 20.56 11.51 -64.64
N GLN E 224 20.74 12.12 -65.81
CA GLN E 224 20.41 13.52 -66.03
C GLN E 224 19.04 13.72 -66.67
N CYS E 225 18.27 12.66 -66.89
CA CYS E 225 16.98 12.75 -67.54
C CYS E 225 15.88 12.41 -66.54
N HIS E 226 14.82 13.23 -66.55
CA HIS E 226 13.70 13.11 -65.62
C HIS E 226 12.38 13.29 -66.35
N ALA E 227 12.24 12.63 -67.49
CA ALA E 227 11.08 12.82 -68.34
C ALA E 227 9.81 12.30 -67.68
N ALA E 228 8.70 12.98 -67.98
CA ALA E 228 7.38 12.60 -67.47
C ALA E 228 6.37 12.71 -68.60
N VAL E 229 5.38 11.82 -68.59
CA VAL E 229 4.41 11.68 -69.66
C VAL E 229 3.11 12.37 -69.27
N THR E 230 2.46 12.99 -70.26
CA THR E 230 1.16 13.64 -70.07
C THR E 230 0.28 13.33 -71.27
N ASN E 231 -1.03 13.42 -71.06
CA ASN E 231 -1.95 13.11 -72.15
C ASN E 231 -2.95 14.22 -72.46
N HIS E 232 -3.49 14.88 -71.43
CA HIS E 232 -4.53 15.90 -71.60
C HIS E 232 -5.75 15.36 -72.33
N ASP E 233 -6.03 14.07 -72.16
CA ASP E 233 -7.12 13.41 -72.89
C ASP E 233 -8.41 13.36 -72.08
N LYS E 234 -8.37 12.74 -70.90
CA LYS E 234 -9.55 12.59 -70.07
C LYS E 234 -9.28 13.09 -68.66
N TRP E 235 -10.24 13.84 -68.12
CA TRP E 235 -10.09 14.40 -66.78
C TRP E 235 -10.45 13.35 -65.73
N GLN E 236 -10.19 13.71 -64.48
CA GLN E 236 -10.02 12.72 -63.43
C GLN E 236 -10.36 13.34 -62.08
N TYR E 237 -10.70 12.48 -61.13
CA TYR E 237 -11.10 12.94 -59.80
C TYR E 237 -9.92 13.61 -59.08
N THR E 238 -10.23 14.62 -58.28
CA THR E 238 -9.23 15.34 -57.51
C THR E 238 -9.19 14.76 -56.10
N SER E 239 -8.16 13.99 -55.81
CA SER E 239 -7.96 13.41 -54.49
C SER E 239 -6.89 14.19 -53.75
N SER E 240 -6.54 13.72 -52.55
CA SER E 240 -5.47 14.32 -51.75
C SER E 240 -4.17 13.54 -51.88
N PHE E 241 -4.04 12.72 -52.92
CA PHE E 241 -2.87 11.87 -53.11
C PHE E 241 -2.11 12.15 -54.39
N VAL E 242 -2.59 13.04 -55.25
CA VAL E 242 -1.92 13.37 -56.50
C VAL E 242 -1.74 14.88 -56.58
N PRO E 243 -0.73 15.38 -57.30
CA PRO E 243 -0.53 16.83 -57.37
C PRO E 243 -1.54 17.54 -58.26
N ARG E 244 -1.40 18.85 -58.39
CA ARG E 244 -2.35 19.66 -59.15
C ARG E 244 -1.67 20.95 -59.59
N ALA E 245 -2.06 21.44 -60.77
CA ALA E 245 -1.56 22.70 -61.30
C ALA E 245 -2.51 23.84 -60.93
N ASP E 246 -1.94 25.02 -60.68
CA ASP E 246 -2.73 26.18 -60.25
C ASP E 246 -3.57 26.69 -61.42
N GLN E 247 -4.89 26.63 -61.25
CA GLN E 247 -5.85 27.06 -62.27
C GLN E 247 -7.21 27.00 -61.59
N LEU E 248 -8.25 27.48 -62.29
CA LEU E 248 -9.61 27.41 -61.77
C LEU E 248 -10.03 25.97 -61.47
N SER E 249 -9.26 24.98 -61.90
CA SER E 249 -9.46 23.55 -61.70
C SER E 249 -10.59 22.99 -62.55
N ARG E 250 -11.39 23.84 -63.20
CA ARG E 250 -12.46 23.44 -64.11
C ARG E 250 -13.26 22.29 -63.51
N LYS E 251 -14.03 22.66 -62.47
CA LYS E 251 -14.74 21.69 -61.65
C LYS E 251 -15.78 20.95 -62.48
N GLY E 252 -15.54 19.68 -62.77
CA GLY E 252 -16.52 18.87 -63.47
C GLY E 252 -17.44 18.14 -62.50
N LYS E 253 -18.69 17.94 -62.91
CA LYS E 253 -19.73 17.45 -62.02
C LYS E 253 -20.20 16.07 -62.45
N VAL E 254 -20.11 15.10 -61.54
CA VAL E 254 -20.70 13.77 -61.70
C VAL E 254 -21.52 13.49 -60.45
N HIS E 255 -22.84 13.38 -60.61
CA HIS E 255 -23.74 13.32 -59.47
C HIS E 255 -23.46 12.11 -58.58
N VAL E 256 -23.47 12.34 -57.27
CA VAL E 256 -23.34 11.25 -56.30
C VAL E 256 -24.65 10.47 -56.24
N PRO E 257 -24.62 9.17 -56.48
CA PRO E 257 -25.85 8.37 -56.43
C PRO E 257 -26.17 7.98 -55.00
N PHE E 258 -27.28 7.24 -54.85
CA PHE E 258 -27.74 6.71 -53.57
C PHE E 258 -27.95 7.83 -52.56
N PRO E 259 -28.92 8.72 -52.75
CA PRO E 259 -29.18 9.77 -51.77
C PRO E 259 -29.93 9.19 -50.57
N LEU E 260 -30.15 10.05 -49.57
CA LEU E 260 -30.70 9.62 -48.30
C LEU E 260 -32.20 9.88 -48.26
N THR E 261 -32.98 8.85 -47.94
CA THR E 261 -34.44 8.93 -47.95
C THR E 261 -35.00 8.21 -46.74
N ASN E 262 -36.20 8.63 -46.35
CA ASN E 262 -36.91 7.95 -45.28
C ASN E 262 -37.40 6.58 -45.74
N SER E 263 -37.64 5.69 -44.78
CA SER E 263 -38.21 4.40 -45.11
C SER E 263 -38.79 3.78 -43.84
N THR E 264 -39.78 2.93 -44.03
CA THR E 264 -40.28 2.12 -42.94
C THR E 264 -39.21 1.14 -42.47
N CYS E 265 -39.26 0.78 -41.19
CA CYS E 265 -38.16 0.07 -40.53
C CYS E 265 -38.72 -0.76 -39.39
N ARG E 266 -38.66 -2.09 -39.53
CA ARG E 266 -39.21 -2.99 -38.52
C ARG E 266 -38.26 -3.13 -37.34
N VAL E 267 -38.85 -3.32 -36.16
CA VAL E 267 -38.12 -3.38 -34.89
C VAL E 267 -38.80 -4.43 -34.02
N PRO E 268 -38.04 -5.28 -33.32
CA PRO E 268 -38.67 -6.38 -32.59
C PRO E 268 -39.43 -5.89 -31.37
N LEU E 269 -40.35 -6.75 -30.92
CA LEU E 269 -41.18 -6.50 -29.75
C LEU E 269 -40.79 -7.50 -28.67
N ALA E 270 -40.39 -7.00 -27.51
CA ALA E 270 -39.93 -7.84 -26.42
C ALA E 270 -41.11 -8.57 -25.77
N ARG E 271 -40.77 -9.64 -25.05
CA ARG E 271 -41.79 -10.42 -24.36
C ARG E 271 -42.42 -9.62 -23.23
N ALA E 272 -43.68 -9.90 -22.94
CA ALA E 272 -44.37 -9.21 -21.87
C ALA E 272 -43.69 -9.53 -20.54
N PRO E 273 -43.36 -8.52 -19.73
CA PRO E 273 -42.71 -8.79 -18.45
C PRO E 273 -43.64 -9.47 -17.47
N GLY E 274 -43.05 -10.23 -16.55
CA GLY E 274 -43.82 -10.87 -15.50
C GLY E 274 -44.02 -9.90 -14.35
N VAL E 275 -45.26 -9.80 -13.89
CA VAL E 275 -45.64 -8.83 -12.87
C VAL E 275 -46.26 -9.54 -11.68
N THR E 276 -45.81 -9.21 -10.47
CA THR E 276 -46.47 -9.68 -9.26
C THR E 276 -46.44 -8.54 -8.22
N TYR E 277 -47.51 -7.75 -8.22
CA TYR E 277 -47.63 -6.61 -7.33
C TYR E 277 -48.05 -7.02 -5.93
N GLY E 278 -47.58 -6.25 -4.95
CA GLY E 278 -47.91 -6.49 -3.56
C GLY E 278 -48.68 -5.36 -2.91
N LYS E 279 -48.02 -4.62 -2.01
CA LYS E 279 -48.62 -3.53 -1.26
C LYS E 279 -47.76 -2.28 -1.42
N ARG E 280 -48.18 -1.37 -2.29
CA ARG E 280 -47.52 -0.09 -2.51
C ARG E 280 -46.11 -0.30 -3.08
N GLU E 281 -45.77 -1.55 -3.37
CA GLU E 281 -44.50 -1.91 -3.96
C GLU E 281 -44.76 -2.86 -5.12
N LEU E 282 -43.98 -2.72 -6.20
CA LEU E 282 -44.22 -3.48 -7.42
C LEU E 282 -42.98 -4.29 -7.77
N THR E 283 -43.18 -5.55 -8.13
CA THR E 283 -42.08 -6.47 -8.43
C THR E 283 -42.27 -7.06 -9.82
N VAL E 284 -41.21 -7.02 -10.62
CA VAL E 284 -41.25 -7.42 -12.02
C VAL E 284 -40.08 -8.36 -12.33
N LYS E 285 -40.40 -9.48 -12.97
CA LYS E 285 -39.44 -10.44 -13.48
C LYS E 285 -39.26 -10.20 -14.97
N LEU E 286 -38.00 -10.13 -15.40
CA LEU E 286 -37.66 -9.80 -16.77
C LEU E 286 -37.05 -10.99 -17.48
N HIS E 287 -37.37 -11.13 -18.77
CA HIS E 287 -36.81 -12.17 -19.62
C HIS E 287 -36.28 -11.55 -20.90
N PRO E 288 -35.17 -10.81 -20.82
CA PRO E 288 -34.62 -10.19 -22.03
C PRO E 288 -33.94 -11.23 -22.92
N ASP E 289 -34.04 -10.99 -24.22
CA ASP E 289 -33.30 -11.77 -25.20
C ASP E 289 -32.03 -11.08 -25.68
N HIS E 290 -31.99 -9.75 -25.57
CA HIS E 290 -30.86 -8.94 -25.99
C HIS E 290 -30.85 -7.69 -25.13
N PRO E 291 -29.72 -6.97 -25.05
CA PRO E 291 -29.68 -5.74 -24.24
C PRO E 291 -30.73 -4.73 -24.69
N THR E 292 -31.70 -4.48 -23.82
CA THR E 292 -32.80 -3.55 -24.10
C THR E 292 -32.78 -2.43 -23.05
N LEU E 293 -33.81 -1.58 -23.10
CA LEU E 293 -33.91 -0.43 -22.23
C LEU E 293 -35.21 -0.49 -21.43
N LEU E 294 -35.12 -0.20 -20.14
CA LEU E 294 -36.27 -0.14 -19.25
C LEU E 294 -36.22 1.16 -18.47
N THR E 295 -37.36 1.84 -18.37
CA THR E 295 -37.43 3.11 -17.67
C THR E 295 -38.83 3.31 -17.12
N TYR E 296 -38.93 4.17 -16.11
CA TYR E 296 -40.20 4.48 -15.48
C TYR E 296 -40.08 5.82 -14.77
N ARG E 297 -41.23 6.44 -14.53
CA ARG E 297 -41.27 7.73 -13.85
C ARG E 297 -42.56 7.83 -13.05
N SER E 298 -42.56 8.76 -12.09
CA SER E 298 -43.71 8.98 -11.23
C SER E 298 -44.59 10.07 -11.83
N LEU E 299 -45.90 9.80 -11.91
CA LEU E 299 -46.85 10.78 -12.41
C LEU E 299 -47.02 11.97 -11.48
N GLY E 300 -46.50 11.90 -10.26
CA GLY E 300 -46.57 13.01 -9.33
C GLY E 300 -45.57 14.10 -9.68
N ALA E 301 -45.53 15.11 -8.82
CA ALA E 301 -44.71 16.29 -9.09
C ALA E 301 -43.23 15.96 -9.11
N ASP E 302 -42.81 14.89 -8.43
CA ASP E 302 -41.41 14.48 -8.43
C ASP E 302 -41.23 13.31 -9.39
N PRO E 303 -40.56 13.50 -10.53
CA PRO E 303 -40.43 12.40 -11.49
C PRO E 303 -39.57 11.25 -10.97
N ARG E 304 -38.36 11.56 -10.50
CA ARG E 304 -37.37 10.57 -10.08
C ARG E 304 -37.14 9.55 -11.18
N PRO E 305 -36.56 9.95 -12.31
CA PRO E 305 -36.40 9.01 -13.43
C PRO E 305 -35.38 7.92 -13.13
N TYR E 306 -35.57 6.79 -13.81
CA TYR E 306 -34.65 5.65 -13.71
C TYR E 306 -34.49 5.04 -15.09
N GLU E 307 -33.25 4.75 -15.46
CA GLU E 307 -32.97 4.06 -16.72
C GLU E 307 -31.73 3.21 -16.52
N GLU E 308 -31.81 1.95 -16.95
CA GLU E 308 -30.71 1.01 -16.78
C GLU E 308 -30.87 -0.17 -17.74
N TRP E 309 -29.91 -0.32 -18.66
CA TRP E 309 -29.99 -1.37 -19.66
C TRP E 309 -29.98 -2.75 -19.01
N ILE E 310 -30.79 -3.66 -19.57
CA ILE E 310 -30.95 -5.00 -19.05
C ILE E 310 -30.56 -5.99 -20.13
N ASP E 311 -29.70 -6.95 -19.77
CA ASP E 311 -29.28 -7.97 -20.73
C ASP E 311 -29.31 -9.38 -20.14
N ARG E 312 -29.82 -9.54 -18.93
CA ARG E 312 -29.88 -10.84 -18.27
C ARG E 312 -31.13 -10.90 -17.41
N TYR E 313 -31.48 -12.12 -16.98
CA TYR E 313 -32.55 -12.29 -16.03
C TYR E 313 -32.21 -11.60 -14.72
N VAL E 314 -33.15 -10.84 -14.18
CA VAL E 314 -32.96 -10.16 -12.91
C VAL E 314 -34.33 -9.75 -12.37
N GLU E 315 -34.50 -9.92 -11.06
CA GLU E 315 -35.65 -9.38 -10.36
C GLU E 315 -35.52 -7.86 -10.26
N ARG E 316 -36.64 -7.16 -10.36
CA ARG E 316 -36.61 -5.71 -10.18
C ARG E 316 -37.77 -5.28 -9.30
N THR E 317 -37.51 -4.28 -8.47
CA THR E 317 -38.49 -3.76 -7.51
C THR E 317 -38.59 -2.26 -7.68
N ILE E 318 -39.81 -1.76 -7.78
CA ILE E 318 -40.06 -0.34 -8.00
C ILE E 318 -41.11 0.15 -7.00
N PRO E 319 -41.07 1.42 -6.61
CA PRO E 319 -42.13 1.97 -5.76
C PRO E 319 -43.30 2.45 -6.59
N VAL E 320 -44.44 2.61 -5.92
CA VAL E 320 -45.65 3.10 -6.56
C VAL E 320 -46.52 3.77 -5.50
N THR E 321 -47.07 4.92 -5.85
CA THR E 321 -47.92 5.67 -4.93
C THR E 321 -49.24 6.02 -5.60
N GLU E 322 -50.04 6.85 -4.94
CA GLU E 322 -51.34 7.24 -5.47
C GLU E 322 -51.24 8.16 -6.69
N ASP E 323 -50.04 8.45 -7.18
CA ASP E 323 -49.88 9.35 -8.32
C ASP E 323 -49.87 8.61 -9.65
N GLY E 324 -48.91 7.72 -9.84
CA GLY E 324 -48.83 6.93 -11.06
C GLY E 324 -47.41 6.55 -11.43
N ILE E 325 -47.29 5.41 -12.12
CA ILE E 325 -46.02 4.88 -12.62
C ILE E 325 -46.21 4.48 -14.08
N GLU E 326 -45.22 4.78 -14.90
CA GLU E 326 -45.25 4.46 -16.31
C GLU E 326 -44.33 3.28 -16.63
N TYR E 327 -44.54 2.69 -17.81
CA TYR E 327 -43.68 1.62 -18.32
C TYR E 327 -43.15 1.97 -19.69
N ARG E 328 -41.88 1.58 -19.92
CA ARG E 328 -41.28 1.47 -21.25
C ARG E 328 -40.31 0.30 -21.18
N TRP E 329 -40.80 -0.89 -21.52
CA TRP E 329 -40.01 -2.11 -21.57
C TRP E 329 -39.86 -2.50 -23.03
N GLY E 330 -38.74 -2.09 -23.63
CA GLY E 330 -38.51 -2.37 -25.03
C GLY E 330 -39.25 -1.40 -25.93
N ASN E 331 -40.12 -1.92 -26.80
CA ASN E 331 -40.91 -1.10 -27.71
C ASN E 331 -42.40 -1.27 -27.48
N ASN E 332 -42.81 -1.83 -26.35
CA ASN E 332 -44.22 -1.98 -26.05
C ASN E 332 -44.87 -0.64 -25.78
N PRO E 333 -46.17 -0.51 -26.00
CA PRO E 333 -46.85 0.73 -25.67
C PRO E 333 -46.77 1.00 -24.17
N PRO E 334 -46.72 2.27 -23.78
CA PRO E 334 -46.60 2.59 -22.35
C PRO E 334 -47.78 2.08 -21.54
N VAL E 335 -47.49 1.69 -20.31
CA VAL E 335 -48.49 1.18 -19.38
C VAL E 335 -48.51 2.08 -18.16
N ARG E 336 -49.72 2.44 -17.71
CA ARG E 336 -49.91 3.38 -16.62
C ARG E 336 -50.57 2.67 -15.45
N LEU E 337 -49.91 2.66 -14.30
CA LEU E 337 -50.44 2.08 -13.08
C LEU E 337 -50.21 3.02 -11.91
N TRP E 338 -51.15 3.03 -10.97
CA TRP E 338 -50.99 3.73 -9.70
C TRP E 338 -51.69 2.95 -8.60
N ALA E 339 -51.20 3.15 -7.38
CA ALA E 339 -51.55 2.30 -6.25
C ALA E 339 -52.98 2.58 -5.75
N GLN E 340 -53.51 1.62 -5.01
CA GLN E 340 -54.84 1.71 -4.43
C GLN E 340 -54.75 2.33 -3.04
N LEU E 341 -55.85 2.24 -2.28
CA LEU E 341 -55.85 2.70 -0.89
C LEU E 341 -55.59 1.58 0.10
N THR E 342 -55.86 0.33 -0.28
CA THR E 342 -55.48 -0.91 0.42
C THR E 342 -55.45 -0.80 1.94
N THR E 343 -54.34 -1.22 2.55
CA THR E 343 -54.10 -1.28 3.99
C THR E 343 -54.94 -2.39 4.63
N GLU E 344 -54.75 -2.60 5.93
CA GLU E 344 -55.37 -3.70 6.66
C GLU E 344 -55.96 -3.18 7.96
N GLY E 345 -56.73 -4.04 8.61
CA GLY E 345 -57.39 -3.71 9.86
C GLY E 345 -58.82 -3.26 9.65
N LYS E 346 -59.65 -3.54 10.65
CA LYS E 346 -61.06 -3.15 10.57
C LYS E 346 -61.19 -1.65 10.78
N PRO E 347 -61.89 -0.93 9.89
CA PRO E 347 -62.00 0.53 10.03
C PRO E 347 -63.22 1.01 10.83
N HIS E 348 -64.09 0.11 11.27
CA HIS E 348 -65.26 0.47 12.07
C HIS E 348 -65.48 -0.56 13.17
N GLY E 349 -64.41 -0.95 13.87
CA GLY E 349 -64.49 -1.99 14.89
C GLY E 349 -63.98 -1.49 16.23
N TRP E 350 -63.25 -2.38 16.90
CA TRP E 350 -62.72 -2.10 18.23
C TRP E 350 -61.63 -1.02 18.16
N PRO E 351 -61.34 -0.37 19.29
CA PRO E 351 -60.33 0.70 19.28
C PRO E 351 -58.96 0.26 18.75
N HIS E 352 -58.49 -0.94 19.07
CA HIS E 352 -57.16 -1.33 18.62
C HIS E 352 -57.18 -2.02 17.26
N GLU E 353 -57.95 -1.48 16.32
CA GLU E 353 -57.68 -1.61 14.89
C GLU E 353 -57.96 -0.32 14.14
N ILE E 354 -58.67 0.63 14.76
CA ILE E 354 -58.90 1.92 14.13
C ILE E 354 -57.58 2.64 13.89
N ILE E 355 -56.69 2.61 14.89
CA ILE E 355 -55.39 3.23 14.74
C ILE E 355 -54.58 2.53 13.66
N LEU E 356 -54.65 1.19 13.61
CA LEU E 356 -53.92 0.46 12.59
C LEU E 356 -54.40 0.83 11.19
N TYR E 357 -55.72 0.93 11.00
CA TYR E 357 -56.25 1.33 9.70
C TYR E 357 -55.85 2.75 9.35
N TYR E 358 -55.99 3.68 10.31
CA TYR E 358 -55.65 5.08 10.08
C TYR E 358 -54.16 5.30 9.92
N TYR E 359 -53.33 4.33 10.31
CA TYR E 359 -51.88 4.42 10.21
C TYR E 359 -51.34 3.78 8.94
N GLY E 360 -51.87 2.61 8.56
CA GLY E 360 -51.46 2.00 7.32
C GLY E 360 -51.69 2.91 6.12
N LEU E 361 -52.81 3.63 6.12
CA LEU E 361 -53.04 4.70 5.15
C LEU E 361 -52.46 5.99 5.72
N TYR E 362 -51.63 6.66 4.93
CA TYR E 362 -50.90 7.85 5.39
C TYR E 362 -50.05 7.50 6.60
N PRO E 363 -48.92 6.79 6.42
CA PRO E 363 -48.11 6.41 7.58
C PRO E 363 -47.58 7.59 8.37
N ALA E 364 -47.27 8.70 7.70
CA ALA E 364 -46.81 9.89 8.40
C ALA E 364 -47.99 10.68 8.95
N ALA E 365 -47.71 11.51 9.96
CA ALA E 365 -48.66 12.46 10.52
C ALA E 365 -49.80 11.80 11.28
N THR E 366 -49.84 10.47 11.30
CA THR E 366 -50.83 9.77 12.12
C THR E 366 -50.29 9.41 13.49
N ILE E 367 -49.04 8.95 13.57
CA ILE E 367 -48.40 8.78 14.88
C ILE E 367 -48.22 10.14 15.55
N VAL E 368 -48.07 11.20 14.75
CA VAL E 368 -48.04 12.55 15.29
C VAL E 368 -49.38 12.88 15.93
N ALA E 369 -50.48 12.50 15.28
CA ALA E 369 -51.80 12.72 15.84
C ALA E 369 -51.99 11.93 17.13
N VAL E 370 -51.53 10.68 17.15
CA VAL E 370 -51.63 9.86 18.36
C VAL E 370 -50.84 10.49 19.50
N SER E 371 -49.63 10.96 19.20
CA SER E 371 -48.80 11.60 20.23
C SER E 371 -49.44 12.89 20.73
N ALA E 372 -50.04 13.68 19.84
CA ALA E 372 -50.72 14.90 20.25
C ALA E 372 -51.91 14.59 21.15
N ALA E 373 -52.68 13.55 20.80
CA ALA E 373 -53.80 13.16 21.65
C ALA E 373 -53.33 12.69 23.02
N CYS E 374 -52.25 11.90 23.06
CA CYS E 374 -51.71 11.46 24.33
C CYS E 374 -51.21 12.63 25.16
N LEU E 375 -50.55 13.60 24.52
CA LEU E 375 -50.08 14.79 25.22
C LEU E 375 -51.26 15.59 25.79
N ALA E 376 -52.34 15.73 25.02
CA ALA E 376 -53.52 16.42 25.52
C ALA E 376 -54.12 15.69 26.71
N VAL E 377 -54.19 14.35 26.64
CA VAL E 377 -54.76 13.57 27.73
C VAL E 377 -53.92 13.72 29.00
N VAL E 378 -52.60 13.60 28.87
CA VAL E 378 -51.76 13.69 30.07
C VAL E 378 -51.78 15.10 30.63
N LEU E 379 -51.84 16.12 29.76
CA LEU E 379 -51.96 17.50 30.23
C LEU E 379 -53.26 17.71 30.98
N SER E 380 -54.36 17.16 30.46
CA SER E 380 -55.64 17.27 31.15
C SER E 380 -55.59 16.58 32.51
N LEU E 381 -55.01 15.38 32.56
CA LEU E 381 -54.94 14.66 33.83
C LEU E 381 -54.10 15.40 34.85
N LEU E 382 -52.94 15.91 34.43
CA LEU E 382 -52.08 16.65 35.34
C LEU E 382 -52.74 17.94 35.81
N ALA E 383 -53.42 18.65 34.90
CA ALA E 383 -54.13 19.86 35.29
C ALA E 383 -55.22 19.57 36.31
N SER E 384 -56.00 18.51 36.09
CA SER E 384 -57.05 18.15 37.04
C SER E 384 -56.46 17.79 38.39
N CYS E 385 -55.37 17.02 38.40
CA CYS E 385 -54.75 16.63 39.66
C CYS E 385 -54.22 17.85 40.40
N TYR E 386 -53.56 18.77 39.69
CA TYR E 386 -53.02 19.95 40.33
C TYR E 386 -54.13 20.85 40.87
N MET E 387 -55.21 21.00 40.11
CA MET E 387 -56.34 21.81 40.58
C MET E 387 -56.96 21.18 41.82
N PHE E 388 -57.10 19.85 41.84
CA PHE E 388 -57.63 19.18 43.02
C PHE E 388 -56.73 19.37 44.22
N ALA E 389 -55.41 19.27 44.04
CA ALA E 389 -54.49 19.47 45.15
C ALA E 389 -54.57 20.90 45.68
N THR E 390 -54.59 21.89 44.79
CA THR E 390 -54.70 23.27 45.22
C THR E 390 -56.02 23.53 45.93
N ALA E 391 -57.11 22.95 45.42
CA ALA E 391 -58.41 23.10 46.06
C ALA E 391 -58.40 22.48 47.45
N ARG E 392 -57.79 21.31 47.60
CA ARG E 392 -57.69 20.68 48.92
C ARG E 392 -56.89 21.53 49.89
N ARG E 393 -55.77 22.09 49.42
CA ARG E 393 -54.95 22.94 50.28
C ARG E 393 -55.74 24.18 50.73
N LYS E 394 -56.30 24.92 49.77
CA LYS E 394 -57.09 26.09 50.13
C LYS E 394 -58.36 25.71 50.89
N CYS E 395 -58.77 24.45 50.82
CA CYS E 395 -59.93 23.94 51.52
C CYS E 395 -59.64 23.82 53.01
N LEU E 396 -58.68 22.99 53.37
CA LEU E 396 -58.42 22.71 54.79
C LEU E 396 -56.92 22.71 55.12
N THR E 397 -56.23 23.78 54.72
CA THR E 397 -54.97 24.09 55.37
C THR E 397 -55.15 24.77 56.74
N PRO E 398 -56.15 25.65 56.94
CA PRO E 398 -56.20 26.34 58.25
C PRO E 398 -56.41 25.42 59.43
N TYR E 399 -57.11 24.29 59.24
CA TYR E 399 -57.32 23.38 60.36
C TYR E 399 -56.03 22.67 60.76
N ALA E 400 -55.08 22.54 59.83
CA ALA E 400 -53.73 22.12 60.22
C ALA E 400 -53.07 23.14 61.13
N LEU E 401 -53.50 24.40 61.06
CA LEU E 401 -53.09 25.43 62.00
C LEU E 401 -53.94 25.33 63.26
N THR E 402 -53.93 26.38 64.08
CA THR E 402 -54.59 26.49 65.38
C THR E 402 -53.90 25.59 66.39
N PRO E 403 -53.83 25.99 67.67
CA PRO E 403 -53.27 25.11 68.70
C PRO E 403 -54.19 23.93 68.97
N GLY E 404 -53.74 22.73 68.64
CA GLY E 404 -54.60 21.56 68.78
C GLY E 404 -55.72 21.59 67.76
N ALA E 405 -56.96 21.45 68.24
CA ALA E 405 -58.17 21.39 67.43
C ALA E 405 -58.17 20.18 66.50
N VAL E 406 -59.34 19.86 65.93
CA VAL E 406 -59.53 18.67 65.11
C VAL E 406 -60.32 19.06 63.88
N VAL E 407 -60.63 18.05 63.07
CA VAL E 407 -61.42 18.21 61.85
C VAL E 407 -62.89 18.00 62.21
N PRO E 408 -63.81 18.78 61.66
CA PRO E 408 -65.23 18.63 62.04
C PRO E 408 -65.82 17.26 61.75
N VAL E 409 -65.23 16.51 60.81
CA VAL E 409 -65.67 15.15 60.49
C VAL E 409 -67.08 15.17 59.92
N THR E 410 -68.07 15.47 60.76
CA THR E 410 -69.46 15.47 60.31
C THR E 410 -69.69 16.52 59.22
N LEU E 411 -69.13 17.72 59.39
CA LEU E 411 -69.17 18.71 58.32
C LEU E 411 -68.35 18.25 57.13
N GLY E 412 -67.17 17.68 57.37
CA GLY E 412 -66.38 17.06 56.33
C GLY E 412 -65.26 16.21 56.88
N VAL E 413 -65.16 14.97 56.42
CA VAL E 413 -64.09 14.05 56.81
C VAL E 413 -63.33 13.51 55.61
N LEU E 414 -64.04 13.10 54.56
CA LEU E 414 -63.41 12.63 53.34
C LEU E 414 -63.84 13.41 52.10
N CYS E 415 -64.82 14.32 52.21
CA CYS E 415 -65.15 15.19 51.10
C CYS E 415 -63.96 16.07 50.72
N CYS E 416 -63.17 16.49 51.70
CA CYS E 416 -61.94 17.24 51.46
C CYS E 416 -60.70 16.46 51.90
N ALA E 417 -60.88 15.35 52.62
CA ALA E 417 -59.86 14.37 53.01
C ALA E 417 -58.66 14.96 53.73
N PRO E 418 -58.85 15.69 54.85
CA PRO E 418 -57.71 16.21 55.62
C PRO E 418 -57.28 15.27 56.75
N ARG E 419 -57.04 14.01 56.41
CA ARG E 419 -56.78 13.00 57.43
C ARG E 419 -55.27 12.89 57.67
N ALA E 420 -54.84 13.21 58.89
CA ALA E 420 -53.44 13.09 59.27
C ALA E 420 -53.38 12.76 60.76
N HIS E 421 -53.35 11.46 61.07
CA HIS E 421 -53.30 10.93 62.44
C HIS E 421 -54.38 11.62 63.28
N ALA E 422 -54.06 12.18 64.44
CA ALA E 422 -55.05 12.83 65.29
C ALA E 422 -54.39 13.87 66.19
N LYS F 107 -48.33 39.76 90.95
CA LYS F 107 -48.08 38.80 89.89
C LYS F 107 -48.78 39.19 88.60
N ARG F 108 -49.24 40.45 88.54
CA ARG F 108 -49.89 40.94 87.33
C ARG F 108 -48.92 41.02 86.16
N GLU F 109 -47.63 41.14 86.42
CA GLU F 109 -46.60 41.06 85.38
C GLU F 109 -45.46 40.12 85.71
N ARG F 110 -45.23 39.81 86.99
CA ARG F 110 -44.18 38.84 87.33
C ARG F 110 -44.52 37.45 86.82
N MET F 111 -45.80 37.07 86.90
CA MET F 111 -46.23 35.81 86.31
C MET F 111 -46.01 35.81 84.80
N CYS F 112 -46.33 36.93 84.15
CA CYS F 112 -46.05 37.07 82.72
C CYS F 112 -44.56 36.94 82.45
N MET F 113 -43.75 37.59 83.29
CA MET F 113 -42.30 37.53 83.15
C MET F 113 -41.79 36.10 83.25
N LYS F 114 -42.28 35.34 84.23
CA LYS F 114 -41.84 33.96 84.39
C LYS F 114 -42.34 33.09 83.24
N ILE F 115 -43.57 33.33 82.77
CA ILE F 115 -44.17 32.49 81.74
C ILE F 115 -43.43 32.67 80.41
N GLU F 116 -43.13 33.91 80.03
CA GLU F 116 -42.59 34.15 78.70
C GLU F 116 -41.23 33.49 78.49
N ASN F 117 -40.46 33.30 79.57
CA ASN F 117 -39.15 32.67 79.44
C ASN F 117 -39.28 31.20 79.06
N ASP F 118 -38.22 30.69 78.42
CA ASP F 118 -38.06 29.32 77.95
C ASP F 118 -38.99 28.97 76.80
N CYS F 119 -39.91 29.87 76.42
CA CYS F 119 -40.86 29.61 75.35
C CYS F 119 -40.48 30.35 74.07
N ILE F 120 -40.27 31.66 74.17
CA ILE F 120 -39.95 32.46 72.99
C ILE F 120 -38.53 32.16 72.54
N PHE F 121 -38.36 31.94 71.24
CA PHE F 121 -37.07 31.82 70.59
C PHE F 121 -36.88 33.02 69.67
N GLU F 122 -35.65 33.30 69.29
CA GLU F 122 -35.32 34.56 68.63
C GLU F 122 -34.77 34.33 67.22
N VAL F 123 -34.88 35.36 66.39
CA VAL F 123 -34.36 35.38 65.04
C VAL F 123 -33.34 36.51 64.95
N LYS F 124 -32.10 36.17 64.61
CA LYS F 124 -31.09 37.20 64.35
C LYS F 124 -30.03 36.57 63.44
N LEU F 125 -30.08 36.92 62.14
CA LEU F 125 -29.17 36.35 61.16
C LEU F 125 -28.12 37.34 60.65
N ASP F 126 -28.49 38.62 60.44
CA ASP F 126 -27.50 39.66 60.14
C ASP F 126 -27.76 40.88 61.03
N GLY F 127 -27.25 40.83 62.26
CA GLY F 127 -27.20 41.97 63.14
C GLY F 127 -28.49 42.72 63.41
N LYS F 128 -29.64 42.05 63.32
CA LYS F 128 -30.94 42.68 63.58
C LYS F 128 -31.79 41.74 64.43
N VAL F 129 -32.24 42.23 65.58
CA VAL F 129 -33.19 41.49 66.42
C VAL F 129 -34.59 41.77 65.90
N THR F 130 -35.16 40.81 65.17
CA THR F 130 -36.42 41.01 64.46
C THR F 130 -37.50 40.01 64.83
N GLY F 131 -37.29 38.72 64.56
CA GLY F 131 -38.36 37.74 64.62
C GLY F 131 -38.42 36.97 65.92
N TYR F 132 -39.61 36.49 66.25
CA TYR F 132 -39.84 35.77 67.49
C TYR F 132 -40.66 34.51 67.21
N ALA F 133 -40.43 33.49 68.03
CA ALA F 133 -41.11 32.20 67.90
C ALA F 133 -41.70 31.80 69.24
N CYS F 134 -42.90 31.23 69.21
CA CYS F 134 -43.59 30.78 70.41
C CYS F 134 -43.70 29.26 70.43
N LEU F 135 -43.98 28.73 71.62
CA LEU F 135 -44.16 27.29 71.84
C LEU F 135 -45.56 27.09 72.42
N VAL F 136 -46.55 26.97 71.54
CA VAL F 136 -47.95 26.83 71.94
C VAL F 136 -48.63 25.79 71.07
N GLY F 137 -49.40 24.91 71.70
CA GLY F 137 -50.16 23.91 70.98
C GLY F 137 -49.33 22.97 70.14
N ASP F 138 -48.15 22.59 70.64
CA ASP F 138 -47.24 21.65 69.99
C ASP F 138 -46.77 22.14 68.64
N LYS F 139 -46.93 23.43 68.33
CA LYS F 139 -46.53 23.99 67.05
C LYS F 139 -45.92 25.37 67.25
N VAL F 140 -45.07 25.77 66.31
CA VAL F 140 -44.44 27.07 66.35
C VAL F 140 -44.95 27.91 65.18
N MET F 141 -44.55 29.17 65.13
CA MET F 141 -44.94 30.08 64.06
C MET F 141 -43.98 31.26 64.05
N LYS F 142 -44.10 32.09 63.02
CA LYS F 142 -43.22 33.24 62.80
C LYS F 142 -43.86 34.08 61.70
N PRO F 143 -43.73 35.41 61.75
CA PRO F 143 -44.37 36.23 60.72
C PRO F 143 -43.73 36.00 59.35
N ALA F 144 -44.48 35.36 58.46
CA ALA F 144 -43.95 34.98 57.15
C ALA F 144 -43.55 36.18 56.31
N HIS F 145 -44.09 37.36 56.61
CA HIS F 145 -43.75 38.57 55.87
C HIS F 145 -42.32 39.03 56.13
N VAL F 146 -41.62 38.45 57.10
CA VAL F 146 -40.18 38.65 57.30
C VAL F 146 -39.51 37.29 57.40
N LYS F 147 -38.43 37.11 56.64
CA LYS F 147 -37.65 35.88 56.72
C LYS F 147 -36.87 35.83 58.04
N GLY F 148 -36.70 34.63 58.58
CA GLY F 148 -36.09 34.47 59.88
C GLY F 148 -35.15 33.28 59.95
N VAL F 149 -34.48 33.16 61.08
CA VAL F 149 -33.52 32.09 61.35
C VAL F 149 -33.76 31.55 62.75
N ILE F 150 -33.76 30.23 62.89
CA ILE F 150 -34.05 29.59 64.16
C ILE F 150 -32.77 29.52 64.99
N ASP F 151 -32.81 30.11 66.18
CA ASP F 151 -31.64 30.13 67.05
C ASP F 151 -31.25 28.73 67.48
N ASN F 152 -32.21 27.94 67.94
CA ASN F 152 -31.93 26.59 68.39
C ASN F 152 -31.76 25.66 67.19
N PRO F 153 -30.62 24.97 67.07
CA PRO F 153 -30.46 24.03 65.96
C PRO F 153 -31.45 22.88 65.97
N ASP F 154 -32.08 22.59 67.11
CA ASP F 154 -33.03 21.50 67.20
C ASP F 154 -34.22 21.74 66.27
N LEU F 155 -34.78 22.94 66.31
CA LEU F 155 -35.95 23.24 65.48
C LEU F 155 -35.59 23.69 64.08
N ALA F 156 -34.36 24.18 63.87
CA ALA F 156 -33.98 24.66 62.54
C ALA F 156 -33.99 23.55 61.51
N LYS F 157 -33.46 22.38 61.88
CA LYS F 157 -33.36 21.28 60.92
C LYS F 157 -34.73 20.74 60.52
N LEU F 158 -35.67 20.70 61.47
CA LEU F 158 -37.00 20.20 61.16
C LEU F 158 -37.72 21.14 60.18
N THR F 159 -38.49 20.55 59.26
CA THR F 159 -39.19 21.32 58.26
C THR F 159 -40.39 22.05 58.89
N TYR F 160 -41.05 22.88 58.08
CA TYR F 160 -42.15 23.69 58.57
C TYR F 160 -43.08 24.05 57.43
N LYS F 161 -44.34 24.32 57.79
CA LYS F 161 -45.39 24.60 56.82
C LYS F 161 -45.29 26.06 56.39
N LYS F 162 -46.27 26.53 55.61
CA LYS F 162 -46.23 27.90 55.11
C LYS F 162 -47.63 28.27 54.63
N SER F 163 -48.14 29.40 55.10
CA SER F 163 -49.46 29.90 54.75
C SER F 163 -49.34 31.28 54.11
N SER F 164 -50.14 31.53 53.07
CA SER F 164 -50.03 32.77 52.33
C SER F 164 -50.78 33.91 53.02
N LYS F 165 -52.10 33.76 53.17
CA LYS F 165 -52.89 34.86 53.72
C LYS F 165 -52.81 34.92 55.25
N TYR F 166 -52.68 33.78 55.91
CA TYR F 166 -52.53 33.76 57.36
C TYR F 166 -51.08 33.86 57.82
N ASP F 167 -50.13 33.95 56.88
CA ASP F 167 -48.70 34.21 57.07
C ASP F 167 -48.14 33.63 58.36
N LEU F 168 -48.42 32.36 58.63
CA LEU F 168 -47.81 31.63 59.74
C LEU F 168 -47.18 30.34 59.20
N GLU F 169 -46.57 29.57 60.10
CA GLU F 169 -46.00 28.28 59.78
C GLU F 169 -46.42 27.30 60.89
N CYS F 170 -45.90 26.08 60.80
CA CYS F 170 -46.25 25.04 61.77
C CYS F 170 -45.13 24.01 61.82
N ALA F 171 -45.12 23.24 62.90
CA ALA F 171 -44.13 22.18 63.08
C ALA F 171 -44.62 21.21 64.14
N GLN F 172 -44.26 19.94 63.97
CA GLN F 172 -44.57 18.89 64.95
C GLN F 172 -43.35 18.70 65.85
N ILE F 173 -43.24 19.56 66.85
CA ILE F 173 -42.06 19.57 67.71
C ILE F 173 -42.02 18.30 68.56
N PRO F 174 -40.91 17.57 68.58
CA PRO F 174 -40.80 16.40 69.47
C PRO F 174 -40.79 16.77 70.95
N VAL F 175 -40.62 15.75 71.80
CA VAL F 175 -40.81 15.91 73.24
C VAL F 175 -39.69 16.63 73.96
N HIS F 176 -38.67 17.14 73.23
CA HIS F 176 -37.54 17.76 73.91
C HIS F 176 -37.89 19.05 74.64
N MET F 177 -39.07 19.64 74.38
CA MET F 177 -39.65 20.64 75.29
C MET F 177 -41.15 20.37 75.45
N LYS F 178 -41.49 19.10 75.71
CA LYS F 178 -42.89 18.71 75.81
C LYS F 178 -43.64 19.49 76.89
N SER F 179 -42.96 19.88 77.96
CA SER F 179 -43.59 20.59 79.08
C SER F 179 -43.35 22.10 78.99
N ASP F 180 -43.39 22.66 77.78
CA ASP F 180 -43.01 24.04 77.53
C ASP F 180 -44.06 24.72 76.66
N ALA F 181 -45.34 24.55 77.01
CA ALA F 181 -46.44 25.06 76.22
C ALA F 181 -47.37 25.91 77.07
N SER F 182 -48.06 26.84 76.40
CA SER F 182 -48.99 27.74 77.05
C SER F 182 -50.38 27.11 77.07
N LYS F 183 -51.42 27.89 77.41
CA LYS F 183 -52.76 27.35 77.57
C LYS F 183 -53.65 27.55 76.35
N TYR F 184 -53.30 28.46 75.44
CA TYR F 184 -53.96 28.62 74.15
C TYR F 184 -55.49 28.73 74.24
N THR F 185 -55.98 29.49 75.23
CA THR F 185 -57.41 29.66 75.41
C THR F 185 -58.04 30.37 74.21
N HIS F 186 -59.36 30.32 74.16
CA HIS F 186 -60.16 30.98 73.12
C HIS F 186 -61.38 31.63 73.78
N GLU F 187 -61.24 32.91 74.13
CA GLU F 187 -62.31 33.66 74.77
C GLU F 187 -61.90 35.13 74.81
N LYS F 188 -62.83 36.03 74.50
CA LYS F 188 -62.52 37.44 74.26
C LYS F 188 -63.44 38.33 75.07
N PRO F 189 -63.08 38.64 76.31
CA PRO F 189 -63.84 39.61 77.11
C PRO F 189 -63.28 41.02 76.91
N GLU F 190 -63.97 41.98 77.53
CA GLU F 190 -63.56 43.38 77.48
C GLU F 190 -62.70 43.66 78.73
N GLY F 191 -61.40 43.35 78.62
CA GLY F 191 -60.50 43.54 79.74
C GLY F 191 -59.12 44.01 79.35
N HIS F 192 -58.14 43.75 80.21
CA HIS F 192 -56.76 44.15 80.00
C HIS F 192 -55.86 42.93 80.02
N TYR F 193 -54.89 42.89 79.11
CA TYR F 193 -54.10 41.68 78.87
C TYR F 193 -52.63 41.86 79.19
N ASN F 194 -52.02 42.95 78.72
CA ASN F 194 -50.61 43.29 79.00
C ASN F 194 -49.66 42.36 78.25
N TRP F 195 -48.56 42.92 77.74
CA TRP F 195 -47.54 42.13 77.06
C TRP F 195 -46.18 42.72 77.44
N HIS F 196 -45.15 42.34 76.67
CA HIS F 196 -43.79 42.77 76.97
C HIS F 196 -43.61 44.28 76.85
N HIS F 197 -44.54 44.98 76.18
CA HIS F 197 -44.54 46.44 76.09
C HIS F 197 -45.91 46.95 76.49
N GLY F 198 -46.09 47.23 77.78
CA GLY F 198 -47.28 47.90 78.27
C GLY F 198 -48.51 47.01 78.31
N ALA F 199 -49.59 47.58 78.81
CA ALA F 199 -50.86 46.88 78.95
C ALA F 199 -51.59 46.84 77.61
N VAL F 200 -52.85 46.42 77.62
CA VAL F 200 -53.63 46.22 76.40
C VAL F 200 -55.07 46.67 76.65
N GLN F 201 -55.63 47.39 75.69
CA GLN F 201 -57.02 47.87 75.75
C GLN F 201 -57.78 47.28 74.57
N TYR F 202 -58.62 46.28 74.85
CA TYR F 202 -59.39 45.58 73.82
C TYR F 202 -60.88 45.79 74.04
N SER F 203 -61.58 46.20 72.99
CA SER F 203 -63.03 46.34 73.03
C SER F 203 -63.56 46.37 71.61
N GLY F 204 -64.67 45.67 71.38
CA GLY F 204 -65.30 45.66 70.07
C GLY F 204 -64.43 45.15 68.95
N GLY F 205 -63.71 44.04 69.18
CA GLY F 205 -62.86 43.48 68.15
C GLY F 205 -61.75 44.40 67.69
N ARG F 206 -61.10 45.08 68.64
CA ARG F 206 -60.04 46.04 68.33
C ARG F 206 -58.93 45.89 69.36
N PHE F 207 -57.72 45.57 68.89
CA PHE F 207 -56.52 45.62 69.72
C PHE F 207 -55.85 46.96 69.49
N THR F 208 -55.76 47.76 70.54
CA THR F 208 -55.29 49.13 70.41
C THR F 208 -54.31 49.45 71.54
N ILE F 209 -53.19 50.08 71.18
CA ILE F 209 -52.09 50.35 72.10
C ILE F 209 -51.69 51.81 71.97
N PRO F 210 -51.30 52.49 73.06
CA PRO F 210 -50.86 53.88 72.94
C PRO F 210 -49.68 54.03 71.99
N THR F 211 -49.67 55.16 71.28
CA THR F 211 -48.61 55.42 70.31
C THR F 211 -47.26 55.53 71.00
N GLY F 212 -46.21 55.13 70.28
CA GLY F 212 -44.86 55.15 70.81
C GLY F 212 -44.50 53.95 71.66
N ALA F 213 -45.43 53.03 71.91
CA ALA F 213 -45.14 51.81 72.64
C ALA F 213 -44.60 50.70 71.74
N GLY F 214 -44.56 50.92 70.41
CA GLY F 214 -44.03 49.95 69.49
C GLY F 214 -43.06 50.59 68.52
N LYS F 215 -42.36 49.73 67.80
CA LYS F 215 -41.33 50.15 66.85
C LYS F 215 -41.02 48.96 65.93
N PRO F 216 -40.41 49.20 64.78
CA PRO F 216 -40.19 48.12 63.82
C PRO F 216 -39.30 47.02 64.39
N GLY F 217 -39.46 45.82 63.82
CA GLY F 217 -38.75 44.66 64.30
C GLY F 217 -39.30 44.03 65.56
N ASP F 218 -40.57 44.28 65.88
CA ASP F 218 -41.20 43.68 67.06
C ASP F 218 -42.36 42.76 66.73
N SER F 219 -42.60 42.44 65.46
CA SER F 219 -43.69 41.53 65.12
C SER F 219 -43.37 40.12 65.60
N GLY F 220 -44.33 39.52 66.32
CA GLY F 220 -44.18 38.16 66.82
C GLY F 220 -44.38 37.99 68.31
N ARG F 221 -44.59 39.04 69.09
CA ARG F 221 -44.76 38.90 70.53
C ARG F 221 -46.16 38.37 70.85
N PRO F 222 -46.30 37.23 71.50
CA PRO F 222 -47.63 36.72 71.83
C PRO F 222 -48.30 37.59 72.89
N ILE F 223 -49.63 37.55 72.90
CA ILE F 223 -50.45 38.26 73.87
C ILE F 223 -51.26 37.25 74.68
N PHE F 224 -51.34 37.49 75.99
CA PHE F 224 -52.10 36.61 76.87
C PHE F 224 -52.60 37.43 78.06
N ASP F 225 -53.66 36.92 78.69
CA ASP F 225 -54.41 37.67 79.68
C ASP F 225 -53.81 37.46 81.08
N ASN F 226 -54.54 37.91 82.10
CA ASN F 226 -54.07 37.80 83.48
C ASN F 226 -53.97 36.36 83.97
N LYS F 227 -54.58 35.42 83.26
CA LYS F 227 -54.55 34.02 83.63
C LYS F 227 -53.41 33.26 82.95
N GLY F 228 -52.56 33.94 82.19
CA GLY F 228 -51.45 33.30 81.53
C GLY F 228 -51.85 32.33 80.43
N ARG F 229 -52.82 32.68 79.61
CA ARG F 229 -53.35 31.80 78.56
C ARG F 229 -53.34 32.57 77.25
N VAL F 230 -52.48 32.14 76.31
CA VAL F 230 -52.22 32.91 75.11
C VAL F 230 -53.45 32.90 74.19
N VAL F 231 -53.67 34.02 73.50
CA VAL F 231 -54.81 34.16 72.61
C VAL F 231 -54.40 34.52 71.19
N ALA F 232 -53.44 35.44 71.03
CA ALA F 232 -53.11 35.95 69.71
C ALA F 232 -51.63 36.29 69.63
N ILE F 233 -51.18 36.57 68.40
CA ILE F 233 -49.79 36.94 68.11
C ILE F 233 -49.81 38.23 67.31
N VAL F 234 -48.97 39.18 67.71
CA VAL F 234 -48.96 40.52 67.11
C VAL F 234 -48.24 40.48 65.76
N LEU F 235 -48.84 41.11 64.75
CA LEU F 235 -48.22 41.23 63.43
C LEU F 235 -47.87 42.68 63.09
N GLY F 236 -48.84 43.59 63.12
CA GLY F 236 -48.56 44.95 62.71
C GLY F 236 -49.74 45.86 62.98
N GLY F 237 -49.58 47.11 62.57
CA GLY F 237 -50.62 48.11 62.78
C GLY F 237 -50.11 49.48 62.38
N ALA F 238 -50.98 50.48 62.59
CA ALA F 238 -50.66 51.85 62.26
C ALA F 238 -51.26 52.79 63.29
N ASN F 239 -50.68 53.98 63.39
CA ASN F 239 -51.06 54.95 64.41
C ASN F 239 -52.20 55.84 63.93
N GLU F 240 -53.12 56.14 64.84
CA GLU F 240 -54.24 57.05 64.57
C GLU F 240 -54.45 57.92 65.81
N GLY F 241 -54.07 59.19 65.70
CA GLY F 241 -54.21 60.12 66.80
C GLY F 241 -53.35 59.78 68.00
N ALA F 242 -53.98 59.51 69.14
CA ALA F 242 -53.29 59.19 70.38
C ALA F 242 -53.16 57.69 70.61
N ARG F 243 -53.59 56.85 69.69
CA ARG F 243 -53.57 55.41 69.86
C ARG F 243 -53.20 54.76 68.53
N THR F 244 -53.03 53.45 68.55
CA THR F 244 -52.51 52.70 67.41
C THR F 244 -53.20 51.35 67.33
N ALA F 245 -53.61 50.96 66.14
CA ALA F 245 -54.27 49.68 65.95
C ALA F 245 -53.24 48.56 65.87
N LEU F 246 -53.74 47.32 65.97
CA LEU F 246 -52.90 46.13 65.90
C LEU F 246 -53.49 45.18 64.87
N SER F 247 -52.75 44.10 64.61
CA SER F 247 -53.21 43.04 63.71
C SER F 247 -52.71 41.72 64.26
N VAL F 248 -53.64 40.84 64.61
CA VAL F 248 -53.30 39.60 65.30
C VAL F 248 -54.03 38.44 64.66
N VAL F 249 -53.83 37.24 65.21
CA VAL F 249 -54.47 36.03 64.73
C VAL F 249 -55.34 35.48 65.85
N THR F 250 -56.62 35.30 65.57
CA THR F 250 -57.58 34.90 66.60
C THR F 250 -58.45 33.78 66.09
N TRP F 251 -58.70 32.78 66.95
CA TRP F 251 -59.45 31.60 66.55
C TRP F 251 -60.52 31.29 67.60
N THR F 252 -61.53 30.54 67.18
CA THR F 252 -62.59 30.04 68.06
C THR F 252 -62.73 28.53 67.84
N LYS F 253 -61.90 27.77 68.54
CA LYS F 253 -61.85 26.31 68.54
C LYS F 253 -61.28 25.76 67.23
N ASP F 254 -61.11 26.63 66.23
CA ASP F 254 -60.54 26.29 64.94
C ASP F 254 -60.50 27.53 64.05
N MET F 255 -59.95 27.40 62.84
CA MET F 255 -60.10 28.41 61.80
C MET F 255 -59.55 29.77 62.26
N VAL F 256 -58.23 29.80 62.43
CA VAL F 256 -57.53 31.05 62.73
C VAL F 256 -57.95 32.12 61.72
N THR F 257 -58.09 33.35 62.22
CA THR F 257 -58.52 34.48 61.41
C THR F 257 -57.56 35.64 61.63
N ARG F 258 -57.20 36.31 60.54
CA ARG F 258 -56.36 37.49 60.58
C ARG F 258 -57.23 38.73 60.40
N TYR F 259 -56.96 39.75 61.22
CA TYR F 259 -57.72 41.00 61.19
C TYR F 259 -56.72 42.14 61.01
N THR F 260 -56.52 42.56 59.77
CA THR F 260 -55.58 43.63 59.45
C THR F 260 -56.35 44.91 59.16
N PRO F 261 -56.21 45.94 60.00
CA PRO F 261 -56.95 47.19 59.75
C PRO F 261 -56.40 47.92 58.52
N GLU F 262 -57.19 48.86 58.04
CA GLU F 262 -56.84 49.61 56.84
C GLU F 262 -55.62 50.49 57.10
N GLY F 263 -54.76 50.60 56.07
CA GLY F 263 -53.60 51.47 56.14
C GLY F 263 -52.60 51.15 57.22
N THR F 264 -52.42 49.86 57.53
CA THR F 264 -51.52 49.46 58.61
C THR F 264 -50.30 48.74 58.04
N GLU F 265 -49.12 49.15 58.51
CA GLU F 265 -47.85 48.58 58.06
C GLU F 265 -47.24 47.74 59.17
N GLU F 266 -46.62 46.64 58.78
CA GLU F 266 -45.94 45.76 59.74
C GLU F 266 -44.74 46.46 60.37
N TRP F 267 -44.49 46.13 61.64
CA TRP F 267 -43.25 46.51 62.28
C TRP F 267 -42.23 45.39 62.12
N TYR G 1 43.97 35.03 -11.47
CA TYR G 1 43.28 35.72 -10.38
C TYR G 1 42.12 34.86 -9.86
N GLU G 2 42.41 34.11 -8.79
CA GLU G 2 41.44 33.17 -8.25
C GLU G 2 40.21 33.89 -7.69
N HIS G 3 39.04 33.32 -7.95
CA HIS G 3 37.79 33.80 -7.38
C HIS G 3 36.80 32.65 -7.41
N THR G 4 35.88 32.66 -6.45
CA THR G 4 34.91 31.58 -6.28
C THR G 4 33.50 32.07 -6.57
N ALA G 5 32.63 31.13 -6.94
CA ALA G 5 31.25 31.44 -7.25
C ALA G 5 30.42 30.17 -7.12
N THR G 6 29.10 30.35 -7.06
CA THR G 6 28.15 29.26 -7.03
C THR G 6 27.14 29.44 -8.15
N ILE G 7 26.68 28.33 -8.72
CA ILE G 7 25.71 28.33 -9.82
C ILE G 7 24.58 27.39 -9.47
N PRO G 8 23.32 27.83 -9.44
CA PRO G 8 22.20 26.89 -9.31
C PRO G 8 22.17 25.95 -10.51
N ASN G 9 21.86 24.68 -10.23
CA ASN G 9 21.92 23.66 -11.27
C ASN G 9 20.65 23.64 -12.10
N VAL G 10 20.27 24.80 -12.65
CA VAL G 10 19.05 24.93 -13.45
C VAL G 10 19.46 25.15 -14.90
N VAL G 11 19.05 24.23 -15.78
CA VAL G 11 19.41 24.34 -17.19
C VAL G 11 18.66 25.50 -17.85
N GLY G 12 19.31 26.13 -18.82
CA GLY G 12 18.70 27.21 -19.55
C GLY G 12 18.64 28.54 -18.84
N PHE G 13 19.30 28.68 -17.69
CA PHE G 13 19.26 29.92 -16.93
C PHE G 13 20.59 30.65 -17.07
N PRO G 14 20.64 31.78 -17.76
CA PRO G 14 21.89 32.57 -17.78
C PRO G 14 22.25 33.04 -16.39
N TYR G 15 23.54 33.03 -16.08
CA TYR G 15 24.03 33.45 -14.77
C TYR G 15 25.05 34.56 -14.96
N LYS G 16 24.95 35.58 -14.11
CA LYS G 16 25.86 36.72 -14.15
C LYS G 16 26.82 36.63 -12.99
N ALA G 17 28.13 36.62 -13.28
CA ALA G 17 29.17 36.52 -12.26
C ALA G 17 30.08 37.74 -12.38
N HIS G 18 30.10 38.59 -11.37
CA HIS G 18 30.82 39.86 -11.43
C HIS G 18 32.17 39.74 -10.75
N ILE G 19 33.21 40.22 -11.42
CA ILE G 19 34.54 40.35 -10.85
C ILE G 19 34.86 41.84 -10.78
N GLU G 20 35.26 42.28 -9.59
CA GLU G 20 35.44 43.71 -9.30
C GLU G 20 36.80 43.97 -8.70
N ARG G 21 37.84 43.44 -9.35
CA ARG G 21 39.20 43.69 -8.91
C ARG G 21 39.60 45.13 -9.15
N ASN G 22 40.35 45.70 -8.20
CA ASN G 22 40.81 47.07 -8.34
C ASN G 22 41.95 47.15 -9.34
N GLY G 23 42.22 48.37 -9.80
CA GLY G 23 43.24 48.60 -10.81
C GLY G 23 42.79 48.35 -12.23
N PHE G 24 41.55 47.91 -12.44
CA PHE G 24 41.01 47.64 -13.76
C PHE G 24 39.51 47.87 -13.72
N SER G 25 38.93 47.99 -14.90
CA SER G 25 37.48 48.13 -14.99
C SER G 25 36.80 46.83 -14.58
N PRO G 26 35.75 46.89 -13.75
CA PRO G 26 35.07 45.65 -13.35
C PRO G 26 34.44 44.96 -14.55
N MET G 27 34.32 43.63 -14.44
CA MET G 27 33.98 42.80 -15.60
C MET G 27 32.94 41.78 -15.18
N THR G 28 32.20 41.27 -16.17
CA THR G 28 31.07 40.37 -15.91
C THR G 28 31.17 39.13 -16.78
N LEU G 29 30.75 38.00 -16.22
CA LEU G 29 30.82 36.69 -16.87
C LEU G 29 29.41 36.17 -17.08
N GLN G 30 29.13 35.70 -18.30
CA GLN G 30 27.90 35.01 -18.61
C GLN G 30 28.14 33.51 -18.52
N LEU G 31 27.34 32.84 -17.69
CA LEU G 31 27.45 31.41 -17.44
C LEU G 31 26.22 30.71 -17.98
N GLU G 32 26.45 29.60 -18.71
CA GLU G 32 25.38 28.77 -19.23
C GLU G 32 25.68 27.32 -18.89
N VAL G 33 24.65 26.58 -18.47
CA VAL G 33 24.76 25.15 -18.23
C VAL G 33 23.86 24.44 -19.24
N LEU G 34 24.43 23.45 -19.95
CA LEU G 34 23.75 22.79 -21.06
C LEU G 34 23.79 21.27 -20.84
N GLY G 35 22.68 20.70 -20.39
CA GLY G 35 22.50 19.26 -20.38
C GLY G 35 23.47 18.46 -19.53
N THR G 36 23.34 18.56 -18.21
CA THR G 36 24.12 17.71 -17.32
C THR G 36 23.78 16.25 -17.54
N SER G 37 24.67 15.37 -17.07
CA SER G 37 24.52 13.93 -17.31
C SER G 37 25.21 13.17 -16.18
N LEU G 38 24.42 12.52 -15.35
CA LEU G 38 24.92 11.68 -14.26
C LEU G 38 25.01 10.24 -14.74
N GLU G 39 26.18 9.63 -14.55
CA GLU G 39 26.46 8.28 -15.03
C GLU G 39 26.83 7.39 -13.85
N PRO G 40 26.11 6.30 -13.59
CA PRO G 40 26.43 5.45 -12.44
C PRO G 40 27.42 4.35 -12.74
N THR G 41 27.76 3.57 -11.71
CA THR G 41 28.62 2.40 -11.84
C THR G 41 27.75 1.16 -12.03
N LEU G 42 28.25 0.22 -12.83
CA LEU G 42 27.50 -0.98 -13.20
C LEU G 42 28.30 -2.21 -12.81
N ASN G 43 27.58 -3.25 -12.35
CA ASN G 43 28.21 -4.48 -11.87
C ASN G 43 27.85 -5.73 -12.66
N LEU G 44 26.66 -5.80 -13.26
CA LEU G 44 26.26 -6.92 -14.12
C LEU G 44 26.30 -8.25 -13.36
N GLU G 45 25.36 -8.38 -12.42
CA GLU G 45 25.26 -9.62 -11.65
C GLU G 45 25.10 -10.83 -12.57
N TYR G 46 24.01 -10.89 -13.31
CA TYR G 46 23.70 -12.05 -14.15
C TYR G 46 22.77 -11.57 -15.27
N ILE G 47 22.19 -12.52 -16.00
CA ILE G 47 21.32 -12.21 -17.13
C ILE G 47 20.05 -13.04 -17.03
N THR G 48 19.02 -12.59 -17.74
CA THR G 48 17.73 -13.28 -17.78
C THR G 48 17.20 -13.26 -19.20
N CYS G 49 16.67 -14.40 -19.64
CA CYS G 49 16.17 -14.55 -21.00
C CYS G 49 15.17 -15.70 -21.04
N GLU G 50 14.55 -15.88 -22.19
CA GLU G 50 13.60 -16.96 -22.38
C GLU G 50 14.30 -18.31 -22.32
N TYR G 51 13.52 -19.37 -22.10
CA TYR G 51 14.03 -20.73 -22.07
C TYR G 51 13.24 -21.59 -23.04
N LYS G 52 13.95 -22.46 -23.75
CA LYS G 52 13.33 -23.45 -24.64
C LYS G 52 13.46 -24.83 -24.01
N THR G 53 12.34 -25.55 -23.96
CA THR G 53 12.33 -26.92 -23.44
C THR G 53 12.68 -27.87 -24.59
N VAL G 54 13.89 -28.39 -24.57
CA VAL G 54 14.38 -29.29 -25.60
C VAL G 54 14.06 -30.72 -25.17
N VAL G 55 13.27 -31.43 -25.98
CA VAL G 55 12.90 -32.80 -25.72
C VAL G 55 13.25 -33.64 -26.95
N PRO G 56 14.11 -34.66 -26.82
CA PRO G 56 14.37 -35.54 -27.96
C PRO G 56 13.20 -36.47 -28.21
N SER G 57 13.23 -37.12 -29.37
CA SER G 57 12.20 -38.09 -29.70
C SER G 57 12.21 -39.23 -28.70
N PRO G 58 11.06 -39.75 -28.30
CA PRO G 58 11.04 -40.82 -27.30
C PRO G 58 11.67 -42.10 -27.81
N TYR G 59 12.24 -42.86 -26.88
CA TYR G 59 12.92 -44.11 -27.20
C TYR G 59 11.97 -45.28 -26.96
N ILE G 60 11.87 -46.17 -27.95
CA ILE G 60 11.03 -47.35 -27.88
C ILE G 60 11.90 -48.58 -28.04
N LYS G 61 11.61 -49.60 -27.24
CA LYS G 61 12.34 -50.86 -27.28
C LYS G 61 11.50 -51.93 -26.62
N CYS G 62 11.24 -53.01 -27.35
CA CYS G 62 10.32 -54.06 -26.90
C CYS G 62 11.09 -55.25 -26.32
N CYS G 63 11.77 -55.02 -25.20
CA CYS G 63 12.37 -56.13 -24.45
C CYS G 63 12.07 -56.11 -22.96
N GLY G 64 11.75 -54.95 -22.37
CA GLY G 64 11.43 -54.85 -20.96
C GLY G 64 12.57 -54.35 -20.09
N THR G 65 13.81 -54.43 -20.56
CA THR G 65 14.94 -53.97 -19.79
C THR G 65 15.02 -52.44 -19.81
N SER G 66 15.15 -51.84 -18.64
CA SER G 66 15.21 -50.39 -18.52
C SER G 66 16.65 -49.91 -18.49
N GLU G 67 16.90 -48.75 -19.09
CA GLU G 67 18.23 -48.13 -19.14
C GLU G 67 18.11 -46.71 -18.63
N CYS G 68 18.30 -46.53 -17.33
CA CYS G 68 18.27 -45.22 -16.69
C CYS G 68 19.69 -44.68 -16.59
N ARG G 69 19.93 -43.55 -17.25
CA ARG G 69 21.25 -42.92 -17.24
C ARG G 69 21.10 -41.46 -16.85
N SER G 70 22.15 -40.93 -16.21
CA SER G 70 22.15 -39.57 -15.69
C SER G 70 23.30 -38.78 -16.32
N MET G 71 23.01 -37.57 -16.80
CA MET G 71 23.99 -36.69 -17.38
C MET G 71 24.08 -35.40 -16.56
N GLU G 72 24.85 -34.44 -17.05
CA GLU G 72 25.13 -33.21 -16.32
C GLU G 72 24.34 -32.02 -16.84
N ARG G 73 23.43 -32.21 -17.79
CA ARG G 73 22.58 -31.11 -18.25
C ARG G 73 21.57 -30.75 -17.16
N PRO G 74 21.10 -29.49 -17.16
CA PRO G 74 20.23 -29.04 -16.06
C PRO G 74 18.90 -29.77 -16.01
N ASP G 75 18.35 -29.83 -14.80
CA ASP G 75 16.98 -30.26 -14.47
C ASP G 75 16.48 -31.38 -15.38
N TYR G 76 17.22 -32.48 -15.38
CA TYR G 76 16.72 -33.71 -15.98
C TYR G 76 15.54 -34.26 -15.17
N GLN G 77 14.65 -34.96 -15.87
CA GLN G 77 13.60 -35.76 -15.25
C GLN G 77 13.83 -37.18 -15.76
N CYS G 78 14.75 -37.89 -15.11
CA CYS G 78 15.16 -39.21 -15.57
C CYS G 78 14.12 -40.25 -15.15
N GLN G 79 13.35 -40.74 -16.11
CA GLN G 79 12.31 -41.71 -15.84
C GLN G 79 12.02 -42.49 -17.11
N VAL G 80 11.79 -43.80 -16.95
CA VAL G 80 11.40 -44.67 -18.05
C VAL G 80 10.17 -45.45 -17.61
N TYR G 81 9.29 -45.76 -18.57
CA TYR G 81 8.01 -46.35 -18.25
C TYR G 81 7.88 -47.71 -18.94
N THR G 82 7.02 -48.56 -18.36
CA THR G 82 6.70 -49.87 -18.90
C THR G 82 5.20 -49.96 -19.17
N GLY G 83 4.78 -51.09 -19.72
CA GLY G 83 3.37 -51.29 -20.02
C GLY G 83 2.82 -50.31 -21.03
N VAL G 84 3.53 -50.10 -22.13
CA VAL G 84 3.13 -49.14 -23.16
C VAL G 84 2.77 -49.91 -24.44
N TYR G 85 1.70 -49.47 -25.10
CA TYR G 85 1.20 -50.10 -26.32
C TYR G 85 1.03 -49.02 -27.38
N PRO G 86 2.13 -48.56 -27.97
CA PRO G 86 2.07 -47.41 -28.87
C PRO G 86 1.35 -47.73 -30.18
N PHE G 87 0.79 -46.68 -30.79
CA PHE G 87 0.06 -46.77 -32.05
C PHE G 87 0.57 -45.71 -33.01
N MET G 88 0.55 -46.04 -34.30
CA MET G 88 0.94 -45.12 -35.36
C MET G 88 -0.04 -45.25 -36.52
N TRP G 89 0.34 -44.68 -37.67
CA TRP G 89 -0.51 -44.73 -38.85
C TRP G 89 -0.75 -46.17 -39.30
N GLY G 90 0.28 -47.01 -39.25
CA GLY G 90 0.14 -48.40 -39.64
C GLY G 90 -0.43 -49.27 -38.55
N GLY G 91 -1.25 -48.69 -37.69
CA GLY G 91 -1.88 -49.41 -36.59
C GLY G 91 -0.98 -49.52 -35.38
N ALA G 92 -0.01 -50.42 -35.42
CA ALA G 92 0.90 -50.62 -34.30
C ALA G 92 2.12 -51.38 -34.79
N TYR G 93 3.16 -51.39 -33.96
CA TYR G 93 4.38 -52.12 -34.26
C TYR G 93 4.59 -53.20 -33.20
N CYS G 94 5.34 -54.24 -33.58
CA CYS G 94 5.70 -55.32 -32.67
C CYS G 94 4.46 -56.07 -32.19
N PHE G 95 4.66 -57.06 -31.31
CA PHE G 95 3.58 -57.89 -30.82
C PHE G 95 3.49 -57.99 -29.31
N CYS G 96 4.60 -57.90 -28.59
CA CYS G 96 4.62 -58.18 -27.16
C CYS G 96 3.87 -57.13 -26.37
N ASP G 97 3.26 -57.56 -25.27
CA ASP G 97 2.53 -56.69 -24.36
C ASP G 97 2.97 -56.95 -22.93
N THR G 98 2.78 -55.93 -22.09
CA THR G 98 3.08 -55.98 -20.65
C THR G 98 4.60 -56.03 -20.44
N GLU G 99 5.37 -56.15 -21.52
CA GLU G 99 6.83 -56.15 -21.48
C GLU G 99 7.32 -55.23 -22.60
N ASN G 100 7.41 -53.94 -22.30
CA ASN G 100 7.87 -52.94 -23.25
C ASN G 100 8.55 -51.81 -22.50
N THR G 101 9.36 -51.05 -23.21
CA THR G 101 10.06 -49.91 -22.63
C THR G 101 9.69 -48.63 -23.37
N GLN G 102 9.59 -47.54 -22.62
CA GLN G 102 9.28 -46.23 -23.18
C GLN G 102 10.12 -45.20 -22.43
N LEU G 103 11.18 -44.72 -23.06
CA LEU G 103 12.10 -43.78 -22.44
C LEU G 103 11.79 -42.37 -22.91
N SER G 104 11.52 -41.47 -21.95
CA SER G 104 11.20 -40.09 -22.25
C SER G 104 12.10 -39.18 -21.40
N GLU G 105 12.71 -38.20 -22.05
CA GLU G 105 13.62 -37.29 -21.37
C GLU G 105 13.48 -35.90 -21.99
N ALA G 106 13.75 -34.88 -21.18
CA ALA G 106 13.70 -33.50 -21.64
C ALA G 106 14.57 -32.65 -20.73
N TYR G 107 15.01 -31.51 -21.25
CA TYR G 107 15.79 -30.55 -20.47
C TYR G 107 15.50 -29.16 -21.01
N VAL G 108 16.26 -28.18 -20.54
CA VAL G 108 16.01 -26.78 -20.87
C VAL G 108 17.31 -26.15 -21.37
N ASP G 109 17.17 -25.15 -22.24
CA ASP G 109 18.32 -24.45 -22.79
C ASP G 109 17.92 -22.99 -23.04
N ARG G 110 18.93 -22.14 -23.16
CA ARG G 110 18.67 -20.72 -23.36
C ARG G 110 18.04 -20.48 -24.73
N SER G 111 17.56 -19.24 -24.92
CA SER G 111 16.80 -18.89 -26.11
C SER G 111 17.69 -18.66 -27.31
N ASP G 112 17.06 -18.60 -28.49
CA ASP G 112 17.79 -18.40 -29.74
C ASP G 112 18.20 -16.94 -29.96
N VAL G 113 17.41 -15.97 -29.50
CA VAL G 113 17.74 -14.56 -29.69
C VAL G 113 18.33 -14.05 -28.38
N CYS G 114 18.94 -14.97 -27.62
CA CYS G 114 19.62 -14.58 -26.39
C CYS G 114 20.68 -13.51 -26.63
N LYS G 115 21.27 -13.49 -27.83
CA LYS G 115 22.27 -12.47 -28.15
C LYS G 115 21.68 -11.07 -28.18
N HIS G 116 20.40 -10.93 -28.47
CA HIS G 116 19.79 -9.62 -28.67
C HIS G 116 18.63 -9.32 -27.73
N ASP G 117 17.78 -10.31 -27.43
CA ASP G 117 16.56 -10.09 -26.66
C ASP G 117 16.72 -10.40 -25.18
N HIS G 118 17.91 -10.14 -24.63
CA HIS G 118 18.17 -10.39 -23.23
C HIS G 118 17.75 -9.20 -22.37
N ALA G 119 17.79 -9.39 -21.06
CA ALA G 119 17.56 -8.34 -20.08
C ALA G 119 18.70 -8.35 -19.07
N ALA G 120 19.19 -7.17 -18.72
CA ALA G 120 20.41 -7.04 -17.92
C ALA G 120 20.09 -6.53 -16.53
N ALA G 121 20.80 -7.06 -15.53
CA ALA G 121 20.73 -6.57 -14.17
C ALA G 121 22.04 -5.86 -13.82
N TYR G 122 21.94 -4.84 -12.96
CA TYR G 122 23.10 -4.03 -12.64
C TYR G 122 23.01 -3.54 -11.20
N LYS G 123 24.17 -3.28 -10.61
CA LYS G 123 24.27 -2.72 -9.26
C LYS G 123 24.78 -1.30 -9.33
N ALA G 124 24.13 -0.39 -8.63
CA ALA G 124 24.49 1.02 -8.62
C ALA G 124 25.27 1.37 -7.35
N HIS G 125 26.08 2.42 -7.46
CA HIS G 125 26.90 2.90 -6.37
C HIS G 125 27.08 4.40 -6.52
N THR G 126 28.07 4.97 -5.83
CA THR G 126 28.38 6.38 -5.98
C THR G 126 28.68 6.69 -7.45
N ALA G 127 28.04 7.74 -7.96
CA ALA G 127 28.02 8.03 -9.39
C ALA G 127 28.64 9.39 -9.66
N ALA G 128 29.48 9.44 -10.70
CA ALA G 128 30.00 10.70 -11.20
C ALA G 128 28.98 11.34 -12.13
N MET G 129 29.15 12.64 -12.39
CA MET G 129 28.27 13.37 -13.27
C MET G 129 29.04 14.44 -14.03
N LYS G 130 28.86 14.47 -15.34
CA LYS G 130 29.52 15.41 -16.24
C LYS G 130 28.55 16.54 -16.59
N ALA G 131 29.10 17.71 -16.88
CA ALA G 131 28.29 18.86 -17.26
C ALA G 131 28.98 19.62 -18.38
N THR G 132 28.17 20.22 -19.25
CA THR G 132 28.66 21.06 -20.33
C THR G 132 28.36 22.52 -20.00
N ILE G 133 29.39 23.35 -19.96
CA ILE G 133 29.28 24.72 -19.50
C ILE G 133 29.78 25.66 -20.59
N ARG G 134 29.02 26.72 -20.84
CA ARG G 134 29.38 27.76 -21.78
C ARG G 134 29.74 29.03 -21.02
N ILE G 135 30.88 29.61 -21.35
CA ILE G 135 31.39 30.80 -20.69
C ILE G 135 31.51 31.93 -21.70
N SER G 136 31.13 33.13 -21.27
CA SER G 136 31.23 34.30 -22.14
C SER G 136 31.71 35.50 -21.34
N TYR G 137 32.60 36.27 -21.95
CA TYR G 137 32.93 37.61 -21.49
C TYR G 137 33.27 38.45 -22.72
N GLY G 138 33.89 39.61 -22.49
CA GLY G 138 34.08 40.57 -23.56
C GLY G 138 34.74 40.01 -24.80
N ASN G 139 33.96 39.91 -25.88
CA ASN G 139 34.44 39.40 -27.17
C ASN G 139 35.05 38.01 -27.03
N LEU G 140 34.40 37.15 -26.26
CA LEU G 140 34.82 35.75 -26.15
C LEU G 140 33.65 34.94 -25.63
N ASN G 141 33.25 33.90 -26.36
CA ASN G 141 31.99 33.21 -26.10
C ASN G 141 32.14 31.76 -26.58
N GLN G 142 32.46 30.86 -25.66
CA GLN G 142 32.77 29.48 -26.05
C GLN G 142 32.18 28.49 -25.08
N THR G 143 31.91 27.29 -25.58
CA THR G 143 31.46 26.17 -24.76
C THR G 143 32.67 25.44 -24.18
N THR G 144 32.41 24.62 -23.16
CA THR G 144 33.45 23.82 -22.51
C THR G 144 32.91 22.42 -22.29
N THR G 145 33.70 21.58 -21.63
CA THR G 145 33.28 20.23 -21.27
C THR G 145 34.13 19.80 -20.08
N ALA G 146 33.50 19.72 -18.91
CA ALA G 146 34.20 19.38 -17.67
C ALA G 146 33.45 18.29 -16.94
N PHE G 147 34.19 17.51 -16.16
CA PHE G 147 33.62 16.42 -15.37
C PHE G 147 33.02 16.90 -14.05
N VAL G 148 33.16 18.20 -13.74
CA VAL G 148 32.69 18.84 -12.51
C VAL G 148 32.84 17.91 -11.31
N ASN G 149 33.98 17.22 -11.25
CA ASN G 149 34.33 16.40 -10.09
C ASN G 149 34.93 17.26 -9.00
N GLY G 150 35.54 16.63 -7.99
CA GLY G 150 36.09 17.39 -6.87
C GLY G 150 37.10 18.44 -7.31
N GLU G 151 37.96 18.09 -8.27
CA GLU G 151 38.93 19.06 -8.78
C GLU G 151 39.36 18.65 -10.18
N HIS G 152 39.25 19.57 -11.12
CA HIS G 152 39.59 19.36 -12.53
C HIS G 152 39.54 20.71 -13.23
N THR G 153 40.46 20.92 -14.17
CA THR G 153 40.56 22.20 -14.88
C THR G 153 39.72 22.17 -16.15
N VAL G 154 39.61 23.35 -16.76
CA VAL G 154 38.85 23.52 -18.00
C VAL G 154 39.76 24.06 -19.08
N THR G 155 40.42 25.19 -18.79
CA THR G 155 41.32 25.87 -19.73
C THR G 155 40.59 26.21 -21.03
N VAL G 156 39.53 27.01 -20.89
CA VAL G 156 38.76 27.47 -22.05
C VAL G 156 39.59 28.39 -22.94
N GLY G 157 40.65 28.99 -22.39
CA GLY G 157 41.44 29.95 -23.14
C GLY G 157 42.46 30.65 -22.27
N GLY G 158 42.49 31.99 -22.33
CA GLY G 158 43.41 32.74 -21.48
C GLY G 158 43.18 32.47 -20.01
N SER G 159 41.93 32.35 -19.59
CA SER G 159 41.59 32.06 -18.21
C SER G 159 41.50 30.54 -18.00
N ARG G 160 41.39 30.15 -16.73
CA ARG G 160 41.22 28.74 -16.38
C ARG G 160 40.16 28.62 -15.30
N PHE G 161 39.36 27.56 -15.38
CA PHE G 161 38.24 27.34 -14.49
C PHE G 161 38.32 25.93 -13.91
N THR G 162 37.79 25.78 -12.69
CA THR G 162 37.73 24.48 -12.01
C THR G 162 36.39 24.39 -11.32
N PHE G 163 35.58 23.41 -11.71
CA PHE G 163 34.26 23.24 -11.12
C PHE G 163 34.32 22.32 -9.92
N GLY G 164 33.72 22.77 -8.82
CA GLY G 164 33.76 22.04 -7.57
C GLY G 164 32.79 20.88 -7.55
N PRO G 165 32.89 20.07 -6.50
CA PRO G 165 32.04 18.89 -6.38
C PRO G 165 30.60 19.25 -5.99
N ILE G 166 29.69 18.36 -6.37
CA ILE G 166 28.29 18.52 -6.01
C ILE G 166 28.13 18.38 -4.50
N SER G 167 27.16 19.11 -3.94
CA SER G 167 26.91 19.06 -2.51
C SER G 167 26.45 17.67 -2.07
N THR G 168 25.45 17.13 -2.75
CA THR G 168 24.92 15.80 -2.42
C THR G 168 24.49 15.12 -3.71
N ALA G 169 24.71 13.81 -3.77
CA ALA G 169 24.37 13.01 -4.95
C ALA G 169 22.99 12.41 -4.75
N TRP G 170 21.96 13.16 -5.15
CA TRP G 170 20.58 12.69 -5.08
C TRP G 170 20.24 11.91 -6.36
N THR G 171 20.94 10.79 -6.52
CA THR G 171 20.78 9.99 -7.72
C THR G 171 19.41 9.32 -7.73
N PRO G 172 18.67 9.38 -8.84
CA PRO G 172 17.41 8.63 -8.93
C PRO G 172 17.61 7.12 -8.82
N PHE G 173 18.73 6.60 -9.29
CA PHE G 173 19.00 5.17 -9.20
C PHE G 173 19.33 4.80 -7.76
N ASP G 174 19.23 3.49 -7.48
CA ASP G 174 19.51 2.99 -6.13
C ASP G 174 19.75 1.50 -6.19
N ASN G 175 20.90 1.08 -5.64
CA ASN G 175 21.24 -0.32 -5.47
C ASN G 175 21.19 -1.09 -6.79
N LYS G 176 20.09 -1.80 -7.03
CA LYS G 176 19.97 -2.72 -8.15
C LYS G 176 18.92 -2.23 -9.13
N ILE G 177 19.24 -2.28 -10.42
CA ILE G 177 18.37 -1.83 -11.49
C ILE G 177 18.40 -2.85 -12.63
N VAL G 178 17.43 -2.72 -13.54
CA VAL G 178 17.29 -3.60 -14.69
C VAL G 178 17.26 -2.75 -15.95
N VAL G 179 18.02 -3.15 -16.95
CA VAL G 179 18.11 -2.46 -18.25
C VAL G 179 17.58 -3.40 -19.32
N TYR G 180 16.63 -2.92 -20.13
CA TYR G 180 16.02 -3.74 -21.17
C TYR G 180 15.45 -2.81 -22.25
N LYS G 181 16.21 -2.64 -23.33
CA LYS G 181 15.77 -1.91 -24.53
C LYS G 181 15.18 -0.53 -24.18
N ASN G 182 16.09 0.34 -23.69
CA ASN G 182 15.86 1.77 -23.62
C ASN G 182 14.94 2.17 -22.46
N ASP G 183 14.90 1.37 -21.40
CA ASP G 183 14.16 1.75 -20.21
C ASP G 183 14.72 0.98 -19.02
N VAL G 184 14.62 1.58 -17.84
CA VAL G 184 15.11 0.99 -16.60
C VAL G 184 13.96 0.89 -15.62
N TYR G 185 14.20 0.17 -14.53
CA TYR G 185 13.21 -0.01 -13.48
C TYR G 185 13.91 -0.11 -12.14
N ASN G 186 13.26 0.44 -11.11
CA ASN G 186 13.73 0.33 -9.73
C ASN G 186 13.10 -0.89 -9.06
N LEU G 187 13.24 -2.03 -9.72
CA LEU G 187 12.62 -3.28 -9.29
C LEU G 187 13.72 -4.27 -8.91
N ASP G 188 13.68 -4.76 -7.67
CA ASP G 188 14.69 -5.68 -7.18
C ASP G 188 14.50 -7.08 -7.80
N PHE G 189 15.57 -7.87 -7.74
CA PHE G 189 15.56 -9.20 -8.32
C PHE G 189 16.09 -10.21 -7.32
N PRO G 190 15.69 -11.48 -7.45
CA PRO G 190 16.29 -12.53 -6.62
C PRO G 190 17.76 -12.69 -6.96
N PRO G 191 18.56 -13.19 -6.02
CA PRO G 191 20.00 -13.31 -6.27
C PRO G 191 20.29 -14.38 -7.32
N TYR G 192 21.54 -14.37 -7.79
CA TYR G 192 21.98 -15.33 -8.80
C TYR G 192 21.85 -16.77 -8.31
N GLY G 193 21.86 -16.99 -7.00
CA GLY G 193 21.83 -18.34 -6.47
C GLY G 193 20.55 -19.11 -6.73
N SER G 194 19.44 -18.65 -6.15
CA SER G 194 18.17 -19.34 -6.26
C SER G 194 17.09 -18.35 -6.69
N GLY G 195 16.09 -18.88 -7.40
CA GLY G 195 14.99 -18.05 -7.88
C GLY G 195 13.69 -18.80 -7.82
N GLN G 196 12.60 -18.03 -7.78
CA GLN G 196 11.27 -18.61 -7.70
C GLN G 196 10.89 -19.22 -9.06
N PRO G 197 10.23 -20.37 -9.06
CA PRO G 197 9.83 -21.03 -10.34
C PRO G 197 8.65 -20.34 -11.02
N GLY G 198 8.95 -19.27 -11.77
CA GLY G 198 7.93 -18.68 -12.62
C GLY G 198 7.77 -17.17 -12.58
N ARG G 199 7.99 -16.55 -11.42
CA ARG G 199 7.76 -15.11 -11.28
C ARG G 199 8.64 -14.30 -12.22
N PHE G 200 9.95 -14.34 -11.99
CA PHE G 200 10.89 -13.59 -12.80
C PHE G 200 12.29 -14.15 -12.56
N GLY G 201 13.10 -14.17 -13.62
CA GLY G 201 14.42 -14.71 -13.51
C GLY G 201 14.46 -16.20 -13.22
N ASP G 202 13.52 -16.96 -13.79
CA ASP G 202 13.58 -18.41 -13.66
C ASP G 202 14.81 -18.99 -14.36
N ILE G 203 15.39 -18.24 -15.29
CA ILE G 203 16.70 -18.53 -15.86
C ILE G 203 17.64 -17.45 -15.36
N GLN G 204 18.66 -17.86 -14.61
CA GLN G 204 19.58 -16.89 -14.00
C GLN G 204 20.98 -17.09 -14.56
N SER G 205 21.10 -17.15 -15.87
CA SER G 205 22.39 -17.33 -16.52
C SER G 205 23.30 -16.15 -16.26
N ARG G 206 24.61 -16.42 -16.29
CA ARG G 206 25.63 -15.38 -16.20
C ARG G 206 25.83 -14.73 -17.56
N THR G 207 27.00 -14.14 -17.78
CA THR G 207 27.31 -13.45 -19.03
C THR G 207 26.97 -14.32 -20.24
N VAL G 208 26.83 -13.66 -21.39
CA VAL G 208 26.21 -14.23 -22.58
C VAL G 208 26.98 -15.42 -23.15
N GLU G 209 28.10 -15.78 -22.52
CA GLU G 209 28.91 -16.88 -23.05
C GLU G 209 28.29 -18.27 -22.80
N SER G 210 27.08 -18.36 -22.27
CA SER G 210 26.31 -19.60 -22.21
C SER G 210 27.05 -20.69 -21.43
N LYS G 211 27.32 -20.40 -20.16
CA LYS G 211 27.94 -21.36 -19.25
C LYS G 211 27.10 -21.49 -18.00
N ASP G 212 26.74 -22.74 -17.66
CA ASP G 212 25.98 -23.05 -16.45
C ASP G 212 24.66 -22.29 -16.41
N LEU G 213 23.76 -22.67 -17.33
CA LEU G 213 22.42 -22.08 -17.40
C LEU G 213 21.58 -22.66 -16.27
N TYR G 214 21.72 -22.07 -15.08
CA TYR G 214 20.97 -22.53 -13.92
C TYR G 214 19.48 -22.34 -14.14
N ALA G 215 18.71 -23.39 -13.86
CA ALA G 215 17.27 -23.35 -14.08
C ALA G 215 16.56 -23.97 -12.90
N ASN G 216 15.45 -23.34 -12.49
CA ASN G 216 14.55 -23.85 -11.46
C ASN G 216 13.12 -23.80 -11.95
N THR G 217 12.90 -24.17 -13.22
CA THR G 217 11.61 -24.07 -13.86
C THR G 217 10.72 -25.29 -13.62
N ALA G 218 11.21 -26.30 -12.90
CA ALA G 218 10.39 -27.38 -12.36
C ALA G 218 9.66 -28.16 -13.46
N LEU G 219 10.46 -28.84 -14.28
CA LEU G 219 9.87 -29.78 -15.22
C LEU G 219 9.25 -30.97 -14.49
N LYS G 220 8.18 -31.49 -15.06
CA LYS G 220 7.50 -32.67 -14.55
C LYS G 220 7.09 -33.58 -15.69
N LEU G 221 7.25 -34.88 -15.50
CA LEU G 221 6.85 -35.87 -16.48
C LEU G 221 5.63 -36.64 -15.98
N SER G 222 5.01 -37.38 -16.89
CA SER G 222 3.81 -38.13 -16.57
C SER G 222 3.72 -39.34 -17.50
N ARG G 223 2.88 -40.28 -17.10
CA ARG G 223 2.69 -41.49 -17.90
C ARG G 223 1.89 -41.17 -19.15
N PRO G 224 2.39 -41.52 -20.34
CA PRO G 224 1.62 -41.29 -21.56
C PRO G 224 0.35 -42.13 -21.57
N SER G 225 -0.68 -41.59 -22.21
CA SER G 225 -1.95 -42.30 -22.31
C SER G 225 -1.79 -43.55 -23.19
N SER G 226 -2.67 -44.52 -22.96
CA SER G 226 -2.58 -45.82 -23.62
C SER G 226 -2.86 -45.73 -25.12
N GLY G 227 -3.37 -44.62 -25.62
CA GLY G 227 -3.77 -44.53 -27.02
C GLY G 227 -2.64 -44.65 -28.01
N THR G 228 -1.75 -43.66 -28.06
CA THR G 228 -0.68 -43.62 -29.05
C THR G 228 0.60 -43.14 -28.36
N VAL G 229 1.60 -42.76 -29.16
CA VAL G 229 2.85 -42.26 -28.63
C VAL G 229 2.65 -40.84 -28.10
N HIS G 230 3.26 -40.56 -26.95
CA HIS G 230 3.14 -39.25 -26.32
C HIS G 230 4.47 -38.90 -25.68
N VAL G 231 4.50 -37.72 -25.05
CA VAL G 231 5.64 -37.22 -24.29
C VAL G 231 5.12 -36.17 -23.32
N PRO G 232 4.23 -36.53 -22.39
CA PRO G 232 3.54 -35.52 -21.58
C PRO G 232 4.45 -34.85 -20.56
N TYR G 233 4.75 -33.57 -20.78
CA TYR G 233 5.53 -32.79 -19.84
C TYR G 233 4.75 -31.53 -19.46
N THR G 234 4.76 -31.20 -18.17
CA THR G 234 4.06 -30.04 -17.64
C THR G 234 5.09 -28.98 -17.26
N GLN G 235 4.79 -27.73 -17.61
CA GLN G 235 5.74 -26.65 -17.41
C GLN G 235 4.99 -25.34 -17.24
N THR G 236 5.47 -24.52 -16.30
CA THR G 236 4.93 -23.18 -16.11
C THR G 236 5.42 -22.25 -17.23
N PRO G 237 4.64 -21.24 -17.58
CA PRO G 237 5.05 -20.33 -18.65
C PRO G 237 6.26 -19.51 -18.25
N SER G 238 6.95 -19.00 -19.27
CA SER G 238 8.19 -18.25 -19.05
C SER G 238 7.90 -16.95 -18.31
N GLY G 239 8.67 -16.71 -17.25
CA GLY G 239 8.50 -15.49 -16.48
C GLY G 239 8.97 -14.24 -17.21
N PHE G 240 9.88 -14.41 -18.16
CA PHE G 240 10.40 -13.26 -18.92
C PHE G 240 9.30 -12.66 -19.79
N LYS G 241 8.57 -13.50 -20.53
CA LYS G 241 7.47 -13.02 -21.36
C LYS G 241 6.36 -12.42 -20.51
N TYR G 242 6.04 -13.06 -19.38
CA TYR G 242 4.99 -12.54 -18.50
C TYR G 242 5.40 -11.18 -17.92
N TRP G 243 6.67 -11.04 -17.53
CA TRP G 243 7.15 -9.76 -17.00
C TRP G 243 7.09 -8.67 -18.06
N ILE G 244 7.44 -9.01 -19.31
CA ILE G 244 7.29 -8.04 -20.39
C ILE G 244 5.82 -7.67 -20.59
N LYS G 245 4.94 -8.67 -20.54
CA LYS G 245 3.52 -8.42 -20.75
C LYS G 245 2.96 -7.48 -19.69
N GLU G 246 3.28 -7.73 -18.42
CA GLU G 246 2.77 -6.85 -17.36
C GLU G 246 3.47 -5.50 -17.40
N ARG G 247 4.80 -5.49 -17.51
CA ARG G 247 5.65 -4.31 -17.53
C ARG G 247 5.09 -3.18 -16.68
N GLY G 248 4.62 -2.11 -17.33
CA GLY G 248 3.98 -1.00 -16.64
C GLY G 248 4.92 -0.18 -15.78
N THR G 249 4.52 1.06 -15.49
CA THR G 249 5.22 1.93 -14.55
C THR G 249 6.71 2.04 -14.88
N SER G 250 7.00 2.56 -16.08
CA SER G 250 8.39 2.76 -16.48
C SER G 250 9.05 3.82 -15.59
N LEU G 251 10.34 3.61 -15.30
CA LEU G 251 11.05 4.54 -14.42
C LEU G 251 11.24 5.90 -15.06
N ASN G 252 11.16 5.99 -16.39
CA ASN G 252 11.35 7.25 -17.10
C ASN G 252 10.27 8.25 -16.70
N ASP G 253 9.17 7.77 -16.11
CA ASP G 253 8.11 8.64 -15.62
C ASP G 253 8.14 8.82 -14.11
N LYS G 254 9.13 8.26 -13.41
CA LYS G 254 9.22 8.38 -11.96
C LYS G 254 10.42 9.21 -11.50
N ALA G 255 11.08 9.91 -12.41
CA ALA G 255 12.25 10.68 -12.03
C ALA G 255 11.85 11.77 -11.05
N PRO G 256 12.44 11.81 -9.84
CA PRO G 256 12.02 12.81 -8.85
C PRO G 256 12.36 14.25 -9.24
N PHE G 257 13.09 14.47 -10.34
CA PHE G 257 13.38 15.82 -10.78
C PHE G 257 13.28 15.94 -12.30
N GLY G 258 12.50 15.07 -12.94
CA GLY G 258 12.32 15.12 -14.37
C GLY G 258 13.60 14.85 -15.15
N CYS G 259 14.33 13.81 -14.76
CA CYS G 259 15.67 13.56 -15.25
C CYS G 259 15.59 12.43 -16.29
N VAL G 260 15.67 12.79 -17.57
CA VAL G 260 15.41 11.84 -18.65
C VAL G 260 16.57 10.85 -18.75
N ILE G 261 16.24 9.57 -18.94
CA ILE G 261 17.24 8.51 -18.91
C ILE G 261 17.51 8.03 -20.33
N LYS G 262 18.80 7.97 -20.69
CA LYS G 262 19.23 7.42 -21.97
C LYS G 262 20.12 6.21 -21.68
N THR G 263 19.92 5.13 -22.44
CA THR G 263 20.38 3.81 -22.02
C THR G 263 21.71 3.38 -22.61
N ASN G 264 22.26 4.08 -23.61
CA ASN G 264 23.42 3.55 -24.30
C ASN G 264 24.63 3.38 -23.36
N PRO G 265 25.06 4.38 -22.59
CA PRO G 265 25.87 4.09 -21.40
C PRO G 265 25.07 4.08 -20.09
N VAL G 266 23.74 4.21 -20.17
CA VAL G 266 22.87 4.34 -19.01
C VAL G 266 23.26 5.58 -18.21
N ARG G 267 22.73 6.74 -18.59
CA ARG G 267 22.92 7.95 -17.81
C ARG G 267 21.58 8.68 -17.71
N ALA G 268 21.55 9.66 -16.80
CA ALA G 268 20.37 10.50 -16.58
C ALA G 268 20.74 11.96 -16.82
N GLU G 269 19.94 12.64 -17.63
CA GLU G 269 20.29 13.95 -18.15
C GLU G 269 19.16 14.94 -17.93
N ASN G 270 19.54 16.23 -17.92
CA ASN G 270 18.60 17.35 -17.97
C ASN G 270 17.67 17.37 -16.75
N CYS G 271 18.28 17.44 -15.56
CA CYS G 271 17.54 17.51 -14.31
C CYS G 271 18.26 18.40 -13.30
N ALA G 272 17.47 19.14 -12.52
CA ALA G 272 17.98 20.17 -11.62
C ALA G 272 17.95 19.66 -10.18
N VAL G 273 19.10 19.75 -9.50
CA VAL G 273 19.19 19.47 -8.08
C VAL G 273 20.48 20.07 -7.55
N GLY G 274 20.42 20.64 -6.35
CA GLY G 274 21.60 21.21 -5.72
C GLY G 274 22.15 22.43 -6.44
N ASN G 275 23.43 22.69 -6.19
CA ASN G 275 24.14 23.78 -6.84
C ASN G 275 25.60 23.39 -6.99
N ILE G 276 26.27 24.04 -7.93
CA ILE G 276 27.64 23.69 -8.31
C ILE G 276 28.56 24.85 -7.93
N PRO G 277 29.56 24.63 -7.08
CA PRO G 277 30.58 25.65 -6.85
C PRO G 277 31.63 25.63 -7.96
N VAL G 278 32.33 26.75 -8.08
CA VAL G 278 33.36 26.91 -9.12
C VAL G 278 34.41 27.89 -8.62
N SER G 279 35.64 27.72 -9.11
CA SER G 279 36.74 28.64 -8.89
C SER G 279 37.39 28.94 -10.22
N MET G 280 38.09 30.08 -10.28
CA MET G 280 38.63 30.53 -11.56
C MET G 280 39.87 31.37 -11.33
N ASP G 281 40.67 31.49 -12.39
CA ASP G 281 41.77 32.44 -12.43
C ASP G 281 41.85 33.05 -13.82
N ILE G 282 42.10 34.36 -13.87
CA ILE G 282 42.02 35.13 -15.11
C ILE G 282 43.32 35.91 -15.32
N PRO G 283 43.87 35.92 -16.53
CA PRO G 283 45.03 36.76 -16.79
C PRO G 283 44.69 38.24 -16.72
N ASP G 284 45.71 39.05 -16.45
CA ASP G 284 45.52 40.49 -16.28
C ASP G 284 45.06 41.15 -17.58
N SER G 285 45.56 40.67 -18.72
CA SER G 285 45.32 41.31 -20.01
C SER G 285 44.01 40.89 -20.66
N ALA G 286 43.06 40.33 -19.91
CA ALA G 286 41.81 39.85 -20.46
C ALA G 286 40.71 40.90 -20.51
N PHE G 287 40.99 42.13 -20.07
CA PHE G 287 40.00 43.19 -20.04
C PHE G 287 40.72 44.54 -20.00
N THR G 288 39.94 45.60 -19.83
CA THR G 288 40.46 46.96 -19.84
C THR G 288 40.72 47.45 -18.41
N ARG G 289 41.39 48.60 -18.32
CA ARG G 289 41.72 49.21 -17.05
C ARG G 289 40.78 50.38 -16.76
N VAL G 290 41.00 51.02 -15.60
CA VAL G 290 40.08 52.04 -15.12
C VAL G 290 40.13 53.31 -15.96
N ILE G 291 41.24 53.55 -16.67
CA ILE G 291 41.39 54.81 -17.41
C ILE G 291 40.44 54.89 -18.60
N ASP G 292 39.83 53.78 -18.99
CA ASP G 292 39.00 53.72 -20.19
C ASP G 292 37.55 53.98 -19.82
N ALA G 293 36.99 55.06 -20.36
CA ALA G 293 35.58 55.41 -20.22
C ALA G 293 35.06 55.47 -18.78
N PRO G 294 35.66 56.31 -17.91
CA PRO G 294 35.01 56.59 -16.63
C PRO G 294 33.96 57.68 -16.76
N ALA G 295 32.68 57.32 -16.71
CA ALA G 295 31.62 58.29 -17.00
C ALA G 295 30.41 58.06 -16.10
N VAL G 296 30.62 57.87 -14.80
CA VAL G 296 29.49 57.58 -13.92
C VAL G 296 28.87 58.87 -13.37
N THR G 297 29.70 59.76 -12.81
CA THR G 297 29.24 61.01 -12.17
C THR G 297 28.17 60.64 -11.15
N ASN G 298 27.01 61.29 -11.14
CA ASN G 298 25.93 60.96 -10.23
C ASN G 298 25.03 59.90 -10.88
N LEU G 299 23.94 59.53 -10.20
CA LEU G 299 23.08 58.48 -10.70
C LEU G 299 21.74 58.51 -9.98
N GLU G 300 20.68 58.18 -10.71
CA GLU G 300 19.36 57.95 -10.13
C GLU G 300 18.57 57.08 -11.10
N CYS G 301 17.57 56.38 -10.58
CA CYS G 301 16.81 55.41 -11.34
C CYS G 301 15.31 55.71 -11.27
N GLN G 302 14.61 55.37 -12.34
CA GLN G 302 13.15 55.51 -12.39
C GLN G 302 12.54 54.27 -13.04
N VAL G 303 11.26 54.05 -12.74
CA VAL G 303 10.53 52.90 -13.26
C VAL G 303 9.19 53.37 -13.81
N ALA G 304 8.82 52.88 -14.98
CA ALA G 304 7.54 53.24 -15.59
C ALA G 304 6.44 52.21 -15.25
N VAL G 305 6.64 50.96 -15.66
CA VAL G 305 5.71 49.88 -15.36
C VAL G 305 6.52 48.66 -14.95
N CYS G 306 6.02 47.91 -13.99
CA CYS G 306 6.76 46.79 -13.40
C CYS G 306 5.87 45.56 -13.26
N THR G 307 5.15 45.20 -14.32
CA THR G 307 4.43 43.94 -14.35
C THR G 307 5.44 42.80 -14.41
N HIS G 308 5.47 41.97 -13.39
CA HIS G 308 6.61 41.12 -13.11
C HIS G 308 6.24 39.63 -13.16
N SER G 309 7.22 38.80 -12.79
CA SER G 309 7.11 37.39 -12.43
C SER G 309 7.03 36.41 -13.61
N SER G 310 7.05 36.85 -14.87
CA SER G 310 6.93 35.90 -15.98
C SER G 310 8.24 35.78 -16.75
N ASP G 311 8.70 36.82 -17.43
CA ASP G 311 10.07 36.82 -17.93
C ASP G 311 10.84 38.07 -17.51
N PHE G 312 10.35 39.22 -17.93
CA PHE G 312 11.02 40.51 -17.71
C PHE G 312 9.97 41.60 -17.93
N GLY G 313 9.59 42.31 -16.88
CA GLY G 313 8.66 43.41 -17.02
C GLY G 313 9.20 44.69 -16.41
N GLY G 314 10.36 44.58 -15.77
CA GLY G 314 10.99 45.71 -15.11
C GLY G 314 11.81 46.58 -16.05
N ILE G 315 11.14 47.45 -16.81
CA ILE G 315 11.85 48.44 -17.60
C ILE G 315 12.23 49.60 -16.69
N ALA G 316 13.52 49.91 -16.65
CA ALA G 316 14.06 50.93 -15.75
C ALA G 316 14.88 51.93 -16.55
N THR G 317 14.83 53.19 -16.13
CA THR G 317 15.55 54.27 -16.79
C THR G 317 16.63 54.79 -15.86
N LEU G 318 17.87 54.84 -16.35
CA LEU G 318 19.02 55.35 -15.61
C LEU G 318 19.64 56.49 -16.40
N THR G 319 19.70 57.67 -15.81
CA THR G 319 20.32 58.83 -16.43
C THR G 319 21.47 59.33 -15.56
N PHE G 320 22.49 59.88 -16.22
CA PHE G 320 23.72 60.27 -15.56
C PHE G 320 24.60 61.05 -16.53
N LYS G 321 25.34 62.02 -16.00
CA LYS G 321 26.27 62.78 -16.81
C LYS G 321 27.37 61.87 -17.35
N THR G 322 27.82 62.13 -18.57
CA THR G 322 28.73 61.24 -19.27
C THR G 322 29.99 61.97 -19.71
N ASP G 323 31.10 61.23 -19.64
CA ASP G 323 32.36 61.63 -20.25
C ASP G 323 32.38 61.02 -21.66
N LYS G 324 33.54 60.96 -22.31
CA LYS G 324 33.65 60.32 -23.61
C LYS G 324 32.93 58.97 -23.60
N PRO G 325 31.97 58.74 -24.50
CA PRO G 325 31.17 57.52 -24.44
C PRO G 325 31.99 56.27 -24.74
N GLY G 326 31.54 55.17 -24.15
CA GLY G 326 32.23 53.90 -24.35
C GLY G 326 31.52 52.80 -23.58
N LYS G 327 32.17 51.64 -23.53
CA LYS G 327 31.59 50.50 -22.85
C LYS G 327 31.77 50.62 -21.33
N CYS G 328 31.10 49.72 -20.62
CA CYS G 328 31.07 49.69 -19.16
C CYS G 328 30.35 48.43 -18.73
N ALA G 329 30.34 48.19 -17.42
CA ALA G 329 29.71 47.02 -16.84
C ALA G 329 28.58 47.44 -15.90
N VAL G 330 27.55 46.61 -15.82
CA VAL G 330 26.39 46.89 -14.99
C VAL G 330 25.83 45.57 -14.47
N HIS G 331 25.42 45.58 -13.20
CA HIS G 331 24.86 44.39 -12.57
C HIS G 331 24.09 44.83 -11.33
N SER G 332 23.70 43.87 -10.51
CA SER G 332 23.04 44.15 -9.24
C SER G 332 23.70 43.33 -8.14
N HIS G 333 23.94 43.99 -7.00
CA HIS G 333 24.59 43.30 -5.87
C HIS G 333 23.68 42.24 -5.28
N SER G 334 22.42 42.58 -5.03
CA SER G 334 21.49 41.65 -4.40
C SER G 334 20.92 40.69 -5.44
N ASN G 335 20.15 39.72 -4.95
CA ASN G 335 19.52 38.71 -5.79
C ASN G 335 18.01 38.75 -5.74
N VAL G 336 17.42 39.74 -5.04
CA VAL G 336 15.96 39.86 -5.01
C VAL G 336 15.41 40.18 -6.38
N ALA G 337 16.20 40.84 -7.23
CA ALA G 337 15.83 41.13 -8.60
C ALA G 337 17.02 40.87 -9.50
N THR G 338 16.77 40.31 -10.68
CA THR G 338 17.84 39.93 -11.60
C THR G 338 17.64 40.59 -12.95
N ILE G 339 18.75 40.93 -13.59
CA ILE G 339 18.75 41.59 -14.88
C ILE G 339 19.20 40.60 -15.96
N GLN G 340 19.04 41.02 -17.21
CA GLN G 340 19.41 40.22 -18.38
C GLN G 340 20.49 40.85 -19.22
N GLU G 341 20.55 42.18 -19.26
CA GLU G 341 21.50 42.86 -20.13
C GLU G 341 22.93 42.67 -19.63
N ALA G 342 23.82 42.28 -20.54
CA ALA G 342 25.24 42.20 -20.25
C ALA G 342 25.85 43.59 -20.35
N ALA G 343 27.19 43.66 -20.39
CA ALA G 343 27.87 44.93 -20.60
C ALA G 343 27.30 45.64 -21.82
N VAL G 344 26.91 46.90 -21.64
CA VAL G 344 26.12 47.62 -22.63
C VAL G 344 26.85 48.89 -23.03
N ASP G 345 26.62 49.32 -24.26
CA ASP G 345 27.20 50.55 -24.77
C ASP G 345 26.51 51.75 -24.16
N ILE G 346 27.29 52.82 -23.94
CA ILE G 346 26.81 54.04 -23.31
C ILE G 346 27.00 55.19 -24.30
N LYS G 347 25.93 55.96 -24.50
CA LYS G 347 25.98 57.15 -25.34
C LYS G 347 26.21 58.39 -24.50
N THR G 348 26.49 59.50 -25.18
CA THR G 348 26.77 60.76 -24.50
C THR G 348 25.56 61.29 -23.74
N ASP G 349 24.35 60.99 -24.20
CA ASP G 349 23.15 61.51 -23.53
C ASP G 349 23.05 60.99 -22.11
N GLY G 350 23.32 59.70 -21.91
CA GLY G 350 23.28 59.09 -20.59
C GLY G 350 21.99 58.36 -20.27
N LYS G 351 20.97 58.47 -21.11
CA LYS G 351 19.71 57.78 -20.87
C LYS G 351 19.87 56.31 -21.27
N ILE G 352 19.74 55.42 -20.28
CA ILE G 352 20.00 54.00 -20.45
C ILE G 352 18.77 53.23 -19.99
N THR G 353 18.32 52.28 -20.81
CA THR G 353 17.19 51.43 -20.48
C THR G 353 17.69 50.07 -20.01
N LEU G 354 17.05 49.56 -18.96
CA LEU G 354 17.41 48.27 -18.37
C LEU G 354 16.18 47.40 -18.26
N HIS G 355 16.39 46.09 -18.44
CA HIS G 355 15.35 45.09 -18.26
C HIS G 355 15.72 44.22 -17.06
N PHE G 356 14.82 44.13 -16.09
CA PHE G 356 15.01 43.25 -14.94
C PHE G 356 13.69 42.58 -14.58
N SER G 357 13.77 41.66 -13.64
CA SER G 357 12.61 40.91 -13.19
C SER G 357 12.80 40.53 -11.73
N THR G 358 11.69 40.20 -11.08
CA THR G 358 11.68 39.88 -9.66
C THR G 358 10.38 39.17 -9.34
N ALA G 359 10.17 38.87 -8.06
CA ALA G 359 8.95 38.22 -7.57
C ALA G 359 8.16 39.11 -6.63
N SER G 360 8.82 39.69 -5.63
CA SER G 360 8.12 40.53 -4.65
C SER G 360 7.65 41.83 -5.30
N ALA G 361 6.57 42.38 -4.73
CA ALA G 361 5.99 43.62 -5.24
C ALA G 361 6.79 44.86 -4.88
N SER G 362 7.73 44.75 -3.93
CA SER G 362 8.53 45.88 -3.48
C SER G 362 10.01 45.51 -3.55
N PRO G 363 10.60 45.51 -4.73
CA PRO G 363 12.01 45.17 -4.86
C PRO G 363 12.91 46.25 -4.26
N ALA G 364 14.04 45.82 -3.71
CA ALA G 364 15.06 46.72 -3.19
C ALA G 364 16.40 46.44 -3.84
N PHE G 365 16.37 46.08 -5.13
CA PHE G 365 17.60 45.75 -5.84
C PHE G 365 18.51 46.97 -5.93
N LYS G 366 19.78 46.77 -5.61
CA LYS G 366 20.78 47.83 -5.66
C LYS G 366 21.58 47.67 -6.95
N VAL G 367 21.30 48.53 -7.94
CA VAL G 367 21.99 48.47 -9.22
C VAL G 367 23.43 48.93 -9.01
N SER G 368 24.30 48.60 -9.96
CA SER G 368 25.71 48.92 -9.83
C SER G 368 26.30 49.04 -11.23
N VAL G 369 26.68 50.26 -11.61
CA VAL G 369 27.41 50.54 -12.84
C VAL G 369 28.88 50.27 -12.53
N CYS G 370 29.72 50.18 -13.57
CA CYS G 370 31.09 49.72 -13.38
C CYS G 370 31.92 50.64 -12.48
N SER G 371 31.37 51.79 -12.07
CA SER G 371 31.99 52.58 -11.01
C SER G 371 31.03 53.09 -9.95
N ALA G 372 29.73 53.20 -10.23
CA ALA G 372 28.76 53.77 -9.29
C ALA G 372 27.83 52.70 -8.75
N LYS G 373 27.04 53.09 -7.74
CA LYS G 373 26.05 52.20 -7.15
C LYS G 373 25.01 53.04 -6.42
N THR G 374 23.74 52.92 -6.82
CA THR G 374 22.64 53.63 -6.17
C THR G 374 21.48 52.68 -5.93
N THR G 375 20.81 52.87 -4.79
CA THR G 375 19.65 52.06 -4.45
C THR G 375 18.49 52.36 -5.41
N CYS G 376 17.83 51.31 -5.87
CA CYS G 376 16.68 51.42 -6.76
C CYS G 376 15.50 50.67 -6.15
N MET G 377 14.35 51.34 -6.07
CA MET G 377 13.14 50.76 -5.52
C MET G 377 11.98 51.02 -6.46
N ALA G 378 11.00 50.11 -6.44
CA ALA G 378 9.85 50.21 -7.32
C ALA G 378 8.64 49.57 -6.65
N ALA G 379 7.45 50.02 -7.07
CA ALA G 379 6.19 49.43 -6.59
C ALA G 379 5.65 48.51 -7.69
N CYS G 380 6.26 47.33 -7.79
CA CYS G 380 5.88 46.34 -8.81
C CYS G 380 4.62 45.59 -8.36
N GLU G 381 3.53 46.37 -8.24
CA GLU G 381 2.26 45.78 -7.81
C GLU G 381 1.68 44.77 -8.81
N PRO G 382 1.52 45.08 -10.09
CA PRO G 382 0.56 44.33 -10.91
C PRO G 382 1.11 42.98 -11.34
N PRO G 383 0.43 41.89 -11.00
CA PRO G 383 0.77 40.59 -11.59
C PRO G 383 0.10 40.41 -12.94
N LYS G 384 0.25 39.23 -13.55
CA LYS G 384 -0.40 38.92 -14.80
C LYS G 384 -1.07 37.56 -14.68
N ASP G 385 -2.20 37.40 -15.38
CA ASP G 385 -3.05 36.23 -15.26
C ASP G 385 -2.80 35.30 -16.45
N HIS G 386 -1.77 34.45 -16.30
CA HIS G 386 -1.45 33.43 -17.30
C HIS G 386 -0.78 32.26 -16.61
N ILE G 387 -0.62 31.17 -17.36
CA ILE G 387 0.18 30.02 -16.95
C ILE G 387 1.19 29.81 -18.07
N VAL G 388 2.40 30.35 -17.89
CA VAL G 388 3.39 30.43 -18.95
C VAL G 388 3.90 29.04 -19.32
N PRO G 389 4.21 28.79 -20.60
CA PRO G 389 4.82 27.52 -20.99
C PRO G 389 6.35 27.53 -21.05
N TYR G 390 6.99 28.66 -20.78
CA TYR G 390 8.43 28.80 -20.82
C TYR G 390 8.99 28.89 -19.41
N GLY G 391 10.31 29.05 -19.31
CA GLY G 391 10.99 28.93 -18.04
C GLY G 391 11.07 30.22 -17.24
N ALA G 392 11.09 30.06 -15.92
CA ALA G 392 11.31 31.18 -15.01
C ALA G 392 12.78 31.59 -15.06
N SER G 393 13.02 32.89 -14.86
CA SER G 393 14.36 33.45 -14.98
C SER G 393 14.72 34.34 -13.80
N HIS G 394 14.27 33.96 -12.59
CA HIS G 394 14.63 34.72 -11.40
C HIS G 394 14.56 33.79 -10.20
N ASN G 395 15.24 34.21 -9.12
CA ASN G 395 15.22 33.44 -7.89
C ASN G 395 13.83 33.40 -7.28
N ASN G 396 13.50 32.28 -6.64
CA ASN G 396 12.17 32.06 -6.09
C ASN G 396 11.90 32.90 -4.84
N GLN G 397 12.90 33.58 -4.29
CA GLN G 397 12.73 34.36 -3.07
C GLN G 397 11.73 35.49 -3.26
N VAL G 398 10.59 35.39 -2.59
CA VAL G 398 9.58 36.45 -2.57
C VAL G 398 9.45 36.96 -1.14
N PHE G 399 9.74 38.25 -0.95
CA PHE G 399 9.71 38.85 0.37
C PHE G 399 9.61 40.36 0.25
N PRO G 400 8.57 40.99 0.79
CA PRO G 400 8.51 42.46 0.78
C PRO G 400 9.69 43.06 1.51
N ASP G 401 10.20 44.17 0.97
CA ASP G 401 11.39 44.80 1.52
C ASP G 401 11.09 45.40 2.89
N MET G 402 12.14 45.51 3.72
CA MET G 402 11.98 46.07 5.06
C MET G 402 11.46 47.50 5.01
N SER G 403 11.99 48.31 4.10
CA SER G 403 11.46 49.66 3.93
C SER G 403 10.09 49.62 3.24
N GLY G 404 10.06 49.21 1.98
CA GLY G 404 8.82 49.04 1.25
C GLY G 404 8.01 50.30 1.07
N THR G 405 6.85 50.17 0.41
CA THR G 405 5.92 51.28 0.25
C THR G 405 4.48 50.94 0.63
N ALA G 406 4.07 49.67 0.56
CA ALA G 406 2.72 49.28 0.95
C ALA G 406 2.64 48.69 2.35
N MET G 407 3.71 48.06 2.82
CA MET G 407 3.74 47.47 4.15
C MET G 407 4.25 48.43 5.22
N THR G 408 4.50 49.69 4.86
CA THR G 408 5.00 50.66 5.83
C THR G 408 3.99 50.92 6.93
N TRP G 409 2.70 50.97 6.58
CA TRP G 409 1.69 51.28 7.60
C TRP G 409 1.61 50.19 8.65
N VAL G 410 1.87 48.93 8.28
CA VAL G 410 1.98 47.87 9.28
C VAL G 410 3.10 48.17 10.26
N GLN G 411 4.26 48.57 9.72
CA GLN G 411 5.40 48.86 10.59
C GLN G 411 5.09 50.01 11.52
N ARG G 412 4.44 51.06 11.02
CA ARG G 412 4.20 52.23 11.86
C ARG G 412 3.11 51.94 12.90
N VAL G 413 2.09 51.15 12.55
CA VAL G 413 1.07 50.84 13.54
C VAL G 413 1.63 49.92 14.62
N ALA G 414 2.50 48.97 14.24
CA ALA G 414 3.14 48.14 15.24
C ALA G 414 4.04 48.96 16.15
N GLY G 415 4.81 49.89 15.56
CA GLY G 415 5.65 50.76 16.38
C GLY G 415 4.84 51.63 17.32
N GLY G 416 3.72 52.15 16.85
CA GLY G 416 2.88 52.96 17.72
C GLY G 416 2.24 52.16 18.84
N PHE G 417 1.76 50.95 18.53
CA PHE G 417 1.16 50.11 19.57
C PHE G 417 2.20 49.68 20.59
N GLY G 418 3.46 49.49 20.16
CA GLY G 418 4.53 49.32 21.11
C GLY G 418 4.82 50.58 21.92
N GLY G 419 4.71 51.74 21.26
CA GLY G 419 4.99 52.99 21.95
C GLY G 419 4.00 53.29 23.06
N LEU G 420 2.73 52.93 22.87
CA LEU G 420 1.77 53.07 23.96
C LEU G 420 2.25 52.37 25.23
N THR G 421 2.62 51.10 25.12
CA THR G 421 3.02 50.37 26.33
C THR G 421 4.39 50.81 26.82
N LEU G 422 5.26 51.28 25.92
CA LEU G 422 6.55 51.81 26.36
C LEU G 422 6.37 53.08 27.18
N ALA G 423 5.52 54.00 26.73
CA ALA G 423 5.23 55.20 27.50
C ALA G 423 4.51 54.87 28.79
N ALA G 424 3.65 53.85 28.78
CA ALA G 424 3.01 53.39 30.01
C ALA G 424 4.04 52.87 31.01
N VAL G 425 5.03 52.11 30.50
CA VAL G 425 6.12 51.66 31.37
C VAL G 425 6.89 52.86 31.92
N ALA G 426 7.12 53.87 31.09
CA ALA G 426 7.85 55.05 31.54
C ALA G 426 7.10 55.78 32.66
N VAL G 427 5.78 55.96 32.48
CA VAL G 427 5.01 56.67 33.50
C VAL G 427 4.93 55.84 34.78
N LEU G 428 4.81 54.51 34.66
CA LEU G 428 4.86 53.67 35.84
C LEU G 428 6.20 53.78 36.55
N ILE G 429 7.30 53.85 35.79
CA ILE G 429 8.62 53.96 36.39
C ILE G 429 8.76 55.29 37.14
N LEU G 430 8.28 56.38 36.56
CA LEU G 430 8.37 57.66 37.26
C LEU G 430 7.50 57.64 38.51
N VAL G 431 6.31 57.03 38.43
CA VAL G 431 5.44 56.96 39.61
C VAL G 431 6.09 56.14 40.73
N THR G 432 6.69 54.99 40.38
CA THR G 432 7.30 54.17 41.42
C THR G 432 8.57 54.79 41.96
N CYS G 433 9.27 55.59 41.15
CA CYS G 433 10.41 56.33 41.67
C CYS G 433 9.98 57.46 42.60
N VAL G 434 8.81 58.05 42.33
CA VAL G 434 8.27 59.03 43.27
C VAL G 434 7.89 58.35 44.59
N THR G 435 7.22 57.20 44.52
CA THR G 435 6.68 56.58 45.72
C THR G 435 7.69 55.74 46.48
N MET G 436 8.84 55.42 45.89
CA MET G 436 9.85 54.64 46.62
C MET G 436 10.41 55.43 47.80
N ARG G 437 10.61 56.74 47.62
CA ARG G 437 11.05 57.68 48.65
C ARG G 437 12.03 57.11 49.67
N SER H 1 22.71 -18.60 -58.95
CA SER H 1 23.31 -18.44 -57.64
C SER H 1 22.23 -18.33 -56.56
N VAL H 2 20.98 -18.15 -57.00
CA VAL H 2 19.87 -18.11 -56.04
C VAL H 2 19.67 -19.47 -55.39
N THR H 3 19.75 -20.54 -56.19
CA THR H 3 19.49 -21.89 -55.72
C THR H 3 20.75 -22.61 -55.25
N LYS H 4 21.78 -21.88 -54.83
CA LYS H 4 23.01 -22.51 -54.40
C LYS H 4 22.88 -23.17 -53.03
N HIS H 5 21.91 -22.75 -52.22
CA HIS H 5 21.77 -23.28 -50.86
C HIS H 5 20.58 -24.21 -50.70
N PHE H 6 19.65 -24.26 -51.65
CA PHE H 6 18.54 -25.18 -51.57
C PHE H 6 18.98 -26.63 -51.68
N ASN H 7 20.19 -26.87 -52.21
CA ASN H 7 20.70 -28.24 -52.33
C ASN H 7 20.75 -28.95 -50.97
N VAL H 8 20.95 -28.20 -49.89
CA VAL H 8 20.99 -28.78 -48.55
C VAL H 8 19.70 -29.50 -48.22
N TYR H 9 18.67 -29.39 -49.06
CA TYR H 9 17.45 -30.16 -48.91
C TYR H 9 17.53 -31.54 -49.54
N LYS H 10 18.73 -32.11 -49.69
CA LYS H 10 18.82 -33.54 -49.96
C LYS H 10 18.01 -34.34 -48.95
N ALA H 11 18.04 -33.93 -47.68
CA ALA H 11 17.15 -34.50 -46.69
C ALA H 11 15.70 -34.19 -47.05
N THR H 12 14.86 -35.22 -47.02
CA THR H 12 13.49 -35.13 -47.50
C THR H 12 12.63 -36.05 -46.64
N LYS H 13 11.42 -36.37 -47.12
CA LYS H 13 10.49 -37.26 -46.46
C LYS H 13 10.12 -36.72 -45.07
N PRO H 14 9.32 -35.66 -45.01
CA PRO H 14 8.80 -35.22 -43.70
C PRO H 14 7.82 -36.22 -43.12
N TYR H 15 7.71 -36.20 -41.80
CA TYR H 15 6.98 -37.23 -41.08
C TYR H 15 5.47 -37.05 -41.21
N LEU H 16 4.74 -38.08 -40.78
CA LEU H 16 3.28 -38.07 -40.70
C LEU H 16 2.93 -38.11 -39.21
N ALA H 17 2.89 -36.93 -38.58
CA ALA H 17 2.73 -36.84 -37.14
C ALA H 17 1.25 -37.00 -36.76
N TYR H 18 0.94 -36.75 -35.49
CA TYR H 18 -0.40 -36.98 -34.94
C TYR H 18 -0.81 -35.76 -34.12
N CYS H 19 -1.53 -34.84 -34.77
CA CYS H 19 -2.13 -33.69 -34.10
C CYS H 19 -3.64 -33.89 -34.05
N ALA H 20 -4.23 -33.61 -32.89
CA ALA H 20 -5.58 -34.07 -32.59
C ALA H 20 -6.68 -33.06 -32.89
N ASP H 21 -6.34 -31.78 -33.13
CA ASP H 21 -7.37 -30.78 -33.35
C ASP H 21 -7.89 -30.81 -34.78
N CYS H 22 -8.30 -32.00 -35.22
CA CYS H 22 -8.76 -32.25 -36.58
C CYS H 22 -10.16 -31.72 -36.86
N GLY H 23 -10.89 -31.28 -35.83
CA GLY H 23 -12.27 -30.89 -35.99
C GLY H 23 -13.19 -31.76 -35.17
N ASP H 24 -13.97 -32.62 -35.83
CA ASP H 24 -14.72 -33.64 -35.11
C ASP H 24 -13.86 -34.86 -34.83
N GLY H 25 -13.20 -35.40 -35.85
CA GLY H 25 -12.35 -36.56 -35.69
C GLY H 25 -11.24 -36.29 -34.67
N GLN H 26 -11.35 -36.93 -33.51
CA GLN H 26 -10.38 -36.68 -32.45
C GLN H 26 -8.98 -37.13 -32.87
N PHE H 27 -8.89 -38.23 -33.61
CA PHE H 27 -7.62 -38.74 -34.11
C PHE H 27 -7.60 -38.67 -35.64
N CYS H 28 -6.71 -37.84 -36.18
CA CYS H 28 -6.44 -37.78 -37.61
C CYS H 28 -4.93 -37.79 -37.81
N TYR H 29 -4.41 -38.88 -38.36
CA TYR H 29 -3.01 -38.87 -38.79
C TYR H 29 -2.86 -37.94 -39.98
N SER H 30 -2.27 -36.78 -39.75
CA SER H 30 -2.36 -35.70 -40.71
C SER H 30 -1.02 -35.42 -41.37
N PRO H 31 -1.02 -34.99 -42.64
CA PRO H 31 0.24 -34.57 -43.27
C PRO H 31 0.74 -33.22 -42.80
N VAL H 32 -0.07 -32.45 -42.08
CA VAL H 32 0.33 -31.19 -41.50
C VAL H 32 0.14 -31.27 -39.99
N ALA H 33 1.21 -31.01 -39.25
CA ALA H 33 1.18 -31.03 -37.79
C ALA H 33 1.91 -29.80 -37.27
N ILE H 34 1.34 -29.19 -36.23
CA ILE H 34 1.86 -27.93 -35.70
C ILE H 34 2.78 -28.26 -34.53
N GLU H 35 4.05 -27.90 -34.67
CA GLU H 35 5.03 -28.09 -33.61
C GLU H 35 5.10 -26.79 -32.79
N LYS H 36 6.12 -26.65 -31.94
CA LYS H 36 6.23 -25.49 -31.08
C LYS H 36 6.35 -24.21 -31.92
N ILE H 37 5.73 -23.14 -31.44
CA ILE H 37 5.56 -21.90 -32.18
C ILE H 37 6.54 -20.86 -31.64
N ARG H 38 7.29 -20.23 -32.54
CA ARG H 38 8.17 -19.13 -32.17
C ARG H 38 7.43 -17.81 -32.32
N ASP H 39 7.57 -16.94 -31.31
CA ASP H 39 6.98 -15.60 -31.35
C ASP H 39 7.87 -14.64 -30.56
N GLU H 40 8.78 -13.98 -31.28
CA GLU H 40 9.73 -13.07 -30.66
C GLU H 40 9.77 -11.69 -31.30
N ALA H 41 9.36 -11.54 -32.55
CA ALA H 41 9.34 -10.24 -33.19
C ALA H 41 8.30 -9.32 -32.52
N SER H 42 8.68 -8.06 -32.33
CA SER H 42 7.86 -7.12 -31.60
C SER H 42 6.66 -6.61 -32.37
N ASP H 43 6.65 -6.71 -33.71
CA ASP H 43 5.63 -6.06 -34.51
C ASP H 43 4.58 -7.04 -35.06
N GLY H 44 4.29 -8.10 -34.33
CA GLY H 44 3.24 -9.03 -34.71
C GLY H 44 3.63 -10.17 -35.65
N MET H 45 4.92 -10.38 -35.92
CA MET H 45 5.32 -11.55 -36.67
C MET H 45 5.16 -12.81 -35.83
N ILE H 46 4.69 -13.88 -36.47
CA ILE H 46 4.63 -15.20 -35.86
C ILE H 46 5.26 -16.21 -36.81
N LYS H 47 6.00 -17.16 -36.21
CA LYS H 47 6.66 -18.21 -36.95
C LYS H 47 6.08 -19.55 -36.52
N ILE H 48 5.77 -20.38 -37.52
CA ILE H 48 4.95 -21.57 -37.36
C ILE H 48 5.71 -22.77 -37.90
N GLN H 49 5.77 -23.83 -37.11
CA GLN H 49 6.38 -25.09 -37.52
C GLN H 49 5.33 -25.94 -38.22
N VAL H 50 5.62 -26.35 -39.45
CA VAL H 50 4.76 -27.20 -40.25
C VAL H 50 5.54 -28.43 -40.67
N ALA H 51 4.90 -29.60 -40.62
CA ALA H 51 5.59 -30.85 -40.95
C ALA H 51 6.08 -30.84 -42.39
N ALA H 52 5.20 -30.50 -43.32
CA ALA H 52 5.55 -30.55 -44.74
C ALA H 52 6.38 -29.33 -45.14
N GLN H 53 7.48 -29.57 -45.85
CA GLN H 53 8.26 -28.49 -46.41
C GLN H 53 7.56 -27.93 -47.65
N ILE H 54 7.98 -26.74 -48.05
CA ILE H 54 7.40 -26.07 -49.20
C ILE H 54 8.46 -25.95 -50.28
N GLY H 55 8.01 -25.68 -51.51
CA GLY H 55 8.89 -25.36 -52.60
C GLY H 55 9.91 -26.43 -52.93
N ILE H 56 9.47 -27.69 -52.94
CA ILE H 56 10.32 -28.82 -53.30
C ILE H 56 9.59 -29.67 -54.32
N ASN H 57 10.27 -29.99 -55.43
CA ASN H 57 9.72 -30.76 -56.54
C ASN H 57 10.65 -31.91 -56.87
N LYS H 58 11.05 -32.66 -55.84
CA LYS H 58 12.12 -33.65 -55.89
C LYS H 58 13.48 -32.99 -56.08
N GLY H 59 13.58 -31.70 -55.74
CA GLY H 59 14.83 -30.98 -55.85
C GLY H 59 14.62 -29.54 -55.41
N GLY H 60 15.74 -28.84 -55.29
CA GLY H 60 15.69 -27.44 -54.87
C GLY H 60 15.09 -26.56 -55.96
N THR H 61 14.19 -25.67 -55.54
CA THR H 61 13.55 -24.74 -56.46
C THR H 61 12.94 -23.59 -55.66
N HIS H 62 13.04 -22.38 -56.22
CA HIS H 62 12.41 -21.19 -55.67
C HIS H 62 11.23 -20.83 -56.55
N GLU H 63 10.03 -20.90 -56.00
CA GLU H 63 8.80 -20.83 -56.78
C GLU H 63 7.64 -20.53 -55.83
N HIS H 64 6.42 -20.49 -56.38
CA HIS H 64 5.24 -20.16 -55.59
C HIS H 64 4.01 -20.97 -55.95
N ASN H 65 4.14 -22.07 -56.69
CA ASN H 65 2.96 -22.82 -57.11
C ASN H 65 3.16 -24.33 -57.03
N LYS H 66 4.03 -24.80 -56.13
CA LYS H 66 4.29 -26.23 -55.99
C LYS H 66 4.45 -26.56 -54.52
N ILE H 67 3.45 -27.23 -53.94
CA ILE H 67 3.49 -27.71 -52.57
C ILE H 67 3.32 -29.22 -52.59
N ARG H 68 4.09 -29.90 -51.74
CA ARG H 68 4.03 -31.35 -51.63
C ARG H 68 3.33 -31.72 -50.32
N TYR H 69 2.33 -32.60 -50.43
CA TYR H 69 1.74 -33.24 -49.27
C TYR H 69 1.97 -34.74 -49.36
N ILE H 70 2.34 -35.35 -48.24
CA ILE H 70 2.78 -36.73 -48.20
C ILE H 70 1.72 -37.56 -47.49
N ALA H 71 1.06 -38.44 -48.24
CA ALA H 71 0.14 -39.41 -47.69
C ALA H 71 0.75 -40.80 -47.86
N GLY H 72 0.80 -41.56 -46.78
CA GLY H 72 1.48 -42.83 -46.84
C GLY H 72 2.98 -42.66 -47.03
N HIS H 73 3.59 -43.65 -47.65
CA HIS H 73 5.03 -43.64 -47.90
C HIS H 73 5.38 -43.18 -49.31
N ASP H 74 4.55 -42.33 -49.92
CA ASP H 74 4.76 -41.84 -51.27
C ASP H 74 4.79 -40.32 -51.27
N MET H 75 5.05 -39.74 -52.44
CA MET H 75 5.06 -38.30 -52.65
C MET H 75 3.92 -37.91 -53.56
N LYS H 76 3.32 -36.74 -53.29
CA LYS H 76 2.14 -36.30 -54.01
C LYS H 76 2.28 -34.82 -54.37
N GLU H 77 1.50 -34.41 -55.37
CA GLU H 77 1.51 -33.05 -55.88
C GLU H 77 0.28 -32.27 -55.40
N ALA H 78 0.49 -30.98 -55.14
CA ALA H 78 -0.58 -30.09 -54.72
C ALA H 78 -0.18 -28.65 -55.04
N ASN H 79 -1.14 -27.74 -54.94
CA ASN H 79 -0.94 -26.34 -55.31
C ASN H 79 -0.85 -25.47 -54.06
N ARG H 80 0.13 -24.56 -54.06
CA ARG H 80 0.31 -23.62 -52.96
C ARG H 80 -0.83 -22.62 -52.83
N ASP H 81 -1.58 -22.37 -53.91
CA ASP H 81 -2.61 -21.35 -53.88
C ASP H 81 -3.67 -21.63 -52.81
N SER H 82 -3.86 -22.90 -52.46
CA SER H 82 -4.84 -23.26 -51.44
C SER H 82 -4.30 -23.15 -50.02
N LEU H 83 -3.02 -22.81 -49.85
CA LEU H 83 -2.45 -22.71 -48.52
C LEU H 83 -2.96 -21.45 -47.82
N GLN H 84 -3.74 -21.64 -46.76
CA GLN H 84 -4.31 -20.54 -45.99
C GLN H 84 -4.18 -20.86 -44.51
N VAL H 85 -3.65 -19.91 -43.74
CA VAL H 85 -3.60 -19.97 -42.29
C VAL H 85 -4.50 -18.86 -41.76
N HIS H 86 -5.31 -19.18 -40.76
CA HIS H 86 -6.21 -18.18 -40.20
C HIS H 86 -6.70 -18.59 -38.82
N THR H 87 -6.67 -17.65 -37.89
CA THR H 87 -7.36 -17.78 -36.60
C THR H 87 -8.83 -17.41 -36.80
N SER H 88 -9.54 -17.12 -35.70
CA SER H 88 -10.89 -16.58 -35.78
C SER H 88 -11.01 -15.55 -36.91
N GLY H 89 -10.09 -14.59 -36.95
CA GLY H 89 -9.95 -13.74 -38.12
C GLY H 89 -8.93 -14.29 -39.11
N VAL H 90 -9.02 -13.83 -40.35
CA VAL H 90 -8.10 -14.32 -41.38
C VAL H 90 -6.72 -13.73 -41.17
N CYS H 91 -5.70 -14.57 -41.28
CA CYS H 91 -4.32 -14.13 -41.13
C CYS H 91 -3.81 -13.57 -42.46
N ALA H 92 -2.53 -13.17 -42.47
CA ALA H 92 -1.90 -12.64 -43.67
C ALA H 92 -0.54 -13.32 -43.85
N ILE H 93 -0.37 -14.02 -44.96
CA ILE H 93 0.86 -14.73 -45.25
C ILE H 93 1.86 -13.80 -45.94
N ARG H 94 3.10 -13.82 -45.48
CA ARG H 94 4.13 -12.91 -45.97
C ARG H 94 4.98 -13.53 -47.07
N GLY H 95 5.31 -14.81 -46.94
CA GLY H 95 6.27 -15.46 -47.82
C GLY H 95 7.24 -16.29 -47.00
N THR H 96 7.37 -17.57 -47.33
CA THR H 96 8.03 -18.53 -46.44
C THR H 96 8.99 -19.40 -47.25
N MET H 97 9.70 -20.28 -46.55
CA MET H 97 10.67 -21.16 -47.19
C MET H 97 10.85 -22.38 -46.30
N GLY H 98 10.76 -23.58 -46.90
CA GLY H 98 11.03 -24.81 -46.19
C GLY H 98 9.96 -25.17 -45.17
N HIS H 99 10.42 -25.72 -44.04
CA HIS H 99 9.54 -26.21 -43.00
C HIS H 99 8.79 -25.11 -42.26
N PHE H 100 9.15 -23.85 -42.48
CA PHE H 100 8.73 -22.75 -41.61
C PHE H 100 7.69 -21.87 -42.30
N ILE H 101 6.80 -21.29 -41.50
CA ILE H 101 5.86 -20.29 -41.98
C ILE H 101 6.08 -19.03 -41.14
N VAL H 102 5.93 -17.87 -41.78
CA VAL H 102 6.03 -16.59 -41.10
C VAL H 102 4.88 -15.71 -41.56
N ALA H 103 4.23 -15.03 -40.62
CA ALA H 103 3.02 -14.31 -41.02
C ALA H 103 2.64 -13.25 -39.98
N TYR H 104 1.92 -12.25 -40.47
CA TYR H 104 1.09 -11.42 -39.61
C TYR H 104 -0.26 -12.08 -39.41
N CYS H 105 -0.96 -11.67 -38.35
CA CYS H 105 -2.31 -12.15 -38.13
C CYS H 105 -2.99 -11.35 -37.02
N PRO H 106 -4.28 -11.06 -37.15
CA PRO H 106 -5.02 -10.43 -36.06
C PRO H 106 -5.10 -11.35 -34.86
N PRO H 107 -5.24 -10.80 -33.65
CA PRO H 107 -5.22 -11.64 -32.45
C PRO H 107 -6.36 -12.64 -32.42
N GLY H 108 -6.09 -13.79 -31.83
CA GLY H 108 -7.07 -14.85 -31.72
C GLY H 108 -6.65 -15.86 -30.68
N GLY H 109 -7.56 -16.76 -30.37
CA GLY H 109 -7.34 -17.78 -29.36
C GLY H 109 -7.05 -19.17 -29.88
N GLU H 110 -6.78 -19.32 -31.18
CA GLU H 110 -6.51 -20.63 -31.76
C GLU H 110 -5.81 -20.43 -33.09
N LEU H 111 -5.00 -21.41 -33.49
CA LEU H 111 -4.25 -21.34 -34.73
C LEU H 111 -4.59 -22.52 -35.62
N LYS H 112 -4.97 -22.25 -36.86
CA LYS H 112 -5.29 -23.29 -37.83
C LYS H 112 -4.68 -22.94 -39.18
N VAL H 113 -4.18 -23.96 -39.88
CA VAL H 113 -3.63 -23.82 -41.22
C VAL H 113 -4.09 -25.00 -42.06
N GLN H 114 -4.37 -24.75 -43.34
CA GLN H 114 -4.90 -25.80 -44.20
C GLN H 114 -4.56 -25.52 -45.65
N PHE H 115 -4.66 -26.56 -46.47
CA PHE H 115 -4.60 -26.41 -47.92
C PHE H 115 -5.34 -27.58 -48.55
N GLN H 116 -5.71 -27.41 -49.82
CA GLN H 116 -6.36 -28.48 -50.56
C GLN H 116 -5.32 -29.39 -51.17
N ASP H 117 -5.44 -30.69 -50.89
CA ASP H 117 -4.50 -31.67 -51.41
C ASP H 117 -4.83 -32.03 -52.86
N ALA H 118 -4.21 -33.11 -53.37
CA ALA H 118 -4.27 -33.40 -54.80
C ALA H 118 -5.71 -33.62 -55.28
N GLU H 119 -6.61 -34.05 -54.41
CA GLU H 119 -8.00 -34.27 -54.84
C GLU H 119 -8.96 -33.99 -53.70
N SER H 120 -9.80 -32.97 -53.88
CA SER H 120 -11.02 -32.70 -53.12
C SER H 120 -10.91 -32.97 -51.62
N HIS H 121 -9.84 -32.51 -50.98
CA HIS H 121 -9.71 -32.65 -49.53
C HIS H 121 -8.93 -31.47 -48.97
N THR H 122 -9.38 -30.96 -47.83
CA THR H 122 -8.78 -29.83 -47.14
C THR H 122 -8.48 -30.20 -45.68
N GLN H 123 -7.80 -31.32 -45.50
CA GLN H 123 -7.46 -31.79 -44.15
C GLN H 123 -6.61 -30.75 -43.41
N ALA H 124 -6.81 -30.68 -42.10
CA ALA H 124 -6.13 -29.69 -41.27
C ALA H 124 -6.26 -30.10 -39.81
N CYS H 125 -5.54 -29.37 -38.96
CA CYS H 125 -5.68 -29.49 -37.52
C CYS H 125 -5.24 -28.20 -36.86
N LYS H 126 -5.84 -27.90 -35.72
CA LYS H 126 -5.65 -26.63 -35.04
C LYS H 126 -4.68 -26.79 -33.87
N VAL H 127 -4.50 -25.71 -33.11
CA VAL H 127 -3.66 -25.73 -31.92
C VAL H 127 -4.08 -24.58 -31.01
N GLN H 128 -4.01 -24.81 -29.70
CA GLN H 128 -4.26 -23.75 -28.74
C GLN H 128 -3.11 -22.75 -28.79
N TYR H 129 -3.45 -21.47 -28.98
CA TYR H 129 -2.41 -20.44 -29.00
C TYR H 129 -3.08 -19.09 -28.75
N LYS H 130 -2.81 -18.50 -27.59
CA LYS H 130 -3.35 -17.18 -27.24
C LYS H 130 -2.42 -16.12 -27.81
N HIS H 131 -2.68 -15.72 -29.05
CA HIS H 131 -1.86 -14.73 -29.74
C HIS H 131 -2.41 -13.35 -29.40
N ALA H 132 -1.74 -12.66 -28.48
CA ALA H 132 -2.13 -11.33 -28.03
C ALA H 132 -0.91 -10.42 -28.16
N PRO H 133 -0.66 -9.90 -29.35
CA PRO H 133 0.56 -9.10 -29.56
C PRO H 133 0.46 -7.75 -28.85
N ALA H 134 1.40 -7.51 -27.95
CA ALA H 134 1.48 -6.22 -27.28
C ALA H 134 1.93 -5.15 -28.28
N PRO H 135 1.20 -4.05 -28.40
CA PRO H 135 1.56 -3.02 -29.38
C PRO H 135 2.88 -2.35 -29.03
N VAL H 136 3.58 -1.89 -30.07
CA VAL H 136 4.83 -1.16 -29.91
C VAL H 136 4.50 0.33 -29.91
N GLY H 137 4.89 1.02 -28.85
CA GLY H 137 4.52 2.41 -28.66
C GLY H 137 3.41 2.57 -27.65
N ARG H 138 3.14 3.84 -27.30
CA ARG H 138 2.15 4.16 -26.28
C ARG H 138 0.71 4.03 -26.79
N GLU H 139 0.51 3.83 -28.09
CA GLU H 139 -0.82 3.90 -28.69
C GLU H 139 -1.16 2.58 -29.35
N LYS H 140 -2.33 2.04 -29.02
CA LYS H 140 -2.81 0.82 -29.65
C LYS H 140 -3.42 1.13 -31.00
N PHE H 141 -3.34 0.15 -31.91
CA PHE H 141 -3.87 0.30 -33.25
C PHE H 141 -3.90 -1.08 -33.91
N THR H 142 -4.44 -1.11 -35.13
CA THR H 142 -4.40 -2.30 -35.96
C THR H 142 -3.98 -1.99 -37.39
N VAL H 143 -3.76 -0.73 -37.72
CA VAL H 143 -3.42 -0.29 -39.07
C VAL H 143 -2.31 0.75 -38.97
N ARG H 144 -1.30 0.61 -39.82
CA ARG H 144 -0.20 1.57 -39.82
C ARG H 144 -0.72 2.97 -40.14
N PRO H 145 -0.19 4.00 -39.48
CA PRO H 145 -0.65 5.36 -39.72
C PRO H 145 -0.71 5.70 -41.21
N HIS H 146 -1.66 6.56 -41.56
CA HIS H 146 -1.56 7.27 -42.82
C HIS H 146 -0.31 8.14 -42.84
N PHE H 147 -0.16 8.98 -41.81
CA PHE H 147 1.01 9.83 -41.62
C PHE H 147 1.49 9.63 -40.19
N GLY H 148 2.74 9.23 -40.02
CA GLY H 148 3.21 8.91 -38.68
C GLY H 148 4.67 9.16 -38.40
N ILE H 149 5.15 8.62 -37.27
CA ILE H 149 6.51 8.81 -36.79
C ILE H 149 7.09 7.43 -36.50
N GLU H 150 8.41 7.32 -36.62
CA GLU H 150 9.12 6.05 -36.47
C GLU H 150 9.69 5.93 -35.06
N VAL H 151 9.44 4.80 -34.41
CA VAL H 151 10.13 4.38 -33.20
C VAL H 151 10.75 3.02 -33.50
N PRO H 152 12.04 2.81 -33.20
CA PRO H 152 12.69 1.58 -33.69
C PRO H 152 12.20 0.35 -32.96
N CYS H 153 11.91 -0.72 -33.71
CA CYS H 153 11.64 -2.02 -33.11
C CYS H 153 12.27 -3.08 -34.01
N THR H 154 11.88 -4.33 -33.78
CA THR H 154 12.53 -5.46 -34.43
C THR H 154 11.50 -6.35 -35.10
N THR H 155 11.95 -7.08 -36.11
CA THR H 155 11.10 -7.99 -36.86
C THR H 155 11.97 -9.03 -37.56
N TYR H 156 11.29 -9.99 -38.18
CA TYR H 156 11.99 -11.00 -38.96
C TYR H 156 12.47 -10.43 -40.29
N GLN H 157 13.39 -11.15 -40.92
CA GLN H 157 14.02 -10.72 -42.16
C GLN H 157 13.60 -11.67 -43.27
N LEU H 158 13.52 -11.14 -44.49
CA LEU H 158 12.78 -11.79 -45.57
C LEU H 158 13.67 -12.31 -46.70
N THR H 159 14.77 -12.97 -46.35
CA THR H 159 15.53 -13.73 -47.34
C THR H 159 16.21 -14.90 -46.63
N THR H 160 16.57 -15.91 -47.42
CA THR H 160 17.19 -17.12 -46.89
C THR H 160 18.70 -16.95 -46.90
N ALA H 161 19.29 -16.90 -45.71
CA ALA H 161 20.72 -16.73 -45.52
C ALA H 161 21.21 -17.71 -44.46
N PRO H 162 22.50 -18.04 -44.48
CA PRO H 162 23.04 -18.93 -43.43
C PRO H 162 22.85 -18.33 -42.04
N THR H 163 22.56 -19.20 -41.08
CA THR H 163 22.23 -18.81 -39.72
C THR H 163 23.25 -19.42 -38.75
N GLU H 164 22.97 -19.26 -37.45
CA GLU H 164 23.88 -19.71 -36.41
C GLU H 164 23.42 -21.00 -35.73
N GLU H 165 22.19 -21.02 -35.22
CA GLU H 165 21.70 -22.20 -34.53
C GLU H 165 21.00 -23.13 -35.51
N GLU H 166 20.53 -24.28 -35.02
CA GLU H 166 20.16 -25.36 -35.91
C GLU H 166 19.17 -26.31 -35.23
N ILE H 167 18.45 -27.07 -36.05
CA ILE H 167 17.52 -28.09 -35.60
C ILE H 167 18.07 -29.46 -35.98
N ASP H 168 17.38 -30.52 -35.57
CA ASP H 168 17.87 -31.89 -35.76
C ASP H 168 17.38 -32.47 -37.08
N MET H 169 18.10 -33.48 -37.57
CA MET H 169 17.75 -34.15 -38.83
C MET H 169 18.34 -35.55 -38.74
N HIS H 170 17.50 -36.54 -38.46
CA HIS H 170 17.99 -37.88 -38.10
C HIS H 170 17.24 -38.94 -38.90
N THR H 171 17.84 -40.14 -38.96
CA THR H 171 17.25 -41.23 -39.72
C THR H 171 15.88 -41.60 -39.15
N PRO H 172 14.90 -41.93 -40.00
CA PRO H 172 13.55 -42.23 -39.51
C PRO H 172 13.44 -43.67 -39.09
N PRO H 173 12.51 -43.98 -38.18
CA PRO H 173 12.28 -45.38 -37.80
C PRO H 173 11.42 -46.12 -38.81
N ASP H 174 11.09 -47.37 -38.53
CA ASP H 174 10.22 -48.14 -39.42
C ASP H 174 8.76 -47.71 -39.26
N ILE H 175 7.97 -48.02 -40.28
CA ILE H 175 6.54 -47.73 -40.29
C ILE H 175 5.79 -49.01 -40.61
N PRO H 176 4.91 -49.47 -39.71
CA PRO H 176 4.15 -50.69 -40.01
C PRO H 176 3.05 -50.45 -41.03
N ASP H 177 2.54 -51.54 -41.59
CA ASP H 177 1.45 -51.47 -42.55
C ASP H 177 0.82 -52.86 -42.65
N ILE H 178 -0.51 -52.93 -42.55
CA ILE H 178 -1.20 -54.21 -42.63
C ILE H 178 -1.49 -54.62 -44.07
N THR H 179 -1.41 -53.70 -45.03
CA THR H 179 -1.64 -54.05 -46.42
C THR H 179 -0.52 -54.91 -47.00
N LEU H 180 0.65 -54.93 -46.36
CA LEU H 180 1.77 -55.72 -46.83
C LEU H 180 1.60 -57.22 -46.53
N LEU H 181 0.61 -57.60 -45.74
CA LEU H 181 0.52 -58.96 -45.23
C LEU H 181 -0.71 -59.68 -45.77
N SER H 182 -0.97 -59.54 -47.07
CA SER H 182 -2.15 -60.16 -47.66
C SER H 182 -2.04 -61.68 -47.63
N GLN H 183 -3.17 -62.33 -47.40
CA GLN H 183 -3.27 -63.79 -47.40
C GLN H 183 -4.32 -64.22 -48.42
N ARG H 184 -4.03 -65.30 -49.14
CA ARG H 184 -4.92 -65.81 -50.17
C ARG H 184 -5.57 -67.13 -49.79
N SER H 185 -4.78 -68.14 -49.43
CA SER H 185 -5.30 -69.45 -49.07
C SER H 185 -4.56 -70.01 -47.86
N GLY H 186 -4.35 -69.18 -46.85
CA GLY H 186 -3.61 -69.58 -45.67
C GLY H 186 -2.12 -69.38 -45.75
N ASN H 187 -1.61 -68.97 -46.90
CA ASN H 187 -0.19 -68.73 -47.09
C ASN H 187 0.09 -67.23 -47.00
N VAL H 188 1.24 -66.88 -46.41
CA VAL H 188 1.60 -65.50 -46.15
C VAL H 188 2.48 -65.00 -47.30
N LYS H 189 2.13 -63.85 -47.86
CA LYS H 189 2.87 -63.24 -48.95
C LYS H 189 3.34 -61.85 -48.53
N ILE H 190 4.03 -61.17 -49.45
CA ILE H 190 4.58 -59.85 -49.20
C ILE H 190 4.86 -59.20 -50.55
N THR H 191 4.74 -57.88 -50.60
CA THR H 191 4.93 -57.12 -51.83
C THR H 191 6.30 -56.45 -51.83
N ALA H 192 6.61 -55.83 -52.96
CA ALA H 192 7.91 -55.20 -53.20
C ALA H 192 7.70 -53.75 -53.63
N GLY H 193 8.79 -53.12 -54.05
CA GLY H 193 8.78 -51.70 -54.36
C GLY H 193 9.35 -50.87 -53.22
N GLY H 194 8.64 -50.85 -52.10
CA GLY H 194 9.19 -50.21 -50.91
C GLY H 194 10.39 -50.95 -50.37
N LYS H 195 10.32 -52.29 -50.35
CA LYS H 195 11.40 -53.22 -50.02
C LYS H 195 12.00 -53.02 -48.64
N THR H 196 12.91 -53.92 -48.27
CA THR H 196 13.60 -53.98 -46.96
C THR H 196 12.64 -53.97 -45.77
N ILE H 197 11.81 -54.96 -45.68
CA ILE H 197 10.76 -55.09 -44.66
C ILE H 197 11.29 -55.99 -43.55
N ARG H 198 11.34 -55.45 -42.33
CA ARG H 198 11.66 -56.26 -41.16
C ARG H 198 10.55 -57.27 -40.91
N TYR H 199 10.95 -58.48 -40.49
CA TYR H 199 10.01 -59.59 -40.35
C TYR H 199 10.18 -60.26 -39.00
N ASN H 200 9.07 -60.77 -38.46
CA ASN H 200 9.07 -61.46 -37.18
C ASN H 200 7.78 -62.27 -37.07
N CYS H 201 7.88 -63.48 -36.51
CA CYS H 201 6.72 -64.33 -36.30
C CYS H 201 6.97 -65.26 -35.13
N THR H 202 5.88 -65.68 -34.49
CA THR H 202 5.90 -66.79 -33.54
C THR H 202 5.48 -68.09 -34.20
N CYS H 203 5.22 -68.07 -35.52
CA CYS H 203 4.84 -69.26 -36.26
C CYS H 203 5.95 -70.32 -36.27
N GLY H 204 7.17 -69.93 -35.98
CA GLY H 204 8.29 -70.84 -36.01
C GLY H 204 9.54 -70.12 -36.52
N SER H 205 10.28 -70.80 -37.38
CA SER H 205 11.49 -70.23 -37.96
C SER H 205 11.10 -69.26 -39.10
N GLY H 206 12.10 -68.76 -39.82
CA GLY H 206 11.87 -67.82 -40.89
C GLY H 206 11.81 -66.36 -40.47
N ASN H 207 11.85 -66.08 -39.17
CA ASN H 207 11.86 -64.69 -38.68
C ASN H 207 13.25 -64.08 -38.85
N VAL H 208 13.62 -63.90 -40.11
CA VAL H 208 14.96 -63.47 -40.46
C VAL H 208 15.01 -62.02 -40.94
N GLY H 209 13.89 -61.41 -41.28
CA GLY H 209 13.91 -60.04 -41.74
C GLY H 209 14.33 -59.92 -43.20
N THR H 210 13.50 -60.43 -44.10
CA THR H 210 13.84 -60.48 -45.52
C THR H 210 13.93 -59.06 -46.09
N THR H 211 14.26 -58.99 -47.38
CA THR H 211 14.54 -57.71 -48.01
C THR H 211 14.32 -57.81 -49.51
N SER H 212 13.43 -56.95 -50.03
CA SER H 212 13.23 -56.80 -51.48
C SER H 212 12.91 -58.13 -52.16
N SER H 213 12.01 -58.90 -51.56
CA SER H 213 11.62 -60.17 -52.14
C SER H 213 10.18 -60.48 -51.74
N ASP H 214 9.55 -61.35 -52.53
CA ASP H 214 8.21 -61.86 -52.22
C ASP H 214 8.30 -63.16 -51.45
N LYS H 215 8.97 -63.08 -50.30
CA LYS H 215 9.19 -64.26 -49.46
C LYS H 215 7.88 -64.76 -48.90
N THR H 216 7.74 -66.09 -48.82
CA THR H 216 6.52 -66.73 -48.35
C THR H 216 6.85 -67.70 -47.23
N ILE H 217 6.10 -67.61 -46.14
CA ILE H 217 6.20 -68.56 -45.03
C ILE H 217 4.93 -69.40 -45.02
N ASN H 218 5.09 -70.69 -44.77
CA ASN H 218 4.00 -71.66 -44.94
C ASN H 218 3.31 -71.96 -43.62
N SER H 219 2.00 -72.16 -43.70
CA SER H 219 1.17 -72.58 -42.56
C SER H 219 1.24 -71.58 -41.41
N CYS H 220 0.94 -70.31 -41.70
CA CYS H 220 0.91 -69.27 -40.69
C CYS H 220 -0.28 -68.36 -40.92
N LYS H 221 -0.75 -67.74 -39.85
CA LYS H 221 -1.91 -66.86 -39.88
C LYS H 221 -1.47 -65.40 -39.77
N ILE H 222 -2.46 -64.51 -39.78
CA ILE H 222 -2.20 -63.08 -39.65
C ILE H 222 -1.75 -62.74 -38.23
N ALA H 223 -2.14 -63.56 -37.25
CA ALA H 223 -1.96 -63.21 -35.84
C ALA H 223 -0.50 -63.02 -35.43
N GLN H 224 0.45 -63.61 -36.16
CA GLN H 224 1.83 -63.55 -35.75
C GLN H 224 2.73 -62.75 -36.69
N CYS H 225 2.26 -62.42 -37.90
CA CYS H 225 3.08 -61.69 -38.86
C CYS H 225 2.82 -60.20 -38.69
N HIS H 226 3.78 -59.50 -38.08
CA HIS H 226 3.68 -58.07 -37.85
C HIS H 226 4.82 -57.35 -38.56
N ALA H 227 5.07 -57.71 -39.81
CA ALA H 227 6.21 -57.17 -40.54
C ALA H 227 6.10 -55.65 -40.71
N ALA H 228 7.23 -54.96 -40.53
CA ALA H 228 7.31 -53.52 -40.69
C ALA H 228 8.44 -53.19 -41.66
N VAL H 229 8.26 -52.12 -42.41
CA VAL H 229 9.19 -51.75 -43.47
C VAL H 229 10.13 -50.66 -42.97
N THR H 230 11.42 -50.85 -43.18
CA THR H 230 12.45 -49.85 -42.95
C THR H 230 13.04 -49.41 -44.28
N ASN H 231 13.48 -48.16 -44.35
CA ASN H 231 13.92 -47.60 -45.62
C ASN H 231 15.41 -47.28 -45.67
N HIS H 232 15.92 -46.51 -44.71
CA HIS H 232 17.29 -45.97 -44.74
C HIS H 232 17.57 -45.17 -46.00
N ASP H 233 16.51 -44.67 -46.67
CA ASP H 233 16.70 -43.88 -47.88
C ASP H 233 17.12 -42.46 -47.55
N LYS H 234 16.29 -41.73 -46.80
CA LYS H 234 16.60 -40.37 -46.42
C LYS H 234 16.14 -40.14 -44.98
N TRP H 235 16.83 -39.24 -44.29
CA TRP H 235 16.62 -39.06 -42.86
C TRP H 235 15.55 -38.00 -42.58
N GLN H 236 15.07 -37.99 -41.33
CA GLN H 236 13.85 -37.32 -40.91
C GLN H 236 14.15 -36.29 -39.84
N TYR H 237 13.21 -35.36 -39.65
CA TYR H 237 13.29 -34.39 -38.56
C TYR H 237 12.61 -34.96 -37.33
N THR H 238 13.29 -34.90 -36.20
CA THR H 238 12.73 -35.41 -34.95
C THR H 238 11.54 -34.57 -34.52
N SER H 239 10.61 -35.20 -33.80
CA SER H 239 9.44 -34.51 -33.29
C SER H 239 9.09 -35.11 -31.94
N SER H 240 7.99 -34.65 -31.35
CA SER H 240 7.49 -35.16 -30.09
C SER H 240 6.62 -36.39 -30.25
N PHE H 241 6.39 -36.83 -31.49
CA PHE H 241 5.52 -37.97 -31.77
C PHE H 241 6.28 -39.14 -32.38
N VAL H 242 7.04 -38.91 -33.44
CA VAL H 242 7.75 -40.01 -34.10
C VAL H 242 8.82 -40.56 -33.16
N PRO H 243 8.95 -41.87 -33.03
CA PRO H 243 9.97 -42.45 -32.15
C PRO H 243 11.34 -42.41 -32.80
N ARG H 244 12.35 -42.76 -31.99
CA ARG H 244 13.73 -42.79 -32.45
C ARG H 244 14.44 -43.99 -31.82
N ALA H 245 15.47 -44.47 -32.51
CA ALA H 245 16.34 -45.52 -31.99
C ALA H 245 17.61 -44.89 -31.41
N ASP H 246 18.08 -45.45 -30.30
CA ASP H 246 19.17 -44.84 -29.54
C ASP H 246 20.49 -45.00 -30.29
N GLN H 247 20.92 -43.92 -30.95
CA GLN H 247 22.23 -43.87 -31.58
C GLN H 247 22.87 -42.53 -31.22
N LEU H 248 23.96 -42.19 -31.89
CA LEU H 248 24.55 -40.87 -31.78
C LEU H 248 23.72 -39.81 -32.48
N SER H 249 22.68 -40.21 -33.20
CA SER H 249 21.67 -39.41 -33.88
C SER H 249 22.18 -38.79 -35.18
N ARG H 250 23.47 -38.87 -35.47
CA ARG H 250 24.09 -38.34 -36.71
C ARG H 250 23.43 -37.03 -37.13
N LYS H 251 23.33 -36.11 -36.17
CA LYS H 251 22.52 -34.90 -36.32
C LYS H 251 22.85 -34.15 -37.60
N GLY H 252 21.88 -34.09 -38.50
CA GLY H 252 22.02 -33.34 -39.73
C GLY H 252 21.58 -31.89 -39.54
N LYS H 253 22.17 -31.01 -40.34
CA LYS H 253 21.98 -29.57 -40.19
C LYS H 253 21.36 -29.00 -41.45
N VAL H 254 20.20 -28.36 -41.30
CA VAL H 254 19.58 -27.56 -42.36
C VAL H 254 19.25 -26.19 -41.77
N HIS H 255 19.83 -25.14 -42.35
CA HIS H 255 19.80 -23.81 -41.73
C HIS H 255 18.38 -23.28 -41.60
N VAL H 256 18.11 -22.58 -40.50
CA VAL H 256 16.80 -22.01 -40.23
C VAL H 256 16.78 -20.59 -40.82
N PRO H 257 15.92 -20.30 -41.78
CA PRO H 257 15.87 -18.96 -42.37
C PRO H 257 15.10 -17.99 -41.49
N PHE H 258 14.91 -16.78 -42.00
CA PHE H 258 14.14 -15.71 -41.37
C PHE H 258 14.66 -15.37 -39.99
N PRO H 259 15.85 -14.77 -39.88
CA PRO H 259 16.35 -14.37 -38.56
C PRO H 259 15.66 -13.11 -38.04
N LEU H 260 16.06 -12.64 -36.87
CA LEU H 260 15.43 -11.48 -36.23
C LEU H 260 16.42 -10.32 -36.25
N THR H 261 16.00 -9.19 -36.80
CA THR H 261 16.85 -8.01 -36.91
C THR H 261 16.03 -6.78 -36.50
N ASN H 262 16.71 -5.63 -36.48
CA ASN H 262 16.04 -4.35 -36.27
C ASN H 262 15.42 -3.88 -37.59
N SER H 263 14.46 -2.97 -37.47
CA SER H 263 13.78 -2.49 -38.68
C SER H 263 13.07 -1.17 -38.38
N THR H 264 12.55 -0.56 -39.44
CA THR H 264 11.68 0.60 -39.29
C THR H 264 10.34 0.16 -38.71
N CYS H 265 9.77 1.02 -37.87
CA CYS H 265 8.56 0.64 -37.15
C CYS H 265 7.74 1.93 -36.97
N ARG H 266 6.67 2.07 -37.75
CA ARG H 266 5.81 3.23 -37.65
C ARG H 266 4.85 3.10 -36.48
N VAL H 267 4.44 4.24 -35.93
CA VAL H 267 3.54 4.27 -34.78
C VAL H 267 2.62 5.49 -34.93
N PRO H 268 1.34 5.38 -34.56
CA PRO H 268 0.42 6.52 -34.72
C PRO H 268 0.80 7.70 -33.85
N LEU H 269 0.11 8.81 -34.11
CA LEU H 269 0.31 10.08 -33.39
C LEU H 269 -1.06 10.66 -33.09
N ALA H 270 -1.44 10.69 -31.82
CA ALA H 270 -2.76 11.16 -31.44
C ALA H 270 -2.88 12.67 -31.63
N ARG H 271 -4.12 13.13 -31.64
CA ARG H 271 -4.39 14.56 -31.78
C ARG H 271 -3.95 15.31 -30.54
N ALA H 272 -3.67 16.60 -30.72
CA ALA H 272 -3.24 17.43 -29.60
C ALA H 272 -4.39 17.57 -28.60
N PRO H 273 -4.15 17.30 -27.32
CA PRO H 273 -5.23 17.44 -26.33
C PRO H 273 -5.66 18.89 -26.17
N GLY H 274 -6.93 19.08 -25.83
CA GLY H 274 -7.44 20.42 -25.68
C GLY H 274 -7.22 21.00 -24.31
N VAL H 275 -6.28 21.94 -24.18
CA VAL H 275 -5.89 22.50 -22.90
C VAL H 275 -6.63 23.81 -22.68
N THR H 276 -7.22 23.98 -21.50
CA THR H 276 -7.85 25.25 -21.11
C THR H 276 -7.44 25.53 -19.66
N TYR H 277 -6.35 26.26 -19.50
CA TYR H 277 -5.70 26.40 -18.20
C TYR H 277 -6.52 27.31 -17.28
N GLY H 278 -6.65 26.90 -16.03
CA GLY H 278 -7.21 27.72 -14.98
C GLY H 278 -6.13 28.45 -14.20
N LYS H 279 -6.39 28.67 -12.92
CA LYS H 279 -5.42 29.28 -12.02
C LYS H 279 -5.01 28.25 -10.99
N ARG H 280 -3.70 27.94 -10.94
CA ARG H 280 -3.16 26.89 -10.08
C ARG H 280 -3.88 25.56 -10.30
N GLU H 281 -4.28 25.30 -11.55
CA GLU H 281 -5.07 24.14 -11.91
C GLU H 281 -5.05 24.02 -13.43
N LEU H 282 -4.97 22.79 -13.94
CA LEU H 282 -4.87 22.57 -15.38
C LEU H 282 -5.99 21.63 -15.82
N THR H 283 -6.84 22.10 -16.72
CA THR H 283 -7.95 21.32 -17.25
C THR H 283 -7.69 20.97 -18.70
N VAL H 284 -7.92 19.70 -19.03
CA VAL H 284 -7.62 19.19 -20.37
C VAL H 284 -8.76 18.27 -20.82
N LYS H 285 -9.08 18.34 -22.11
CA LYS H 285 -10.09 17.51 -22.74
C LYS H 285 -9.41 16.57 -23.72
N LEU H 286 -9.74 15.29 -23.64
CA LEU H 286 -9.08 14.24 -24.40
C LEU H 286 -10.07 13.59 -25.35
N HIS H 287 -9.69 13.51 -26.62
CA HIS H 287 -10.53 12.99 -27.70
C HIS H 287 -9.78 11.82 -28.35
N PRO H 288 -9.80 10.65 -27.73
CA PRO H 288 -9.02 9.53 -28.26
C PRO H 288 -9.72 8.85 -29.43
N ASP H 289 -8.91 8.41 -30.39
CA ASP H 289 -9.40 7.54 -31.46
C ASP H 289 -9.14 6.07 -31.18
N HIS H 290 -8.22 5.76 -30.28
CA HIS H 290 -7.91 4.39 -29.88
C HIS H 290 -7.43 4.44 -28.44
N PRO H 291 -7.45 3.29 -27.73
CA PRO H 291 -6.93 3.28 -26.35
C PRO H 291 -5.46 3.67 -26.28
N THR H 292 -5.18 4.82 -25.65
CA THR H 292 -3.83 5.33 -25.49
C THR H 292 -3.56 5.58 -24.00
N LEU H 293 -2.41 6.19 -23.72
CA LEU H 293 -1.94 6.36 -22.35
C LEU H 293 -1.59 7.82 -22.11
N LEU H 294 -1.96 8.32 -20.93
CA LEU H 294 -1.63 9.68 -20.51
C LEU H 294 -0.99 9.62 -19.13
N THR H 295 0.18 10.25 -18.99
CA THR H 295 0.92 10.28 -17.75
C THR H 295 1.43 11.69 -17.47
N TYR H 296 1.59 12.01 -16.20
CA TYR H 296 2.15 13.30 -15.80
C TYR H 296 2.91 13.14 -14.50
N ARG H 297 3.86 14.05 -14.27
CA ARG H 297 4.64 14.07 -13.05
C ARG H 297 5.06 15.49 -12.73
N SER H 298 5.45 15.72 -11.48
CA SER H 298 5.81 17.03 -10.99
C SER H 298 7.33 17.14 -10.85
N LEU H 299 7.87 18.28 -11.26
CA LEU H 299 9.31 18.51 -11.18
C LEU H 299 9.79 18.67 -9.74
N GLY H 300 8.89 18.82 -8.77
CA GLY H 300 9.29 18.94 -7.39
C GLY H 300 9.85 17.63 -6.84
N ALA H 301 10.30 17.69 -5.59
CA ALA H 301 10.97 16.55 -4.98
C ALA H 301 10.07 15.32 -4.95
N ASP H 302 8.80 15.51 -4.59
CA ASP H 302 7.84 14.42 -4.60
C ASP H 302 7.23 14.35 -5.99
N PRO H 303 7.46 13.28 -6.76
CA PRO H 303 6.99 13.27 -8.15
C PRO H 303 5.49 13.09 -8.28
N ARG H 304 4.89 12.20 -7.49
CA ARG H 304 3.48 11.86 -7.58
C ARG H 304 3.13 11.39 -8.99
N PRO H 305 3.60 10.23 -9.41
CA PRO H 305 3.34 9.76 -10.78
C PRO H 305 1.89 9.37 -10.96
N TYR H 306 1.55 9.09 -12.22
CA TYR H 306 0.17 8.74 -12.58
C TYR H 306 0.19 8.10 -13.97
N GLU H 307 -0.66 7.10 -14.16
CA GLU H 307 -0.87 6.50 -15.47
C GLU H 307 -2.26 5.89 -15.49
N GLU H 308 -2.94 6.03 -16.63
CA GLU H 308 -4.31 5.54 -16.75
C GLU H 308 -4.72 5.48 -18.22
N TRP H 309 -5.15 4.31 -18.67
CA TRP H 309 -5.50 4.11 -20.08
C TRP H 309 -6.77 4.87 -20.43
N ILE H 310 -6.85 5.31 -21.69
CA ILE H 310 -7.98 6.10 -22.17
C ILE H 310 -8.52 5.45 -23.43
N ASP H 311 -9.84 5.28 -23.48
CA ASP H 311 -10.50 4.74 -24.66
C ASP H 311 -11.64 5.59 -25.18
N ARG H 312 -12.19 6.51 -24.38
CA ARG H 312 -13.27 7.38 -24.81
C ARG H 312 -12.95 8.81 -24.38
N TYR H 313 -13.66 9.76 -24.98
CA TYR H 313 -13.53 11.17 -24.66
C TYR H 313 -13.69 11.41 -23.16
N VAL H 314 -12.82 12.26 -22.60
CA VAL H 314 -12.90 12.51 -21.16
C VAL H 314 -12.21 13.81 -20.78
N GLU H 315 -12.66 14.44 -19.70
CA GLU H 315 -12.01 15.62 -19.14
C GLU H 315 -11.20 15.24 -17.91
N ARG H 316 -10.02 15.83 -17.79
CA ARG H 316 -9.15 15.57 -16.66
C ARG H 316 -8.63 16.89 -16.11
N THR H 317 -8.68 17.02 -14.78
CA THR H 317 -8.17 18.20 -14.08
C THR H 317 -7.02 17.78 -13.18
N ILE H 318 -5.91 18.49 -13.27
CA ILE H 318 -4.71 18.12 -12.53
C ILE H 318 -4.10 19.35 -11.85
N PRO H 319 -3.64 19.22 -10.61
CA PRO H 319 -2.99 20.34 -9.95
C PRO H 319 -1.66 20.68 -10.62
N VAL H 320 -1.32 21.96 -10.58
CA VAL H 320 -0.06 22.47 -11.12
C VAL H 320 0.56 23.41 -10.11
N THR H 321 1.85 23.24 -9.86
CA THR H 321 2.62 24.10 -8.99
C THR H 321 3.59 24.93 -9.83
N GLU H 322 4.44 25.69 -9.15
CA GLU H 322 5.45 26.51 -9.81
C GLU H 322 6.72 25.73 -10.14
N ASP H 323 6.66 24.39 -10.14
CA ASP H 323 7.81 23.57 -10.47
C ASP H 323 7.76 23.05 -11.90
N GLY H 324 6.69 22.34 -12.27
CA GLY H 324 6.56 21.85 -13.62
C GLY H 324 5.67 20.63 -13.77
N ILE H 325 5.06 20.49 -14.93
CA ILE H 325 4.22 19.35 -15.28
C ILE H 325 4.67 18.82 -16.63
N GLU H 326 4.74 17.50 -16.77
CA GLU H 326 5.26 16.85 -17.97
C GLU H 326 4.13 16.07 -18.65
N TYR H 327 3.70 16.56 -19.82
CA TYR H 327 2.76 15.80 -20.63
C TYR H 327 3.42 14.55 -21.21
N ARG H 328 2.63 13.49 -21.33
CA ARG H 328 2.97 12.35 -22.19
C ARG H 328 1.64 11.78 -22.69
N TRP H 329 1.20 12.27 -23.85
CA TRP H 329 -0.06 11.89 -24.47
C TRP H 329 0.26 11.14 -25.77
N GLY H 330 0.44 9.83 -25.64
CA GLY H 330 0.75 9.04 -26.82
C GLY H 330 2.22 9.08 -27.13
N ASN H 331 2.55 9.48 -28.36
CA ASN H 331 3.94 9.50 -28.83
C ASN H 331 4.45 10.90 -29.12
N ASN H 332 3.69 11.94 -28.80
CA ASN H 332 4.18 13.30 -28.96
C ASN H 332 5.29 13.58 -27.95
N PRO H 333 6.20 14.50 -28.27
CA PRO H 333 7.27 14.84 -27.33
C PRO H 333 6.68 15.45 -26.06
N PRO H 334 7.35 15.27 -24.93
CA PRO H 334 6.82 15.80 -23.67
C PRO H 334 6.73 17.33 -23.70
N VAL H 335 5.76 17.85 -22.97
CA VAL H 335 5.50 19.29 -22.89
C VAL H 335 5.56 19.70 -21.43
N ARG H 336 6.23 20.82 -21.16
CA ARG H 336 6.50 21.28 -19.80
C ARG H 336 5.65 22.51 -19.48
N LEU H 337 4.89 22.43 -18.39
CA LEU H 337 4.08 23.54 -17.91
C LEU H 337 4.27 23.72 -16.42
N TRP H 338 4.50 24.96 -16.00
CA TRP H 338 4.49 25.33 -14.58
C TRP H 338 3.76 26.66 -14.42
N ALA H 339 3.17 26.84 -13.25
CA ALA H 339 2.24 27.92 -12.98
C ALA H 339 2.96 29.24 -12.71
N GLN H 340 2.21 30.32 -12.81
CA GLN H 340 2.68 31.67 -12.54
C GLN H 340 2.19 32.12 -11.16
N LEU H 341 2.46 33.38 -10.82
CA LEU H 341 2.11 33.90 -9.51
C LEU H 341 0.66 34.37 -9.42
N THR H 342 0.14 34.98 -10.48
CA THR H 342 -1.24 35.45 -10.60
C THR H 342 -1.84 36.03 -9.31
N THR H 343 -2.79 35.33 -8.70
CA THR H 343 -3.56 35.75 -7.52
C THR H 343 -4.53 36.87 -7.88
N GLU H 344 -5.27 37.36 -6.89
CA GLU H 344 -6.29 38.37 -7.11
C GLU H 344 -6.22 39.41 -6.00
N GLY H 345 -6.58 40.64 -6.34
CA GLY H 345 -6.62 41.74 -5.40
C GLY H 345 -5.69 42.86 -5.81
N LYS H 346 -5.66 43.90 -4.97
CA LYS H 346 -4.78 45.03 -5.19
C LYS H 346 -3.63 44.96 -4.20
N PRO H 347 -2.39 44.76 -4.65
CA PRO H 347 -1.28 44.60 -3.72
C PRO H 347 -0.67 45.91 -3.24
N HIS H 348 -1.20 47.05 -3.64
CA HIS H 348 -0.71 48.35 -3.20
C HIS H 348 -1.87 49.29 -2.90
N GLY H 349 -2.89 48.78 -2.20
CA GLY H 349 -4.05 49.59 -1.91
C GLY H 349 -4.48 49.58 -0.46
N TRP H 350 -5.79 49.52 -0.24
CA TRP H 350 -6.35 49.56 1.11
C TRP H 350 -6.00 48.28 1.88
N PRO H 351 -6.03 48.32 3.22
CA PRO H 351 -5.56 47.14 3.97
C PRO H 351 -6.39 45.88 3.72
N HIS H 352 -7.71 46.00 3.53
CA HIS H 352 -8.49 44.78 3.31
C HIS H 352 -8.55 44.34 1.84
N GLU H 353 -7.43 44.43 1.14
CA GLU H 353 -7.10 43.56 0.02
C GLU H 353 -5.63 43.18 -0.01
N ILE H 354 -4.77 43.85 0.76
CA ILE H 354 -3.36 43.45 0.89
C ILE H 354 -3.29 42.04 1.46
N ILE H 355 -4.13 41.75 2.46
CA ILE H 355 -4.17 40.41 3.04
C ILE H 355 -4.61 39.39 2.01
N LEU H 356 -5.61 39.73 1.19
CA LEU H 356 -6.05 38.81 0.15
C LEU H 356 -4.93 38.52 -0.85
N TYR H 357 -4.20 39.57 -1.26
CA TYR H 357 -3.08 39.36 -2.17
C TYR H 357 -2.02 38.47 -1.53
N TYR H 358 -1.60 38.80 -0.31
CA TYR H 358 -0.59 38.04 0.40
C TYR H 358 -1.05 36.63 0.76
N TYR H 359 -2.35 36.37 0.74
CA TYR H 359 -2.90 35.05 1.03
C TYR H 359 -3.04 34.18 -0.21
N GLY H 360 -3.39 34.77 -1.36
CA GLY H 360 -3.42 33.99 -2.59
C GLY H 360 -2.08 33.34 -2.87
N LEU H 361 -1.00 34.10 -2.72
CA LEU H 361 0.34 33.55 -2.71
C LEU H 361 0.60 32.88 -1.37
N TYR H 362 1.01 31.60 -1.41
CA TYR H 362 1.23 30.80 -0.20
C TYR H 362 0.01 30.84 0.71
N PRO H 363 -1.07 30.12 0.36
CA PRO H 363 -2.30 30.21 1.16
C PRO H 363 -2.13 29.82 2.62
N ALA H 364 -1.21 28.91 2.92
CA ALA H 364 -0.93 28.54 4.29
C ALA H 364 0.07 29.49 4.92
N ALA H 365 0.09 29.49 6.27
CA ALA H 365 1.05 30.22 7.09
C ALA H 365 0.87 31.73 7.03
N THR H 366 -0.08 32.22 6.23
CA THR H 366 -0.40 33.64 6.28
C THR H 366 -1.49 33.93 7.30
N ILE H 367 -2.47 33.02 7.42
CA ILE H 367 -3.46 33.13 8.50
C ILE H 367 -2.77 32.97 9.84
N VAL H 368 -1.74 32.13 9.91
CA VAL H 368 -0.94 32.02 11.12
C VAL H 368 -0.26 33.34 11.44
N ALA H 369 0.26 34.01 10.40
CA ALA H 369 0.93 35.30 10.61
C ALA H 369 -0.03 36.36 11.14
N VAL H 370 -1.22 36.45 10.53
CA VAL H 370 -2.18 37.46 10.99
C VAL H 370 -2.71 37.11 12.37
N SER H 371 -2.87 35.82 12.68
CA SER H 371 -3.27 35.43 14.02
C SER H 371 -2.20 35.77 15.04
N ALA H 372 -0.93 35.59 14.69
CA ALA H 372 0.16 35.98 15.58
C ALA H 372 0.18 37.48 15.81
N ALA H 373 -0.07 38.27 14.76
CA ALA H 373 -0.13 39.71 14.92
C ALA H 373 -1.28 40.12 15.84
N CYS H 374 -2.45 39.50 15.65
CA CYS H 374 -3.58 39.78 16.51
C CYS H 374 -3.30 39.40 17.96
N LEU H 375 -2.66 38.25 18.16
CA LEU H 375 -2.30 37.84 19.52
C LEU H 375 -1.33 38.82 20.15
N ALA H 376 -0.34 39.28 19.39
CA ALA H 376 0.61 40.24 19.91
C ALA H 376 -0.07 41.54 20.31
N VAL H 377 -0.96 42.06 19.45
CA VAL H 377 -1.59 43.33 19.77
C VAL H 377 -2.55 43.19 20.95
N VAL H 378 -3.27 42.06 21.05
CA VAL H 378 -4.20 41.91 22.16
C VAL H 378 -3.45 41.72 23.48
N LEU H 379 -2.35 40.97 23.46
CA LEU H 379 -1.57 40.83 24.70
C LEU H 379 -0.93 42.15 25.09
N SER H 380 -0.47 42.94 24.12
CA SER H 380 0.10 44.25 24.43
C SER H 380 -0.94 45.17 25.05
N LEU H 381 -2.15 45.21 24.48
CA LEU H 381 -3.18 46.09 25.04
C LEU H 381 -3.62 45.61 26.41
N LEU H 382 -3.72 44.28 26.60
CA LEU H 382 -4.10 43.76 27.90
C LEU H 382 -3.04 44.07 28.97
N ALA H 383 -1.77 43.89 28.63
CA ALA H 383 -0.70 44.22 29.57
C ALA H 383 -0.68 45.71 29.88
N SER H 384 -0.89 46.55 28.87
CA SER H 384 -0.95 47.99 29.11
C SER H 384 -2.09 48.35 30.03
N CYS H 385 -3.27 47.77 29.82
CA CYS H 385 -4.41 48.05 30.69
C CYS H 385 -4.16 47.57 32.11
N TYR H 386 -3.59 46.38 32.26
CA TYR H 386 -3.29 45.85 33.59
C TYR H 386 -2.30 46.75 34.33
N MET H 387 -1.25 47.18 33.65
CA MET H 387 -0.25 48.01 34.30
C MET H 387 -0.74 49.45 34.50
N PHE H 388 -1.67 49.92 33.67
CA PHE H 388 -2.39 51.15 34.00
C PHE H 388 -3.18 50.99 35.29
N ALA H 389 -3.81 49.82 35.49
CA ALA H 389 -4.54 49.58 36.73
C ALA H 389 -3.59 49.57 37.93
N THR H 390 -2.43 48.94 37.78
CA THR H 390 -1.43 48.97 38.85
C THR H 390 -0.97 50.40 39.14
N ALA H 391 -0.73 51.18 38.09
CA ALA H 391 -0.33 52.57 38.27
C ALA H 391 -1.43 53.37 38.94
N ARG H 392 -2.69 53.09 38.60
CA ARG H 392 -3.82 53.78 39.23
C ARG H 392 -3.88 53.47 40.71
N ARG H 393 -3.66 52.21 41.08
CA ARG H 393 -3.59 51.85 42.50
C ARG H 393 -2.45 52.59 43.19
N LYS H 394 -1.27 52.62 42.56
CA LYS H 394 -0.11 53.25 43.15
C LYS H 394 -0.23 54.77 43.20
N CYS H 395 -1.10 55.36 42.37
CA CYS H 395 -1.32 56.79 42.36
C CYS H 395 -1.70 57.29 43.74
N LEU H 396 -2.85 56.85 44.24
CA LEU H 396 -3.35 57.32 45.53
C LEU H 396 -3.89 56.19 46.39
N THR H 397 -3.17 55.06 46.48
CA THR H 397 -3.49 54.19 47.61
C THR H 397 -3.09 54.79 48.96
N PRO H 398 -2.08 55.67 49.07
CA PRO H 398 -1.88 56.32 50.37
C PRO H 398 -2.93 57.36 50.71
N TYR H 399 -3.46 58.08 49.71
CA TYR H 399 -4.49 59.08 49.98
C TYR H 399 -5.87 58.48 50.14
N ALA H 400 -6.06 57.20 49.78
CA ALA H 400 -7.23 56.48 50.27
C ALA H 400 -7.12 56.29 51.78
N LEU H 401 -5.90 56.11 52.27
CA LEU H 401 -5.59 56.09 53.70
C LEU H 401 -5.51 57.52 54.22
N THR H 402 -4.95 57.68 55.42
CA THR H 402 -4.81 58.93 56.19
C THR H 402 -6.16 59.31 56.78
N PRO H 403 -6.20 59.82 58.01
CA PRO H 403 -7.49 60.19 58.60
C PRO H 403 -8.01 61.49 58.03
N GLY H 404 -9.31 61.51 57.76
CA GLY H 404 -9.91 62.67 57.11
C GLY H 404 -9.31 62.89 55.73
N ALA H 405 -8.98 64.15 55.44
CA ALA H 405 -8.37 64.55 54.18
C ALA H 405 -9.26 64.25 52.98
N VAL H 406 -8.88 64.77 51.82
CA VAL H 406 -9.62 64.59 50.57
C VAL H 406 -8.63 64.35 49.44
N VAL H 407 -9.15 64.22 48.23
CA VAL H 407 -8.29 64.12 47.05
C VAL H 407 -7.49 65.42 46.92
N PRO H 408 -6.21 65.36 46.55
CA PRO H 408 -5.41 66.60 46.51
C PRO H 408 -5.97 67.68 45.60
N VAL H 409 -6.67 67.31 44.53
CA VAL H 409 -7.28 68.26 43.60
C VAL H 409 -6.19 69.08 42.91
N THR H 410 -5.50 69.94 43.69
CA THR H 410 -4.47 70.79 43.10
C THR H 410 -3.30 69.98 42.55
N LEU H 411 -3.08 68.77 43.06
CA LEU H 411 -2.10 67.86 42.47
C LEU H 411 -2.74 66.99 41.38
N GLY H 412 -3.89 66.39 41.69
CA GLY H 412 -4.61 65.62 40.70
C GLY H 412 -6.12 65.65 40.87
N VAL H 413 -6.83 66.03 39.81
CA VAL H 413 -8.29 65.96 39.82
C VAL H 413 -8.78 64.72 39.08
N LEU H 414 -8.34 64.56 37.82
CA LEU H 414 -8.67 63.36 37.05
C LEU H 414 -7.48 62.86 36.25
N CYS H 415 -6.26 63.23 36.65
CA CYS H 415 -5.07 62.79 35.92
C CYS H 415 -4.84 61.28 36.05
N CYS H 416 -5.39 60.65 37.07
CA CYS H 416 -5.24 59.21 37.26
C CYS H 416 -6.56 58.58 37.67
N ALA H 417 -7.69 59.20 37.31
CA ALA H 417 -9.03 58.78 37.72
C ALA H 417 -9.13 58.50 39.22
N PRO H 418 -8.73 59.46 40.09
CA PRO H 418 -8.73 59.23 41.54
C PRO H 418 -10.02 59.64 42.23
N ARG H 419 -11.17 59.18 41.73
CA ARG H 419 -12.45 59.55 42.31
C ARG H 419 -13.35 58.33 42.45
N ALA H 420 -14.17 58.36 43.50
CA ALA H 420 -15.22 57.37 43.72
C ALA H 420 -16.33 58.08 44.47
N HIS H 421 -17.35 58.52 43.73
CA HIS H 421 -18.39 59.39 44.27
C HIS H 421 -17.79 60.63 44.91
N ALA H 422 -17.91 60.74 46.24
CA ALA H 422 -17.37 61.88 46.96
C ALA H 422 -16.33 61.44 48.00
N LYS I 107 -8.33 62.25 86.19
CA LYS I 107 -8.71 62.85 84.92
C LYS I 107 -7.55 62.82 83.94
N ARG I 108 -6.42 62.23 84.36
CA ARG I 108 -5.24 62.23 83.52
C ARG I 108 -5.31 61.14 82.45
N GLU I 109 -5.40 59.88 82.87
CA GLU I 109 -5.62 58.77 81.95
C GLU I 109 -7.04 58.21 82.01
N ARG I 110 -7.94 58.82 82.78
CA ARG I 110 -9.34 58.38 82.75
C ARG I 110 -9.94 58.61 81.37
N MET I 111 -9.59 59.73 80.73
CA MET I 111 -10.02 59.97 79.35
C MET I 111 -9.53 58.86 78.43
N CYS I 112 -8.31 58.36 78.67
CA CYS I 112 -7.74 57.32 77.83
C CYS I 112 -8.59 56.04 77.87
N MET I 113 -8.86 55.55 79.08
CA MET I 113 -9.64 54.33 79.22
C MET I 113 -11.10 54.54 78.82
N LYS I 114 -11.61 55.77 78.93
CA LYS I 114 -12.99 56.02 78.49
C LYS I 114 -13.09 55.99 76.97
N ILE I 115 -12.13 56.60 76.26
CA ILE I 115 -12.19 56.59 74.81
C ILE I 115 -11.69 55.27 74.23
N GLU I 116 -11.00 54.45 75.03
CA GLU I 116 -10.61 53.12 74.55
C GLU I 116 -11.83 52.27 74.25
N ASN I 117 -12.85 52.35 75.10
CA ASN I 117 -14.08 51.61 74.86
C ASN I 117 -14.81 52.14 73.63
N ASP I 118 -15.57 51.26 72.98
CA ASP I 118 -16.38 51.52 71.80
C ASP I 118 -15.55 51.89 70.58
N CYS I 119 -14.21 51.83 70.68
CA CYS I 119 -13.34 52.13 69.55
C CYS I 119 -12.57 50.90 69.10
N ILE I 120 -11.87 50.22 70.01
CA ILE I 120 -11.13 49.02 69.66
C ILE I 120 -12.10 47.85 69.48
N PHE I 121 -11.93 47.11 68.39
CA PHE I 121 -12.77 45.96 68.09
C PHE I 121 -11.91 44.70 68.07
N GLU I 122 -12.55 43.56 68.30
CA GLU I 122 -11.85 42.30 68.49
C GLU I 122 -11.83 41.49 67.19
N VAL I 123 -10.67 40.89 66.91
CA VAL I 123 -10.49 40.00 65.76
C VAL I 123 -9.73 38.78 66.24
N LYS I 124 -10.30 37.59 66.00
CA LYS I 124 -9.69 36.35 66.45
C LYS I 124 -10.05 35.25 65.48
N LEU I 125 -9.03 34.48 65.05
CA LEU I 125 -9.28 33.33 64.19
C LEU I 125 -10.12 32.30 64.93
N ASP I 126 -9.53 31.68 65.97
CA ASP I 126 -10.25 30.78 66.89
C ASP I 126 -9.89 31.11 68.35
N GLY I 127 -10.56 32.12 68.88
CA GLY I 127 -10.31 32.55 70.25
C GLY I 127 -8.93 33.14 70.47
N LYS I 128 -8.20 33.38 69.38
CA LYS I 128 -6.83 33.89 69.44
C LYS I 128 -6.86 35.35 68.95
N VAL I 129 -6.91 36.28 69.90
CA VAL I 129 -6.92 37.69 69.54
C VAL I 129 -5.58 38.05 68.90
N THR I 130 -5.64 38.63 67.70
CA THR I 130 -4.43 38.98 66.95
C THR I 130 -4.32 40.48 66.71
N GLY I 131 -5.33 41.09 66.11
CA GLY I 131 -5.27 42.51 65.78
C GLY I 131 -6.55 43.23 66.17
N TYR I 132 -6.40 44.52 66.44
CA TYR I 132 -7.50 45.37 66.87
C TYR I 132 -7.75 46.45 65.83
N ALA I 133 -9.01 46.84 65.70
CA ALA I 133 -9.44 47.81 64.69
C ALA I 133 -9.80 49.12 65.36
N CYS I 134 -9.32 50.23 64.80
CA CYS I 134 -9.60 51.56 65.31
C CYS I 134 -10.75 52.20 64.52
N LEU I 135 -11.23 53.33 65.04
CA LEU I 135 -12.33 54.08 64.41
C LEU I 135 -11.99 55.57 64.51
N VAL I 136 -11.40 56.09 63.43
CA VAL I 136 -11.11 57.52 63.33
C VAL I 136 -10.92 57.85 61.86
N GLY I 137 -11.20 59.10 61.50
CA GLY I 137 -11.08 59.53 60.12
C GLY I 137 -12.20 59.07 59.21
N ASP I 138 -13.37 58.77 59.77
CA ASP I 138 -14.52 58.27 59.00
C ASP I 138 -14.15 56.98 58.27
N LYS I 139 -13.36 56.13 58.93
CA LYS I 139 -12.79 54.95 58.31
C LYS I 139 -12.25 54.02 59.40
N VAL I 140 -11.71 52.89 58.98
CA VAL I 140 -11.21 51.85 59.88
C VAL I 140 -9.83 51.44 59.41
N MET I 141 -8.87 51.36 60.34
CA MET I 141 -7.52 50.90 60.06
C MET I 141 -7.23 49.61 60.81
N LYS I 142 -6.31 48.83 60.27
CA LYS I 142 -5.83 47.60 60.90
C LYS I 142 -4.55 47.18 60.20
N PRO I 143 -3.71 46.38 60.86
CA PRO I 143 -2.51 45.85 60.21
C PRO I 143 -2.89 44.72 59.25
N ALA I 144 -2.57 44.92 57.97
CA ALA I 144 -2.96 43.96 56.94
C ALA I 144 -2.09 42.72 56.93
N HIS I 145 -0.98 42.71 57.67
CA HIS I 145 -0.09 41.55 57.68
C HIS I 145 -0.69 40.37 58.43
N VAL I 146 -1.70 40.60 59.27
CA VAL I 146 -2.29 39.57 60.11
C VAL I 146 -3.73 39.34 59.65
N LYS I 147 -4.12 38.07 59.57
CA LYS I 147 -5.44 37.69 59.10
C LYS I 147 -6.42 37.56 60.27
N GLY I 148 -7.70 37.51 59.94
CA GLY I 148 -8.73 37.33 60.94
C GLY I 148 -10.08 37.73 60.41
N VAL I 149 -11.05 37.77 61.33
CA VAL I 149 -12.42 38.16 61.01
C VAL I 149 -12.90 39.11 62.09
N ILE I 150 -13.62 40.16 61.66
CA ILE I 150 -14.11 41.15 62.61
C ILE I 150 -15.28 40.57 63.40
N ASP I 151 -15.41 41.02 64.65
CA ASP I 151 -16.49 40.53 65.51
C ASP I 151 -17.84 41.11 65.10
N ASN I 152 -17.87 42.39 64.75
CA ASN I 152 -19.13 43.06 64.41
C ASN I 152 -19.63 42.57 63.06
N PRO I 153 -20.86 42.08 62.95
CA PRO I 153 -21.37 41.60 61.66
C PRO I 153 -21.42 42.68 60.59
N ASP I 154 -21.67 43.94 60.98
CA ASP I 154 -21.75 45.02 59.99
C ASP I 154 -20.41 45.24 59.29
N LEU I 155 -19.31 45.17 60.05
CA LEU I 155 -17.99 45.40 59.46
C LEU I 155 -17.56 44.27 58.54
N ALA I 156 -18.17 43.09 58.67
CA ALA I 156 -17.74 41.95 57.86
C ALA I 156 -18.20 42.10 56.41
N LYS I 157 -19.44 42.54 56.20
CA LYS I 157 -20.01 42.53 54.86
C LYS I 157 -19.45 43.63 53.97
N LEU I 158 -19.02 44.75 54.56
CA LEU I 158 -18.53 45.85 53.76
C LEU I 158 -17.18 45.53 53.14
N THR I 159 -17.02 45.94 51.88
CA THR I 159 -15.76 45.69 51.17
C THR I 159 -14.64 46.53 51.77
N TYR I 160 -13.40 46.07 51.55
CA TYR I 160 -12.26 46.71 52.18
C TYR I 160 -11.08 46.69 51.23
N LYS I 161 -10.22 47.71 51.35
CA LYS I 161 -9.04 47.85 50.51
C LYS I 161 -7.91 46.97 51.04
N LYS I 162 -6.71 47.16 50.51
CA LYS I 162 -5.54 46.40 50.94
C LYS I 162 -4.29 47.13 50.46
N SER I 163 -3.23 47.03 51.25
CA SER I 163 -1.95 47.67 50.95
C SER I 163 -0.86 46.62 50.91
N SER I 164 0.13 46.84 50.03
CA SER I 164 1.18 45.85 49.82
C SER I 164 2.27 45.94 50.88
N LYS I 165 2.95 47.08 50.96
CA LYS I 165 4.08 47.24 51.87
C LYS I 165 3.74 48.05 53.11
N TYR I 166 2.77 48.95 53.05
CA TYR I 166 2.37 49.74 54.20
C TYR I 166 1.55 48.95 55.21
N ASP I 167 1.17 47.71 54.88
CA ASP I 167 0.33 46.79 55.66
C ASP I 167 -0.71 47.53 56.50
N LEU I 168 -1.43 48.46 55.89
CA LEU I 168 -2.57 49.15 56.49
C LEU I 168 -3.81 48.85 55.65
N GLU I 169 -4.91 49.51 55.99
CA GLU I 169 -6.17 49.25 55.32
C GLU I 169 -7.12 50.40 55.61
N CYS I 170 -7.87 50.80 54.59
CA CYS I 170 -8.91 51.82 54.73
C CYS I 170 -10.21 51.33 54.11
N ALA I 171 -11.31 51.61 54.80
CA ALA I 171 -12.64 51.25 54.32
C ALA I 171 -13.65 52.22 54.91
N GLN I 172 -14.69 52.51 54.14
CA GLN I 172 -15.69 53.49 54.55
C GLN I 172 -16.60 52.89 55.61
N ILE I 173 -16.98 53.71 56.59
CA ILE I 173 -17.89 53.30 57.66
C ILE I 173 -19.24 53.95 57.37
N PRO I 174 -20.36 53.25 57.62
CA PRO I 174 -21.67 53.87 57.44
C PRO I 174 -21.97 54.85 58.58
N VAL I 175 -23.18 55.42 58.53
CA VAL I 175 -23.50 56.60 59.32
C VAL I 175 -24.14 56.29 60.66
N HIS I 176 -24.27 55.01 61.04
CA HIS I 176 -24.86 54.67 62.32
C HIS I 176 -23.84 54.52 63.44
N MET I 177 -22.56 54.81 63.17
CA MET I 177 -21.51 54.84 64.20
C MET I 177 -20.68 56.10 64.08
N LYS I 178 -21.34 57.25 63.97
CA LYS I 178 -20.66 58.52 63.85
C LYS I 178 -20.21 59.11 65.18
N SER I 179 -20.48 58.44 66.30
CA SER I 179 -20.16 58.94 67.62
C SER I 179 -18.87 58.35 68.18
N ASP I 180 -18.06 57.68 67.34
CA ASP I 180 -16.84 57.04 67.80
C ASP I 180 -15.64 57.47 66.97
N ALA I 181 -15.53 58.77 66.68
CA ALA I 181 -14.43 59.33 65.90
C ALA I 181 -13.57 60.25 66.76
N SER I 182 -12.26 60.11 66.64
CA SER I 182 -11.31 60.93 67.38
C SER I 182 -11.01 62.21 66.59
N LYS I 183 -9.99 62.95 66.99
CA LYS I 183 -9.70 64.27 66.43
C LYS I 183 -8.72 64.23 65.26
N TYR I 184 -7.75 63.32 65.28
CA TYR I 184 -6.86 63.02 64.15
C TYR I 184 -6.21 64.30 63.59
N THR I 185 -5.40 64.92 64.44
CA THR I 185 -4.55 66.04 64.04
C THR I 185 -3.13 65.77 64.53
N HIS I 186 -2.15 66.11 63.69
CA HIS I 186 -0.77 65.70 63.92
C HIS I 186 0.03 66.78 64.63
N GLU I 187 0.59 66.42 65.79
CA GLU I 187 1.62 67.22 66.46
C GLU I 187 2.81 66.31 66.71
N LYS I 188 4.02 66.89 66.68
CA LYS I 188 5.27 66.14 66.90
C LYS I 188 6.08 66.80 68.00
N PRO I 189 5.68 66.65 69.27
CA PRO I 189 6.55 67.06 70.38
C PRO I 189 7.47 65.93 70.82
N GLU I 190 8.28 66.18 71.84
CA GLU I 190 9.10 65.15 72.47
C GLU I 190 8.55 64.94 73.87
N GLY I 191 7.57 64.05 73.99
CA GLY I 191 6.89 63.81 75.25
C GLY I 191 6.36 62.40 75.34
N HIS I 192 5.22 62.25 76.02
CA HIS I 192 4.63 60.96 76.31
C HIS I 192 3.26 60.85 75.66
N TYR I 193 2.86 59.61 75.34
CA TYR I 193 1.55 59.37 74.75
C TYR I 193 0.81 58.17 75.33
N ASN I 194 1.36 57.53 76.37
CA ASN I 194 0.66 56.67 77.33
C ASN I 194 -0.40 55.74 76.74
N TRP I 195 0.01 54.77 75.92
CA TRP I 195 -0.93 53.83 75.33
C TRP I 195 -1.47 52.90 76.41
N HIS I 196 -2.27 51.91 75.99
CA HIS I 196 -3.09 51.14 76.92
C HIS I 196 -2.27 50.50 78.04
N HIS I 197 -1.01 50.17 77.78
CA HIS I 197 -0.13 49.60 78.79
C HIS I 197 1.10 50.48 78.91
N GLY I 198 1.20 51.22 80.02
CA GLY I 198 2.38 52.03 80.29
C GLY I 198 2.39 53.34 79.54
N ALA I 199 3.42 54.13 79.83
CA ALA I 199 3.64 55.41 79.16
C ALA I 199 4.40 55.16 77.86
N VAL I 200 4.79 56.22 77.17
CA VAL I 200 5.51 56.12 75.91
C VAL I 200 6.68 57.10 75.93
N GLN I 201 7.88 56.59 75.64
CA GLN I 201 9.09 57.39 75.61
C GLN I 201 9.48 57.63 74.16
N TYR I 202 9.64 58.89 73.78
CA TYR I 202 9.97 59.27 72.41
C TYR I 202 11.25 60.08 72.41
N SER I 203 12.17 59.74 71.51
CA SER I 203 13.45 60.43 71.42
C SER I 203 14.13 60.19 70.08
N GLY I 204 14.62 61.26 69.46
CA GLY I 204 15.31 61.14 68.18
C GLY I 204 14.45 60.58 67.07
N GLY I 205 13.18 60.97 67.03
CA GLY I 205 12.29 60.46 65.99
C GLY I 205 11.91 59.01 66.15
N ARG I 206 12.08 58.44 67.34
CA ARG I 206 11.83 57.02 67.59
C ARG I 206 10.87 56.86 68.75
N PHE I 207 9.95 55.91 68.61
CA PHE I 207 9.06 55.51 69.69
C PHE I 207 9.72 54.39 70.48
N THR I 208 9.73 54.51 71.81
CA THR I 208 10.47 53.60 72.65
C THR I 208 9.61 53.20 73.84
N ILE I 209 9.69 51.92 74.22
CA ILE I 209 8.89 51.37 75.31
C ILE I 209 9.82 50.68 76.29
N PRO I 210 9.45 50.63 77.57
CA PRO I 210 10.19 49.78 78.51
C PRO I 210 10.08 48.31 78.12
N THR I 211 11.16 47.57 78.32
CA THR I 211 11.15 46.13 78.06
C THR I 211 10.21 45.43 79.04
N GLY I 212 9.48 44.45 78.53
CA GLY I 212 8.50 43.73 79.32
C GLY I 212 7.13 44.36 79.36
N ALA I 213 6.97 45.58 78.82
CA ALA I 213 5.68 46.24 78.79
C ALA I 213 4.78 45.74 77.67
N GLY I 214 5.32 44.98 76.72
CA GLY I 214 4.54 44.42 75.63
C GLY I 214 5.01 43.02 75.31
N LYS I 215 4.22 42.35 74.47
CA LYS I 215 4.47 40.96 74.11
C LYS I 215 4.04 40.77 72.65
N PRO I 216 4.55 39.73 71.99
CA PRO I 216 4.09 39.39 70.64
C PRO I 216 2.60 39.09 70.63
N GLY I 217 2.02 39.18 69.43
CA GLY I 217 0.59 38.97 69.29
C GLY I 217 -0.27 40.06 69.88
N ASP I 218 0.28 41.26 70.06
CA ASP I 218 -0.46 42.37 70.66
C ASP I 218 -0.53 43.60 69.78
N SER I 219 -0.43 43.45 68.46
CA SER I 219 -0.51 44.62 67.59
C SER I 219 -1.90 45.25 67.65
N GLY I 220 -2.09 46.31 66.88
CA GLY I 220 -3.40 46.91 66.72
C GLY I 220 -3.81 47.90 67.79
N ARG I 221 -2.94 48.21 68.75
CA ARG I 221 -3.26 49.21 69.76
C ARG I 221 -2.91 50.60 69.25
N PRO I 222 -3.88 51.51 69.11
CA PRO I 222 -3.55 52.87 68.66
C PRO I 222 -2.81 53.65 69.73
N ILE I 223 -2.09 54.67 69.27
CA ILE I 223 -1.39 55.63 70.11
C ILE I 223 -1.96 57.02 69.86
N PHE I 224 -2.31 57.71 70.94
CA PHE I 224 -2.94 59.02 70.89
C PHE I 224 -2.30 59.94 71.92
N ASP I 225 -2.17 61.20 71.56
CA ASP I 225 -1.55 62.19 72.43
C ASP I 225 -2.45 62.42 73.65
N ASN I 226 -1.86 62.96 74.72
CA ASN I 226 -2.57 63.06 75.99
C ASN I 226 -3.76 64.00 75.92
N LYS I 227 -3.88 64.80 74.86
CA LYS I 227 -5.02 65.67 74.64
C LYS I 227 -6.22 64.94 74.05
N GLY I 228 -6.24 63.61 74.11
CA GLY I 228 -7.31 62.85 73.50
C GLY I 228 -7.35 62.93 71.99
N ARG I 229 -6.19 62.82 71.34
CA ARG I 229 -6.08 62.99 69.90
C ARG I 229 -5.19 61.90 69.34
N VAL I 230 -5.73 61.11 68.40
CA VAL I 230 -5.00 59.96 67.88
C VAL I 230 -3.77 60.41 67.12
N VAL I 231 -2.69 59.62 67.22
CA VAL I 231 -1.40 59.95 66.63
C VAL I 231 -0.98 58.91 65.60
N ALA I 232 -1.03 57.63 65.97
CA ALA I 232 -0.53 56.58 65.10
C ALA I 232 -1.09 55.24 65.54
N ILE I 233 -0.60 54.18 64.91
CA ILE I 233 -0.97 52.80 65.24
C ILE I 233 0.31 51.99 65.44
N VAL I 234 0.32 51.18 66.49
CA VAL I 234 1.52 50.44 66.90
C VAL I 234 1.53 49.07 66.25
N LEU I 235 2.72 48.64 65.81
CA LEU I 235 2.91 47.33 65.20
C LEU I 235 3.78 46.41 66.07
N GLY I 236 4.98 46.86 66.43
CA GLY I 236 5.88 46.04 67.21
C GLY I 236 7.26 46.64 67.24
N GLY I 237 8.18 45.92 67.88
CA GLY I 237 9.53 46.42 68.04
C GLY I 237 10.50 45.31 68.41
N ALA I 238 11.75 45.72 68.66
CA ALA I 238 12.82 44.81 68.98
C ALA I 238 13.60 45.32 70.19
N ASN I 239 14.25 44.39 70.89
CA ASN I 239 14.90 44.67 72.15
C ASN I 239 16.37 45.04 71.92
N GLU I 240 16.76 46.20 72.45
CA GLU I 240 18.16 46.62 72.48
C GLU I 240 18.41 47.26 73.84
N GLY I 241 18.89 46.45 74.79
CA GLY I 241 19.19 46.95 76.11
C GLY I 241 18.00 46.94 77.04
N ALA I 242 17.86 47.99 77.86
CA ALA I 242 16.75 48.09 78.80
C ALA I 242 15.48 48.61 78.16
N ARG I 243 15.52 49.04 76.89
CA ARG I 243 14.37 49.60 76.21
C ARG I 243 14.21 48.96 74.84
N THR I 244 12.97 48.93 74.35
CA THR I 244 12.61 48.28 73.11
C THR I 244 12.04 49.31 72.14
N ALA I 245 12.44 49.21 70.87
CA ALA I 245 11.96 50.13 69.85
C ALA I 245 10.51 49.82 69.49
N LEU I 246 9.93 50.67 68.66
CA LEU I 246 8.57 50.51 68.18
C LEU I 246 8.55 50.64 66.66
N SER I 247 7.38 50.39 66.07
CA SER I 247 7.17 50.59 64.64
C SER I 247 5.76 51.10 64.43
N VAL I 248 5.64 52.35 64.01
CA VAL I 248 4.33 52.98 63.84
C VAL I 248 4.28 53.69 62.50
N VAL I 249 3.16 54.33 62.20
CA VAL I 249 2.97 55.05 60.95
C VAL I 249 2.52 56.47 61.28
N THR I 250 3.15 57.45 60.64
CA THR I 250 2.96 58.86 60.98
C THR I 250 2.66 59.65 59.72
N TRP I 251 1.79 60.64 59.85
CA TRP I 251 1.34 61.43 58.72
C TRP I 251 1.40 62.90 59.08
N THR I 252 1.47 63.75 58.05
CA THR I 252 1.29 65.20 58.20
C THR I 252 0.12 65.59 57.31
N LYS I 253 -1.09 65.42 57.85
CA LYS I 253 -2.36 65.71 57.19
C LYS I 253 -2.62 64.80 55.99
N ASP I 254 -1.63 63.99 55.63
CA ASP I 254 -1.73 63.05 54.51
C ASP I 254 -0.48 62.18 54.45
N MET I 255 -0.38 61.35 53.41
CA MET I 255 0.82 60.59 53.05
C MET I 255 1.44 59.89 54.26
N VAL I 256 0.69 58.92 54.78
CA VAL I 256 1.18 58.08 55.87
C VAL I 256 2.53 57.49 55.48
N THR I 257 3.46 57.50 56.45
CA THR I 257 4.81 57.02 56.24
C THR I 257 5.21 56.13 57.41
N ARG I 258 5.96 55.07 57.11
CA ARG I 258 6.41 54.12 58.10
C ARG I 258 7.77 54.53 58.66
N TYR I 259 8.10 53.97 59.82
CA TYR I 259 9.41 54.20 60.44
C TYR I 259 9.78 52.92 61.19
N THR I 260 10.57 52.07 60.56
CA THR I 260 10.97 50.78 61.14
C THR I 260 12.48 50.75 61.30
N PRO I 261 12.99 50.84 62.53
CA PRO I 261 14.44 50.72 62.73
C PRO I 261 14.94 49.34 62.35
N GLU I 262 16.26 49.23 62.19
CA GLU I 262 16.86 47.96 61.81
C GLU I 262 16.61 46.90 62.87
N GLY I 263 16.21 45.71 62.42
CA GLY I 263 15.96 44.60 63.32
C GLY I 263 14.61 44.60 63.99
N THR I 264 13.72 45.54 63.67
CA THR I 264 12.43 45.60 64.33
C THR I 264 11.60 44.36 64.03
N GLU I 265 10.68 44.04 64.93
CA GLU I 265 9.91 42.80 64.85
C GLU I 265 8.51 43.10 65.35
N GLU I 266 7.51 42.89 64.49
CA GLU I 266 6.15 43.27 64.82
C GLU I 266 5.52 42.29 65.79
N TRP I 267 4.76 42.82 66.74
CA TRP I 267 4.10 41.99 67.75
C TRP I 267 2.93 41.24 67.13
N TYR J 1 17.07 -28.50 6.23
CA TYR J 1 17.10 -28.02 7.61
C TYR J 1 18.14 -26.92 7.78
N GLU J 2 17.66 -25.69 7.91
CA GLU J 2 18.57 -24.55 8.04
C GLU J 2 19.27 -24.56 9.39
N HIS J 3 20.45 -23.95 9.42
CA HIS J 3 21.31 -23.89 10.59
C HIS J 3 22.40 -22.86 10.32
N THR J 4 22.65 -22.00 11.30
CA THR J 4 23.61 -20.93 11.18
C THR J 4 24.92 -21.30 11.87
N ALA J 5 26.02 -20.80 11.33
CA ALA J 5 27.34 -21.06 11.89
C ALA J 5 28.26 -19.91 11.48
N THR J 6 29.40 -19.82 12.16
CA THR J 6 30.39 -18.79 11.89
C THR J 6 31.77 -19.43 11.77
N ILE J 7 32.56 -18.93 10.83
CA ILE J 7 33.90 -19.47 10.59
C ILE J 7 34.89 -18.31 10.58
N PRO J 8 35.98 -18.40 11.36
CA PRO J 8 37.05 -17.41 11.22
C PRO J 8 37.61 -17.42 9.81
N ASN J 9 37.62 -16.26 9.17
CA ASN J 9 37.99 -16.15 7.75
C ASN J 9 39.51 -16.29 7.63
N VAL J 10 39.97 -17.52 7.86
CA VAL J 10 41.39 -17.85 7.82
C VAL J 10 41.59 -19.07 6.93
N VAL J 11 42.62 -19.03 6.09
CA VAL J 11 42.88 -20.09 5.13
C VAL J 11 43.65 -21.21 5.81
N GLY J 12 43.42 -22.45 5.36
CA GLY J 12 44.13 -23.59 5.89
C GLY J 12 43.76 -24.00 7.29
N PHE J 13 42.57 -23.64 7.74
CA PHE J 13 42.11 -23.95 9.10
C PHE J 13 40.84 -24.78 9.04
N PRO J 14 40.90 -26.08 9.33
CA PRO J 14 39.67 -26.90 9.34
C PRO J 14 38.69 -26.38 10.39
N TYR J 15 37.40 -26.43 10.05
CA TYR J 15 36.36 -26.01 10.99
C TYR J 15 35.33 -27.11 11.14
N LYS J 16 34.84 -27.26 12.36
CA LYS J 16 33.87 -28.30 12.73
C LYS J 16 32.49 -27.68 12.82
N ALA J 17 31.47 -28.43 12.41
CA ALA J 17 30.10 -27.94 12.54
C ALA J 17 29.18 -29.14 12.78
N HIS J 18 28.85 -29.38 14.05
CA HIS J 18 27.99 -30.52 14.39
C HIS J 18 26.51 -30.14 14.28
N ILE J 19 25.69 -31.12 13.94
CA ILE J 19 24.25 -30.94 13.78
C ILE J 19 23.54 -31.72 14.88
N GLU J 20 22.55 -31.08 15.49
CA GLU J 20 21.83 -31.64 16.64
C GLU J 20 20.33 -31.66 16.37
N ARG J 21 19.94 -32.13 15.18
CA ARG J 21 18.53 -32.33 14.87
C ARG J 21 18.16 -33.75 15.30
N ASN J 22 17.44 -33.86 16.41
CA ASN J 22 17.10 -35.17 16.95
C ASN J 22 16.12 -35.90 16.01
N GLY J 23 15.92 -37.18 16.30
CA GLY J 23 15.25 -38.07 15.39
C GLY J 23 16.13 -38.67 14.33
N PHE J 24 17.42 -38.30 14.29
CA PHE J 24 18.39 -38.85 13.36
C PHE J 24 19.73 -38.92 14.06
N SER J 25 20.65 -39.65 13.46
CA SER J 25 21.99 -39.80 14.04
C SER J 25 22.74 -38.49 13.94
N PRO J 26 23.23 -37.92 15.04
CA PRO J 26 23.99 -36.68 14.95
C PRO J 26 25.25 -36.86 14.12
N MET J 27 25.61 -35.81 13.38
CA MET J 27 26.71 -35.86 12.44
C MET J 27 27.42 -34.51 12.45
N THR J 28 28.45 -34.39 11.62
CA THR J 28 29.31 -33.22 11.64
C THR J 28 29.68 -32.80 10.21
N LEU J 29 30.13 -31.56 10.10
CA LEU J 29 30.49 -30.94 8.84
C LEU J 29 31.93 -30.47 8.94
N GLN J 30 32.74 -30.81 7.93
CA GLN J 30 34.11 -30.36 7.81
C GLN J 30 34.15 -29.22 6.80
N LEU J 31 34.62 -28.05 7.23
CA LEU J 31 34.68 -26.87 6.39
C LEU J 31 36.13 -26.44 6.20
N GLU J 32 36.52 -26.21 4.95
CA GLU J 32 37.86 -25.79 4.60
C GLU J 32 37.78 -24.50 3.78
N VAL J 33 38.62 -23.54 4.12
CA VAL J 33 38.73 -22.28 3.40
C VAL J 33 40.03 -22.32 2.60
N LEU J 34 39.92 -22.14 1.28
CA LEU J 34 41.05 -22.28 0.37
C LEU J 34 41.05 -21.14 -0.63
N GLY J 35 42.02 -20.24 -0.51
CA GLY J 35 42.28 -19.24 -1.52
C GLY J 35 41.15 -18.24 -1.76
N THR J 36 40.83 -17.45 -0.75
CA THR J 36 39.88 -16.37 -0.95
C THR J 36 40.49 -15.26 -1.80
N SER J 37 39.63 -14.53 -2.50
CA SER J 37 40.06 -13.44 -3.35
C SER J 37 39.16 -12.24 -3.10
N LEU J 38 39.71 -11.05 -3.34
CA LEU J 38 38.98 -9.79 -3.18
C LEU J 38 39.29 -8.91 -4.38
N GLU J 39 38.28 -8.64 -5.21
CA GLU J 39 38.45 -7.93 -6.47
C GLU J 39 37.82 -6.55 -6.38
N PRO J 40 38.62 -5.48 -6.29
CA PRO J 40 38.04 -4.13 -6.19
C PRO J 40 37.40 -3.63 -7.47
N THR J 41 36.94 -2.38 -7.46
CA THR J 41 36.35 -1.74 -8.62
C THR J 41 37.31 -0.66 -9.11
N LEU J 42 37.53 -0.60 -10.43
CA LEU J 42 38.50 0.29 -11.03
C LEU J 42 37.79 1.31 -11.91
N ASN J 43 38.42 2.47 -12.10
CA ASN J 43 37.80 3.57 -12.82
C ASN J 43 38.64 4.07 -13.99
N LEU J 44 39.97 3.97 -13.88
CA LEU J 44 40.90 4.35 -14.94
C LEU J 44 40.75 5.83 -15.31
N GLU J 45 41.12 6.67 -14.34
CA GLU J 45 41.10 8.12 -14.57
C GLU J 45 41.95 8.50 -15.78
N TYR J 46 43.26 8.25 -15.70
CA TYR J 46 44.16 8.60 -16.79
C TYR J 46 45.38 7.69 -16.73
N ILE J 47 46.17 7.74 -17.80
CA ILE J 47 47.34 6.88 -17.96
C ILE J 47 48.53 7.77 -18.32
N THR J 48 49.73 7.28 -18.01
CA THR J 48 50.95 8.03 -18.31
C THR J 48 52.05 7.05 -18.71
N CYS J 49 53.04 7.57 -19.42
CA CYS J 49 54.17 6.79 -19.91
C CYS J 49 55.25 7.78 -20.37
N GLU J 50 56.26 7.27 -21.07
CA GLU J 50 57.35 8.09 -21.54
C GLU J 50 56.91 8.99 -22.69
N TYR J 51 57.83 9.84 -23.14
CA TYR J 51 57.55 10.80 -24.20
C TYR J 51 58.85 11.17 -24.89
N LYS J 52 58.74 11.52 -26.18
CA LYS J 52 59.87 12.03 -26.94
C LYS J 52 59.59 13.46 -27.39
N THR J 53 60.62 14.30 -27.33
CA THR J 53 60.55 15.66 -27.85
C THR J 53 60.81 15.60 -29.35
N VAL J 54 59.77 15.81 -30.15
CA VAL J 54 59.86 15.75 -31.60
C VAL J 54 60.17 17.14 -32.12
N VAL J 55 61.31 17.27 -32.80
CA VAL J 55 61.74 18.54 -33.40
C VAL J 55 62.16 18.30 -34.84
N PRO J 56 61.64 19.07 -35.79
CA PRO J 56 62.08 18.95 -37.18
C PRO J 56 63.34 19.80 -37.42
N SER J 57 63.82 19.73 -38.65
CA SER J 57 64.99 20.51 -39.03
C SER J 57 64.66 21.99 -39.07
N PRO J 58 65.61 22.86 -38.74
CA PRO J 58 65.35 24.31 -38.81
C PRO J 58 65.29 24.79 -40.25
N TYR J 59 64.66 25.95 -40.41
CA TYR J 59 64.49 26.59 -41.72
C TYR J 59 65.38 27.82 -41.81
N ILE J 60 66.06 27.98 -42.93
CA ILE J 60 66.87 29.16 -43.22
C ILE J 60 66.50 29.68 -44.59
N LYS J 61 66.17 30.97 -44.66
CA LYS J 61 65.78 31.62 -45.91
C LYS J 61 66.54 32.93 -46.02
N CYS J 62 67.16 33.15 -47.18
CA CYS J 62 68.12 34.24 -47.34
C CYS J 62 67.45 35.48 -47.95
N CYS J 63 66.45 36.00 -47.24
CA CYS J 63 65.87 37.29 -47.61
C CYS J 63 65.73 38.18 -46.39
N GLY J 64 65.59 37.58 -45.21
CA GLY J 64 65.46 38.32 -43.97
C GLY J 64 64.04 38.64 -43.57
N THR J 65 63.06 38.41 -44.44
CA THR J 65 61.67 38.68 -44.09
C THR J 65 61.18 37.65 -43.08
N SER J 66 60.38 38.11 -42.12
CA SER J 66 59.88 37.25 -41.07
C SER J 66 58.70 36.42 -41.55
N GLU J 67 58.60 35.20 -41.02
CA GLU J 67 57.48 34.30 -41.30
C GLU J 67 57.06 33.66 -39.99
N CYS J 68 55.89 34.04 -39.49
CA CYS J 68 55.38 33.54 -38.21
C CYS J 68 54.07 32.78 -38.45
N ARG J 69 53.93 31.65 -37.78
CA ARG J 69 52.72 30.85 -37.89
C ARG J 69 52.60 29.97 -36.66
N SER J 70 51.39 29.47 -36.42
CA SER J 70 51.12 28.59 -35.30
C SER J 70 50.12 27.53 -35.74
N MET J 71 50.18 26.37 -35.08
CA MET J 71 49.29 25.25 -35.41
C MET J 71 48.78 24.66 -34.10
N GLU J 72 47.62 24.01 -34.18
CA GLU J 72 46.82 23.70 -33.00
C GLU J 72 47.34 22.52 -32.18
N ARG J 73 48.35 21.79 -32.64
CA ARG J 73 48.89 20.72 -31.80
C ARG J 73 49.54 21.30 -30.56
N PRO J 74 49.56 20.55 -29.46
CA PRO J 74 49.96 21.12 -28.17
C PRO J 74 51.44 21.46 -28.09
N ASP J 75 51.75 22.32 -27.12
CA ASP J 75 53.11 22.69 -26.69
C ASP J 75 54.02 23.01 -27.89
N TYR J 76 53.62 24.05 -28.62
CA TYR J 76 54.50 24.72 -29.57
C TYR J 76 55.01 26.03 -28.97
N GLN J 77 56.17 26.46 -29.48
CA GLN J 77 56.79 27.72 -29.08
C GLN J 77 57.21 28.42 -30.37
N CYS J 78 56.35 29.29 -30.86
CA CYS J 78 56.58 29.98 -32.13
C CYS J 78 57.60 31.08 -31.91
N GLN J 79 58.88 30.73 -32.06
CA GLN J 79 59.98 31.66 -31.88
C GLN J 79 60.75 31.78 -33.19
N VAL J 80 61.01 33.02 -33.62
CA VAL J 80 61.77 33.30 -34.83
C VAL J 80 62.98 34.13 -34.44
N TYR J 81 64.14 33.80 -35.00
CA TYR J 81 65.40 34.44 -34.66
C TYR J 81 66.03 35.03 -35.92
N THR J 82 66.56 36.24 -35.79
CA THR J 82 67.21 36.94 -36.88
C THR J 82 68.69 37.15 -36.56
N GLY J 83 69.39 37.77 -37.51
CA GLY J 83 70.81 38.03 -37.34
C GLY J 83 71.71 36.82 -37.31
N VAL J 84 71.23 35.68 -37.81
CA VAL J 84 72.01 34.45 -37.77
C VAL J 84 72.96 34.41 -38.96
N TYR J 85 74.17 33.88 -38.72
CA TYR J 85 75.20 33.75 -39.74
C TYR J 85 75.73 32.32 -39.74
N PRO J 86 74.93 31.38 -40.21
CA PRO J 86 75.27 29.96 -40.05
C PRO J 86 76.47 29.55 -40.90
N PHE J 87 77.17 28.52 -40.43
CA PHE J 87 78.28 27.90 -41.13
C PHE J 87 77.96 26.45 -41.44
N MET J 88 78.79 25.84 -42.28
CA MET J 88 78.58 24.47 -42.76
C MET J 88 79.90 24.06 -43.40
N TRP J 89 80.06 22.76 -43.66
CA TRP J 89 81.36 22.25 -44.08
C TRP J 89 81.87 22.90 -45.37
N GLY J 90 80.99 23.45 -46.19
CA GLY J 90 81.43 24.21 -47.34
C GLY J 90 81.79 25.63 -46.99
N GLY J 91 82.44 25.82 -45.84
CA GLY J 91 82.74 27.13 -45.32
C GLY J 91 81.50 27.79 -44.73
N ALA J 92 80.57 28.15 -45.60
CA ALA J 92 79.26 28.66 -45.20
C ALA J 92 78.32 28.50 -46.39
N TYR J 93 77.08 28.96 -46.22
CA TYR J 93 76.13 28.95 -47.32
C TYR J 93 75.44 30.31 -47.37
N CYS J 94 74.96 30.65 -48.57
CA CYS J 94 74.43 31.95 -48.97
C CYS J 94 75.46 33.04 -48.69
N PHE J 95 75.08 34.31 -48.87
CA PHE J 95 76.01 35.41 -48.69
C PHE J 95 75.46 36.59 -47.88
N CYS J 96 74.14 36.77 -47.80
CA CYS J 96 73.56 37.94 -47.17
C CYS J 96 73.74 37.84 -45.66
N ASP J 97 74.69 38.61 -45.12
CA ASP J 97 74.91 38.65 -43.68
C ASP J 97 73.95 39.62 -43.01
N THR J 98 73.66 39.35 -41.73
CA THR J 98 72.79 40.17 -40.89
C THR J 98 71.38 40.27 -41.43
N GLU J 99 71.09 39.55 -42.53
CA GLU J 99 69.75 39.50 -43.14
C GLU J 99 69.40 38.03 -43.34
N ASN J 100 68.88 37.40 -42.29
CA ASN J 100 68.52 36.00 -42.33
C ASN J 100 67.49 35.73 -41.23
N THR J 101 66.83 34.58 -41.33
CA THR J 101 65.79 34.21 -40.39
C THR J 101 65.82 32.71 -40.15
N GLN J 102 65.52 32.32 -38.91
CA GLN J 102 65.42 30.92 -38.53
C GLN J 102 64.16 30.72 -37.69
N LEU J 103 63.34 29.74 -38.08
CA LEU J 103 62.11 29.41 -37.38
C LEU J 103 62.22 27.97 -36.89
N SER J 104 62.55 27.79 -35.62
CA SER J 104 62.71 26.47 -35.03
C SER J 104 61.50 26.16 -34.17
N GLU J 105 60.89 25.00 -34.41
CA GLU J 105 59.68 24.58 -33.71
C GLU J 105 59.89 23.17 -33.17
N ALA J 106 59.13 22.84 -32.12
CA ALA J 106 59.22 21.52 -31.50
C ALA J 106 57.94 21.25 -30.73
N TYR J 107 57.72 19.97 -30.42
CA TYR J 107 56.58 19.55 -29.62
C TYR J 107 56.95 18.24 -28.93
N VAL J 108 55.96 17.59 -28.34
CA VAL J 108 56.17 16.31 -27.66
C VAL J 108 55.17 15.29 -28.20
N ASP J 109 55.55 14.02 -28.07
CA ASP J 109 54.70 12.93 -28.52
C ASP J 109 54.89 11.77 -27.56
N ARG J 110 53.89 10.91 -27.45
CA ARG J 110 53.99 9.77 -26.55
C ARG J 110 55.00 8.76 -27.10
N SER J 111 55.42 7.86 -26.23
CA SER J 111 56.50 6.92 -26.56
C SER J 111 56.05 5.90 -27.58
N ASP J 112 57.04 5.32 -28.28
CA ASP J 112 56.77 4.28 -29.27
C ASP J 112 56.25 2.99 -28.65
N VAL J 113 56.41 2.82 -27.34
CA VAL J 113 55.95 1.63 -26.65
C VAL J 113 54.91 2.04 -25.60
N CYS J 114 54.15 3.10 -25.91
CA CYS J 114 53.10 3.55 -25.01
C CYS J 114 52.04 2.47 -24.77
N LYS J 115 51.92 1.50 -25.69
CA LYS J 115 51.01 0.38 -25.50
C LYS J 115 51.60 -0.72 -24.62
N HIS J 116 52.88 -0.64 -24.28
CA HIS J 116 53.53 -1.69 -23.51
C HIS J 116 54.19 -1.20 -22.24
N ASP J 117 54.80 -0.01 -22.26
CA ASP J 117 55.54 0.52 -21.13
C ASP J 117 54.77 1.62 -20.40
N HIS J 118 53.46 1.44 -20.22
CA HIS J 118 52.60 2.45 -19.63
C HIS J 118 52.25 2.08 -18.19
N ALA J 119 52.15 3.10 -17.34
CA ALA J 119 51.68 2.95 -15.97
C ALA J 119 50.30 3.60 -15.86
N ALA J 120 49.37 2.93 -15.18
CA ALA J 120 47.98 3.35 -15.16
C ALA J 120 47.57 3.78 -13.77
N ALA J 121 46.58 4.67 -13.71
CA ALA J 121 45.98 5.12 -12.46
C ALA J 121 44.58 4.57 -12.34
N TYR J 122 44.08 4.51 -11.11
CA TYR J 122 42.78 3.90 -10.87
C TYR J 122 42.16 4.50 -9.62
N LYS J 123 40.83 4.42 -9.53
CA LYS J 123 40.08 4.78 -8.35
C LYS J 123 39.59 3.51 -7.65
N ALA J 124 39.39 3.61 -6.35
CA ALA J 124 38.95 2.49 -5.54
C ALA J 124 37.55 2.73 -5.01
N HIS J 125 36.70 1.71 -5.10
CA HIS J 125 35.34 1.74 -4.61
C HIS J 125 35.12 0.54 -3.70
N THR J 126 33.91 0.44 -3.15
CA THR J 126 33.55 -0.72 -2.35
C THR J 126 33.70 -1.98 -3.18
N ALA J 127 34.39 -2.97 -2.61
CA ALA J 127 34.81 -4.15 -3.35
C ALA J 127 33.94 -5.35 -3.03
N ALA J 128 34.04 -6.36 -3.89
CA ALA J 128 33.39 -7.65 -3.70
C ALA J 128 34.47 -8.72 -3.64
N MET J 129 34.25 -9.73 -2.80
CA MET J 129 35.22 -10.79 -2.59
C MET J 129 34.61 -12.15 -2.89
N LYS J 130 35.38 -12.99 -3.59
CA LYS J 130 35.02 -14.37 -3.87
C LYS J 130 35.78 -15.30 -2.93
N ALA J 131 35.33 -16.55 -2.89
CA ALA J 131 35.96 -17.53 -2.03
C ALA J 131 35.75 -18.93 -2.62
N THR J 132 36.73 -19.80 -2.37
CA THR J 132 36.64 -21.21 -2.72
C THR J 132 36.62 -22.01 -1.43
N ILE J 133 35.56 -22.80 -1.23
CA ILE J 133 35.31 -23.48 0.03
C ILE J 133 35.17 -24.97 -0.25
N ARG J 134 35.83 -25.78 0.56
CA ARG J 134 35.75 -27.24 0.47
C ARG J 134 34.86 -27.75 1.60
N ILE J 135 33.79 -28.44 1.24
CA ILE J 135 32.82 -28.95 2.18
C ILE J 135 32.87 -30.47 2.16
N SER J 136 32.86 -31.07 3.35
CA SER J 136 32.85 -32.52 3.47
C SER J 136 31.96 -32.94 4.63
N TYR J 137 31.37 -34.13 4.49
CA TYR J 137 30.74 -34.83 5.60
C TYR J 137 30.66 -36.30 5.21
N GLY J 138 29.84 -37.06 5.95
CA GLY J 138 29.68 -38.48 5.69
C GLY J 138 29.41 -38.80 4.24
N ASN J 139 30.39 -39.44 3.59
CA ASN J 139 30.31 -39.85 2.19
C ASN J 139 30.05 -38.66 1.25
N LEU J 140 30.72 -37.55 1.52
CA LEU J 140 30.73 -36.43 0.57
C LEU J 140 31.96 -35.56 0.84
N ASN J 141 32.65 -35.17 -0.22
CA ASN J 141 33.87 -34.37 -0.10
C ASN J 141 34.06 -33.66 -1.44
N GLN J 142 33.83 -32.35 -1.48
CA GLN J 142 34.04 -31.62 -2.72
C GLN J 142 34.15 -30.13 -2.44
N THR J 143 34.63 -29.40 -3.44
CA THR J 143 34.86 -27.97 -3.35
C THR J 143 33.82 -27.20 -4.15
N THR J 144 33.81 -25.89 -3.95
CA THR J 144 32.89 -25.00 -4.65
C THR J 144 33.44 -23.58 -4.57
N THR J 145 32.82 -22.69 -5.33
CA THR J 145 33.21 -21.28 -5.36
C THR J 145 31.96 -20.41 -5.21
N ALA J 146 32.06 -19.39 -4.36
CA ALA J 146 30.92 -18.54 -4.06
C ALA J 146 31.37 -17.09 -3.91
N PHE J 147 30.41 -16.17 -4.06
CA PHE J 147 30.65 -14.74 -3.91
C PHE J 147 30.65 -14.28 -2.46
N VAL J 148 30.34 -15.17 -1.51
CA VAL J 148 30.28 -14.90 -0.07
C VAL J 148 29.73 -13.50 0.22
N ASN J 149 28.84 -13.03 -0.65
CA ASN J 149 28.25 -11.70 -0.52
C ASN J 149 27.11 -11.76 0.48
N GLY J 150 26.27 -10.72 0.52
CA GLY J 150 25.12 -10.71 1.41
C GLY J 150 24.16 -11.86 1.20
N GLU J 151 24.10 -12.40 -0.02
CA GLU J 151 23.25 -13.54 -0.31
C GLU J 151 23.74 -14.21 -1.59
N HIS J 152 23.82 -15.53 -1.56
CA HIS J 152 24.21 -16.32 -2.72
C HIS J 152 23.74 -17.76 -2.46
N THR J 153 24.13 -18.68 -3.34
CA THR J 153 23.74 -20.08 -3.18
C THR J 153 24.78 -20.96 -3.87
N VAL J 154 25.05 -22.11 -3.27
CA VAL J 154 26.11 -23.01 -3.71
C VAL J 154 25.55 -24.18 -4.52
N THR J 155 24.55 -24.86 -3.98
CA THR J 155 24.04 -26.12 -4.53
C THR J 155 25.19 -27.12 -4.71
N VAL J 156 25.83 -27.44 -3.58
CA VAL J 156 26.98 -28.34 -3.59
C VAL J 156 26.54 -29.77 -3.90
N GLY J 157 25.28 -30.10 -3.61
CA GLY J 157 24.76 -31.43 -3.84
C GLY J 157 23.31 -31.54 -3.44
N GLY J 158 22.95 -32.62 -2.74
CA GLY J 158 21.61 -32.73 -2.19
C GLY J 158 21.29 -31.64 -1.19
N SER J 159 22.32 -31.07 -0.56
CA SER J 159 22.16 -30.01 0.41
C SER J 159 22.33 -28.66 -0.27
N ARG J 160 22.14 -27.58 0.50
CA ARG J 160 22.36 -26.25 -0.05
C ARG J 160 22.96 -25.35 1.02
N PHE J 161 23.74 -24.37 0.58
CA PHE J 161 24.49 -23.49 1.47
C PHE J 161 24.33 -22.05 1.04
N THR J 162 24.48 -21.14 2.00
CA THR J 162 24.41 -19.70 1.77
C THR J 162 25.44 -19.02 2.64
N PHE J 163 25.97 -17.91 2.15
CA PHE J 163 26.99 -17.15 2.87
C PHE J 163 26.47 -15.74 3.17
N GLY J 164 26.73 -15.28 4.38
CA GLY J 164 26.26 -13.98 4.82
C GLY J 164 27.24 -12.88 4.49
N PRO J 165 26.90 -11.67 4.94
CA PRO J 165 27.76 -10.51 4.65
C PRO J 165 29.05 -10.53 5.45
N ILE J 166 30.03 -9.80 4.93
CA ILE J 166 31.33 -9.68 5.59
C ILE J 166 31.22 -8.65 6.72
N SER J 167 31.85 -8.97 7.85
CA SER J 167 31.73 -8.11 9.04
C SER J 167 32.36 -6.75 8.79
N THR J 168 33.55 -6.71 8.21
CA THR J 168 34.26 -5.46 8.00
C THR J 168 35.18 -5.60 6.79
N ALA J 169 35.35 -4.50 6.06
CA ALA J 169 36.18 -4.48 4.86
C ALA J 169 37.42 -3.62 5.15
N TRP J 170 38.44 -4.24 5.72
CA TRP J 170 39.73 -3.58 5.98
C TRP J 170 40.65 -3.72 4.76
N THR J 171 40.12 -3.29 3.62
CA THR J 171 40.83 -3.49 2.35
C THR J 171 42.12 -2.69 2.33
N PRO J 172 43.22 -3.25 1.82
CA PRO J 172 44.45 -2.47 1.68
C PRO J 172 44.30 -1.27 0.77
N PHE J 173 43.48 -1.38 -0.28
CA PHE J 173 43.31 -0.28 -1.21
C PHE J 173 42.53 0.86 -0.57
N ASP J 174 42.79 2.07 -1.06
CA ASP J 174 42.15 3.26 -0.52
C ASP J 174 42.13 4.35 -1.58
N ASN J 175 41.00 5.06 -1.68
CA ASN J 175 40.83 6.22 -2.54
C ASN J 175 41.27 5.94 -3.96
N LYS J 176 42.50 6.34 -4.30
CA LYS J 176 43.04 6.19 -5.65
C LYS J 176 44.42 5.58 -5.58
N ILE J 177 44.73 4.72 -6.55
CA ILE J 177 45.96 3.93 -6.57
C ILE J 177 46.55 3.99 -7.97
N VAL J 178 47.74 3.39 -8.11
CA VAL J 178 48.46 3.32 -9.37
C VAL J 178 48.99 1.90 -9.55
N VAL J 179 49.01 1.43 -10.79
CA VAL J 179 49.48 0.09 -11.12
C VAL J 179 50.48 0.20 -12.26
N TYR J 180 51.52 -0.63 -12.21
CA TYR J 180 52.58 -0.59 -13.21
C TYR J 180 53.24 -1.96 -13.26
N LYS J 181 52.91 -2.75 -14.30
CA LYS J 181 53.47 -4.06 -14.59
C LYS J 181 53.61 -4.96 -13.37
N ASN J 182 52.47 -5.39 -12.82
CA ASN J 182 52.40 -6.42 -11.79
C ASN J 182 52.86 -5.91 -10.42
N ASP J 183 52.53 -4.67 -10.11
CA ASP J 183 52.65 -4.16 -8.75
C ASP J 183 51.82 -2.88 -8.65
N VAL J 184 51.40 -2.56 -7.42
CA VAL J 184 50.55 -1.41 -7.17
C VAL J 184 51.20 -0.53 -6.11
N TYR J 185 50.70 0.70 -6.00
CA TYR J 185 51.18 1.66 -5.01
C TYR J 185 50.03 2.57 -4.59
N ASN J 186 50.05 3.01 -3.35
CA ASN J 186 49.10 4.00 -2.85
C ASN J 186 49.61 5.43 -3.07
N LEU J 187 49.89 5.77 -4.33
CA LEU J 187 50.39 7.08 -4.68
C LEU J 187 49.23 8.07 -4.82
N ASP J 188 49.36 9.23 -4.19
CA ASP J 188 48.39 10.32 -4.34
C ASP J 188 48.79 11.13 -5.56
N PHE J 189 48.47 10.59 -6.73
CA PHE J 189 48.87 11.20 -7.98
C PHE J 189 48.14 12.52 -8.21
N PRO J 190 48.74 13.45 -8.95
CA PRO J 190 48.07 14.72 -9.25
C PRO J 190 46.88 14.51 -10.16
N PRO J 191 45.91 15.43 -10.13
CA PRO J 191 44.69 15.23 -10.95
C PRO J 191 44.98 15.38 -12.43
N TYR J 192 43.97 15.01 -13.22
CA TYR J 192 44.06 15.19 -14.67
C TYR J 192 44.14 16.67 -15.03
N GLY J 193 43.60 17.55 -14.18
CA GLY J 193 43.52 18.95 -14.53
C GLY J 193 44.87 19.62 -14.71
N SER J 194 45.81 19.33 -13.83
CA SER J 194 47.12 19.98 -13.86
C SER J 194 48.21 18.97 -13.51
N GLY J 195 49.43 19.30 -13.91
CA GLY J 195 50.57 18.43 -13.64
C GLY J 195 51.85 19.19 -13.37
N GLN J 196 52.53 18.82 -12.29
CA GLN J 196 53.77 19.49 -11.94
C GLN J 196 54.84 19.13 -12.97
N PRO J 197 55.53 20.11 -13.56
CA PRO J 197 56.50 19.80 -14.62
C PRO J 197 57.74 19.05 -14.13
N GLY J 198 57.62 17.74 -13.93
CA GLY J 198 58.79 16.91 -13.70
C GLY J 198 58.65 15.82 -12.66
N ARG J 199 57.78 15.99 -11.68
CA ARG J 199 57.64 14.99 -10.62
C ARG J 199 57.03 13.70 -11.14
N PHE J 200 55.79 13.76 -11.63
CA PHE J 200 55.11 12.57 -12.14
C PHE J 200 53.94 13.03 -12.98
N GLY J 201 53.55 12.18 -13.93
CA GLY J 201 52.47 12.53 -14.84
C GLY J 201 52.81 13.68 -15.76
N ASP J 202 54.02 13.68 -16.33
CA ASP J 202 54.41 14.74 -17.26
C ASP J 202 53.43 14.83 -18.42
N ILE J 203 53.07 13.69 -18.99
CA ILE J 203 51.96 13.60 -19.93
C ILE J 203 50.76 13.01 -19.20
N GLN J 204 49.58 13.53 -19.49
CA GLN J 204 48.35 13.13 -18.82
C GLN J 204 47.29 12.71 -19.84
N SER J 205 47.71 11.93 -20.84
CA SER J 205 46.80 11.46 -21.87
C SER J 205 45.88 10.38 -21.33
N ARG J 206 44.71 10.28 -21.95
CA ARG J 206 43.77 9.19 -21.67
C ARG J 206 44.19 7.93 -22.42
N THR J 207 43.28 6.96 -22.55
CA THR J 207 43.56 5.69 -23.22
C THR J 207 44.12 5.89 -24.62
N VAL J 208 44.64 4.80 -25.20
CA VAL J 208 45.49 4.84 -26.40
C VAL J 208 44.77 5.40 -27.62
N GLU J 209 43.49 5.78 -27.45
CA GLU J 209 42.73 6.42 -28.53
C GLU J 209 43.46 7.62 -29.14
N SER J 210 44.47 8.14 -28.47
CA SER J 210 45.40 9.13 -29.03
C SER J 210 44.74 10.44 -29.44
N LYS J 211 44.11 11.13 -28.49
CA LYS J 211 43.63 12.49 -28.68
C LYS J 211 43.86 13.30 -27.42
N ASP J 212 44.17 14.58 -27.59
CA ASP J 212 44.33 15.55 -26.51
C ASP J 212 45.42 15.10 -25.52
N LEU J 213 46.66 15.07 -26.03
CA LEU J 213 47.81 14.71 -25.21
C LEU J 213 48.21 15.91 -24.37
N TYR J 214 47.64 16.01 -23.17
CA TYR J 214 48.02 17.06 -22.24
C TYR J 214 49.45 16.84 -21.75
N ALA J 215 50.21 17.93 -21.65
CA ALA J 215 51.58 17.86 -21.17
C ALA J 215 51.99 19.22 -20.63
N ASN J 216 52.74 19.19 -19.52
CA ASN J 216 53.28 20.39 -18.90
C ASN J 216 54.80 20.37 -18.88
N THR J 217 55.41 19.70 -19.86
CA THR J 217 56.85 19.52 -19.90
C THR J 217 57.62 20.83 -20.02
N ALA J 218 56.99 21.90 -20.51
CA ALA J 218 57.53 23.26 -20.46
C ALA J 218 58.88 23.36 -21.16
N LEU J 219 58.83 23.21 -22.49
CA LEU J 219 60.01 23.48 -23.31
C LEU J 219 60.37 24.97 -23.26
N LYS J 220 61.64 25.26 -23.49
CA LYS J 220 62.11 26.63 -23.58
C LYS J 220 63.23 26.69 -24.62
N LEU J 221 63.10 27.64 -25.55
CA LEU J 221 64.07 27.79 -26.63
C LEU J 221 65.02 28.96 -26.30
N SER J 222 65.98 29.17 -27.19
CA SER J 222 66.96 30.23 -27.02
C SER J 222 67.56 30.55 -28.38
N ARG J 223 68.18 31.72 -28.47
CA ARG J 223 68.83 32.15 -29.70
C ARG J 223 70.03 31.26 -29.99
N PRO J 224 70.15 30.68 -31.18
CA PRO J 224 71.28 29.79 -31.46
C PRO J 224 72.61 30.54 -31.45
N SER J 225 73.66 29.83 -31.10
CA SER J 225 74.99 30.42 -31.04
C SER J 225 75.52 30.71 -32.44
N SER J 226 76.48 31.65 -32.49
CA SER J 226 77.05 32.07 -33.77
C SER J 226 77.88 30.99 -34.45
N GLY J 227 78.19 29.89 -33.75
CA GLY J 227 79.00 28.84 -34.32
C GLY J 227 78.44 28.22 -35.59
N THR J 228 77.31 27.54 -35.47
CA THR J 228 76.67 26.89 -36.61
C THR J 228 75.19 26.71 -36.29
N VAL J 229 74.51 25.91 -37.11
CA VAL J 229 73.08 25.69 -36.95
C VAL J 229 72.82 24.75 -35.78
N HIS J 230 71.91 25.16 -34.90
CA HIS J 230 71.47 24.32 -33.78
C HIS J 230 69.97 24.47 -33.61
N VAL J 231 69.42 23.66 -32.72
CA VAL J 231 68.05 23.83 -32.24
C VAL J 231 68.11 23.83 -30.72
N PRO J 232 68.61 24.89 -30.10
CA PRO J 232 68.80 24.87 -28.64
C PRO J 232 67.47 24.88 -27.91
N TYR J 233 67.29 23.88 -27.04
CA TYR J 233 66.08 23.78 -26.24
C TYR J 233 66.43 23.18 -24.89
N THR J 234 65.62 23.52 -23.89
CA THR J 234 65.77 23.00 -22.54
C THR J 234 64.56 22.14 -22.22
N GLN J 235 64.81 20.89 -21.84
CA GLN J 235 63.75 19.91 -21.61
C GLN J 235 64.01 19.22 -20.28
N THR J 236 63.06 19.34 -19.36
CA THR J 236 63.16 18.64 -18.09
C THR J 236 63.14 17.14 -18.34
N PRO J 237 63.85 16.36 -17.52
CA PRO J 237 63.92 14.92 -17.76
C PRO J 237 62.59 14.24 -17.45
N SER J 238 62.42 13.06 -18.04
CA SER J 238 61.17 12.31 -17.92
C SER J 238 60.87 11.95 -16.47
N GLY J 239 59.76 12.50 -15.94
CA GLY J 239 59.35 12.14 -14.59
C GLY J 239 59.01 10.68 -14.44
N PHE J 240 58.53 10.05 -15.51
CA PHE J 240 58.21 8.63 -15.47
C PHE J 240 59.47 7.79 -15.29
N LYS J 241 60.56 8.19 -15.96
CA LYS J 241 61.85 7.54 -15.75
C LYS J 241 62.33 7.72 -14.32
N TYR J 242 62.19 8.93 -13.77
CA TYR J 242 62.59 9.17 -12.39
C TYR J 242 61.77 8.32 -11.43
N TRP J 243 60.47 8.17 -11.71
CA TRP J 243 59.62 7.33 -10.88
C TRP J 243 60.04 5.88 -10.96
N ILE J 244 60.50 5.43 -12.14
CA ILE J 244 61.10 4.10 -12.23
C ILE J 244 62.33 4.00 -11.35
N LYS J 245 63.23 4.99 -11.46
CA LYS J 245 64.51 4.93 -10.75
C LYS J 245 64.33 5.02 -9.24
N GLU J 246 63.26 5.64 -8.78
CA GLU J 246 63.00 5.73 -7.35
C GLU J 246 62.14 4.55 -6.88
N ARG J 247 60.92 4.45 -7.42
CA ARG J 247 59.96 3.38 -7.12
C ARG J 247 59.91 3.11 -5.63
N GLY J 248 60.53 2.02 -5.18
CA GLY J 248 60.65 1.73 -3.77
C GLY J 248 59.36 1.27 -3.11
N THR J 249 59.51 0.52 -2.01
CA THR J 249 58.41 0.04 -1.16
C THR J 249 57.18 -0.37 -1.97
N SER J 250 57.37 -1.40 -2.78
CA SER J 250 56.25 -2.00 -3.51
C SER J 250 55.18 -2.45 -2.52
N LEU J 251 53.92 -2.15 -2.85
CA LEU J 251 52.83 -2.35 -1.90
C LEU J 251 52.65 -3.82 -1.52
N ASN J 252 53.19 -4.74 -2.33
CA ASN J 252 53.04 -6.16 -2.03
C ASN J 252 53.60 -6.53 -0.67
N ASP J 253 54.62 -5.81 -0.20
CA ASP J 253 55.18 -6.03 1.13
C ASP J 253 54.61 -5.09 2.18
N LYS J 254 53.57 -4.34 1.84
CA LYS J 254 52.93 -3.42 2.77
C LYS J 254 51.52 -3.87 3.16
N ALA J 255 51.15 -5.11 2.85
CA ALA J 255 49.82 -5.59 3.18
C ALA J 255 49.67 -5.72 4.69
N PRO J 256 48.65 -5.11 5.29
CA PRO J 256 48.49 -5.20 6.75
C PRO J 256 48.35 -6.62 7.27
N PHE J 257 47.66 -7.49 6.54
CA PHE J 257 47.38 -8.85 7.00
C PHE J 257 48.12 -9.89 6.16
N GLY J 258 49.26 -9.51 5.58
CA GLY J 258 49.98 -10.42 4.71
C GLY J 258 49.18 -10.82 3.49
N CYS J 259 48.39 -9.90 2.94
CA CYS J 259 47.45 -10.18 1.86
C CYS J 259 48.20 -10.02 0.54
N VAL J 260 48.71 -11.14 0.00
CA VAL J 260 49.45 -11.08 -1.24
C VAL J 260 48.54 -10.61 -2.37
N ILE J 261 49.11 -9.84 -3.29
CA ILE J 261 48.34 -9.13 -4.31
C ILE J 261 48.80 -9.58 -5.69
N LYS J 262 47.86 -10.08 -6.49
CA LYS J 262 48.05 -10.25 -7.92
C LYS J 262 47.45 -9.06 -8.65
N THR J 263 47.77 -8.94 -9.94
CA THR J 263 47.48 -7.73 -10.69
C THR J 263 46.73 -7.92 -12.00
N ASN J 264 46.64 -9.14 -12.54
CA ASN J 264 46.00 -9.32 -13.84
C ASN J 264 44.55 -8.85 -13.81
N PRO J 265 43.70 -9.23 -12.85
CA PRO J 265 42.45 -8.48 -12.63
C PRO J 265 42.52 -7.49 -11.48
N VAL J 266 43.69 -7.30 -10.86
CA VAL J 266 43.87 -6.47 -9.68
C VAL J 266 43.00 -6.99 -8.54
N ARG J 267 43.56 -7.83 -7.69
CA ARG J 267 42.83 -8.40 -6.57
C ARG J 267 43.80 -8.66 -5.43
N ALA J 268 43.25 -9.18 -4.33
CA ALA J 268 44.05 -9.55 -3.16
C ALA J 268 43.70 -10.97 -2.75
N GLU J 269 44.69 -11.70 -2.22
CA GLU J 269 44.53 -13.10 -1.87
C GLU J 269 45.05 -13.38 -0.47
N ASN J 270 44.38 -14.30 0.22
CA ASN J 270 44.92 -15.01 1.38
C ASN J 270 45.34 -14.05 2.51
N CYS J 271 44.34 -13.38 3.08
CA CYS J 271 44.52 -12.58 4.27
C CYS J 271 43.32 -12.74 5.18
N ALA J 272 43.58 -12.93 6.47
CA ALA J 272 42.57 -13.35 7.45
C ALA J 272 42.04 -12.14 8.21
N VAL J 273 40.97 -11.55 7.68
CA VAL J 273 40.30 -10.43 8.32
C VAL J 273 38.89 -10.85 8.71
N GLY J 274 38.51 -10.59 9.95
CA GLY J 274 37.18 -10.85 10.47
C GLY J 274 36.78 -12.33 10.42
N ASN J 275 35.47 -12.55 10.46
CA ASN J 275 34.89 -13.88 10.35
C ASN J 275 33.69 -13.81 9.43
N ILE J 276 33.29 -14.97 8.91
CA ILE J 276 32.20 -15.03 7.93
C ILE J 276 31.09 -15.94 8.43
N PRO J 277 29.82 -15.58 8.22
CA PRO J 277 28.72 -16.45 8.59
C PRO J 277 28.28 -17.35 7.44
N VAL J 278 27.60 -18.44 7.80
CA VAL J 278 27.10 -19.41 6.84
C VAL J 278 25.78 -19.94 7.35
N SER J 279 24.88 -20.25 6.41
CA SER J 279 23.60 -20.88 6.72
C SER J 279 23.38 -22.05 5.79
N MET J 280 23.10 -23.22 6.34
CA MET J 280 23.01 -24.45 5.58
C MET J 280 21.63 -25.07 5.73
N ASP J 281 21.17 -25.74 4.69
CA ASP J 281 19.99 -26.61 4.78
C ASP J 281 20.31 -27.98 4.21
N ILE J 282 19.78 -29.00 4.88
CA ILE J 282 20.18 -30.38 4.67
C ILE J 282 18.93 -31.23 4.40
N PRO J 283 18.89 -32.01 3.33
CA PRO J 283 17.80 -32.98 3.18
C PRO J 283 17.87 -34.05 4.26
N ASP J 284 16.72 -34.42 4.80
CA ASP J 284 16.67 -35.39 5.88
C ASP J 284 17.12 -36.78 5.46
N SER J 285 17.12 -37.07 4.16
CA SER J 285 17.52 -38.37 3.64
C SER J 285 19.02 -38.46 3.38
N ALA J 286 19.81 -37.52 3.90
CA ALA J 286 21.24 -37.49 3.66
C ALA J 286 22.04 -38.28 4.68
N PHE J 287 21.41 -38.81 5.73
CA PHE J 287 22.12 -39.56 6.75
C PHE J 287 21.14 -40.47 7.48
N THR J 288 21.70 -41.48 8.14
CA THR J 288 20.91 -42.51 8.77
C THR J 288 20.26 -42.00 10.06
N ARG J 289 19.30 -42.78 10.56
CA ARG J 289 18.51 -42.41 11.73
C ARG J 289 19.26 -42.82 13.01
N VAL J 290 18.56 -42.73 14.14
CA VAL J 290 19.15 -43.09 15.44
C VAL J 290 19.21 -44.58 15.69
N ILE J 291 18.62 -45.40 14.81
CA ILE J 291 18.56 -46.83 15.04
C ILE J 291 19.92 -47.49 14.89
N ASP J 292 20.90 -46.79 14.32
CA ASP J 292 22.21 -47.36 14.03
C ASP J 292 23.23 -46.87 15.05
N ALA J 293 23.94 -47.82 15.66
CA ALA J 293 25.09 -47.59 16.55
C ALA J 293 24.79 -46.74 17.78
N PRO J 294 23.85 -47.14 18.65
CA PRO J 294 23.78 -46.54 19.99
C PRO J 294 24.77 -47.24 20.91
N ALA J 295 25.87 -46.57 21.22
CA ALA J 295 26.99 -47.20 21.91
C ALA J 295 27.54 -46.28 23.00
N VAL J 296 26.66 -45.72 23.82
CA VAL J 296 27.11 -44.78 24.84
C VAL J 296 27.15 -45.42 26.23
N THR J 297 26.00 -45.86 26.74
CA THR J 297 25.87 -46.31 28.12
C THR J 297 26.56 -45.33 29.06
N ASN J 298 27.32 -45.83 30.03
CA ASN J 298 28.19 -44.98 30.82
C ASN J 298 29.43 -44.62 30.01
N LEU J 299 30.00 -43.45 30.31
CA LEU J 299 31.10 -42.92 29.52
C LEU J 299 32.12 -42.26 30.45
N GLU J 300 33.39 -42.59 30.26
CA GLU J 300 34.46 -42.01 31.06
C GLU J 300 35.71 -41.88 30.21
N CYS J 301 36.63 -41.02 30.66
CA CYS J 301 37.81 -40.66 29.89
C CYS J 301 39.07 -40.97 30.69
N GLN J 302 40.22 -40.70 30.07
CA GLN J 302 41.52 -40.80 30.71
C GLN J 302 42.48 -39.89 29.96
N VAL J 303 43.20 -39.05 30.69
CA VAL J 303 44.09 -38.05 30.09
C VAL J 303 45.54 -38.48 30.32
N ALA J 304 46.35 -38.38 29.27
CA ALA J 304 47.73 -38.85 29.30
C ALA J 304 48.75 -37.73 29.15
N VAL J 305 48.67 -36.94 28.08
CA VAL J 305 49.69 -35.94 27.79
C VAL J 305 49.07 -34.83 26.96
N CYS J 306 49.54 -33.60 27.17
CA CYS J 306 49.02 -32.40 26.54
C CYS J 306 50.18 -31.54 26.00
N THR J 307 51.08 -32.16 25.25
CA THR J 307 52.19 -31.42 24.66
C THR J 307 51.64 -30.51 23.56
N HIS J 308 51.09 -29.37 23.96
CA HIS J 308 50.16 -28.58 23.18
C HIS J 308 50.84 -27.42 22.46
N SER J 309 50.02 -26.57 21.85
CA SER J 309 50.33 -25.25 21.30
C SER J 309 51.02 -25.25 19.94
N SER J 310 51.33 -26.39 19.34
CA SER J 310 51.94 -26.39 18.01
C SER J 310 51.00 -26.95 16.95
N ASP J 311 50.63 -28.22 17.03
CA ASP J 311 49.55 -28.71 16.17
C ASP J 311 48.44 -29.38 16.97
N PHE J 312 48.80 -30.42 17.73
CA PHE J 312 47.85 -31.23 18.49
C PHE J 312 48.65 -32.00 19.54
N GLY J 313 48.38 -31.73 20.81
CA GLY J 313 49.14 -32.38 21.87
C GLY J 313 48.29 -33.06 22.91
N GLY J 314 46.98 -32.85 22.87
CA GLY J 314 46.08 -33.43 23.85
C GLY J 314 45.69 -34.85 23.51
N ILE J 315 46.57 -35.81 23.76
CA ILE J 315 46.24 -37.21 23.50
C ILE J 315 45.38 -37.72 24.66
N ALA J 316 44.21 -38.26 24.32
CA ALA J 316 43.27 -38.73 25.34
C ALA J 316 42.68 -40.05 24.89
N THR J 317 42.16 -40.81 25.87
CA THR J 317 41.55 -42.10 25.61
C THR J 317 40.16 -42.13 26.21
N LEU J 318 39.22 -42.73 25.49
CA LEU J 318 37.83 -42.84 25.91
C LEU J 318 37.44 -44.32 25.93
N THR J 319 36.85 -44.75 27.04
CA THR J 319 36.40 -46.12 27.21
C THR J 319 34.95 -46.11 27.69
N PHE J 320 34.18 -47.09 27.23
CA PHE J 320 32.76 -47.16 27.54
C PHE J 320 32.21 -48.50 27.06
N LYS J 321 31.13 -48.93 27.71
CA LYS J 321 30.41 -50.11 27.25
C LYS J 321 29.73 -49.80 25.91
N THR J 322 29.82 -50.73 24.98
CA THR J 322 29.39 -50.50 23.60
C THR J 322 28.44 -51.58 23.14
N ASP J 323 27.55 -51.19 22.23
CA ASP J 323 26.65 -52.11 21.54
C ASP J 323 27.31 -52.53 20.23
N LYS J 324 26.53 -53.11 19.31
CA LYS J 324 27.08 -53.54 18.03
C LYS J 324 27.73 -52.36 17.32
N PRO J 325 28.85 -52.57 16.63
CA PRO J 325 29.62 -51.45 16.09
C PRO J 325 28.90 -50.72 14.96
N GLY J 326 29.26 -49.46 14.80
CA GLY J 326 28.67 -48.64 13.75
C GLY J 326 29.31 -47.26 13.76
N LYS J 327 28.93 -46.46 12.77
CA LYS J 327 29.48 -45.12 12.64
C LYS J 327 28.83 -44.18 13.66
N CYS J 328 29.67 -43.50 14.44
CA CYS J 328 29.23 -42.56 15.46
C CYS J 328 30.10 -41.32 15.43
N ALA J 329 29.48 -40.16 15.63
CA ALA J 329 30.16 -38.88 15.56
C ALA J 329 30.50 -38.37 16.96
N VAL J 330 31.59 -37.60 17.05
CA VAL J 330 32.05 -37.01 18.30
C VAL J 330 32.55 -35.61 18.02
N HIS J 331 32.40 -34.73 19.01
CA HIS J 331 32.96 -33.39 18.91
C HIS J 331 33.16 -32.83 20.31
N SER J 332 33.57 -31.56 20.38
CA SER J 332 33.77 -30.87 21.65
C SER J 332 32.92 -29.61 21.66
N HIS J 333 32.13 -29.44 22.72
CA HIS J 333 31.21 -28.32 22.78
C HIS J 333 31.95 -27.00 22.99
N SER J 334 32.89 -26.98 23.93
CA SER J 334 33.62 -25.76 24.23
C SER J 334 34.56 -25.39 23.08
N ASN J 335 34.73 -24.09 22.88
CA ASN J 335 35.65 -23.58 21.87
C ASN J 335 37.10 -23.56 22.34
N VAL J 336 37.34 -23.85 23.63
CA VAL J 336 38.71 -23.83 24.13
C VAL J 336 39.55 -24.92 23.48
N ALA J 337 39.02 -26.13 23.38
CA ALA J 337 39.72 -27.26 22.82
C ALA J 337 39.03 -27.73 21.54
N THR J 338 39.82 -28.00 20.51
CA THR J 338 39.33 -28.45 19.21
C THR J 338 39.96 -29.79 18.87
N ILE J 339 39.13 -30.76 18.49
CA ILE J 339 39.60 -32.07 18.08
C ILE J 339 39.76 -32.09 16.57
N GLN J 340 40.52 -33.07 16.08
CA GLN J 340 40.94 -33.09 14.68
C GLN J 340 40.23 -34.12 13.82
N GLU J 341 39.54 -35.09 14.42
CA GLU J 341 38.92 -36.18 13.69
C GLU J 341 37.40 -36.09 13.76
N ALA J 342 36.75 -36.38 12.63
CA ALA J 342 35.30 -36.49 12.55
C ALA J 342 34.84 -37.85 13.06
N ALA J 343 33.59 -38.21 12.76
CA ALA J 343 33.03 -39.51 13.16
C ALA J 343 34.01 -40.64 12.88
N VAL J 344 34.18 -41.51 13.88
CA VAL J 344 35.16 -42.58 13.84
C VAL J 344 34.48 -43.89 14.24
N ASP J 345 35.01 -44.99 13.72
CA ASP J 345 34.46 -46.30 14.02
C ASP J 345 34.83 -46.74 15.44
N ILE J 346 34.02 -47.65 15.98
CA ILE J 346 34.19 -48.16 17.33
C ILE J 346 34.22 -49.68 17.28
N LYS J 347 35.19 -50.28 17.97
CA LYS J 347 35.29 -51.73 18.05
C LYS J 347 34.52 -52.22 19.26
N THR J 348 34.63 -53.51 19.58
CA THR J 348 33.94 -54.10 20.71
C THR J 348 34.69 -53.94 22.02
N ASP J 349 35.95 -53.52 21.99
CA ASP J 349 36.70 -53.31 23.22
C ASP J 349 36.24 -52.05 23.94
N GLY J 350 35.99 -50.97 23.21
CA GLY J 350 35.51 -49.74 23.78
C GLY J 350 36.57 -48.65 23.97
N LYS J 351 37.84 -48.95 23.70
CA LYS J 351 38.92 -47.99 23.89
C LYS J 351 39.20 -47.30 22.57
N ILE J 352 39.06 -45.96 22.56
CA ILE J 352 39.28 -45.15 21.37
C ILE J 352 40.17 -43.98 21.75
N THR J 353 41.15 -43.69 20.90
CA THR J 353 42.10 -42.61 21.13
C THR J 353 41.72 -41.39 20.33
N LEU J 354 41.83 -40.21 20.95
CA LEU J 354 41.50 -38.94 20.32
C LEU J 354 42.60 -37.93 20.57
N HIS J 355 42.66 -36.93 19.69
CA HIS J 355 43.64 -35.85 19.77
C HIS J 355 42.90 -34.51 19.85
N PHE J 356 43.59 -33.52 20.41
CA PHE J 356 43.10 -32.15 20.42
C PHE J 356 44.27 -31.23 20.71
N SER J 357 43.99 -29.92 20.76
CA SER J 357 45.03 -28.94 21.06
C SER J 357 44.37 -27.71 21.65
N THR J 358 45.06 -27.09 22.61
CA THR J 358 44.57 -25.86 23.23
C THR J 358 45.73 -25.20 23.97
N ALA J 359 45.71 -23.87 24.01
CA ALA J 359 46.73 -23.12 24.72
C ALA J 359 46.47 -23.07 26.23
N SER J 360 45.26 -23.43 26.67
CA SER J 360 44.94 -23.38 28.09
C SER J 360 45.78 -24.36 28.89
N ALA J 361 46.29 -23.89 30.04
CA ALA J 361 47.07 -24.77 30.90
C ALA J 361 46.20 -25.82 31.58
N SER J 362 44.92 -25.50 31.80
CA SER J 362 43.97 -26.41 32.45
C SER J 362 42.70 -26.50 31.62
N PRO J 363 42.73 -27.24 30.51
CA PRO J 363 41.54 -27.36 29.67
C PRO J 363 40.38 -27.99 30.43
N ALA J 364 39.17 -27.53 30.09
CA ALA J 364 37.92 -28.01 30.68
C ALA J 364 36.92 -28.34 29.58
N PHE J 365 37.40 -29.07 28.57
CA PHE J 365 36.62 -29.37 27.38
C PHE J 365 35.45 -30.30 27.71
N LYS J 366 34.51 -30.34 26.76
CA LYS J 366 33.22 -31.02 26.89
C LYS J 366 33.10 -32.01 25.73
N VAL J 367 33.50 -33.27 25.94
CA VAL J 367 33.43 -34.25 24.86
C VAL J 367 31.99 -34.69 24.70
N SER J 368 31.52 -34.77 23.46
CA SER J 368 30.17 -35.23 23.15
C SER J 368 30.25 -36.33 22.12
N VAL J 369 29.67 -37.48 22.45
CA VAL J 369 29.54 -38.59 21.54
C VAL J 369 28.17 -38.48 20.89
N CYS J 370 27.94 -39.24 19.81
CA CYS J 370 26.73 -39.10 19.04
C CYS J 370 25.45 -39.32 19.84
N SER J 371 25.55 -39.81 21.09
CA SER J 371 24.37 -39.89 21.94
C SER J 371 24.59 -39.42 23.37
N ALA J 372 25.82 -39.35 23.89
CA ALA J 372 26.08 -38.92 25.25
C ALA J 372 27.30 -38.00 25.28
N LYS J 373 27.38 -37.20 26.34
CA LYS J 373 28.47 -36.26 26.52
C LYS J 373 28.97 -36.30 27.96
N THR J 374 30.27 -36.05 28.12
CA THR J 374 30.91 -35.99 29.44
C THR J 374 31.99 -34.92 29.45
N THR J 375 32.28 -34.44 30.66
CA THR J 375 33.41 -33.55 30.90
C THR J 375 34.68 -34.36 31.16
N CYS J 376 35.81 -33.72 30.91
CA CYS J 376 37.10 -34.39 31.09
C CYS J 376 38.18 -33.33 31.12
N MET J 377 38.95 -33.29 32.21
CA MET J 377 39.97 -32.27 32.40
C MET J 377 41.36 -32.92 32.40
N ALA J 378 42.35 -32.13 31.98
CA ALA J 378 43.73 -32.61 31.90
C ALA J 378 44.66 -31.56 32.46
N ALA J 379 45.64 -32.00 33.25
CA ALA J 379 46.68 -31.12 33.78
C ALA J 379 47.68 -30.89 32.65
N CYS J 380 47.38 -29.91 31.81
CA CYS J 380 48.16 -29.67 30.59
C CYS J 380 49.44 -28.93 30.94
N GLU J 381 50.34 -29.65 31.60
CA GLU J 381 51.56 -29.09 32.17
C GLU J 381 52.69 -28.80 31.15
N PRO J 382 52.90 -29.58 30.08
CA PRO J 382 54.10 -29.36 29.25
C PRO J 382 54.02 -28.03 28.51
N PRO J 383 54.92 -27.10 28.85
CA PRO J 383 55.02 -25.85 28.10
C PRO J 383 56.10 -26.12 27.05
N LYS J 384 55.77 -26.03 25.76
CA LYS J 384 56.73 -26.27 24.69
C LYS J 384 57.67 -25.08 24.52
N ASP J 385 58.72 -25.28 23.72
CA ASP J 385 59.69 -24.22 23.45
C ASP J 385 60.26 -24.40 22.03
N HIS J 386 59.67 -23.70 21.08
CA HIS J 386 60.11 -23.70 19.69
C HIS J 386 59.62 -22.43 19.01
N ILE J 387 60.03 -22.25 17.75
CA ILE J 387 59.46 -21.24 16.87
C ILE J 387 59.12 -21.97 15.57
N VAL J 388 57.88 -22.42 15.46
CA VAL J 388 57.48 -23.31 14.37
C VAL J 388 56.97 -22.50 13.18
N PRO J 389 57.10 -23.01 11.96
CA PRO J 389 56.58 -22.30 10.79
C PRO J 389 55.15 -22.67 10.40
N TYR J 390 54.61 -23.77 10.90
CA TYR J 390 53.27 -24.19 10.52
C TYR J 390 52.22 -23.44 11.33
N GLY J 391 50.97 -23.57 10.91
CA GLY J 391 49.89 -22.81 11.50
C GLY J 391 49.44 -23.36 12.85
N ALA J 392 48.60 -22.58 13.52
CA ALA J 392 48.04 -22.95 14.80
C ALA J 392 46.70 -23.64 14.61
N SER J 393 46.33 -24.49 15.58
CA SER J 393 45.08 -25.23 15.51
C SER J 393 44.25 -24.99 16.75
N HIS J 394 44.15 -23.73 17.17
CA HIS J 394 43.41 -23.39 18.38
C HIS J 394 43.02 -21.92 18.33
N ASN J 395 42.03 -21.56 19.16
CA ASN J 395 41.66 -20.17 19.30
C ASN J 395 42.73 -19.41 20.09
N ASN J 396 42.89 -18.13 19.76
CA ASN J 396 43.92 -17.31 20.36
C ASN J 396 43.71 -17.07 21.85
N GLN J 397 42.53 -17.36 22.38
CA GLN J 397 42.27 -17.14 23.80
C GLN J 397 43.00 -18.18 24.65
N VAL J 398 43.30 -17.80 25.89
CA VAL J 398 43.89 -18.70 26.87
C VAL J 398 43.48 -18.24 28.26
N PHE J 399 42.99 -19.17 29.07
CA PHE J 399 42.56 -18.87 30.44
C PHE J 399 42.41 -20.17 31.21
N PRO J 400 43.06 -20.31 32.38
CA PRO J 400 42.89 -21.53 33.16
C PRO J 400 41.48 -21.67 33.69
N ASP J 401 41.04 -22.93 33.84
CA ASP J 401 39.70 -23.20 34.32
C ASP J 401 39.51 -22.64 35.72
N MET J 402 38.33 -22.06 35.96
CA MET J 402 38.01 -21.58 37.30
C MET J 402 37.98 -22.73 38.30
N SER J 403 37.38 -23.85 37.91
CA SER J 403 37.50 -25.07 38.71
C SER J 403 38.94 -25.55 38.72
N GLY J 404 39.40 -26.09 37.60
CA GLY J 404 40.79 -26.44 37.40
C GLY J 404 41.40 -27.39 38.42
N THR J 405 42.73 -27.54 38.36
CA THR J 405 43.46 -28.34 39.33
C THR J 405 44.77 -27.72 39.78
N ALA J 406 45.08 -26.50 39.34
CA ALA J 406 46.33 -25.83 39.69
C ALA J 406 46.12 -24.50 40.39
N MET J 407 45.20 -23.66 39.90
CA MET J 407 44.92 -22.36 40.49
C MET J 407 43.84 -22.44 41.56
N THR J 408 43.45 -23.64 41.98
CA THR J 408 42.43 -23.79 43.01
C THR J 408 42.86 -23.14 44.31
N TRP J 409 44.13 -23.30 44.68
CA TRP J 409 44.59 -22.79 45.98
C TRP J 409 44.54 -21.27 46.03
N VAL J 410 44.81 -20.59 44.92
CA VAL J 410 44.75 -19.13 44.91
C VAL J 410 43.33 -18.65 45.18
N GLN J 411 42.35 -19.23 44.47
CA GLN J 411 40.97 -18.80 44.68
C GLN J 411 40.46 -19.21 46.05
N ARG J 412 40.91 -20.36 46.58
CA ARG J 412 40.45 -20.75 47.91
C ARG J 412 41.05 -19.88 49.00
N VAL J 413 42.32 -19.46 48.85
CA VAL J 413 42.90 -18.57 49.86
C VAL J 413 42.28 -17.19 49.78
N ALA J 414 41.95 -16.72 48.57
CA ALA J 414 41.22 -15.47 48.44
C ALA J 414 39.84 -15.56 49.09
N GLY J 415 39.14 -16.67 48.85
CA GLY J 415 37.84 -16.87 49.47
C GLY J 415 37.92 -16.94 50.98
N GLY J 416 38.98 -17.56 51.51
CA GLY J 416 39.16 -17.60 52.95
C GLY J 416 39.47 -16.23 53.53
N PHE J 417 40.30 -15.44 52.84
CA PHE J 417 40.60 -14.10 53.31
C PHE J 417 39.36 -13.21 53.28
N GLY J 418 38.46 -13.42 52.32
CA GLY J 418 37.19 -12.72 52.35
C GLY J 418 36.23 -13.25 53.39
N GLY J 419 36.24 -14.57 53.62
CA GLY J 419 35.29 -15.16 54.54
C GLY J 419 35.61 -14.89 55.99
N LEU J 420 36.88 -14.71 56.33
CA LEU J 420 37.22 -14.30 57.69
C LEU J 420 36.63 -12.92 57.98
N THR J 421 36.74 -11.99 57.03
CA THR J 421 36.13 -10.68 57.19
C THR J 421 34.61 -10.78 57.25
N LEU J 422 34.03 -11.65 56.42
CA LEU J 422 32.57 -11.81 56.42
C LEU J 422 32.07 -12.33 57.78
N ALA J 423 32.73 -13.36 58.31
CA ALA J 423 32.35 -13.91 59.60
C ALA J 423 32.55 -12.88 60.71
N ALA J 424 33.67 -12.17 60.69
CA ALA J 424 33.93 -11.18 61.72
C ALA J 424 32.93 -10.03 61.67
N VAL J 425 32.54 -9.59 60.47
CA VAL J 425 31.55 -8.52 60.38
C VAL J 425 30.17 -9.03 60.78
N ALA J 426 29.87 -10.31 60.54
CA ALA J 426 28.63 -10.88 61.07
C ALA J 426 28.63 -10.87 62.59
N VAL J 427 29.77 -11.22 63.20
CA VAL J 427 29.91 -11.16 64.65
C VAL J 427 29.72 -9.73 65.14
N LEU J 428 30.32 -8.76 64.43
CA LEU J 428 30.16 -7.36 64.81
C LEU J 428 28.70 -6.93 64.75
N ILE J 429 27.99 -7.32 63.68
CA ILE J 429 26.59 -6.95 63.55
C ILE J 429 25.78 -7.54 64.71
N LEU J 430 26.02 -8.83 65.02
CA LEU J 430 25.29 -9.46 66.11
C LEU J 430 25.59 -8.79 67.45
N VAL J 431 26.86 -8.47 67.71
CA VAL J 431 27.24 -7.88 68.99
C VAL J 431 26.66 -6.48 69.12
N THR J 432 26.70 -5.69 68.04
CA THR J 432 26.12 -4.35 68.08
C THR J 432 24.61 -4.40 68.24
N CYS J 433 23.95 -5.39 67.63
CA CYS J 433 22.51 -5.55 67.84
C CYS J 433 22.21 -5.92 69.29
N VAL J 434 23.04 -6.77 69.89
CA VAL J 434 22.83 -7.13 71.29
C VAL J 434 23.02 -5.92 72.20
N THR J 435 24.08 -5.14 71.96
CA THR J 435 24.37 -4.01 72.83
C THR J 435 23.47 -2.81 72.57
N MET J 436 22.80 -2.75 71.41
CA MET J 436 21.88 -1.66 71.14
C MET J 436 20.69 -1.72 72.10
N ARG J 437 20.15 -2.92 72.33
CA ARG J 437 19.03 -3.19 73.24
C ARG J 437 17.97 -2.09 73.28
N SER K 1 61.89 -13.25 -50.65
CA SER K 1 61.20 -12.89 -49.42
C SER K 1 62.18 -12.46 -48.33
N VAL K 2 63.40 -13.00 -48.39
CA VAL K 2 64.43 -12.62 -47.42
C VAL K 2 64.88 -11.18 -47.67
N THR K 3 65.08 -10.81 -48.93
CA THR K 3 65.55 -9.48 -49.29
C THR K 3 64.40 -8.54 -49.69
N LYS K 4 63.16 -9.01 -49.61
CA LYS K 4 62.04 -8.23 -50.13
C LYS K 4 61.83 -6.94 -49.33
N HIS K 5 62.16 -6.94 -48.04
CA HIS K 5 61.86 -5.79 -47.19
C HIS K 5 63.08 -4.94 -46.83
N PHE K 6 64.26 -5.23 -47.40
CA PHE K 6 65.37 -4.28 -47.36
C PHE K 6 65.29 -3.24 -48.49
N ASN K 7 64.38 -3.42 -49.44
CA ASN K 7 64.29 -2.49 -50.57
C ASN K 7 64.03 -1.07 -50.12
N VAL K 8 63.37 -0.89 -48.98
CA VAL K 8 63.13 0.45 -48.42
C VAL K 8 64.42 1.24 -48.23
N TYR K 9 65.58 0.58 -48.30
CA TYR K 9 66.87 1.25 -48.18
C TYR K 9 67.43 1.70 -49.53
N LYS K 10 66.59 1.91 -50.53
CA LYS K 10 67.08 2.55 -51.75
C LYS K 10 67.58 3.97 -51.49
N ALA K 11 67.04 4.63 -50.46
CA ALA K 11 67.49 5.97 -50.09
C ALA K 11 68.81 5.85 -49.34
N THR K 12 69.88 6.34 -49.94
CA THR K 12 71.23 6.16 -49.40
C THR K 12 71.87 7.54 -49.29
N LYS K 13 73.18 7.58 -49.00
CA LYS K 13 73.99 8.77 -48.81
C LYS K 13 73.48 9.56 -47.60
N PRO K 14 73.71 9.07 -46.39
CA PRO K 14 73.33 9.84 -45.19
C PRO K 14 74.06 11.19 -45.11
N TYR K 15 73.65 11.97 -44.12
CA TYR K 15 74.13 13.33 -43.94
C TYR K 15 75.48 13.34 -43.23
N LEU K 16 75.97 14.55 -42.96
CA LEU K 16 77.16 14.78 -42.14
C LEU K 16 76.78 15.74 -41.03
N ALA K 17 76.72 15.24 -39.80
CA ALA K 17 76.26 16.04 -38.67
C ALA K 17 77.45 16.73 -38.00
N TYR K 18 77.20 17.32 -36.83
CA TYR K 18 78.21 18.10 -36.10
C TYR K 18 78.16 17.68 -34.64
N CYS K 19 79.04 16.77 -34.25
CA CYS K 19 79.18 16.33 -32.87
C CYS K 19 80.44 16.95 -32.28
N ALA K 20 80.28 17.65 -31.15
CA ALA K 20 81.36 18.46 -30.60
C ALA K 20 82.49 17.60 -30.02
N ASP K 21 82.13 16.59 -29.24
CA ASP K 21 83.13 15.84 -28.49
C ASP K 21 83.93 14.90 -29.39
N CYS K 22 84.68 15.47 -30.34
CA CYS K 22 85.46 14.68 -31.27
C CYS K 22 86.87 14.41 -30.77
N GLY K 23 87.31 15.09 -29.73
CA GLY K 23 88.66 14.93 -29.21
C GLY K 23 89.32 16.26 -28.92
N ASP K 24 90.44 16.54 -29.60
CA ASP K 24 91.13 17.81 -29.39
C ASP K 24 90.34 18.97 -29.98
N GLY K 25 90.06 18.92 -31.27
CA GLY K 25 89.30 19.98 -31.91
C GLY K 25 87.87 20.02 -31.40
N GLN K 26 87.42 21.20 -30.98
CA GLN K 26 86.04 21.35 -30.53
C GLN K 26 85.05 21.11 -31.65
N PHE K 27 85.32 21.64 -32.84
CA PHE K 27 84.48 21.42 -34.01
C PHE K 27 85.05 20.26 -34.82
N CYS K 28 84.19 19.33 -35.22
CA CYS K 28 84.65 18.13 -35.91
C CYS K 28 83.50 17.57 -36.72
N TYR K 29 83.52 17.81 -38.04
CA TYR K 29 82.54 17.21 -38.92
C TYR K 29 82.87 15.74 -39.11
N SER K 30 81.89 14.87 -38.86
CA SER K 30 82.15 13.45 -38.83
C SER K 30 81.12 12.69 -39.66
N PRO K 31 81.50 11.57 -40.27
CA PRO K 31 80.52 10.71 -40.95
C PRO K 31 79.73 9.84 -39.99
N VAL K 32 80.12 9.77 -38.72
CA VAL K 32 79.37 9.06 -37.69
C VAL K 32 78.92 10.09 -36.67
N ALA K 33 77.63 10.04 -36.32
CA ALA K 33 77.04 10.96 -35.36
C ALA K 33 76.19 10.19 -34.37
N ILE K 34 75.95 10.81 -33.22
CA ILE K 34 75.15 10.22 -32.16
C ILE K 34 74.02 11.20 -31.83
N GLU K 35 72.79 10.79 -32.13
CA GLU K 35 71.59 11.52 -31.78
C GLU K 35 70.93 10.86 -30.55
N LYS K 36 69.70 11.27 -30.25
CA LYS K 36 69.04 10.87 -29.01
C LYS K 36 68.99 9.36 -28.87
N ILE K 37 69.20 8.90 -27.64
CA ILE K 37 69.41 7.49 -27.32
C ILE K 37 68.12 6.91 -26.78
N ARG K 38 67.72 5.74 -27.32
CA ARG K 38 66.56 5.02 -26.84
C ARG K 38 66.99 3.97 -25.82
N ASP K 39 66.31 3.94 -24.67
CA ASP K 39 66.62 2.95 -23.64
C ASP K 39 65.36 2.69 -22.81
N GLU K 40 64.67 1.59 -23.11
CA GLU K 40 63.47 1.22 -22.38
C GLU K 40 63.56 -0.22 -21.89
N ALA K 41 64.38 -1.03 -22.56
CA ALA K 41 64.54 -2.43 -22.17
C ALA K 41 65.22 -2.54 -20.81
N SER K 42 64.69 -3.43 -19.97
CA SER K 42 65.24 -3.61 -18.63
C SER K 42 66.55 -4.38 -18.64
N ASP K 43 66.71 -5.33 -19.57
CA ASP K 43 67.92 -6.14 -19.60
C ASP K 43 69.18 -5.32 -19.82
N GLY K 44 69.10 -4.25 -20.62
CA GLY K 44 70.26 -3.41 -20.85
C GLY K 44 70.54 -3.13 -22.30
N MET K 45 69.58 -3.41 -23.17
CA MET K 45 69.70 -3.01 -24.56
C MET K 45 69.71 -1.49 -24.66
N ILE K 46 70.66 -0.95 -25.40
CA ILE K 46 70.73 0.48 -25.67
C ILE K 46 70.73 0.69 -27.17
N LYS K 47 69.99 1.71 -27.60
CA LYS K 47 69.81 2.05 -29.01
C LYS K 47 70.57 3.33 -29.32
N ILE K 48 71.36 3.29 -30.40
CA ILE K 48 72.22 4.39 -30.79
C ILE K 48 71.88 4.76 -32.22
N GLN K 49 71.67 6.07 -32.46
CA GLN K 49 71.40 6.57 -33.80
C GLN K 49 72.73 6.81 -34.50
N VAL K 50 72.88 6.22 -35.69
CA VAL K 50 74.11 6.33 -36.46
C VAL K 50 73.76 6.68 -37.89
N ALA K 51 74.46 7.68 -38.44
CA ALA K 51 74.20 8.10 -39.81
C ALA K 51 74.59 7.01 -40.80
N ALA K 52 75.78 6.42 -40.62
CA ALA K 52 76.29 5.41 -41.54
C ALA K 52 75.60 4.07 -41.27
N GLN K 53 74.52 3.81 -42.00
CA GLN K 53 73.84 2.53 -41.88
C GLN K 53 74.69 1.42 -42.48
N ILE K 54 74.44 0.19 -42.02
CA ILE K 54 75.27 -0.94 -42.37
C ILE K 54 74.55 -1.82 -43.37
N GLY K 55 75.24 -2.83 -43.88
CA GLY K 55 74.64 -3.83 -44.75
C GLY K 55 74.21 -3.35 -46.11
N ILE K 56 75.03 -2.50 -46.75
CA ILE K 56 74.75 -2.01 -48.10
C ILE K 56 75.91 -2.38 -49.01
N ASN K 57 75.60 -3.04 -50.12
CA ASN K 57 76.55 -3.33 -51.18
C ASN K 57 76.12 -2.64 -52.47
N LYS K 58 75.71 -1.38 -52.36
CA LYS K 58 75.10 -0.63 -53.46
C LYS K 58 73.86 -1.36 -53.99
N GLY K 59 73.06 -1.89 -53.07
CA GLY K 59 71.83 -2.56 -53.43
C GLY K 59 71.21 -3.18 -52.19
N GLY K 60 69.95 -3.58 -52.34
CA GLY K 60 69.26 -4.26 -51.26
C GLY K 60 69.91 -5.58 -50.91
N THR K 61 70.56 -5.64 -49.76
CA THR K 61 71.28 -6.84 -49.36
C THR K 61 71.49 -6.83 -47.85
N HIS K 62 71.84 -8.00 -47.32
CA HIS K 62 72.20 -8.15 -45.92
C HIS K 62 73.56 -8.85 -45.84
N GLU K 63 74.50 -8.23 -45.13
CA GLU K 63 75.85 -8.76 -45.01
C GLU K 63 76.48 -8.21 -43.73
N HIS K 64 77.68 -8.71 -43.43
CA HIS K 64 78.35 -8.33 -42.18
C HIS K 64 79.84 -8.04 -42.35
N ASN K 65 80.30 -7.73 -43.55
CA ASN K 65 81.72 -7.45 -43.77
C ASN K 65 81.89 -6.24 -44.67
N LYS K 66 81.05 -5.23 -44.50
CA LYS K 66 81.10 -4.06 -45.36
C LYS K 66 80.30 -2.92 -44.73
N ILE K 67 80.92 -1.74 -44.65
CA ILE K 67 80.27 -0.52 -44.20
C ILE K 67 80.52 0.56 -45.25
N ARG K 68 79.45 1.28 -45.60
CA ARG K 68 79.49 2.33 -46.61
C ARG K 68 79.20 3.66 -45.93
N TYR K 69 80.25 4.36 -45.52
CA TYR K 69 80.08 5.70 -45.00
C TYR K 69 80.27 6.71 -46.12
N ILE K 70 79.68 7.88 -45.95
CA ILE K 70 79.64 8.93 -46.97
C ILE K 70 80.15 10.20 -46.33
N ALA K 71 81.38 10.60 -46.67
CA ALA K 71 81.98 11.85 -46.22
C ALA K 71 82.33 12.68 -47.44
N GLY K 72 81.85 13.91 -47.47
CA GLY K 72 82.10 14.80 -48.60
C GLY K 72 80.92 14.83 -49.56
N HIS K 73 81.14 14.38 -50.79
CA HIS K 73 80.11 14.36 -51.82
C HIS K 73 80.11 13.04 -52.57
N ASP K 74 80.54 11.96 -51.93
CA ASP K 74 80.65 10.68 -52.61
C ASP K 74 80.62 9.55 -51.58
N MET K 75 80.56 8.32 -52.09
CA MET K 75 80.38 7.13 -51.28
C MET K 75 81.68 6.34 -51.17
N LYS K 76 81.97 5.87 -49.96
CA LYS K 76 83.20 5.14 -49.69
C LYS K 76 82.87 3.81 -49.02
N GLU K 77 83.91 3.03 -48.74
CA GLU K 77 83.76 1.71 -48.14
C GLU K 77 84.81 1.53 -47.04
N ALA K 78 84.44 0.75 -46.03
CA ALA K 78 85.36 0.37 -44.96
C ALA K 78 84.97 -1.02 -44.47
N ASN K 79 85.44 -1.39 -43.29
CA ASN K 79 85.21 -2.71 -42.73
C ASN K 79 84.26 -2.64 -41.54
N ARG K 80 83.38 -3.63 -41.44
CA ARG K 80 82.40 -3.67 -40.35
C ARG K 80 83.07 -3.94 -39.00
N ASP K 81 84.11 -4.79 -39.00
CA ASP K 81 84.75 -5.15 -37.73
C ASP K 81 85.40 -3.95 -37.07
N SER K 82 85.79 -2.94 -37.85
CA SER K 82 86.40 -1.74 -37.29
C SER K 82 85.42 -0.95 -36.42
N LEU K 83 84.12 -1.17 -36.59
CA LEU K 83 83.10 -0.41 -35.85
C LEU K 83 83.09 -0.89 -34.41
N GLN K 84 83.74 -0.12 -33.52
CA GLN K 84 83.78 -0.42 -32.10
C GLN K 84 83.06 0.67 -31.34
N VAL K 85 82.21 0.29 -30.40
CA VAL K 85 81.51 1.21 -29.52
C VAL K 85 81.77 0.78 -28.09
N HIS K 86 82.19 1.72 -27.25
CA HIS K 86 82.49 1.39 -25.87
C HIS K 86 82.39 2.62 -24.99
N THR K 87 81.80 2.45 -23.82
CA THR K 87 81.80 3.46 -22.76
C THR K 87 83.12 3.38 -22.00
N SER K 88 83.16 3.99 -20.82
CA SER K 88 84.33 3.92 -19.93
C SER K 88 84.89 2.50 -19.85
N GLY K 89 84.00 1.51 -19.78
CA GLY K 89 84.39 0.12 -19.87
C GLY K 89 84.14 -0.43 -21.27
N VAL K 90 84.82 -1.54 -21.58
CA VAL K 90 84.66 -2.16 -22.90
C VAL K 90 83.23 -2.62 -23.07
N CYS K 91 82.68 -2.41 -24.26
CA CYS K 91 81.26 -2.60 -24.53
C CYS K 91 81.10 -3.49 -25.76
N ALA K 92 80.12 -4.38 -25.72
CA ALA K 92 79.93 -5.41 -26.72
C ALA K 92 78.67 -5.18 -27.53
N ILE K 93 78.65 -5.73 -28.74
CA ILE K 93 77.54 -5.62 -29.67
C ILE K 93 76.94 -7.01 -29.88
N ARG K 94 75.62 -7.11 -29.74
CA ARG K 94 74.92 -8.37 -29.97
C ARG K 94 74.44 -8.51 -31.41
N GLY K 95 74.09 -7.41 -32.06
CA GLY K 95 73.62 -7.43 -33.43
C GLY K 95 73.25 -6.05 -33.92
N THR K 96 73.54 -5.74 -35.18
CA THR K 96 73.29 -4.41 -35.71
C THR K 96 72.72 -4.52 -37.12
N MET K 97 71.95 -3.51 -37.52
CA MET K 97 71.46 -3.40 -38.88
C MET K 97 70.94 -1.98 -39.10
N GLY K 98 71.27 -1.41 -40.26
CA GLY K 98 70.70 -0.14 -40.63
C GLY K 98 71.23 1.03 -39.82
N HIS K 99 70.41 2.08 -39.74
CA HIS K 99 70.82 3.31 -39.07
C HIS K 99 71.07 3.11 -37.59
N PHE K 100 70.47 2.10 -36.97
CA PHE K 100 70.42 1.98 -35.52
C PHE K 100 71.39 0.91 -35.03
N ILE K 101 71.79 1.05 -33.78
CA ILE K 101 72.68 0.10 -33.12
C ILE K 101 72.02 -0.32 -31.80
N VAL K 102 71.94 -1.63 -31.56
CA VAL K 102 71.38 -2.14 -30.31
C VAL K 102 72.45 -2.99 -29.63
N ALA K 103 72.66 -2.74 -28.34
CA ALA K 103 73.75 -3.44 -27.67
C ALA K 103 73.56 -3.48 -26.15
N TYR K 104 73.96 -4.60 -25.55
CA TYR K 104 74.29 -4.62 -24.14
C TYR K 104 75.50 -3.75 -23.88
N CYS K 105 75.58 -3.17 -22.68
CA CYS K 105 76.73 -2.30 -22.44
C CYS K 105 76.92 -2.13 -20.94
N PRO K 106 78.15 -2.15 -20.45
CA PRO K 106 78.38 -1.96 -19.01
C PRO K 106 78.09 -0.53 -18.60
N PRO K 107 77.86 -0.28 -17.31
CA PRO K 107 77.56 1.08 -16.85
C PRO K 107 78.67 2.06 -17.18
N GLY K 108 78.27 3.29 -17.50
CA GLY K 108 79.23 4.34 -17.80
C GLY K 108 78.54 5.68 -17.83
N GLY K 109 79.37 6.74 -17.88
CA GLY K 109 78.86 8.09 -17.86
C GLY K 109 78.82 8.76 -19.23
N GLU K 110 79.40 8.13 -20.24
CA GLU K 110 79.40 8.69 -21.58
C GLU K 110 79.59 7.55 -22.58
N LEU K 111 79.22 7.82 -23.83
CA LEU K 111 79.22 6.84 -24.89
C LEU K 111 80.15 7.26 -26.02
N LYS K 112 80.97 6.32 -26.48
CA LYS K 112 81.90 6.53 -27.58
C LYS K 112 81.73 5.43 -28.62
N VAL K 113 81.72 5.82 -29.89
CA VAL K 113 81.66 4.88 -31.01
C VAL K 113 82.71 5.29 -32.04
N GLN K 114 83.41 4.29 -32.60
CA GLN K 114 84.51 4.56 -33.50
C GLN K 114 84.58 3.46 -34.56
N PHE K 115 85.15 3.81 -35.71
CA PHE K 115 85.44 2.84 -36.75
C PHE K 115 86.56 3.39 -37.63
N GLN K 116 87.32 2.48 -38.22
CA GLN K 116 88.35 2.85 -39.17
C GLN K 116 87.71 3.37 -40.45
N ASP K 117 88.20 4.50 -40.95
CA ASP K 117 87.67 5.06 -42.19
C ASP K 117 88.29 4.36 -43.40
N ALA K 118 88.13 4.95 -44.58
CA ALA K 118 88.61 4.32 -45.81
C ALA K 118 90.09 3.96 -45.72
N GLU K 119 90.90 4.82 -45.09
CA GLU K 119 92.32 4.50 -44.95
C GLU K 119 92.93 5.29 -43.80
N SER K 120 93.65 4.58 -42.93
CA SER K 120 94.65 5.14 -42.00
C SER K 120 94.11 6.30 -41.17
N HIS K 121 92.89 6.18 -40.63
CA HIS K 121 92.40 7.18 -39.69
C HIS K 121 91.32 6.55 -38.81
N THR K 122 91.20 7.07 -37.60
CA THR K 122 90.29 6.52 -36.61
C THR K 122 89.35 7.60 -36.07
N GLN K 123 88.77 8.39 -36.97
CA GLN K 123 87.89 9.48 -36.58
C GLN K 123 86.70 8.96 -35.78
N ALA K 124 86.30 9.73 -34.76
CA ALA K 124 85.21 9.35 -33.87
C ALA K 124 84.87 10.55 -33.00
N CYS K 125 83.74 10.45 -32.30
CA CYS K 125 83.34 11.48 -31.35
C CYS K 125 82.46 10.86 -30.28
N LYS K 126 82.42 11.51 -29.11
CA LYS K 126 81.76 10.99 -27.94
C LYS K 126 80.42 11.70 -27.71
N VAL K 127 79.74 11.31 -26.64
CA VAL K 127 78.49 11.95 -26.23
C VAL K 127 78.30 11.70 -24.74
N GLN K 128 77.78 12.71 -24.04
CA GLN K 128 77.48 12.55 -22.62
C GLN K 128 76.11 11.91 -22.45
N TYR K 129 76.06 10.83 -21.68
CA TYR K 129 74.81 10.10 -21.47
C TYR K 129 74.95 9.23 -20.25
N LYS K 130 74.14 9.50 -19.23
CA LYS K 130 74.14 8.65 -18.04
C LYS K 130 73.55 7.29 -18.36
N HIS K 131 74.17 6.23 -17.84
CA HIS K 131 73.74 4.85 -18.08
C HIS K 131 73.89 4.09 -16.78
N ALA K 132 72.82 4.04 -15.98
CA ALA K 132 72.80 3.35 -14.70
C ALA K 132 71.55 2.47 -14.64
N PRO K 133 71.55 1.37 -15.38
CA PRO K 133 70.37 0.49 -15.39
C PRO K 133 70.17 -0.18 -14.02
N ALA K 134 68.90 -0.40 -13.69
CA ALA K 134 68.55 -1.10 -12.46
C ALA K 134 68.21 -2.55 -12.80
N PRO K 135 69.01 -3.53 -12.37
CA PRO K 135 68.71 -4.92 -12.70
C PRO K 135 67.36 -5.35 -12.12
N VAL K 136 66.67 -6.21 -12.88
CA VAL K 136 65.39 -6.72 -12.42
C VAL K 136 65.61 -7.62 -11.20
N GLY K 137 64.62 -7.63 -10.30
CA GLY K 137 64.76 -8.34 -9.05
C GLY K 137 65.19 -7.43 -7.93
N ARG K 138 65.67 -8.07 -6.86
CA ARG K 138 66.10 -7.36 -5.66
C ARG K 138 67.60 -7.40 -5.45
N GLU K 139 68.37 -7.77 -6.48
CA GLU K 139 69.81 -7.90 -6.35
C GLU K 139 70.49 -7.42 -7.62
N LYS K 140 71.64 -6.77 -7.45
CA LYS K 140 72.42 -6.23 -8.55
C LYS K 140 73.56 -7.18 -8.90
N PHE K 141 73.87 -7.28 -10.18
CA PHE K 141 74.91 -8.19 -10.64
C PHE K 141 75.43 -7.70 -12.00
N THR K 142 76.46 -8.39 -12.49
CA THR K 142 77.08 -8.06 -13.77
C THR K 142 77.26 -9.24 -14.70
N VAL K 143 77.14 -10.48 -14.21
CA VAL K 143 77.38 -11.68 -15.00
C VAL K 143 76.12 -12.54 -14.98
N ARG K 144 75.90 -13.26 -16.06
CA ARG K 144 74.73 -14.13 -16.16
C ARG K 144 74.77 -15.18 -15.05
N PRO K 145 73.63 -15.53 -14.47
CA PRO K 145 73.62 -16.49 -13.36
C PRO K 145 74.11 -17.87 -13.80
N HIS K 146 74.70 -18.58 -12.85
CA HIS K 146 75.09 -19.97 -13.10
C HIS K 146 73.91 -20.91 -12.90
N PHE K 147 73.39 -20.98 -11.67
CA PHE K 147 72.21 -21.78 -11.31
C PHE K 147 71.22 -20.83 -10.64
N GLY K 148 70.37 -20.20 -11.44
CA GLY K 148 69.46 -19.21 -10.91
C GLY K 148 67.99 -19.50 -11.12
N ILE K 149 67.18 -18.45 -11.20
CA ILE K 149 65.73 -18.55 -11.36
C ILE K 149 65.32 -17.61 -12.49
N GLU K 150 64.12 -17.84 -13.02
CA GLU K 150 63.62 -17.13 -14.18
C GLU K 150 62.45 -16.23 -13.78
N VAL K 151 62.50 -14.98 -14.24
CA VAL K 151 61.38 -14.05 -14.11
C VAL K 151 61.40 -13.13 -15.33
N PRO K 152 60.34 -13.10 -16.14
CA PRO K 152 60.43 -12.43 -17.44
C PRO K 152 60.49 -10.91 -17.30
N CYS K 153 61.04 -10.29 -18.35
CA CYS K 153 61.04 -8.84 -18.47
C CYS K 153 60.93 -8.51 -19.95
N THR K 154 61.26 -7.27 -20.31
CA THR K 154 61.10 -6.79 -21.68
C THR K 154 62.46 -6.51 -22.31
N THR K 155 62.56 -6.79 -23.61
CA THR K 155 63.81 -6.59 -24.34
C THR K 155 63.48 -6.42 -25.82
N TYR K 156 64.50 -6.49 -26.67
CA TYR K 156 64.33 -6.46 -28.11
C TYR K 156 64.91 -7.75 -28.70
N GLN K 157 64.23 -8.29 -29.71
CA GLN K 157 64.74 -9.45 -30.42
C GLN K 157 65.73 -9.01 -31.49
N LEU K 158 66.23 -9.98 -32.25
CA LEU K 158 67.23 -9.70 -33.28
C LEU K 158 66.71 -10.02 -34.67
N THR K 159 65.47 -9.63 -34.96
CA THR K 159 64.87 -9.83 -36.26
C THR K 159 64.37 -8.50 -36.82
N THR K 160 64.36 -8.40 -38.14
CA THR K 160 63.87 -7.22 -38.83
C THR K 160 62.58 -7.55 -39.56
N ALA K 161 61.61 -6.66 -39.44
CA ALA K 161 60.27 -6.86 -39.98
C ALA K 161 59.56 -5.52 -39.95
N PRO K 162 58.46 -5.38 -40.70
CA PRO K 162 57.70 -4.13 -40.65
C PRO K 162 57.20 -3.84 -39.24
N THR K 163 57.17 -2.55 -38.89
CA THR K 163 56.81 -2.12 -37.56
C THR K 163 55.74 -1.02 -37.68
N GLU K 164 55.42 -0.39 -36.55
CA GLU K 164 54.34 0.59 -36.49
C GLU K 164 54.83 2.00 -36.82
N GLU K 165 55.78 2.51 -36.04
CA GLU K 165 56.23 3.88 -36.23
C GLU K 165 57.40 3.95 -37.21
N GLU K 166 57.60 5.13 -37.79
CA GLU K 166 58.64 5.34 -38.78
C GLU K 166 59.52 6.53 -38.42
N ILE K 167 60.38 6.96 -39.35
CA ILE K 167 61.19 8.16 -39.20
C ILE K 167 60.96 9.05 -40.41
N ASP K 168 61.23 10.33 -40.25
CA ASP K 168 60.92 11.34 -41.25
C ASP K 168 62.12 11.61 -42.15
N MET K 169 61.87 11.67 -43.45
CA MET K 169 62.89 11.99 -44.45
C MET K 169 62.40 13.13 -45.34
N HIS K 170 63.37 13.83 -45.92
CA HIS K 170 63.09 14.93 -46.84
C HIS K 170 64.28 15.07 -47.77
N THR K 171 64.05 15.76 -48.89
CA THR K 171 65.14 16.02 -49.82
C THR K 171 66.19 16.91 -49.18
N PRO K 172 67.48 16.58 -49.31
CA PRO K 172 68.51 17.40 -48.68
C PRO K 172 68.59 18.77 -49.32
N PRO K 173 68.91 19.81 -48.55
CA PRO K 173 69.04 21.15 -49.14
C PRO K 173 70.30 21.30 -49.96
N ASP K 174 70.47 22.45 -50.60
CA ASP K 174 71.64 22.69 -51.44
C ASP K 174 72.87 22.80 -50.57
N ILE K 175 73.74 21.78 -50.64
CA ILE K 175 74.97 21.76 -49.84
C ILE K 175 75.98 22.71 -50.48
N PRO K 176 76.82 23.38 -49.69
CA PRO K 176 77.79 24.32 -50.27
C PRO K 176 79.15 23.70 -50.54
N ASP K 177 79.93 24.33 -51.41
CA ASP K 177 81.28 23.88 -51.72
C ASP K 177 82.03 25.05 -52.33
N ILE K 178 83.32 25.17 -52.00
CA ILE K 178 84.14 26.27 -52.48
C ILE K 178 85.15 25.83 -53.54
N THR K 179 85.30 24.52 -53.76
CA THR K 179 86.24 24.01 -54.75
C THR K 179 85.67 24.02 -56.16
N LEU K 180 84.59 24.75 -56.39
CA LEU K 180 83.95 24.86 -57.71
C LEU K 180 84.11 26.28 -58.25
N LEU K 181 85.21 26.93 -57.92
CA LEU K 181 85.41 28.36 -58.08
C LEU K 181 86.70 28.65 -58.84
N SER K 182 86.87 27.99 -60.00
CA SER K 182 88.16 28.04 -60.67
C SER K 182 88.48 29.46 -61.15
N GLN K 183 89.75 29.83 -61.04
CA GLN K 183 90.22 31.17 -61.33
C GLN K 183 91.62 31.08 -61.93
N ARG K 184 91.77 31.51 -63.18
CA ARG K 184 93.05 31.35 -63.85
C ARG K 184 93.65 32.65 -64.38
N SER K 185 92.83 33.52 -64.97
CA SER K 185 93.33 34.71 -65.64
C SER K 185 92.43 35.92 -65.31
N GLY K 186 92.12 36.09 -64.03
CA GLY K 186 91.16 37.11 -63.65
C GLY K 186 89.76 36.82 -64.14
N ASN K 187 89.48 35.56 -64.45
CA ASN K 187 88.21 35.13 -65.03
C ASN K 187 87.63 34.02 -64.18
N VAL K 188 86.39 34.21 -63.73
CA VAL K 188 85.72 33.24 -62.87
C VAL K 188 85.13 32.14 -63.74
N LYS K 189 85.47 30.89 -63.46
CA LYS K 189 84.92 29.76 -64.18
C LYS K 189 84.38 28.73 -63.19
N ILE K 190 83.37 27.99 -63.63
CA ILE K 190 82.70 27.00 -62.80
C ILE K 190 83.26 25.63 -63.15
N THR K 191 83.81 24.95 -62.15
CA THR K 191 84.33 23.60 -62.34
C THR K 191 83.17 22.63 -62.58
N ALA K 192 83.46 21.54 -63.26
CA ALA K 192 82.45 20.57 -63.67
C ALA K 192 82.66 19.25 -62.91
N GLY K 193 81.90 18.23 -63.31
CA GLY K 193 81.92 16.97 -62.61
C GLY K 193 80.85 16.86 -61.53
N GLY K 194 80.80 17.84 -60.64
CA GLY K 194 79.76 17.86 -59.63
C GLY K 194 78.37 18.03 -60.23
N LYS K 195 78.24 18.96 -61.18
CA LYS K 195 77.02 19.23 -61.94
C LYS K 195 75.91 19.80 -61.06
N THR K 196 75.03 20.61 -61.65
CA THR K 196 73.89 21.22 -60.96
C THR K 196 74.35 22.06 -59.76
N ILE K 197 75.08 23.12 -60.08
CA ILE K 197 75.59 24.07 -59.09
C ILE K 197 74.79 25.36 -59.21
N ARG K 198 74.19 25.78 -58.11
CA ARG K 198 73.51 27.07 -58.07
C ARG K 198 74.52 28.21 -58.12
N TYR K 199 74.11 29.33 -58.69
CA TYR K 199 75.01 30.44 -58.98
C TYR K 199 74.34 31.75 -58.60
N ASN K 200 75.03 32.55 -57.77
CA ASN K 200 74.56 33.87 -57.38
C ASN K 200 75.76 34.75 -57.12
N CYS K 201 75.76 35.94 -57.71
CA CYS K 201 76.90 36.86 -57.59
C CYS K 201 76.41 38.29 -57.54
N THR K 202 77.19 39.13 -56.86
CA THR K 202 76.96 40.57 -56.83
C THR K 202 77.69 41.30 -57.95
N CYS K 203 78.57 40.61 -58.69
CA CYS K 203 79.34 41.26 -59.74
C CYS K 203 78.43 41.76 -60.87
N GLY K 204 77.47 40.95 -61.28
CA GLY K 204 76.62 41.32 -62.39
C GLY K 204 75.43 40.40 -62.50
N SER K 205 74.58 40.70 -63.48
CA SER K 205 73.39 39.92 -63.72
C SER K 205 73.74 38.57 -64.33
N GLY K 206 72.72 37.74 -64.53
CA GLY K 206 72.91 36.40 -65.04
C GLY K 206 73.08 35.33 -63.99
N ASN K 207 72.75 35.63 -62.73
CA ASN K 207 72.90 34.69 -61.63
C ASN K 207 71.69 33.76 -61.54
N VAL K 208 71.45 33.04 -62.65
CA VAL K 208 70.29 32.15 -62.73
C VAL K 208 70.56 30.80 -62.10
N GLY K 209 71.82 30.43 -61.90
CA GLY K 209 72.14 29.11 -61.38
C GLY K 209 72.11 28.04 -62.44
N THR K 210 73.01 28.15 -63.42
CA THR K 210 73.07 27.18 -64.50
C THR K 210 73.41 25.79 -63.95
N THR K 211 72.85 24.77 -64.59
CA THR K 211 72.99 23.38 -64.14
C THR K 211 73.77 22.59 -65.16
N SER K 212 74.82 21.89 -64.70
CA SER K 212 75.61 20.97 -65.53
C SER K 212 76.23 21.70 -66.72
N SER K 213 77.04 22.71 -66.41
CA SER K 213 77.72 23.48 -67.45
C SER K 213 78.94 24.16 -66.85
N ASP K 214 79.83 24.60 -67.73
CA ASP K 214 81.03 25.34 -67.35
C ASP K 214 80.77 26.80 -67.70
N LYS K 215 80.20 27.53 -66.74
CA LYS K 215 79.78 28.90 -66.96
C LYS K 215 80.92 29.86 -66.65
N THR K 216 81.05 30.90 -67.48
CA THR K 216 82.19 31.81 -67.42
C THR K 216 81.70 33.25 -67.52
N ILE K 217 82.24 34.10 -66.65
CA ILE K 217 81.92 35.52 -66.63
C ILE K 217 83.19 36.30 -66.35
N ASN K 218 83.40 37.37 -67.11
CA ASN K 218 84.59 38.20 -66.96
C ASN K 218 84.32 39.36 -66.00
N SER K 219 85.40 40.06 -65.64
CA SER K 219 85.36 41.24 -64.77
C SER K 219 84.77 40.93 -63.40
N CYS K 220 84.91 39.68 -62.95
CA CYS K 220 84.43 39.26 -61.63
C CYS K 220 85.50 38.43 -60.95
N LYS K 221 85.43 38.39 -59.62
CA LYS K 221 86.38 37.65 -58.81
C LYS K 221 85.66 36.59 -57.99
N ILE K 222 86.46 35.75 -57.33
CA ILE K 222 85.91 34.64 -56.54
C ILE K 222 85.19 35.14 -55.31
N ALA K 223 85.66 36.25 -54.72
CA ALA K 223 85.12 36.72 -53.44
C ALA K 223 83.63 37.07 -53.56
N GLN K 224 83.17 37.45 -54.74
CA GLN K 224 81.76 37.78 -54.97
C GLN K 224 80.98 36.60 -55.53
N CYS K 225 81.54 35.40 -55.47
CA CYS K 225 80.87 34.20 -55.96
C CYS K 225 80.74 33.21 -54.81
N HIS K 226 79.52 32.74 -54.57
CA HIS K 226 79.22 31.77 -53.51
C HIS K 226 78.44 30.59 -54.09
N ALA K 227 78.94 30.05 -55.20
CA ALA K 227 78.26 28.96 -55.87
C ALA K 227 78.21 27.71 -54.98
N ALA K 228 77.07 27.02 -55.04
CA ALA K 228 76.87 25.81 -54.26
C ALA K 228 76.12 24.79 -55.11
N VAL K 229 76.33 23.52 -54.79
CA VAL K 229 75.89 22.41 -55.63
C VAL K 229 74.69 21.73 -54.99
N THR K 230 73.70 21.39 -55.81
CA THR K 230 72.56 20.60 -55.38
C THR K 230 72.66 19.19 -55.96
N ASN K 231 72.09 18.22 -55.23
CA ASN K 231 72.21 16.81 -55.59
C ASN K 231 70.96 16.31 -56.32
N HIS K 232 69.80 16.43 -55.70
CA HIS K 232 68.52 16.02 -56.30
C HIS K 232 68.53 14.55 -56.73
N ASP K 233 69.11 13.69 -55.88
CA ASP K 233 69.13 12.26 -56.15
C ASP K 233 68.34 11.47 -55.11
N LYS K 234 68.66 11.61 -53.83
CA LYS K 234 68.02 10.80 -52.79
C LYS K 234 67.72 11.65 -51.56
N TRP K 235 66.53 11.45 -50.99
CA TRP K 235 66.13 12.08 -49.74
C TRP K 235 66.78 11.37 -48.56
N GLN K 236 66.93 12.12 -47.45
CA GLN K 236 67.59 11.62 -46.26
C GLN K 236 66.80 12.01 -45.01
N TYR K 237 67.11 11.31 -43.93
CA TYR K 237 66.43 11.55 -42.65
C TYR K 237 66.68 12.96 -42.16
N THR K 238 65.62 13.63 -41.72
CA THR K 238 65.72 14.99 -41.22
C THR K 238 66.33 14.99 -39.83
N SER K 239 67.52 15.56 -39.71
CA SER K 239 68.23 15.63 -38.44
C SER K 239 67.98 16.99 -37.78
N SER K 240 68.64 17.20 -36.63
CA SER K 240 68.57 18.46 -35.91
C SER K 240 69.77 19.35 -36.14
N PHE K 241 70.67 18.95 -37.05
CA PHE K 241 71.88 19.72 -37.35
C PHE K 241 72.00 20.05 -38.83
N VAL K 242 70.95 19.84 -39.61
CA VAL K 242 70.95 20.10 -41.05
C VAL K 242 69.75 20.98 -41.39
N PRO K 243 69.90 22.00 -42.24
CA PRO K 243 68.75 22.82 -42.61
C PRO K 243 67.74 22.08 -43.47
N ARG K 244 66.69 22.79 -43.90
CA ARG K 244 65.66 22.19 -44.75
C ARG K 244 64.91 23.30 -45.47
N ALA K 245 63.97 22.89 -46.31
CA ALA K 245 63.06 23.80 -47.01
C ALA K 245 61.64 23.48 -46.60
N ASP K 246 60.91 24.50 -46.14
CA ASP K 246 59.54 24.29 -45.68
C ASP K 246 58.64 23.94 -46.86
N GLN K 247 57.93 22.82 -46.73
CA GLN K 247 57.10 22.26 -47.78
C GLN K 247 56.34 21.09 -47.16
N LEU K 248 55.49 20.43 -47.95
CA LEU K 248 54.83 19.23 -47.48
C LEU K 248 55.83 18.17 -47.04
N SER K 249 57.05 18.23 -47.57
CA SER K 249 58.24 17.51 -47.11
C SER K 249 58.24 16.03 -47.53
N ARG K 250 57.24 15.58 -48.28
CA ARG K 250 57.14 14.21 -48.81
C ARG K 250 57.63 13.18 -47.80
N LYS K 251 56.86 13.05 -46.72
CA LYS K 251 57.25 12.21 -45.58
C LYS K 251 57.43 10.76 -45.99
N GLY K 252 58.67 10.28 -45.97
CA GLY K 252 58.95 8.89 -46.26
C GLY K 252 58.80 8.03 -45.02
N LYS K 253 59.00 6.73 -45.21
CA LYS K 253 58.89 5.75 -44.13
C LYS K 253 60.10 4.84 -44.14
N VAL K 254 60.75 4.72 -42.98
CA VAL K 254 61.78 3.72 -42.74
C VAL K 254 61.41 2.98 -41.47
N HIS K 255 61.20 1.68 -41.58
CA HIS K 255 60.72 0.89 -40.46
C HIS K 255 61.84 0.68 -39.44
N VAL K 256 61.56 0.98 -38.17
CA VAL K 256 62.56 0.83 -37.12
C VAL K 256 62.65 -0.65 -36.72
N PRO K 257 63.81 -1.27 -36.82
CA PRO K 257 63.96 -2.67 -36.45
C PRO K 257 64.09 -2.82 -34.93
N PHE K 258 64.14 -4.07 -34.48
CA PHE K 258 64.29 -4.45 -33.09
C PHE K 258 63.20 -3.82 -32.22
N PRO K 259 61.94 -4.26 -32.35
CA PRO K 259 60.89 -3.73 -31.47
C PRO K 259 60.97 -4.30 -30.06
N LEU K 260 60.02 -3.94 -29.21
CA LEU K 260 60.03 -4.34 -27.81
C LEU K 260 59.09 -5.52 -27.60
N THR K 261 59.61 -6.62 -27.08
CA THR K 261 58.82 -7.82 -26.79
C THR K 261 59.20 -8.38 -25.44
N ASN K 262 58.30 -9.16 -24.87
CA ASN K 262 58.59 -9.89 -23.64
C ASN K 262 59.61 -10.97 -23.89
N SER K 263 60.32 -11.35 -22.82
CA SER K 263 61.27 -12.45 -22.90
C SER K 263 61.57 -12.93 -21.49
N THR K 264 61.89 -14.22 -21.37
CA THR K 264 62.32 -14.77 -20.10
C THR K 264 63.63 -14.14 -19.69
N CYS K 265 63.71 -13.68 -18.44
CA CYS K 265 64.86 -12.93 -17.95
C CYS K 265 65.42 -13.65 -16.73
N ARG K 266 66.72 -13.92 -16.75
CA ARG K 266 67.35 -14.78 -15.75
C ARG K 266 67.94 -13.95 -14.62
N VAL K 267 67.69 -14.37 -13.39
CA VAL K 267 68.15 -13.68 -12.19
C VAL K 267 68.81 -14.69 -11.27
N PRO K 268 69.93 -14.36 -10.60
CA PRO K 268 70.59 -15.33 -9.72
C PRO K 268 69.77 -15.62 -8.47
N LEU K 269 70.32 -16.46 -7.59
CA LEU K 269 69.65 -16.86 -6.37
C LEU K 269 70.59 -16.63 -5.19
N ALA K 270 70.01 -16.26 -4.06
CA ALA K 270 70.77 -15.89 -2.87
C ALA K 270 70.83 -17.07 -1.89
N ARG K 271 71.95 -17.19 -1.20
CA ARG K 271 72.15 -18.29 -0.28
C ARG K 271 71.17 -18.23 0.87
N ALA K 272 70.84 -19.39 1.41
CA ALA K 272 69.91 -19.46 2.54
C ALA K 272 70.54 -18.76 3.74
N PRO K 273 69.85 -17.80 4.37
CA PRO K 273 70.45 -17.08 5.49
C PRO K 273 70.50 -17.94 6.74
N GLY K 274 71.68 -18.00 7.36
CA GLY K 274 71.83 -18.71 8.61
C GLY K 274 70.94 -18.13 9.70
N VAL K 275 70.16 -18.97 10.36
CA VAL K 275 69.16 -18.52 11.32
C VAL K 275 69.25 -19.36 12.59
N THR K 276 69.23 -18.69 13.74
CA THR K 276 69.12 -19.33 15.06
C THR K 276 68.04 -18.60 15.87
N TYR K 277 66.80 -19.03 15.69
CA TYR K 277 65.67 -18.39 16.35
C TYR K 277 65.68 -18.69 17.85
N GLY K 278 65.44 -17.65 18.66
CA GLY K 278 65.47 -17.79 20.10
C GLY K 278 64.10 -17.69 20.77
N LYS K 279 63.94 -16.70 21.64
CA LYS K 279 62.73 -16.51 22.44
C LYS K 279 62.10 -15.18 22.06
N ARG K 280 61.14 -15.24 21.12
CA ARG K 280 60.42 -14.09 20.59
C ARG K 280 61.35 -13.07 19.93
N GLU K 281 62.62 -13.42 19.73
CA GLU K 281 63.60 -12.53 19.13
C GLU K 281 64.35 -13.33 18.06
N LEU K 282 64.24 -12.89 16.80
CA LEU K 282 64.79 -13.63 15.68
C LEU K 282 66.07 -12.97 15.20
N THR K 283 67.12 -13.78 15.04
CA THR K 283 68.43 -13.28 14.65
C THR K 283 68.85 -13.94 13.34
N VAL K 284 69.45 -13.16 12.44
CA VAL K 284 69.87 -13.66 11.14
C VAL K 284 71.24 -13.08 10.80
N LYS K 285 72.12 -13.92 10.28
CA LYS K 285 73.45 -13.51 9.83
C LYS K 285 73.46 -13.54 8.31
N LEU K 286 73.90 -12.45 7.68
CA LEU K 286 73.70 -12.26 6.25
C LEU K 286 75.01 -12.49 5.51
N HIS K 287 74.94 -13.22 4.40
CA HIS K 287 76.10 -13.50 3.54
C HIS K 287 75.80 -13.02 2.12
N PRO K 288 75.78 -11.70 1.90
CA PRO K 288 75.48 -11.19 0.55
C PRO K 288 76.74 -11.08 -0.31
N ASP K 289 76.81 -11.86 -1.39
CA ASP K 289 77.90 -11.69 -2.33
C ASP K 289 77.72 -10.44 -3.21
N HIS K 290 76.48 -9.99 -3.39
CA HIS K 290 76.13 -8.73 -4.00
C HIS K 290 75.05 -8.04 -3.17
N PRO K 291 74.98 -6.72 -3.23
CA PRO K 291 73.94 -6.02 -2.45
C PRO K 291 72.54 -6.44 -2.87
N THR K 292 71.68 -6.66 -1.87
CA THR K 292 70.32 -7.11 -2.09
C THR K 292 69.38 -6.35 -1.15
N LEU K 293 68.10 -6.35 -1.49
CA LEU K 293 67.07 -5.67 -0.70
C LEU K 293 66.38 -6.68 0.19
N LEU K 294 66.41 -6.43 1.50
CA LEU K 294 65.78 -7.29 2.49
C LEU K 294 64.62 -6.56 3.14
N THR K 295 63.44 -7.17 3.12
CA THR K 295 62.23 -6.60 3.70
C THR K 295 61.51 -7.65 4.53
N TYR K 296 60.90 -7.22 5.62
CA TYR K 296 60.11 -8.11 6.46
C TYR K 296 58.93 -7.34 7.05
N ARG K 297 57.79 -8.02 7.18
CA ARG K 297 56.57 -7.39 7.68
C ARG K 297 55.92 -8.31 8.71
N SER K 298 55.09 -7.71 9.56
CA SER K 298 54.36 -8.43 10.58
C SER K 298 52.93 -8.69 10.13
N LEU K 299 52.44 -9.90 10.42
CA LEU K 299 51.08 -10.27 10.05
C LEU K 299 50.03 -9.56 10.90
N GLY K 300 50.43 -8.90 11.99
CA GLY K 300 49.50 -8.21 12.83
C GLY K 300 48.88 -7.01 12.13
N ALA K 301 47.89 -6.41 12.81
CA ALA K 301 47.17 -5.27 12.24
C ALA K 301 48.12 -4.14 11.88
N ASP K 302 49.18 -3.94 12.64
CA ASP K 302 50.21 -2.98 12.26
C ASP K 302 51.28 -3.62 11.39
N PRO K 303 51.37 -3.22 10.12
CA PRO K 303 52.34 -3.86 9.21
C PRO K 303 53.79 -3.67 9.65
N ARG K 304 54.15 -2.47 10.14
CA ARG K 304 55.52 -2.14 10.54
C ARG K 304 56.49 -2.51 9.43
N PRO K 305 56.49 -1.79 8.30
CA PRO K 305 57.35 -2.17 7.18
C PRO K 305 58.83 -1.88 7.43
N TYR K 306 59.69 -2.29 6.49
CA TYR K 306 61.13 -2.16 6.63
C TYR K 306 61.77 -2.45 5.29
N GLU K 307 62.81 -1.67 4.95
CA GLU K 307 63.53 -1.85 3.69
C GLU K 307 64.86 -1.12 3.71
N GLU K 308 65.94 -1.83 3.37
CA GLU K 308 67.26 -1.23 3.29
C GLU K 308 68.21 -2.20 2.60
N TRP K 309 69.04 -1.67 1.70
CA TRP K 309 69.97 -2.49 0.94
C TRP K 309 71.11 -2.98 1.83
N ILE K 310 71.56 -4.21 1.56
CA ILE K 310 72.65 -4.84 2.30
C ILE K 310 73.72 -5.27 1.31
N ASP K 311 74.98 -4.90 1.60
CA ASP K 311 76.08 -5.22 0.72
C ASP K 311 77.28 -5.83 1.43
N ARG K 312 77.20 -6.08 2.74
CA ARG K 312 78.30 -6.64 3.49
C ARG K 312 77.76 -7.49 4.64
N TYR K 313 78.62 -8.36 5.16
CA TYR K 313 78.24 -9.21 6.28
C TYR K 313 77.74 -8.38 7.45
N VAL K 314 76.62 -8.82 8.03
CA VAL K 314 76.05 -8.15 9.20
C VAL K 314 75.06 -9.11 9.85
N GLU K 315 74.86 -8.96 11.15
CA GLU K 315 73.79 -9.63 11.86
C GLU K 315 72.63 -8.66 12.07
N ARG K 316 71.42 -9.15 11.85
CA ARG K 316 70.22 -8.34 11.99
C ARG K 316 69.23 -9.05 12.89
N THR K 317 68.63 -8.30 13.82
CA THR K 317 67.71 -8.84 14.81
C THR K 317 66.35 -8.20 14.62
N ILE K 318 65.31 -9.03 14.58
CA ILE K 318 63.94 -8.55 14.41
C ILE K 318 63.06 -9.12 15.52
N PRO K 319 61.98 -8.44 15.89
CA PRO K 319 61.05 -8.99 16.87
C PRO K 319 59.94 -9.79 16.21
N VAL K 320 59.65 -10.95 16.80
CA VAL K 320 58.59 -11.83 16.32
C VAL K 320 57.59 -12.04 17.45
N THR K 321 56.31 -11.87 17.12
CA THR K 321 55.22 -12.06 18.04
C THR K 321 54.44 -13.32 17.67
N GLU K 322 53.33 -13.55 18.36
CA GLU K 322 52.47 -14.71 18.09
C GLU K 322 51.51 -14.47 16.93
N ASP K 323 51.77 -13.49 16.07
CA ASP K 323 50.92 -13.19 14.93
C ASP K 323 51.52 -13.70 13.62
N GLY K 324 52.74 -13.26 13.29
CA GLY K 324 53.39 -13.75 12.09
C GLY K 324 54.41 -12.80 11.49
N ILE K 325 55.50 -13.36 10.94
CA ILE K 325 56.56 -12.60 10.29
C ILE K 325 56.87 -13.29 8.95
N GLU K 326 57.06 -12.48 7.92
CA GLU K 326 57.37 -12.98 6.58
C GLU K 326 58.76 -12.52 6.15
N TYR K 327 59.57 -13.46 5.69
CA TYR K 327 60.86 -13.11 5.10
C TYR K 327 60.67 -12.56 3.68
N ARG K 328 61.68 -11.81 3.24
CA ARG K 328 61.85 -11.53 1.81
C ARG K 328 63.33 -11.21 1.62
N TRP K 329 64.09 -12.20 1.15
CA TRP K 329 65.54 -12.11 1.03
C TRP K 329 65.93 -12.47 -0.39
N GLY K 330 66.30 -11.45 -1.18
CA GLY K 330 66.72 -11.69 -2.55
C GLY K 330 65.55 -12.00 -3.47
N ASN K 331 65.49 -13.24 -3.95
CA ASN K 331 64.43 -13.69 -4.85
C ASN K 331 63.81 -15.00 -4.41
N ASN K 332 64.10 -15.48 -3.20
CA ASN K 332 63.52 -16.71 -2.71
C ASN K 332 62.06 -16.51 -2.35
N PRO K 333 61.26 -17.57 -2.36
CA PRO K 333 59.87 -17.45 -1.94
C PRO K 333 59.78 -17.01 -0.50
N PRO K 334 58.74 -16.26 -0.13
CA PRO K 334 58.62 -15.77 1.24
C PRO K 334 58.54 -16.91 2.24
N VAL K 335 59.08 -16.67 3.43
CA VAL K 335 59.09 -17.64 4.52
C VAL K 335 58.30 -17.04 5.67
N ARG K 336 57.30 -17.78 6.15
CA ARG K 336 56.36 -17.29 7.16
C ARG K 336 56.65 -17.96 8.49
N LEU K 337 56.90 -17.15 9.52
CA LEU K 337 57.14 -17.64 10.87
C LEU K 337 56.31 -16.85 11.87
N TRP K 338 55.94 -17.52 12.95
CA TRP K 338 55.27 -16.90 14.09
C TRP K 338 55.60 -17.68 15.35
N ALA K 339 55.59 -16.97 16.47
CA ALA K 339 56.16 -17.50 17.71
C ALA K 339 55.19 -18.44 18.41
N GLN K 340 55.74 -19.24 19.32
CA GLN K 340 54.98 -20.17 20.13
C GLN K 340 54.65 -19.51 21.47
N LEU K 341 54.10 -20.30 22.40
CA LEU K 341 53.79 -19.79 23.73
C LEU K 341 54.98 -19.87 24.68
N THR K 342 55.97 -20.72 24.36
CA THR K 342 57.28 -20.82 25.01
C THR K 342 57.28 -20.54 26.51
N THR K 343 58.22 -19.70 26.97
CA THR K 343 58.44 -19.35 28.37
C THR K 343 58.88 -20.57 29.19
N GLU K 344 58.99 -20.40 30.50
CA GLU K 344 59.48 -21.47 31.37
C GLU K 344 58.82 -21.36 32.73
N GLY K 345 58.86 -22.47 33.46
CA GLY K 345 58.27 -22.53 34.80
C GLY K 345 57.17 -23.55 34.91
N LYS K 346 57.09 -24.21 36.06
CA LYS K 346 56.04 -25.21 36.26
C LYS K 346 54.71 -24.52 36.49
N PRO K 347 53.68 -24.83 35.71
CA PRO K 347 52.37 -24.18 35.88
C PRO K 347 51.40 -24.91 36.80
N HIS K 348 51.86 -25.93 37.55
CA HIS K 348 50.96 -26.70 38.41
C HIS K 348 51.60 -27.01 39.75
N GLY K 349 52.51 -26.15 40.22
CA GLY K 349 53.28 -26.44 41.43
C GLY K 349 53.18 -25.32 42.43
N TRP K 350 54.32 -25.00 43.04
CA TRP K 350 54.41 -23.99 44.08
C TRP K 350 54.27 -22.59 43.46
N PRO K 351 53.87 -21.59 44.28
CA PRO K 351 53.53 -20.27 43.70
C PRO K 351 54.58 -19.66 42.79
N HIS K 352 55.82 -19.51 43.26
CA HIS K 352 56.80 -18.78 42.46
C HIS K 352 57.44 -19.67 41.40
N GLU K 353 56.62 -20.42 40.70
CA GLU K 353 56.86 -20.95 39.36
C GLU K 353 55.69 -20.68 38.43
N ILE K 354 54.45 -20.78 38.94
CA ILE K 354 53.30 -20.30 38.19
C ILE K 354 53.39 -18.79 38.00
N ILE K 355 53.92 -18.07 39.00
CA ILE K 355 54.11 -16.63 38.84
C ILE K 355 55.00 -16.34 37.63
N LEU K 356 56.14 -17.03 37.55
CA LEU K 356 57.06 -16.80 36.43
C LEU K 356 56.45 -17.26 35.11
N TYR K 357 55.74 -18.38 35.12
CA TYR K 357 55.13 -18.86 33.89
C TYR K 357 54.07 -17.89 33.37
N TYR K 358 53.22 -17.39 34.26
CA TYR K 358 52.19 -16.44 33.88
C TYR K 358 52.77 -15.06 33.56
N TYR K 359 53.97 -14.76 34.06
CA TYR K 359 54.62 -13.50 33.75
C TYR K 359 55.27 -13.54 32.38
N GLY K 360 56.11 -14.56 32.13
CA GLY K 360 56.76 -14.67 30.83
C GLY K 360 55.77 -14.75 29.69
N LEU K 361 54.68 -15.50 29.88
CA LEU K 361 53.61 -15.57 28.89
C LEU K 361 52.68 -14.38 29.11
N TYR K 362 52.59 -13.49 28.12
CA TYR K 362 51.91 -12.20 28.21
C TYR K 362 52.52 -11.35 29.33
N PRO K 363 53.73 -10.82 29.14
CA PRO K 363 54.32 -9.97 30.19
C PRO K 363 53.54 -8.69 30.45
N ALA K 364 52.76 -8.22 29.48
CA ALA K 364 51.98 -7.02 29.69
C ALA K 364 50.81 -7.28 30.62
N ALA K 365 50.57 -6.33 31.54
CA ALA K 365 49.39 -6.29 32.39
C ALA K 365 49.35 -7.40 33.45
N THR K 366 50.33 -8.30 33.45
CA THR K 366 50.39 -9.28 34.53
C THR K 366 50.92 -8.66 35.82
N ILE K 367 51.82 -7.68 35.71
CA ILE K 367 52.22 -6.90 36.86
C ILE K 367 51.02 -6.16 37.43
N VAL K 368 50.18 -5.63 36.55
CA VAL K 368 48.94 -4.99 36.99
C VAL K 368 48.07 -5.99 37.75
N ALA K 369 47.96 -7.22 37.24
CA ALA K 369 47.14 -8.23 37.89
C ALA K 369 47.65 -8.56 39.29
N VAL K 370 48.96 -8.81 39.41
CA VAL K 370 49.50 -9.19 40.72
C VAL K 370 49.45 -8.02 41.69
N SER K 371 49.69 -6.80 41.20
CA SER K 371 49.57 -5.63 42.05
C SER K 371 48.13 -5.44 42.53
N ALA K 372 47.16 -5.66 41.64
CA ALA K 372 45.76 -5.54 42.03
C ALA K 372 45.40 -6.59 43.07
N ALA K 373 45.89 -7.83 42.89
CA ALA K 373 45.61 -8.87 43.87
C ALA K 373 46.21 -8.53 45.23
N CYS K 374 47.46 -8.06 45.25
CA CYS K 374 48.10 -7.68 46.50
C CYS K 374 47.36 -6.51 47.16
N LEU K 375 46.98 -5.51 46.36
CA LEU K 375 46.24 -4.37 46.91
C LEU K 375 44.91 -4.81 47.47
N ALA K 376 44.22 -5.73 46.78
CA ALA K 376 42.93 -6.20 47.27
C ALA K 376 43.07 -6.96 48.58
N VAL K 377 44.08 -7.82 48.69
CA VAL K 377 44.22 -8.61 49.92
C VAL K 377 44.65 -7.71 51.09
N VAL K 378 45.55 -6.75 50.84
CA VAL K 378 45.94 -5.87 51.93
C VAL K 378 44.79 -4.94 52.31
N LEU K 379 43.98 -4.51 51.34
CA LEU K 379 42.82 -3.69 51.66
C LEU K 379 41.80 -4.48 52.48
N SER K 380 41.59 -5.74 52.13
CA SER K 380 40.70 -6.57 52.94
C SER K 380 41.23 -6.75 54.36
N LEU K 381 42.54 -6.97 54.49
CA LEU K 381 43.14 -7.09 55.82
C LEU K 381 42.98 -5.81 56.62
N LEU K 382 43.22 -4.66 55.98
CA LEU K 382 43.10 -3.38 56.68
C LEU K 382 41.66 -3.09 57.07
N ALA K 383 40.71 -3.41 56.19
CA ALA K 383 39.30 -3.24 56.53
C ALA K 383 38.90 -4.13 57.69
N SER K 384 39.39 -5.37 57.69
CA SER K 384 39.11 -6.27 58.82
C SER K 384 39.72 -5.73 60.11
N CYS K 385 40.94 -5.20 60.05
CA CYS K 385 41.58 -4.66 61.24
C CYS K 385 40.84 -3.45 61.78
N TYR K 386 40.41 -2.54 60.89
CA TYR K 386 39.65 -1.38 61.33
C TYR K 386 38.30 -1.78 61.90
N MET K 387 37.64 -2.76 61.28
CA MET K 387 36.37 -3.27 61.78
C MET K 387 36.54 -3.93 63.14
N PHE K 388 37.63 -4.68 63.33
CA PHE K 388 37.91 -5.27 64.64
C PHE K 388 38.21 -4.19 65.66
N ALA K 389 38.87 -3.10 65.23
CA ALA K 389 39.18 -2.01 66.15
C ALA K 389 37.90 -1.32 66.64
N THR K 390 36.99 -1.00 65.72
CA THR K 390 35.73 -0.41 66.16
C THR K 390 34.89 -1.41 66.93
N ALA K 391 35.02 -2.70 66.63
CA ALA K 391 34.41 -3.73 67.46
C ALA K 391 34.90 -3.66 68.89
N ARG K 392 36.22 -3.55 69.07
CA ARG K 392 36.80 -3.44 70.40
C ARG K 392 36.33 -2.17 71.10
N ARG K 393 36.28 -1.06 70.38
CA ARG K 393 35.78 0.17 70.97
C ARG K 393 34.32 0.05 71.40
N LYS K 394 33.55 -0.80 70.72
CA LYS K 394 32.15 -1.00 71.10
C LYS K 394 31.94 -2.16 72.06
N CYS K 395 32.97 -2.96 72.36
CA CYS K 395 32.79 -4.11 73.25
C CYS K 395 32.40 -3.70 74.66
N LEU K 396 33.30 -3.02 75.36
CA LEU K 396 33.17 -2.85 76.80
C LEU K 396 33.35 -1.40 77.23
N THR K 397 33.16 -0.45 76.32
CA THR K 397 33.23 0.96 76.71
C THR K 397 32.14 1.34 77.72
N PRO K 398 30.99 0.64 77.78
CA PRO K 398 30.14 0.83 78.96
C PRO K 398 30.83 0.44 80.26
N TYR K 399 31.66 -0.62 80.24
CA TYR K 399 32.45 -0.95 81.42
C TYR K 399 33.60 0.01 81.65
N ALA K 400 34.05 0.70 80.60
CA ALA K 400 35.01 1.79 80.79
C ALA K 400 34.38 2.90 81.64
N LEU K 401 33.08 3.11 81.49
CA LEU K 401 32.31 3.98 82.36
C LEU K 401 31.98 3.23 83.65
N THR K 402 31.03 3.75 84.42
CA THR K 402 30.67 3.22 85.73
C THR K 402 31.90 3.28 86.64
N PRO K 403 32.29 4.48 87.10
CA PRO K 403 33.40 4.60 88.06
C PRO K 403 33.40 3.53 89.14
N GLY K 404 34.58 3.04 89.49
CA GLY K 404 34.68 1.92 90.40
C GLY K 404 34.60 0.60 89.68
N ALA K 405 34.57 -0.48 90.47
CA ALA K 405 34.53 -1.85 89.97
C ALA K 405 35.73 -2.17 89.12
N VAL K 406 35.77 -3.38 88.55
CA VAL K 406 36.89 -3.85 87.75
C VAL K 406 36.34 -4.51 86.49
N VAL K 407 37.24 -4.99 85.64
CA VAL K 407 36.85 -5.77 84.47
C VAL K 407 36.11 -7.02 84.93
N PRO K 408 35.02 -7.42 84.27
CA PRO K 408 34.22 -8.55 84.79
C PRO K 408 35.00 -9.83 84.98
N VAL K 409 35.96 -10.13 84.09
CA VAL K 409 36.76 -11.35 84.16
C VAL K 409 35.86 -12.59 84.08
N THR K 410 35.00 -12.78 85.08
CA THR K 410 34.14 -13.96 85.10
C THR K 410 33.20 -14.00 83.89
N LEU K 411 32.85 -12.83 83.34
CA LEU K 411 32.11 -12.82 82.09
C LEU K 411 33.04 -13.13 80.92
N GLY K 412 34.04 -12.28 80.70
CA GLY K 412 35.12 -12.57 79.78
C GLY K 412 36.46 -12.17 80.33
N VAL K 413 37.36 -13.14 80.52
CA VAL K 413 38.72 -12.81 80.96
C VAL K 413 39.44 -11.99 79.90
N LEU K 414 39.41 -12.48 78.65
CA LEU K 414 39.96 -11.76 77.51
C LEU K 414 39.04 -11.90 76.31
N CYS K 415 37.73 -11.77 76.54
CA CYS K 415 36.76 -11.91 75.45
C CYS K 415 37.04 -10.91 74.33
N CYS K 416 36.93 -9.61 74.64
CA CYS K 416 37.39 -8.57 73.74
C CYS K 416 38.78 -8.08 74.10
N ALA K 417 39.34 -8.59 75.20
CA ALA K 417 40.70 -8.28 75.62
C ALA K 417 41.05 -6.79 75.72
N PRO K 418 40.27 -6.00 76.46
CA PRO K 418 40.75 -4.65 76.81
C PRO K 418 41.47 -4.65 78.15
N ARG K 419 42.46 -5.53 78.32
CA ARG K 419 43.10 -5.70 79.61
C ARG K 419 44.08 -4.57 79.90
N ALA K 420 43.91 -3.91 81.04
CA ALA K 420 44.89 -2.95 81.54
C ALA K 420 44.84 -2.97 83.06
N HIS K 421 45.71 -3.79 83.66
CA HIS K 421 45.85 -3.93 85.12
C HIS K 421 44.54 -3.81 85.88
N ALA K 422 44.50 -2.93 86.86
CA ALA K 422 43.31 -2.72 87.66
C ALA K 422 42.84 -1.26 87.61
N LYS L 107 21.14 19.44 108.00
CA LYS L 107 22.14 18.93 107.08
C LYS L 107 21.49 18.21 105.89
N ARG L 108 20.19 18.42 105.73
CA ARG L 108 19.49 17.83 104.59
C ARG L 108 20.02 18.38 103.28
N GLU L 109 20.47 19.65 103.28
CA GLU L 109 21.13 20.24 102.13
C GLU L 109 22.42 20.97 102.45
N ARG L 110 22.63 21.38 103.71
CA ARG L 110 23.88 22.04 104.07
C ARG L 110 25.07 21.09 103.96
N MET L 111 24.92 19.87 104.50
CA MET L 111 25.96 18.85 104.32
C MET L 111 26.17 18.56 102.85
N CYS L 112 25.08 18.57 102.06
CA CYS L 112 25.21 18.42 100.62
C CYS L 112 26.05 19.52 100.02
N MET L 113 25.83 20.77 100.45
CA MET L 113 26.63 21.88 99.96
C MET L 113 28.10 21.73 100.33
N LYS L 114 28.38 21.28 101.55
CA LYS L 114 29.76 21.10 101.98
C LYS L 114 30.45 20.00 101.19
N ILE L 115 29.76 18.87 100.96
CA ILE L 115 30.42 17.76 100.31
C ILE L 115 30.54 17.98 98.80
N GLU L 116 29.61 18.73 98.21
CA GLU L 116 29.71 19.01 96.77
C GLU L 116 30.83 19.99 96.46
N ASN L 117 31.35 20.69 97.46
CA ASN L 117 32.44 21.63 97.23
C ASN L 117 33.70 20.89 96.82
N ASP L 118 34.50 21.55 95.99
CA ASP L 118 35.77 21.05 95.43
C ASP L 118 35.57 19.88 94.48
N CYS L 119 34.35 19.43 94.24
CA CYS L 119 34.06 18.30 93.36
C CYS L 119 33.72 18.75 91.95
N ILE L 120 32.75 19.65 91.81
CA ILE L 120 32.34 20.14 90.49
C ILE L 120 33.35 21.17 90.00
N PHE L 121 33.84 20.99 88.79
CA PHE L 121 34.80 21.89 88.17
C PHE L 121 34.10 22.68 87.08
N GLU L 122 34.31 24.00 87.08
CA GLU L 122 33.63 24.86 86.12
C GLU L 122 34.35 24.83 84.77
N VAL L 123 33.75 25.51 83.80
CA VAL L 123 34.32 25.67 82.47
C VAL L 123 34.25 27.15 82.10
N LYS L 124 35.39 27.73 81.74
CA LYS L 124 35.45 29.13 81.34
C LYS L 124 36.46 29.23 80.20
N LEU L 125 35.97 29.26 78.97
CA LEU L 125 36.83 29.41 77.80
C LEU L 125 36.59 30.72 77.07
N ASP L 126 35.34 31.02 76.69
CA ASP L 126 35.00 32.26 75.99
C ASP L 126 33.69 32.77 76.56
N GLY L 127 33.77 33.48 77.69
CA GLY L 127 32.63 34.17 78.27
C GLY L 127 31.39 33.34 78.57
N LYS L 128 31.52 32.02 78.57
CA LYS L 128 30.39 31.14 78.84
C LYS L 128 30.81 30.02 79.78
N VAL L 129 29.95 29.70 80.74
CA VAL L 129 30.19 28.66 81.73
C VAL L 129 29.12 27.59 81.54
N THR L 130 29.48 26.50 80.88
CA THR L 130 28.54 25.42 80.59
C THR L 130 28.94 24.09 81.20
N GLY L 131 30.17 23.64 80.99
CA GLY L 131 30.55 22.29 81.39
C GLY L 131 30.83 22.18 82.89
N TYR L 132 30.12 21.26 83.53
CA TYR L 132 30.29 20.97 84.95
C TYR L 132 30.66 19.50 85.09
N ALA L 133 31.89 19.23 85.54
CA ALA L 133 32.42 17.89 85.65
C ALA L 133 32.61 17.53 87.12
N CYS L 134 32.14 16.34 87.52
CA CYS L 134 32.28 15.85 88.88
C CYS L 134 33.18 14.62 88.90
N LEU L 135 34.17 14.62 89.77
CA LEU L 135 35.07 13.49 89.96
C LEU L 135 34.41 12.52 90.95
N VAL L 136 34.09 11.32 90.50
CA VAL L 136 33.45 10.31 91.33
C VAL L 136 34.05 8.95 91.01
N GLY L 137 34.22 8.13 92.06
CA GLY L 137 34.59 6.73 91.88
C GLY L 137 35.90 6.51 91.15
N ASP L 138 36.94 7.27 91.49
CA ASP L 138 38.25 7.23 90.88
C ASP L 138 38.24 7.74 89.45
N LYS L 139 37.08 8.10 88.90
CA LYS L 139 36.98 8.56 87.52
C LYS L 139 36.27 9.90 87.45
N VAL L 140 35.96 10.36 86.24
CA VAL L 140 35.25 11.62 86.04
C VAL L 140 34.51 11.51 84.71
N MET L 141 33.48 12.34 84.53
CA MET L 141 32.73 12.35 83.29
C MET L 141 32.13 13.73 83.07
N LYS L 142 31.78 13.99 81.81
CA LYS L 142 31.19 15.26 81.40
C LYS L 142 30.41 15.01 80.12
N PRO L 143 29.29 15.71 79.91
CA PRO L 143 28.54 15.49 78.67
C PRO L 143 29.27 16.01 77.45
N ALA L 144 29.78 15.09 76.62
CA ALA L 144 30.65 15.46 75.51
C ALA L 144 29.92 16.18 74.38
N HIS L 145 28.58 16.12 74.34
CA HIS L 145 27.87 16.83 73.28
C HIS L 145 28.01 18.34 73.43
N VAL L 146 28.30 18.82 74.65
CA VAL L 146 28.66 20.20 74.90
C VAL L 146 30.13 20.24 75.31
N LYS L 147 30.91 21.06 74.62
CA LYS L 147 32.35 21.10 74.84
C LYS L 147 32.69 22.00 76.02
N GLY L 148 33.76 21.64 76.74
CA GLY L 148 34.21 22.42 77.86
C GLY L 148 35.72 22.35 78.01
N VAL L 149 36.24 23.22 78.88
CA VAL L 149 37.68 23.33 79.13
C VAL L 149 37.93 23.00 80.60
N ILE L 150 38.91 22.14 80.85
CA ILE L 150 39.27 21.76 82.22
C ILE L 150 40.02 22.92 82.87
N ASP L 151 39.56 23.32 84.06
CA ASP L 151 40.12 24.52 84.69
C ASP L 151 41.55 24.29 85.16
N ASN L 152 41.77 23.26 85.97
CA ASN L 152 43.11 23.00 86.49
C ASN L 152 44.00 22.37 85.42
N PRO L 153 45.22 22.87 85.22
CA PRO L 153 46.12 22.26 84.22
C PRO L 153 46.54 20.85 84.57
N ASP L 154 46.50 20.45 85.84
CA ASP L 154 47.01 19.13 86.24
C ASP L 154 46.20 18.02 85.58
N LEU L 155 44.87 18.17 85.55
CA LEU L 155 44.01 17.21 84.88
C LEU L 155 43.78 17.53 83.41
N ALA L 156 43.94 18.78 83.01
CA ALA L 156 43.68 19.17 81.63
C ALA L 156 44.64 18.47 80.66
N LYS L 157 45.92 18.41 81.02
CA LYS L 157 46.91 17.82 80.13
C LYS L 157 46.68 16.32 79.94
N LEU L 158 46.11 15.65 80.95
CA LEU L 158 45.80 14.23 80.82
C LEU L 158 44.66 14.04 79.82
N THR L 159 44.77 12.99 79.01
CA THR L 159 43.77 12.72 77.99
C THR L 159 42.47 12.22 78.62
N TYR L 160 41.41 12.24 77.81
CA TYR L 160 40.09 11.81 78.26
C TYR L 160 39.48 10.86 77.25
N LYS L 161 38.62 9.97 77.74
CA LYS L 161 37.91 9.03 76.89
C LYS L 161 36.82 9.77 76.10
N LYS L 162 36.37 9.15 75.02
CA LYS L 162 35.33 9.76 74.19
C LYS L 162 34.44 8.65 73.63
N SER L 163 33.18 8.64 74.04
CA SER L 163 32.19 7.69 73.55
C SER L 163 31.15 8.47 72.75
N SER L 164 30.90 8.04 71.51
CA SER L 164 30.00 8.78 70.64
C SER L 164 28.56 8.71 71.11
N LYS L 165 28.10 7.52 71.48
CA LYS L 165 26.69 7.33 71.83
C LYS L 165 26.40 7.50 73.31
N TYR L 166 27.42 7.67 74.15
CA TYR L 166 27.22 7.99 75.57
C TYR L 166 27.78 9.34 75.97
N ASP L 167 28.45 10.06 75.06
CA ASP L 167 29.03 11.39 75.23
C ASP L 167 29.56 11.67 76.63
N LEU L 168 30.33 10.74 77.19
CA LEU L 168 30.97 10.90 78.48
C LEU L 168 32.47 10.64 78.33
N GLU L 169 33.26 11.32 79.15
CA GLU L 169 34.71 11.16 79.16
C GLU L 169 35.14 10.43 80.44
N CYS L 170 36.45 10.24 80.57
CA CYS L 170 37.01 9.56 81.74
C CYS L 170 38.46 9.99 81.90
N ALA L 171 38.94 9.96 83.14
CA ALA L 171 40.31 10.32 83.45
C ALA L 171 40.85 9.42 84.55
N GLN L 172 42.17 9.32 84.60
CA GLN L 172 42.88 8.57 85.65
C GLN L 172 43.38 9.57 86.68
N ILE L 173 42.50 9.93 87.61
CA ILE L 173 42.81 10.98 88.58
C ILE L 173 43.87 10.48 89.55
N PRO L 174 44.91 11.27 89.83
CA PRO L 174 45.96 10.85 90.79
C PRO L 174 45.50 10.89 92.23
N VAL L 175 46.44 10.70 93.16
CA VAL L 175 46.10 10.46 94.56
C VAL L 175 45.94 11.73 95.39
N HIS L 176 46.56 12.84 94.99
CA HIS L 176 46.50 14.05 95.81
C HIS L 176 45.13 14.72 95.79
N MET L 177 44.20 14.27 94.93
CA MET L 177 42.79 14.59 95.08
C MET L 177 41.95 13.31 95.08
N LYS L 178 42.49 12.23 95.65
CA LYS L 178 41.77 10.96 95.68
C LYS L 178 40.51 11.02 96.52
N SER L 179 40.47 11.90 97.52
CA SER L 179 39.36 11.97 98.46
C SER L 179 38.32 13.02 98.08
N ASP L 180 38.12 13.24 96.78
CA ASP L 180 37.19 14.23 96.27
C ASP L 180 36.06 13.57 95.50
N ALA L 181 35.51 12.49 96.06
CA ALA L 181 34.44 11.73 95.41
C ALA L 181 33.47 11.21 96.47
N SER L 182 32.41 10.56 96.01
CA SER L 182 31.39 9.99 96.87
C SER L 182 31.57 8.48 96.97
N LYS L 183 30.60 7.80 97.58
CA LYS L 183 30.64 6.36 97.76
C LYS L 183 29.77 5.60 96.78
N TYR L 184 29.03 6.29 95.92
CA TYR L 184 28.35 5.76 94.74
C TYR L 184 27.60 4.46 95.03
N THR L 185 26.56 4.58 95.85
CA THR L 185 25.66 3.43 96.02
C THR L 185 24.71 3.34 94.84
N HIS L 186 24.07 2.18 94.71
CA HIS L 186 23.16 1.90 93.59
C HIS L 186 21.95 1.14 94.10
N GLU L 187 20.94 1.89 94.57
CA GLU L 187 19.69 1.30 95.05
C GLU L 187 18.70 2.45 95.22
N LYS L 188 17.57 2.39 94.51
CA LYS L 188 16.69 3.56 94.32
C LYS L 188 15.26 3.26 94.76
N PRO L 189 14.89 3.64 95.99
CA PRO L 189 13.46 3.69 96.35
C PRO L 189 12.74 4.82 95.65
N GLU L 190 11.46 5.03 95.98
CA GLU L 190 10.73 6.21 95.50
C GLU L 190 10.65 7.23 96.62
N GLY L 191 11.71 8.02 96.73
CA GLY L 191 11.77 9.08 97.74
C GLY L 191 12.52 10.28 97.20
N HIS L 192 12.36 11.39 97.92
CA HIS L 192 13.02 12.63 97.53
C HIS L 192 14.53 12.51 97.65
N TYR L 193 15.25 13.19 96.76
CA TYR L 193 16.70 13.03 96.67
C TYR L 193 17.42 14.37 96.80
N ASN L 194 16.81 15.44 96.28
CA ASN L 194 17.28 16.81 96.40
C ASN L 194 18.57 17.07 95.60
N TRP L 195 18.71 18.29 95.09
CA TRP L 195 19.93 18.68 94.40
C TRP L 195 20.12 20.18 94.60
N HIS L 196 20.96 20.80 93.77
CA HIS L 196 21.36 22.18 94.00
C HIS L 196 20.21 23.18 93.84
N HIS L 197 19.19 22.84 93.05
CA HIS L 197 18.03 23.72 92.85
C HIS L 197 16.76 22.93 93.12
N GLY L 198 16.30 22.95 94.37
CA GLY L 198 15.08 22.28 94.74
C GLY L 198 15.27 20.79 94.98
N ALA L 199 14.22 20.17 95.52
CA ALA L 199 14.24 18.74 95.79
C ALA L 199 14.12 17.95 94.49
N VAL L 200 14.17 16.63 94.63
CA VAL L 200 14.08 15.71 93.50
C VAL L 200 12.84 14.83 93.72
N GLN L 201 12.01 14.74 92.68
CA GLN L 201 10.82 13.87 92.71
C GLN L 201 11.08 12.64 91.86
N TYR L 202 10.91 11.46 92.46
CA TYR L 202 11.14 10.19 91.79
C TYR L 202 9.90 9.32 91.95
N SER L 203 9.22 9.03 90.84
CA SER L 203 8.08 8.14 90.85
C SER L 203 8.02 7.42 89.51
N GLY L 204 7.63 6.15 89.55
CA GLY L 204 7.53 5.36 88.34
C GLY L 204 8.85 5.18 87.61
N GLY L 205 9.94 5.05 88.35
CA GLY L 205 11.26 4.89 87.72
C GLY L 205 11.65 6.05 86.84
N ARG L 206 11.36 7.28 87.26
CA ARG L 206 11.60 8.45 86.42
C ARG L 206 11.85 9.66 87.29
N PHE L 207 12.50 10.68 86.70
CA PHE L 207 12.79 11.93 87.36
C PHE L 207 11.87 13.03 86.83
N THR L 208 11.48 13.92 87.73
CA THR L 208 10.66 15.08 87.37
C THR L 208 10.99 16.23 88.31
N ILE L 209 11.21 17.40 87.73
CA ILE L 209 11.47 18.64 88.46
C ILE L 209 10.55 19.70 87.87
N PRO L 210 9.82 20.47 88.68
CA PRO L 210 8.84 21.40 88.10
C PRO L 210 9.50 22.42 87.18
N THR L 211 8.76 22.81 86.15
CA THR L 211 9.31 23.66 85.10
C THR L 211 9.75 25.00 85.65
N GLY L 212 10.89 25.48 85.16
CA GLY L 212 11.44 26.76 85.57
C GLY L 212 12.34 26.70 86.80
N ALA L 213 12.42 25.55 87.47
CA ALA L 213 13.34 25.43 88.60
C ALA L 213 14.78 25.56 88.16
N GLY L 214 15.13 24.91 87.05
CA GLY L 214 16.45 25.00 86.48
C GLY L 214 16.48 25.88 85.25
N LYS L 215 17.48 25.63 84.38
CA LYS L 215 17.64 26.41 83.16
C LYS L 215 18.58 25.69 82.21
N PRO L 216 18.49 25.94 80.90
CA PRO L 216 19.50 25.41 79.98
C PRO L 216 20.88 25.96 80.31
N GLY L 217 21.88 25.11 80.17
CA GLY L 217 23.23 25.45 80.56
C GLY L 217 23.63 24.92 81.93
N ASP L 218 22.67 24.42 82.71
CA ASP L 218 22.93 23.82 84.01
C ASP L 218 23.26 22.34 83.91
N SER L 219 23.32 21.79 82.69
CA SER L 219 23.67 20.38 82.51
C SER L 219 25.08 20.11 83.04
N GLY L 220 25.25 18.93 83.61
CA GLY L 220 26.50 18.55 84.23
C GLY L 220 26.49 18.60 85.74
N ARG L 221 25.47 19.20 86.34
CA ARG L 221 25.39 19.22 87.80
C ARG L 221 25.03 17.83 88.30
N PRO L 222 25.87 17.19 89.10
CA PRO L 222 25.52 15.87 89.63
C PRO L 222 24.46 15.98 90.71
N ILE L 223 23.77 14.87 90.93
CA ILE L 223 22.74 14.80 91.95
C ILE L 223 23.04 13.59 92.83
N PHE L 224 22.61 13.67 94.09
CA PHE L 224 22.92 12.64 95.07
C PHE L 224 21.89 12.67 96.19
N ASP L 225 21.83 11.58 96.94
CA ASP L 225 20.71 11.30 97.81
C ASP L 225 20.81 12.12 99.10
N ASN L 226 19.88 11.88 100.02
CA ASN L 226 19.91 12.55 101.31
C ASN L 226 21.10 12.10 102.16
N LYS L 227 21.52 10.85 102.00
CA LYS L 227 22.68 10.33 102.73
C LYS L 227 24.00 10.83 102.17
N GLY L 228 23.99 11.45 101.00
CA GLY L 228 25.23 11.92 100.39
C GLY L 228 25.84 11.00 99.36
N ARG L 229 25.08 10.05 98.83
CA ARG L 229 25.57 9.08 97.87
C ARG L 229 25.17 9.51 96.46
N VAL L 230 26.14 9.57 95.55
CA VAL L 230 25.87 10.04 94.19
C VAL L 230 24.99 9.04 93.46
N VAL L 231 24.10 9.54 92.62
CA VAL L 231 23.18 8.69 91.86
C VAL L 231 23.29 8.92 90.36
N ALA L 232 23.33 10.18 89.92
CA ALA L 232 23.23 10.46 88.50
C ALA L 232 23.75 11.86 88.20
N ILE L 233 23.82 12.17 86.91
CA ILE L 233 24.17 13.49 86.41
C ILE L 233 23.15 13.86 85.33
N VAL L 234 22.62 15.06 85.39
CA VAL L 234 21.57 15.49 84.47
C VAL L 234 22.17 15.86 83.12
N LEU L 235 21.52 15.41 82.05
CA LEU L 235 21.92 15.76 80.69
C LEU L 235 21.08 16.88 80.10
N GLY L 236 19.80 16.96 80.46
CA GLY L 236 18.94 18.00 79.95
C GLY L 236 17.48 17.68 80.22
N GLY L 237 16.61 18.49 79.63
CA GLY L 237 15.18 18.32 79.80
C GLY L 237 14.42 19.24 78.89
N ALA L 238 13.11 18.99 78.79
CA ALA L 238 12.23 19.74 77.91
C ALA L 238 11.08 20.34 78.70
N ASN L 239 10.61 21.50 78.24
CA ASN L 239 9.57 22.23 78.96
C ASN L 239 8.23 21.50 78.84
N GLU L 240 8.02 20.51 79.69
CA GLU L 240 6.83 19.67 79.66
C GLU L 240 5.87 20.14 80.75
N GLY L 241 4.76 20.75 80.34
CA GLY L 241 3.70 21.08 81.28
C GLY L 241 4.20 21.92 82.44
N ALA L 242 3.90 21.48 83.65
CA ALA L 242 4.36 22.12 84.86
C ALA L 242 5.49 21.37 85.55
N ARG L 243 5.90 20.22 85.00
CA ARG L 243 6.96 19.40 85.60
C ARG L 243 7.84 18.84 84.49
N THR L 244 8.97 19.50 84.23
CA THR L 244 9.92 19.03 83.25
C THR L 244 10.52 17.69 83.68
N ALA L 245 10.61 16.77 82.72
CA ALA L 245 11.25 15.48 82.97
C ALA L 245 12.76 15.67 82.98
N LEU L 246 13.52 14.59 83.17
CA LEU L 246 14.97 14.71 83.23
C LEU L 246 15.59 13.73 82.24
N SER L 247 16.92 13.69 82.25
CA SER L 247 17.69 12.78 81.40
C SER L 247 19.01 12.52 82.12
N VAL L 248 19.12 11.35 82.74
CA VAL L 248 20.20 11.05 83.68
C VAL L 248 20.77 9.68 83.36
N VAL L 249 21.74 9.25 84.17
CA VAL L 249 22.42 7.98 84.01
C VAL L 249 22.25 7.18 85.30
N THR L 250 21.81 5.92 85.16
CA THR L 250 21.54 5.06 86.30
C THR L 250 22.05 3.66 85.97
N TRP L 251 22.68 3.01 86.95
CA TRP L 251 23.30 1.72 86.74
C TRP L 251 22.89 0.76 87.86
N THR L 252 22.90 -0.53 87.54
CA THR L 252 22.71 -1.59 88.52
C THR L 252 24.03 -2.34 88.63
N LYS L 253 24.93 -1.82 89.47
CA LYS L 253 26.28 -2.33 89.69
C LYS L 253 27.16 -2.16 88.47
N ASP L 254 26.57 -1.79 87.34
CA ASP L 254 27.24 -1.65 86.05
C ASP L 254 26.25 -1.19 84.99
N MET L 255 26.71 -1.06 83.75
CA MET L 255 25.84 -0.80 82.60
C MET L 255 25.09 0.53 82.75
N VAL L 256 25.86 1.60 82.73
CA VAL L 256 25.29 2.94 82.63
C VAL L 256 24.35 3.00 81.44
N THR L 257 23.17 3.60 81.66
CA THR L 257 22.14 3.67 80.64
C THR L 257 21.60 5.09 80.56
N ARG L 258 21.11 5.44 79.38
CA ARG L 258 20.43 6.72 79.17
C ARG L 258 18.93 6.51 79.28
N TYR L 259 18.28 7.38 80.05
CA TYR L 259 16.83 7.32 80.25
C TYR L 259 16.26 8.69 79.87
N THR L 260 15.94 8.86 78.59
CA THR L 260 15.41 10.11 78.08
C THR L 260 13.97 9.91 77.63
N PRO L 261 12.99 10.55 78.26
CA PRO L 261 11.60 10.44 77.78
C PRO L 261 11.40 11.07 76.41
N GLU L 262 10.17 11.04 75.92
CA GLU L 262 9.86 11.62 74.62
C GLU L 262 10.04 13.13 74.63
N GLY L 263 10.73 13.64 73.60
CA GLY L 263 10.81 15.06 73.36
C GLY L 263 11.80 15.85 74.20
N THR L 264 12.65 15.19 74.99
CA THR L 264 13.60 15.91 75.81
C THR L 264 14.61 16.66 74.95
N GLU L 265 15.03 17.83 75.42
CA GLU L 265 15.97 18.69 74.72
C GLU L 265 17.17 18.92 75.63
N GLU L 266 18.36 18.86 75.04
CA GLU L 266 19.59 18.86 75.83
C GLU L 266 20.03 20.27 76.20
N TRP L 267 20.53 20.40 77.43
CA TRP L 267 21.08 21.67 77.89
C TRP L 267 22.60 21.67 77.76
C1 NAG M . -4.88 -58.68 5.55
C2 NAG M . -3.73 -57.75 5.96
C3 NAG M . -3.56 -56.62 4.94
C4 NAG M . -3.42 -57.19 3.53
C5 NAG M . -4.59 -58.12 3.22
C6 NAG M . -4.47 -58.80 1.88
C7 NAG M . -2.94 -56.92 8.12
C8 NAG M . -3.34 -56.37 9.46
N2 NAG M . -3.94 -57.21 7.29
O3 NAG M . -2.42 -55.84 5.28
O4 NAG M . -3.39 -56.13 2.58
O5 NAG M . -4.67 -59.16 4.21
O6 NAG M . -5.41 -58.30 0.96
O7 NAG M . -1.76 -57.08 7.81
C1 NAG N . -65.32 -18.23 -54.73
C2 NAG N . -66.71 -17.83 -55.27
C3 NAG N . -67.68 -17.63 -54.11
C4 NAG N . -67.69 -18.85 -53.19
C5 NAG N . -66.27 -19.18 -52.74
C6 NAG N . -66.19 -20.42 -51.89
C7 NAG N . -67.57 -16.26 -56.94
C8 NAG N . -67.32 -14.98 -57.68
N2 NAG N . -66.62 -16.63 -56.08
O3 NAG N . -68.99 -17.41 -54.62
O4 NAG N . -68.50 -18.59 -52.05
O5 NAG N . -65.44 -19.39 -53.88
O6 NAG N . -65.92 -21.57 -52.68
O7 NAG N . -68.58 -16.93 -57.12
C1 NAG O . -26.51 -43.27 -21.21
C2 NAG O . -27.55 -44.17 -21.88
C3 NAG O . -28.84 -44.18 -21.05
C4 NAG O . -28.56 -44.55 -19.61
C5 NAG O . -27.48 -43.64 -19.03
C6 NAG O . -27.06 -44.03 -17.64
C7 NAG O . -28.18 -44.61 -24.20
C8 NAG O . -28.41 -44.01 -25.56
N2 NAG O . -27.82 -43.76 -23.24
O3 NAG O . -29.76 -45.11 -21.63
O4 NAG O . -29.74 -44.44 -18.83
O5 NAG O . -26.30 -43.69 -19.85
O6 NAG O . -26.12 -45.11 -17.66
O7 NAG O . -28.32 -45.81 -24.00
C1 NAG P . -71.72 11.05 -26.92
C2 NAG P . -71.91 9.93 -25.90
C3 NAG P . -70.76 8.92 -26.01
C4 NAG P . -70.64 8.41 -27.43
C5 NAG P . -70.49 9.59 -28.39
C6 NAG P . -70.47 9.17 -29.85
C7 NAG P . -72.69 9.88 -23.56
C8 NAG P . -72.66 10.57 -22.24
N2 NAG P . -71.99 10.46 -24.54
O3 NAG P . -71.02 7.83 -25.12
O4 NAG P . -69.50 7.56 -27.55
O5 NAG P . -71.60 10.48 -28.23
O6 NAG P . -69.41 8.27 -30.10
O7 NAG P . -73.32 8.85 -23.75
C1 NAG Q . 13.45 22.49 -66.14
C2 NAG Q . 14.87 23.03 -66.33
C3 NAG Q . 15.03 24.37 -65.62
C4 NAG Q . 13.94 25.34 -66.06
C5 NAG Q . 12.57 24.70 -65.88
C6 NAG Q . 11.43 25.56 -66.39
C7 NAG Q . 17.12 22.01 -66.31
C8 NAG Q . 17.99 20.97 -65.69
N2 NAG Q . 15.86 22.08 -65.85
O3 NAG Q . 16.31 24.92 -65.92
O4 NAG Q . 14.00 26.53 -65.29
O5 NAG Q . 12.50 23.46 -66.61
O6 NAG Q . 11.37 25.56 -67.81
O7 NAG Q . 17.51 22.77 -67.19
C1 NAG R . -38.11 12.55 -44.28
C2 NAG R . -38.08 13.53 -45.45
C3 NAG R . -37.91 14.96 -44.94
C4 NAG R . -38.97 15.28 -43.90
C5 NAG R . -38.95 14.24 -42.79
C6 NAG R . -40.04 14.44 -41.76
C7 NAG R . -37.22 12.44 -47.48
C8 NAG R . -36.01 12.20 -48.34
N2 NAG R . -37.02 13.19 -46.39
O3 NAG R . -38.00 15.87 -46.03
O4 NAG R . -38.73 16.57 -43.34
O5 NAG R . -39.14 12.93 -43.35
O6 NAG R . -41.31 14.07 -42.29
O7 NAG R . -38.32 11.97 -47.76
C1 NAG S . 27.47 32.94 -28.20
C2 NAG S . 26.34 33.94 -27.95
C3 NAG S . 25.01 33.33 -28.36
C4 NAG S . 25.07 32.86 -29.81
C5 NAG S . 26.24 31.90 -30.00
C6 NAG S . 26.44 31.50 -31.45
C7 NAG S . 25.92 35.59 -26.18
C8 NAG S . 25.94 35.86 -24.71
N2 NAG S . 26.29 34.36 -26.56
O3 NAG S . 23.97 34.29 -28.20
O4 NAG S . 23.86 32.20 -30.16
O5 NAG S . 27.46 32.53 -29.57
O6 NAG S . 26.98 30.19 -31.55
O7 NAG S . 25.58 36.44 -26.99
C1 NAG T . 10.91 -60.51 -32.57
C2 NAG T . 10.99 -61.96 -32.05
C3 NAG T . 11.71 -62.00 -30.70
C4 NAG T . 13.05 -61.30 -30.80
C5 NAG T . 12.89 -59.90 -31.37
C6 NAG T . 14.21 -59.19 -31.60
C7 NAG T . 9.44 -63.86 -32.02
C8 NAG T . 8.01 -64.30 -31.88
N2 NAG T . 9.66 -62.54 -31.95
O3 NAG T . 11.88 -63.35 -30.30
O4 NAG T . 13.64 -61.22 -29.51
O5 NAG T . 12.23 -59.96 -32.64
O6 NAG T . 14.27 -58.60 -32.89
O7 NAG T . 10.35 -64.66 -32.17
C1 NAG U . 19.72 -4.02 -33.18
C2 NAG U . 20.79 -5.08 -33.46
C3 NAG U . 21.56 -5.41 -32.18
C4 NAG U . 22.14 -4.14 -31.58
C5 NAG U . 21.02 -3.11 -31.37
C6 NAG U . 21.54 -1.78 -30.87
C7 NAG U . 20.86 -7.16 -34.77
C8 NAG U . 20.08 -8.35 -35.26
N2 NAG U . 20.19 -6.30 -34.01
O3 NAG U . 22.61 -6.32 -32.47
O4 NAG U . 22.76 -4.43 -30.34
O5 NAG U . 20.35 -2.86 -32.61
O6 NAG U . 21.36 -0.76 -31.85
O7 NAG U . 22.04 -6.99 -35.07
C1 NAG V . 38.79 -34.73 0.51
C2 NAG V . 39.67 -35.44 1.53
C3 NAG V . 41.09 -34.91 1.47
C4 NAG V . 41.64 -35.00 0.06
C5 NAG V . 40.69 -34.29 -0.91
C6 NAG V . 41.10 -34.42 -2.35
C7 NAG V . 38.94 -36.33 3.70
C8 NAG V . 38.37 -36.00 5.06
N2 NAG V . 39.12 -35.30 2.87
O3 NAG V . 41.92 -35.66 2.35
O4 NAG V . 42.93 -34.39 -0.02
O5 NAG V . 39.37 -34.85 -0.80
O6 NAG V . 40.15 -33.85 -3.23
O7 NAG V . 39.23 -37.48 3.38
C1 NAG W . 70.73 35.79 -54.63
C2 NAG W . 70.64 37.19 -55.26
C3 NAG W . 69.51 38.00 -54.61
C4 NAG W . 68.21 37.22 -54.66
C5 NAG W . 68.39 35.84 -54.04
C6 NAG W . 67.16 34.97 -54.14
C7 NAG W . 72.24 38.94 -55.91
C8 NAG W . 73.59 39.55 -55.64
N2 NAG W . 71.91 37.90 -55.14
O3 NAG W . 69.36 39.24 -55.30
O4 NAG W . 67.20 37.93 -53.93
O5 NAG W . 69.45 35.14 -54.73
O6 NAG W . 67.18 34.17 -55.31
O7 NAG W . 71.51 39.36 -56.79
C1 NAG X . 53.98 -8.74 -23.13
C2 NAG X . 53.24 -8.44 -24.42
C3 NAG X . 52.01 -7.57 -24.15
C4 NAG X . 51.14 -8.21 -23.09
C5 NAG X . 51.95 -8.49 -21.84
C6 NAG X . 51.17 -9.24 -20.78
C7 NAG X . 54.19 -8.17 -26.68
C8 NAG X . 55.15 -7.41 -27.53
N2 NAG X . 54.12 -7.81 -25.39
O3 NAG X . 51.28 -7.39 -25.36
O4 NAG X . 50.06 -7.33 -22.76
O5 NAG X . 53.07 -9.33 -22.18
O6 NAG X . 50.49 -10.36 -21.33
O7 NAG X . 53.49 -9.08 -27.13
#